data_4BQ2
#
_entry.id   4BQ2
#
_cell.length_a   166.666
_cell.length_b   166.666
_cell.length_c   114.559
_cell.angle_alpha   90.00
_cell.angle_beta   90.00
_cell.angle_gamma   90.00
#
_symmetry.space_group_name_H-M   'P 41'
#
loop_
_entity.id
_entity.type
_entity.pdbx_description
1 polymer B-AGARASE
2 non-polymer GLYCEROL
3 non-polymer 'CALCIUM ION'
4 water water
#
_entity_poly.entity_id   1
_entity_poly.type   'polypeptide(L)'
_entity_poly.pdbx_seq_one_letter_code
;GSHMLFDFENDQVPSNIHFLNARASIETYTGINGEPSKGLKLAMQSKQHSYTGLAIVPEQPWDWSEFTSASLYFDIVSVG
DHSTQFYLDVTDQNGAVFTRSIDIPVGKMQSYYAKLSGHDLEVPDSGDVNDLNLASGLRSNPPTWTSDDRQFVWMWGVKN
LDLSGIAKISLSVQSAMHDKTVIIDNIRIQPNPPQDENFLVGLVDEFGQNAKVDYKGKIHSLEELHAARDVELAELDGKP
MPSRSKFGGWLAGPKLKATGYFRTEKINGKWMLVDPEGYPYFATGLDIIRLSNSSTMTGYDYDQATVAQRSADDVTPEDS
KGLMAVSEKSFATRHLASPTRAAMFNWLPDYDHPLANHYNYRRSAHSGPLKRGEAYSFYSANLERKYGETYPGSYLDKWR
EVTVDRMLNWGFTSLGNWTDPAYYDNNRIPFFANGWVIGDFKTVSSGADFWGAMPDVFDPEFKVRAMETARVVSEEIKNS
PWCVGVFIDNEKSFGRPDSDKAQYGIPIHTLGRPSEGVPTRQAFSKLLKAKYKTIAALNNAWGLKLSSWAEFDLGVDVKA
LPVTDTLRADYSMLLSAYADQYFKVVHGAVEHYMPNHLYLGARFPDWGMPMEVVKAAAKYADVVSYNSYKEGLPKQKWAF
LAELDKPSIIGEFHIGAMDHGSYHPGLIHAASQADRGEMYKDYMQSVIDNPYFVGAHWFQYMDSPLTGRAYDGENYNVGF
VDVTDTPYQEMVDAAKEVNAKIYTERLGSK
;
_entity_poly.pdbx_strand_id   A,B,C,D
#
# COMPACT_ATOMS: atom_id res chain seq x y z
N SER A 2 -0.29 -3.82 57.55
CA SER A 2 -1.20 -4.97 57.81
C SER A 2 -0.54 -6.28 58.27
N HIS A 3 0.74 -6.48 57.95
CA HIS A 3 1.52 -7.65 58.39
C HIS A 3 2.93 -7.09 58.56
N MET A 4 3.26 -6.61 59.76
CA MET A 4 4.56 -6.01 59.98
C MET A 4 5.67 -7.07 60.06
N LEU A 5 6.72 -6.91 59.26
CA LEU A 5 7.87 -7.82 59.34
C LEU A 5 9.00 -7.29 60.22
N PHE A 6 9.43 -6.05 59.97
CA PHE A 6 10.52 -5.43 60.76
C PHE A 6 10.26 -3.95 60.93
N ASP A 7 9.97 -3.52 62.16
CA ASP A 7 9.88 -2.07 62.45
C ASP A 7 11.05 -1.56 63.27
N PHE A 8 11.95 -2.47 63.64
CA PHE A 8 13.21 -2.17 64.38
C PHE A 8 13.03 -1.50 65.75
N GLU A 9 11.82 -1.56 66.31
CA GLU A 9 11.50 -0.85 67.56
C GLU A 9 12.06 -1.52 68.83
N ASN A 10 12.27 -2.82 68.79
CA ASN A 10 12.94 -3.49 69.91
C ASN A 10 14.47 -3.19 69.97
N ASP A 11 14.94 -2.27 69.12
CA ASP A 11 16.35 -1.79 69.14
C ASP A 11 17.40 -2.87 68.80
N GLN A 12 16.96 -3.97 68.18
CA GLN A 12 17.92 -5.02 67.85
C GLN A 12 18.11 -5.19 66.35
N VAL A 13 19.35 -5.44 65.94
CA VAL A 13 19.56 -5.85 64.57
C VAL A 13 19.13 -7.31 64.48
N PRO A 14 18.04 -7.60 63.75
CA PRO A 14 17.52 -8.96 63.76
C PRO A 14 18.58 -9.94 63.35
N SER A 15 18.53 -11.13 63.95
CA SER A 15 19.54 -12.14 63.70
C SER A 15 19.35 -12.88 62.37
N ASN A 16 18.14 -12.77 61.79
N ASN A 16 18.16 -12.80 61.77
CA ASN A 16 17.82 -13.35 60.49
CA ASN A 16 17.95 -13.42 60.46
C ASN A 16 18.22 -12.46 59.32
C ASN A 16 18.22 -12.46 59.31
N ILE A 17 18.86 -11.33 59.61
CA ILE A 17 19.35 -10.43 58.56
C ILE A 17 20.86 -10.45 58.46
N HIS A 18 21.36 -10.69 57.26
CA HIS A 18 22.80 -10.87 57.04
C HIS A 18 23.37 -9.73 56.20
N PHE A 19 24.58 -9.29 56.54
CA PHE A 19 25.17 -8.09 55.94
C PHE A 19 26.37 -8.41 55.07
N LEU A 20 26.28 -7.99 53.81
N LEU A 20 26.30 -7.98 53.81
CA LEU A 20 27.31 -8.23 52.80
CA LEU A 20 27.35 -8.28 52.85
C LEU A 20 28.10 -6.95 52.61
C LEU A 20 28.11 -7.00 52.57
N ASN A 21 29.35 -6.98 53.04
CA ASN A 21 30.23 -5.82 52.94
C ASN A 21 29.52 -4.53 53.31
N ALA A 22 28.96 -4.56 54.51
CA ALA A 22 28.15 -3.48 55.01
C ALA A 22 28.17 -3.54 56.52
N ARG A 23 28.04 -2.38 57.16
CA ARG A 23 27.85 -2.29 58.62
C ARG A 23 26.41 -1.86 58.91
N ALA A 24 25.79 -2.48 59.91
CA ALA A 24 24.40 -2.22 60.24
C ALA A 24 24.28 -1.73 61.67
N SER A 25 23.34 -0.82 61.92
CA SER A 25 23.03 -0.36 63.29
C SER A 25 21.59 0.17 63.33
N ILE A 26 21.04 0.25 64.53
CA ILE A 26 19.70 0.82 64.70
C ILE A 26 19.88 2.25 65.17
N GLU A 27 19.29 3.18 64.43
CA GLU A 27 19.36 4.61 64.76
C GLU A 27 17.96 5.22 64.67
N THR A 28 17.80 6.37 65.32
CA THR A 28 16.59 7.19 65.17
C THR A 28 16.76 8.13 63.97
N TYR A 29 15.72 8.16 63.13
CA TYR A 29 15.70 8.96 61.87
C TYR A 29 14.26 9.50 61.78
N THR A 30 14.02 10.50 60.93
CA THR A 30 12.66 11.00 60.62
C THR A 30 11.90 10.18 59.57
N GLY A 31 10.82 9.54 59.99
CA GLY A 31 10.04 8.69 59.09
C GLY A 31 9.18 9.41 58.06
N ILE A 32 8.49 8.63 57.24
CA ILE A 32 7.67 9.13 56.13
C ILE A 32 6.55 10.04 56.63
N ASN A 33 6.05 9.77 57.83
CA ASN A 33 4.94 10.52 58.39
C ASN A 33 5.42 11.75 59.18
N GLY A 34 6.73 12.03 59.14
CA GLY A 34 7.32 13.17 59.83
C GLY A 34 7.83 12.87 61.24
N GLU A 35 7.52 11.68 61.73
CA GLU A 35 7.87 11.30 63.10
C GLU A 35 9.16 10.46 63.19
N PRO A 36 10.04 10.81 64.14
CA PRO A 36 11.23 10.01 64.40
C PRO A 36 10.84 8.56 64.75
N SER A 37 11.67 7.62 64.33
CA SER A 37 11.39 6.22 64.56
C SER A 37 12.73 5.53 64.59
N LYS A 38 12.82 4.34 65.16
CA LYS A 38 14.04 3.56 65.02
C LYS A 38 14.10 2.87 63.65
N GLY A 39 15.21 3.02 62.93
CA GLY A 39 15.38 2.37 61.63
C GLY A 39 16.71 1.62 61.54
N LEU A 40 16.83 0.79 60.52
CA LEU A 40 18.09 0.10 60.24
C LEU A 40 18.94 0.94 59.34
N LYS A 41 20.07 1.37 59.89
CA LYS A 41 21.05 2.15 59.15
C LYS A 41 22.02 1.19 58.47
N LEU A 42 22.08 1.23 57.14
CA LEU A 42 22.87 0.25 56.39
C LEU A 42 23.98 1.00 55.67
N ALA A 43 25.22 0.84 56.14
CA ALA A 43 26.33 1.58 55.57
C ALA A 43 27.18 0.59 54.75
N MET A 44 27.06 0.69 53.42
CA MET A 44 27.67 -0.24 52.47
C MET A 44 29.04 0.27 52.05
N GLN A 45 30.01 -0.64 52.06
CA GLN A 45 31.34 -0.37 51.61
C GLN A 45 31.37 -0.65 50.10
N SER A 46 30.55 0.11 49.36
CA SER A 46 30.32 -0.15 47.94
C SER A 46 31.34 0.60 47.08
N LYS A 47 32.16 1.46 47.65
CA LYS A 47 33.32 1.92 46.87
C LYS A 47 34.31 0.75 46.68
N GLN A 48 34.64 0.05 47.77
CA GLN A 48 35.69 -1.00 47.69
C GLN A 48 35.17 -2.33 47.12
N HIS A 49 33.88 -2.60 47.32
CA HIS A 49 33.30 -3.91 47.06
C HIS A 49 32.13 -3.80 46.07
N SER A 50 32.09 -4.74 45.12
CA SER A 50 31.21 -4.61 43.98
C SER A 50 29.80 -5.16 44.26
N TYR A 51 29.66 -5.90 45.36
CA TYR A 51 28.34 -6.39 45.77
C TYR A 51 28.21 -6.16 47.25
N THR A 52 27.24 -5.33 47.65
CA THR A 52 27.06 -4.97 49.05
C THR A 52 25.55 -4.96 49.38
N GLY A 53 25.20 -5.04 50.66
CA GLY A 53 23.78 -4.94 51.06
C GLY A 53 23.39 -5.86 52.20
N LEU A 54 22.12 -6.25 52.21
CA LEU A 54 21.58 -7.17 53.21
C LEU A 54 20.75 -8.27 52.56
N ALA A 55 20.59 -9.36 53.30
CA ALA A 55 19.73 -10.44 52.87
C ALA A 55 18.98 -10.92 54.09
N ILE A 56 17.66 -10.88 53.99
CA ILE A 56 16.85 -11.46 55.04
C ILE A 56 16.60 -12.90 54.66
N VAL A 57 16.96 -13.81 55.56
CA VAL A 57 16.89 -15.24 55.29
C VAL A 57 16.32 -15.94 56.51
N PRO A 58 15.00 -16.13 56.54
CA PRO A 58 14.35 -16.82 57.65
C PRO A 58 14.75 -18.28 57.71
N GLU A 59 14.67 -18.80 58.92
CA GLU A 59 14.99 -20.17 59.27
C GLU A 59 14.35 -21.15 58.28
N GLN A 60 13.04 -21.05 58.15
CA GLN A 60 12.27 -21.79 57.15
C GLN A 60 11.56 -20.73 56.32
N PRO A 61 11.33 -21.00 55.02
CA PRO A 61 10.69 -19.97 54.16
C PRO A 61 9.36 -19.48 54.72
N TRP A 62 9.05 -18.20 54.53
CA TRP A 62 7.78 -17.61 54.99
C TRP A 62 6.62 -18.10 54.14
N ASP A 63 5.50 -18.44 54.78
CA ASP A 63 4.29 -18.79 54.04
C ASP A 63 3.34 -17.60 53.96
N TRP A 64 3.39 -16.90 52.81
CA TRP A 64 2.48 -15.79 52.54
C TRP A 64 1.46 -16.13 51.45
N SER A 65 1.14 -17.42 51.31
CA SER A 65 0.21 -17.84 50.26
C SER A 65 -1.20 -17.26 50.38
N GLU A 66 -1.58 -16.77 51.55
CA GLU A 66 -2.92 -16.19 51.69
C GLU A 66 -2.98 -14.79 51.07
N PHE A 67 -1.82 -14.18 50.84
CA PHE A 67 -1.75 -12.85 50.23
C PHE A 67 -1.93 -12.92 48.73
N THR A 68 -3.19 -13.05 48.30
CA THR A 68 -3.49 -13.27 46.88
C THR A 68 -3.40 -12.01 46.01
N SER A 69 -3.31 -10.85 46.64
CA SER A 69 -3.08 -9.60 45.91
C SER A 69 -2.45 -8.64 46.89
N ALA A 70 -1.12 -8.72 47.03
CA ALA A 70 -0.43 -7.94 48.05
C ALA A 70 0.95 -7.53 47.58
N SER A 71 1.55 -6.56 48.29
CA SER A 71 2.88 -6.06 47.98
C SER A 71 3.71 -6.01 49.26
N LEU A 72 5.01 -6.17 49.07
CA LEU A 72 6.00 -5.96 50.09
C LEU A 72 6.44 -4.49 50.07
N TYR A 73 6.41 -3.87 51.25
CA TYR A 73 6.73 -2.45 51.41
C TYR A 73 7.97 -2.23 52.24
N PHE A 74 8.75 -1.20 51.89
CA PHE A 74 9.91 -0.75 52.68
C PHE A 74 9.88 0.76 52.72
N ASP A 75 10.18 1.36 53.88
CA ASP A 75 10.45 2.80 53.96
C ASP A 75 11.97 2.94 53.86
N ILE A 76 12.45 3.75 52.93
CA ILE A 76 13.90 3.84 52.67
C ILE A 76 14.29 5.27 52.37
N VAL A 77 15.49 5.67 52.78
CA VAL A 77 16.04 6.96 52.34
C VAL A 77 17.56 6.81 52.30
N SER A 78 18.24 7.59 51.44
CA SER A 78 19.71 7.59 51.39
C SER A 78 20.21 8.71 52.29
N VAL A 79 21.41 8.57 52.85
CA VAL A 79 21.96 9.61 53.69
C VAL A 79 23.29 9.97 53.07
N GLY A 80 23.67 11.24 53.17
CA GLY A 80 24.97 11.68 52.68
C GLY A 80 24.92 12.35 51.32
N ASP A 81 25.93 12.08 50.51
CA ASP A 81 26.14 12.80 49.28
C ASP A 81 25.49 12.12 48.07
N HIS A 82 25.21 10.83 48.15
CA HIS A 82 24.82 10.07 46.95
C HIS A 82 23.48 9.39 47.07
N SER A 83 22.72 9.37 45.98
CA SER A 83 21.54 8.53 45.89
C SER A 83 22.02 7.11 45.76
N THR A 84 21.10 6.17 45.97
CA THR A 84 21.38 4.74 45.99
C THR A 84 20.39 4.02 45.10
N GLN A 85 20.89 3.20 44.17
CA GLN A 85 20.02 2.33 43.39
C GLN A 85 20.06 0.96 44.08
N PHE A 86 18.93 0.56 44.66
CA PHE A 86 18.77 -0.74 45.25
C PHE A 86 18.24 -1.74 44.23
N TYR A 87 18.84 -2.93 44.24
CA TYR A 87 18.28 -4.08 43.56
C TYR A 87 17.56 -4.89 44.61
N LEU A 88 16.27 -5.16 44.39
CA LEU A 88 15.50 -5.99 45.29
C LEU A 88 15.32 -7.33 44.58
N ASP A 89 15.89 -8.39 45.17
CA ASP A 89 15.75 -9.75 44.65
C ASP A 89 15.02 -10.53 45.70
N VAL A 90 13.94 -11.20 45.29
CA VAL A 90 13.13 -11.98 46.19
C VAL A 90 13.15 -13.39 45.63
N THR A 91 13.59 -14.35 46.46
CA THR A 91 13.77 -15.75 46.05
C THR A 91 12.82 -16.67 46.82
N ASP A 92 12.14 -17.56 46.10
CA ASP A 92 11.24 -18.50 46.75
C ASP A 92 11.94 -19.85 47.01
N GLN A 93 11.25 -20.73 47.71
CA GLN A 93 11.83 -21.99 48.14
C GLN A 93 12.22 -22.93 47.02
N ASN A 94 11.75 -22.65 45.81
CA ASN A 94 12.09 -23.47 44.65
C ASN A 94 13.22 -22.87 43.83
N GLY A 95 13.84 -21.82 44.37
CA GLY A 95 14.92 -21.07 43.71
C GLY A 95 14.48 -20.06 42.67
N ALA A 96 13.18 -19.88 42.48
CA ALA A 96 12.67 -18.86 41.56
C ALA A 96 12.92 -17.46 42.13
N VAL A 97 13.24 -16.49 41.27
CA VAL A 97 13.68 -15.14 41.71
C VAL A 97 13.08 -14.08 40.82
N PHE A 98 12.75 -12.94 41.40
CA PHE A 98 12.42 -11.76 40.60
C PHE A 98 13.28 -10.62 41.08
N THR A 99 13.57 -9.68 40.16
CA THR A 99 14.41 -8.53 40.46
C THR A 99 13.63 -7.26 40.12
N ARG A 100 13.54 -6.35 41.10
CA ARG A 100 13.05 -5.00 40.83
C ARG A 100 14.12 -4.08 41.32
N SER A 101 14.05 -2.82 40.92
CA SER A 101 15.06 -1.87 41.34
C SER A 101 14.48 -0.47 41.27
N ILE A 102 15.08 0.43 42.04
N ILE A 102 15.07 0.44 42.05
CA ILE A 102 14.66 1.84 42.04
CA ILE A 102 14.64 1.85 42.02
C ILE A 102 15.76 2.71 42.63
C ILE A 102 15.72 2.72 42.67
N ASP A 103 15.72 4.02 42.36
CA ASP A 103 16.61 4.99 43.00
C ASP A 103 16.07 5.36 44.37
N ILE A 104 16.97 5.52 45.32
CA ILE A 104 16.64 6.00 46.67
C ILE A 104 17.33 7.33 46.86
N PRO A 105 16.55 8.42 46.77
CA PRO A 105 17.13 9.75 46.94
C PRO A 105 17.53 10.06 48.38
N VAL A 106 18.47 10.97 48.55
CA VAL A 106 18.78 11.59 49.85
C VAL A 106 17.66 12.59 50.14
N GLY A 107 17.28 12.78 51.39
CA GLY A 107 16.24 13.75 51.69
C GLY A 107 15.14 13.14 52.53
N LYS A 108 13.89 13.25 52.10
CA LYS A 108 12.81 12.73 52.93
C LYS A 108 12.59 11.26 52.69
N MET A 109 12.34 10.52 53.75
CA MET A 109 12.06 9.10 53.60
C MET A 109 10.80 8.92 52.77
N GLN A 110 10.75 7.87 51.95
CA GLN A 110 9.54 7.50 51.21
C GLN A 110 9.24 6.01 51.37
N SER A 111 8.02 5.60 51.02
CA SER A 111 7.65 4.17 51.06
C SER A 111 7.75 3.61 49.67
N TYR A 112 8.26 2.37 49.60
CA TYR A 112 8.52 1.72 48.33
C TYR A 112 7.83 0.36 48.31
N TYR A 113 7.22 -0.02 47.19
CA TYR A 113 6.59 -1.35 47.19
C TYR A 113 6.92 -2.21 46.01
N ALA A 114 6.90 -3.51 46.26
CA ALA A 114 7.09 -4.52 45.25
C ALA A 114 5.95 -5.50 45.33
N LYS A 115 5.17 -5.56 44.26
CA LYS A 115 4.05 -6.49 44.19
C LYS A 115 4.49 -7.95 44.36
N LEU A 116 3.78 -8.72 45.20
CA LEU A 116 4.05 -10.14 45.31
C LEU A 116 3.08 -10.94 44.49
N SER A 117 1.88 -10.40 44.35
CA SER A 117 0.73 -11.04 43.69
C SER A 117 -0.30 -9.98 43.27
N GLY A 118 -1.14 -10.34 42.31
CA GLY A 118 -2.27 -9.51 41.94
C GLY A 118 -2.00 -8.54 40.80
N HIS A 119 -3.07 -7.85 40.38
CA HIS A 119 -3.00 -6.72 39.45
C HIS A 119 -2.26 -7.12 38.19
N ASP A 120 -1.25 -6.34 37.80
CA ASP A 120 -0.57 -6.65 36.55
C ASP A 120 0.42 -7.80 36.64
N LEU A 121 0.44 -8.49 37.78
CA LEU A 121 1.15 -9.78 37.86
C LEU A 121 0.32 -10.96 37.38
N GLU A 122 -1.01 -10.83 37.41
CA GLU A 122 -1.92 -11.97 37.20
C GLU A 122 -1.79 -12.64 35.84
N VAL A 123 -1.97 -11.90 34.76
CA VAL A 123 -1.50 -12.35 33.45
C VAL A 123 -0.20 -11.57 33.27
N PRO A 124 0.95 -12.18 33.62
CA PRO A 124 2.19 -11.44 33.88
C PRO A 124 2.89 -10.88 32.64
N ASP A 125 2.81 -11.63 31.54
CA ASP A 125 3.48 -11.29 30.29
C ASP A 125 2.84 -12.15 29.19
N SER A 126 3.59 -12.33 28.10
CA SER A 126 3.14 -13.14 26.98
C SER A 126 3.36 -14.64 27.19
N GLY A 127 4.21 -15.00 28.16
CA GLY A 127 4.59 -16.38 28.37
C GLY A 127 6.05 -16.68 28.05
N ASP A 128 6.50 -16.26 26.87
CA ASP A 128 7.90 -16.42 26.44
C ASP A 128 8.89 -16.11 27.55
N VAL A 129 9.85 -17.01 27.79
CA VAL A 129 10.91 -16.81 28.80
C VAL A 129 11.75 -15.53 28.54
N ASN A 130 11.98 -15.20 27.27
CA ASN A 130 12.73 -13.98 26.92
C ASN A 130 11.88 -12.71 26.91
N ASP A 131 10.61 -12.84 27.31
CA ASP A 131 9.75 -11.67 27.43
C ASP A 131 9.86 -11.06 28.83
N LEU A 132 10.72 -10.03 28.96
CA LEU A 132 10.93 -9.36 30.25
C LEU A 132 9.83 -8.34 30.57
N ASN A 133 8.97 -8.05 29.62
CA ASN A 133 7.91 -7.05 29.79
C ASN A 133 6.75 -7.54 30.63
N LEU A 134 5.90 -6.59 31.05
CA LEU A 134 4.57 -6.93 31.55
C LEU A 134 3.63 -7.12 30.34
N ALA A 135 2.41 -7.55 30.60
CA ALA A 135 1.48 -7.96 29.55
C ALA A 135 1.16 -6.84 28.55
N SER A 136 1.19 -5.61 29.06
CA SER A 136 0.99 -4.37 28.31
C SER A 136 2.01 -4.13 27.18
N GLY A 137 3.16 -4.79 27.27
CA GLY A 137 4.25 -4.52 26.33
C GLY A 137 5.11 -3.34 26.76
N LEU A 138 5.01 -2.98 28.03
CA LEU A 138 5.88 -2.02 28.69
C LEU A 138 6.84 -2.79 29.61
N ARG A 139 8.12 -2.41 29.65
CA ARG A 139 9.09 -3.10 30.52
C ARG A 139 8.69 -2.92 31.98
N SER A 140 8.14 -1.74 32.29
CA SER A 140 7.50 -1.52 33.57
C SER A 140 6.29 -0.64 33.31
N ASN A 141 5.27 -0.86 34.12
CA ASN A 141 3.99 -0.24 33.94
C ASN A 141 3.82 0.98 34.77
N PRO A 142 2.86 1.84 34.39
CA PRO A 142 2.42 2.84 35.34
C PRO A 142 1.85 2.11 36.55
N PRO A 143 1.80 2.75 37.71
CA PRO A 143 1.25 2.01 38.87
C PRO A 143 -0.21 1.62 38.67
N THR A 144 -0.67 0.55 39.31
CA THR A 144 -2.05 0.09 39.16
C THR A 144 -3.01 0.70 40.17
N TRP A 145 -2.50 1.59 41.02
CA TRP A 145 -3.34 2.46 41.83
C TRP A 145 -2.59 3.74 42.08
N THR A 146 -3.27 4.74 42.66
CA THR A 146 -2.70 6.05 42.96
C THR A 146 -2.38 6.20 44.44
N SER A 147 -1.14 6.58 44.72
CA SER A 147 -0.70 6.85 46.09
C SER A 147 0.59 7.68 46.07
N ASP A 148 1.00 8.17 47.24
CA ASP A 148 2.28 8.89 47.39
C ASP A 148 3.48 7.91 47.33
N ASP A 149 3.19 6.62 47.45
CA ASP A 149 4.22 5.57 47.52
C ASP A 149 4.93 5.39 46.16
N ARG A 150 6.13 4.83 46.21
CA ARG A 150 6.88 4.55 44.99
C ARG A 150 6.93 3.08 44.67
N GLN A 151 6.60 2.72 43.43
CA GLN A 151 6.61 1.31 43.02
C GLN A 151 8.02 0.92 42.56
N PHE A 152 8.60 -0.12 43.16
CA PHE A 152 9.88 -0.67 42.65
C PHE A 152 9.64 -1.01 41.18
N VAL A 153 10.63 -0.73 40.35
CA VAL A 153 10.43 -0.87 38.91
C VAL A 153 10.74 -2.29 38.49
N TRP A 154 9.98 -2.83 37.55
CA TRP A 154 10.25 -4.18 37.09
C TRP A 154 11.54 -4.20 36.26
N MET A 155 12.39 -5.20 36.54
CA MET A 155 13.64 -5.43 35.81
C MET A 155 13.59 -6.74 35.04
N TRP A 156 13.50 -7.86 35.76
CA TRP A 156 13.45 -9.18 35.11
C TRP A 156 13.14 -10.24 36.14
N GLY A 157 12.85 -11.46 35.65
CA GLY A 157 12.74 -12.62 36.52
C GLY A 157 11.33 -13.20 36.52
N VAL A 158 10.99 -13.88 37.61
CA VAL A 158 9.71 -14.60 37.67
C VAL A 158 8.61 -13.70 38.25
N LYS A 159 7.54 -13.50 37.50
CA LYS A 159 6.44 -12.62 37.95
C LYS A 159 5.59 -13.20 39.09
N ASN A 160 5.41 -14.52 39.08
CA ASN A 160 4.65 -15.17 40.15
C ASN A 160 5.45 -16.21 40.89
N LEU A 161 5.99 -15.79 42.01
CA LEU A 161 6.77 -16.63 42.92
C LEU A 161 5.85 -17.58 43.68
N ASP A 162 6.43 -18.61 44.30
CA ASP A 162 5.69 -19.51 45.22
C ASP A 162 5.60 -18.83 46.57
N LEU A 163 4.49 -18.11 46.78
CA LEU A 163 4.24 -17.36 48.00
C LEU A 163 4.15 -18.25 49.26
N SER A 164 3.90 -19.53 49.06
CA SER A 164 3.85 -20.46 50.19
C SER A 164 5.24 -20.68 50.80
N GLY A 165 6.29 -20.32 50.05
CA GLY A 165 7.65 -20.34 50.60
C GLY A 165 8.64 -19.27 50.14
N ILE A 166 8.56 -18.07 50.72
CA ILE A 166 9.55 -17.03 50.42
C ILE A 166 10.80 -17.22 51.28
N ALA A 167 11.94 -17.45 50.63
CA ALA A 167 13.15 -17.90 51.31
C ALA A 167 14.18 -16.80 51.54
N LYS A 168 14.16 -15.76 50.71
CA LYS A 168 15.18 -14.76 50.84
C LYS A 168 14.72 -13.44 50.26
N ILE A 169 15.07 -12.36 50.95
CA ILE A 169 14.79 -11.02 50.47
C ILE A 169 16.09 -10.24 50.52
N SER A 170 16.54 -9.81 49.36
CA SER A 170 17.83 -9.18 49.27
C SER A 170 17.69 -7.73 48.78
N LEU A 171 18.37 -6.80 49.45
CA LEU A 171 18.56 -5.44 48.96
C LEU A 171 20.05 -5.20 48.75
N SER A 172 20.46 -4.91 47.51
CA SER A 172 21.88 -4.78 47.22
C SER A 172 22.22 -3.54 46.42
N VAL A 173 23.46 -3.10 46.61
CA VAL A 173 24.10 -2.05 45.83
C VAL A 173 25.27 -2.67 45.05
N GLN A 174 25.29 -2.49 43.73
CA GLN A 174 26.18 -3.24 42.83
C GLN A 174 27.07 -2.31 41.99
N SER A 175 28.37 -2.61 41.91
CA SER A 175 29.31 -1.84 41.10
C SER A 175 29.18 -0.33 41.24
N ALA A 176 29.06 0.15 42.47
CA ALA A 176 29.04 1.56 42.77
C ALA A 176 30.45 2.17 42.67
N MET A 177 30.50 3.50 42.57
CA MET A 177 31.76 4.25 42.63
C MET A 177 31.96 4.91 43.96
N HIS A 178 30.94 4.83 44.83
CA HIS A 178 30.95 5.49 46.13
C HIS A 178 30.32 4.57 47.16
N ASP A 179 30.71 4.73 48.41
CA ASP A 179 29.98 4.14 49.53
C ASP A 179 28.57 4.75 49.55
N LYS A 180 27.57 3.90 49.71
CA LYS A 180 26.17 4.26 49.79
C LYS A 180 25.66 3.93 51.23
N THR A 181 24.81 4.78 51.79
CA THR A 181 24.24 4.53 53.13
C THR A 181 22.73 4.82 53.08
N VAL A 182 21.92 3.89 53.60
CA VAL A 182 20.49 4.10 53.64
C VAL A 182 19.98 3.87 55.05
N ILE A 183 18.75 4.36 55.32
CA ILE A 183 17.99 3.95 56.49
C ILE A 183 16.77 3.22 55.95
N ILE A 184 16.49 2.07 56.51
CA ILE A 184 15.36 1.22 56.11
C ILE A 184 14.46 1.07 57.35
N ASP A 185 13.14 1.15 57.16
CA ASP A 185 12.21 0.94 58.27
C ASP A 185 10.92 0.36 57.76
N ASN A 186 10.18 -0.33 58.66
CA ASN A 186 8.80 -0.75 58.40
C ASN A 186 8.67 -1.72 57.24
N ILE A 187 9.53 -2.73 57.21
CA ILE A 187 9.40 -3.76 56.23
C ILE A 187 8.11 -4.51 56.53
N ARG A 188 7.18 -4.47 55.57
CA ARG A 188 5.84 -5.01 55.84
C ARG A 188 5.17 -5.51 54.56
N ILE A 189 4.10 -6.29 54.72
CA ILE A 189 3.20 -6.66 53.62
C ILE A 189 1.85 -5.97 53.78
N GLN A 190 1.37 -5.36 52.69
CA GLN A 190 0.06 -4.70 52.65
C GLN A 190 -0.73 -5.29 51.49
N PRO A 191 -2.03 -5.64 51.70
CA PRO A 191 -2.84 -6.05 50.56
C PRO A 191 -2.90 -4.88 49.59
N ASN A 192 -3.06 -5.18 48.30
CA ASN A 192 -3.12 -4.13 47.31
C ASN A 192 -4.45 -3.39 47.38
N PRO A 193 -4.42 -2.05 47.18
CA PRO A 193 -5.63 -1.31 46.87
C PRO A 193 -6.31 -1.97 45.65
N PRO A 194 -7.58 -1.60 45.38
CA PRO A 194 -8.24 -2.09 44.16
C PRO A 194 -7.48 -1.62 42.90
N GLN A 195 -7.39 -2.48 41.90
CA GLN A 195 -6.72 -2.10 40.66
C GLN A 195 -7.52 -1.03 39.91
N ASP A 196 -6.86 0.06 39.53
CA ASP A 196 -7.50 1.09 38.71
C ASP A 196 -7.65 0.55 37.29
N GLU A 197 -8.92 0.32 36.95
N GLU A 197 -8.89 0.26 36.85
CA GLU A 197 -9.37 -0.14 35.64
CA GLU A 197 -9.08 -0.34 35.52
C GLU A 197 -8.70 0.59 34.47
C GLU A 197 -8.65 0.58 34.37
N ASN A 198 -8.38 1.85 34.67
CA ASN A 198 -7.87 2.77 33.66
C ASN A 198 -6.36 3.00 33.72
N PHE A 199 -5.64 2.14 34.44
CA PHE A 199 -4.21 2.39 34.59
C PHE A 199 -3.42 2.32 33.26
N LEU A 200 -3.93 1.59 32.26
CA LEU A 200 -3.28 1.57 30.96
C LEU A 200 -4.00 2.38 29.88
N VAL A 201 -4.92 3.24 30.32
CA VAL A 201 -5.81 3.99 29.42
C VAL A 201 -5.36 5.45 29.34
N GLY A 202 -5.19 5.95 28.11
CA GLY A 202 -4.93 7.37 27.90
C GLY A 202 -3.58 7.76 28.45
N LEU A 203 -2.58 6.91 28.20
CA LEU A 203 -1.21 7.17 28.67
C LEU A 203 -0.49 8.30 27.94
N VAL A 204 -0.75 8.41 26.63
CA VAL A 204 0.05 9.24 25.73
C VAL A 204 -0.78 10.38 25.12
N ASP A 205 -0.21 11.58 25.16
CA ASP A 205 -0.81 12.73 24.50
C ASP A 205 -0.37 12.84 23.01
N GLU A 206 -0.69 13.95 22.33
CA GLU A 206 -0.45 14.01 20.89
C GLU A 206 1.05 14.15 20.55
N PHE A 207 1.86 14.50 21.55
CA PHE A 207 3.31 14.73 21.42
C PHE A 207 4.11 13.47 21.86
N GLY A 208 3.38 12.41 22.21
CA GLY A 208 4.06 11.20 22.72
C GLY A 208 4.45 11.25 24.20
N GLN A 209 4.04 12.31 24.93
CA GLN A 209 4.36 12.48 26.37
C GLN A 209 3.34 11.80 27.30
N ASN A 210 3.77 11.53 28.52
CA ASN A 210 2.91 11.02 29.59
C ASN A 210 1.73 11.97 29.72
N ALA A 211 0.55 11.49 29.37
CA ALA A 211 -0.64 12.42 29.37
C ALA A 211 -1.19 12.73 30.76
N LYS A 212 -0.88 11.88 31.74
CA LYS A 212 -1.46 11.98 33.09
C LYS A 212 -0.62 12.74 34.12
N VAL A 213 0.59 13.14 33.74
CA VAL A 213 1.52 13.73 34.70
C VAL A 213 2.07 15.04 34.16
N ASP A 214 2.09 16.10 34.95
CA ASP A 214 2.81 17.30 34.53
C ASP A 214 4.19 17.25 35.19
N TYR A 215 5.20 17.73 34.48
CA TYR A 215 6.57 17.74 34.99
C TYR A 215 7.26 18.93 34.37
N LYS A 216 8.34 19.39 34.98
CA LYS A 216 9.16 20.45 34.40
C LYS A 216 9.58 20.08 32.96
N GLY A 217 9.43 21.03 32.06
CA GLY A 217 9.81 20.84 30.66
C GLY A 217 8.74 20.22 29.77
N LYS A 218 7.65 19.72 30.36
CA LYS A 218 6.59 19.13 29.54
C LYS A 218 6.05 20.17 28.53
N ILE A 219 5.79 19.73 27.30
CA ILE A 219 5.29 20.62 26.24
C ILE A 219 3.75 20.59 26.30
N HIS A 220 3.12 21.76 26.41
CA HIS A 220 1.64 21.84 26.47
C HIS A 220 0.99 22.41 25.21
N SER A 221 1.81 22.93 24.28
CA SER A 221 1.33 23.53 23.03
C SER A 221 2.44 23.53 21.99
N LEU A 222 2.07 23.56 20.72
CA LEU A 222 2.99 23.83 19.62
C LEU A 222 3.83 25.12 19.77
N GLU A 223 3.22 26.17 20.32
CA GLU A 223 3.93 27.42 20.65
C GLU A 223 5.13 27.16 21.57
N GLU A 224 4.90 26.43 22.66
CA GLU A 224 5.96 26.08 23.64
C GLU A 224 7.09 25.28 22.97
N LEU A 225 6.72 24.38 22.06
CA LEU A 225 7.69 23.60 21.30
C LEU A 225 8.55 24.45 20.38
N HIS A 226 7.93 25.40 19.68
CA HIS A 226 8.70 26.29 18.78
C HIS A 226 9.58 27.23 19.59
N ALA A 227 9.12 27.58 20.79
CA ALA A 227 9.90 28.38 21.71
C ALA A 227 11.15 27.66 22.15
N ALA A 228 11.03 26.37 22.50
CA ALA A 228 12.21 25.55 22.92
C ALA A 228 13.17 25.37 21.77
N ARG A 229 12.62 25.07 20.59
CA ARG A 229 13.37 25.07 19.35
C ARG A 229 14.17 26.37 19.12
N ASP A 230 13.47 27.51 19.16
CA ASP A 230 14.14 28.81 18.86
C ASP A 230 15.29 29.12 19.79
N VAL A 231 15.13 28.79 21.06
CA VAL A 231 16.12 29.05 22.10
C VAL A 231 17.38 28.22 21.82
N GLU A 232 17.17 26.94 21.49
CA GLU A 232 18.29 26.07 21.23
C GLU A 232 19.01 26.46 19.93
N LEU A 233 18.27 26.67 18.85
CA LEU A 233 18.87 27.00 17.56
C LEU A 233 19.75 28.27 17.63
N ALA A 234 19.37 29.21 18.49
CA ALA A 234 20.16 30.43 18.66
C ALA A 234 21.51 30.14 19.30
N GLU A 235 21.61 29.02 20.05
CA GLU A 235 22.88 28.66 20.71
C GLU A 235 23.77 27.74 19.89
N LEU A 236 23.19 27.02 18.94
CA LEU A 236 23.94 26.12 18.09
C LEU A 236 24.53 26.84 16.88
N ASP A 237 25.84 26.90 16.83
CA ASP A 237 26.53 27.67 15.78
C ASP A 237 27.48 26.77 14.98
N GLY A 238 27.45 25.47 15.26
CA GLY A 238 28.33 24.54 14.56
C GLY A 238 29.81 24.54 15.00
N LYS A 239 30.14 25.31 16.04
CA LYS A 239 31.55 25.41 16.45
C LYS A 239 32.01 24.30 17.43
N PRO A 240 33.07 23.54 17.08
CA PRO A 240 33.66 22.50 17.93
C PRO A 240 34.31 23.15 19.16
N MET A 241 34.45 22.40 20.26
CA MET A 241 35.19 22.87 21.44
C MET A 241 36.60 23.30 21.04
N PRO A 242 37.24 24.18 21.86
CA PRO A 242 38.56 24.64 21.45
C PRO A 242 39.58 23.53 21.44
N SER A 243 40.57 23.67 20.58
CA SER A 243 41.72 22.77 20.59
C SER A 243 41.40 21.36 20.09
N ARG A 244 40.28 21.21 19.39
CA ARG A 244 39.99 19.97 18.67
C ARG A 244 40.64 20.06 17.29
N SER A 245 41.20 18.95 16.83
CA SER A 245 41.73 18.89 15.46
C SER A 245 40.54 18.68 14.51
N LYS A 246 40.79 18.74 13.20
CA LYS A 246 39.76 18.43 12.19
C LYS A 246 38.91 17.22 12.58
N PHE A 247 39.57 16.13 12.96
CA PHE A 247 38.88 14.86 13.24
C PHE A 247 38.49 14.64 14.71
N GLY A 248 38.53 15.69 15.52
CA GLY A 248 38.02 15.61 16.89
C GLY A 248 39.08 15.24 17.91
N GLY A 249 40.33 15.13 17.43
CA GLY A 249 41.47 14.80 18.27
C GLY A 249 41.97 16.01 19.03
N TRP A 250 43.06 15.84 19.77
CA TRP A 250 43.59 16.88 20.66
C TRP A 250 44.70 17.63 19.89
N LEU A 251 44.41 18.87 19.51
CA LEU A 251 45.36 19.70 18.76
C LEU A 251 46.69 19.89 19.45
N ALA A 252 46.68 20.03 20.79
CA ALA A 252 47.89 20.34 21.52
C ALA A 252 48.93 19.22 21.39
N GLY A 253 48.46 17.99 21.26
CA GLY A 253 49.36 16.90 20.89
C GLY A 253 49.93 16.18 22.08
N PRO A 254 51.10 15.55 21.92
CA PRO A 254 51.92 15.61 20.71
C PRO A 254 51.29 14.85 19.54
N LYS A 255 51.70 15.22 18.33
CA LYS A 255 51.19 14.60 17.12
C LYS A 255 51.99 13.33 16.85
N LEU A 256 51.29 12.23 16.58
CA LEU A 256 51.95 10.96 16.31
C LEU A 256 51.91 10.71 14.82
N LYS A 257 52.32 9.51 14.39
CA LYS A 257 52.36 9.19 12.95
C LYS A 257 50.93 9.25 12.38
N ALA A 258 50.74 9.98 11.26
CA ALA A 258 49.41 10.08 10.61
C ALA A 258 49.28 9.01 9.52
N THR A 259 48.24 8.17 9.58
CA THR A 259 48.11 7.11 8.56
C THR A 259 46.97 7.40 7.62
N GLY A 260 46.20 8.43 7.93
CA GLY A 260 44.98 8.79 7.21
C GLY A 260 43.72 8.06 7.67
N TYR A 261 43.84 7.22 8.72
CA TYR A 261 42.67 6.54 9.30
C TYR A 261 42.81 6.54 10.79
N PHE A 262 41.68 6.38 11.49
CA PHE A 262 41.75 6.19 12.96
C PHE A 262 42.50 4.90 13.31
N ARG A 263 43.33 4.93 14.35
CA ARG A 263 44.14 3.77 14.73
C ARG A 263 44.38 3.78 16.22
N THR A 264 45.01 2.74 16.76
CA THR A 264 45.25 2.69 18.23
C THR A 264 46.74 2.87 18.56
N GLU A 265 46.98 3.42 19.73
CA GLU A 265 48.36 3.55 20.20
C GLU A 265 48.36 3.85 21.67
N LYS A 266 49.30 3.22 22.39
CA LYS A 266 49.53 3.55 23.80
C LYS A 266 50.32 4.87 23.89
N ILE A 267 49.81 5.81 24.66
CA ILE A 267 50.47 7.08 24.82
C ILE A 267 50.77 7.23 26.30
N ASN A 268 52.06 7.26 26.61
CA ASN A 268 52.62 7.18 27.96
C ASN A 268 51.80 6.31 28.92
N GLY A 269 51.69 5.04 28.60
CA GLY A 269 51.10 4.08 29.50
C GLY A 269 49.58 4.00 29.46
N LYS A 270 48.94 4.80 28.59
CA LYS A 270 47.48 4.77 28.45
C LYS A 270 47.06 4.54 27.02
N TRP A 271 46.19 3.56 26.82
CA TRP A 271 45.68 3.31 25.49
C TRP A 271 44.84 4.47 24.98
N MET A 272 45.07 4.83 23.71
CA MET A 272 44.38 5.90 23.04
C MET A 272 44.03 5.52 21.61
N LEU A 273 43.10 6.26 21.04
CA LEU A 273 42.99 6.29 19.59
C LEU A 273 43.90 7.38 19.07
N VAL A 274 44.18 7.33 17.77
CA VAL A 274 44.90 8.41 17.11
C VAL A 274 44.09 8.71 15.87
N ASP A 275 43.85 9.99 15.60
CA ASP A 275 43.02 10.34 14.47
C ASP A 275 43.77 10.27 13.10
N PRO A 276 43.05 10.36 11.97
CA PRO A 276 43.73 10.20 10.66
C PRO A 276 44.95 11.15 10.42
N GLU A 277 45.02 12.26 11.16
CA GLU A 277 46.13 13.22 11.04
C GLU A 277 47.20 13.06 12.13
N GLY A 278 46.98 12.12 13.04
CA GLY A 278 48.01 11.79 14.03
C GLY A 278 47.79 12.38 15.41
N TYR A 279 46.62 13.00 15.63
CA TYR A 279 46.34 13.63 16.96
C TYR A 279 45.72 12.63 17.89
N PRO A 280 46.10 12.67 19.18
CA PRO A 280 45.52 11.69 20.09
C PRO A 280 44.00 11.86 20.11
N TYR A 281 43.28 10.75 20.23
CA TYR A 281 41.82 10.76 20.12
C TYR A 281 41.20 9.87 21.22
N PHE A 282 39.99 10.25 21.65
CA PHE A 282 39.26 9.54 22.71
C PHE A 282 37.77 9.69 22.33
N ALA A 283 37.08 8.55 22.22
CA ALA A 283 35.77 8.53 21.65
C ALA A 283 34.67 8.77 22.69
N THR A 284 33.88 9.82 22.47
CA THR A 284 32.69 10.04 23.26
C THR A 284 31.55 10.29 22.29
N GLY A 285 30.33 9.93 22.70
CA GLY A 285 29.16 10.16 21.82
C GLY A 285 28.00 9.25 22.21
N LEU A 286 26.97 9.26 21.36
CA LEU A 286 25.72 8.56 21.66
C LEU A 286 25.41 7.50 20.63
N ASP A 287 24.72 6.47 21.07
CA ASP A 287 24.28 5.40 20.20
C ASP A 287 22.87 5.69 19.68
N ILE A 288 22.50 5.01 18.59
CA ILE A 288 21.11 5.06 18.06
C ILE A 288 20.77 6.48 17.59
N ILE A 289 21.57 6.93 16.64
CA ILE A 289 21.36 8.23 16.03
C ILE A 289 20.69 7.94 14.69
N ARG A 290 19.42 7.54 14.84
CA ARG A 290 18.56 7.11 13.77
C ARG A 290 17.14 7.11 14.34
N LEU A 291 16.17 6.88 13.48
CA LEU A 291 14.76 6.87 13.92
C LEU A 291 14.14 5.48 14.08
N SER A 292 14.87 4.43 13.69
CA SER A 292 14.40 3.04 13.60
C SER A 292 13.74 2.54 14.88
N ASN A 293 14.20 3.05 16.00
CA ASN A 293 13.81 2.50 17.31
C ASN A 293 12.86 3.41 18.08
N SER A 294 12.29 4.40 17.37
CA SER A 294 11.50 5.46 17.99
C SER A 294 10.00 5.22 17.83
N SER A 295 9.61 4.09 17.24
CA SER A 295 8.17 3.81 17.10
C SER A 295 7.69 2.88 18.21
N THR A 296 6.38 2.94 18.50
CA THR A 296 5.72 2.16 19.56
C THR A 296 4.48 1.49 19.00
N MET A 297 4.18 0.23 19.39
CA MET A 297 3.05 -0.49 18.81
C MET A 297 1.71 0.20 19.14
N THR A 298 0.91 0.49 18.11
CA THR A 298 -0.40 1.13 18.30
C THR A 298 -1.53 0.20 18.71
N GLY A 299 -1.35 -1.10 18.45
CA GLY A 299 -2.40 -2.06 18.68
C GLY A 299 -3.20 -2.36 17.43
N TYR A 300 -2.89 -1.69 16.31
CA TYR A 300 -3.52 -2.03 15.04
C TYR A 300 -2.66 -2.95 14.15
N ASP A 301 -3.32 -3.59 13.18
CA ASP A 301 -2.65 -4.46 12.23
C ASP A 301 -3.23 -4.25 10.83
N TYR A 302 -2.49 -4.69 9.83
CA TYR A 302 -2.88 -4.52 8.45
C TYR A 302 -3.10 -5.90 7.82
N ASP A 303 -3.91 -5.98 6.77
N ASP A 303 -3.87 -5.91 6.73
CA ASP A 303 -4.08 -7.27 6.12
CA ASP A 303 -4.00 -7.05 5.82
C ASP A 303 -2.82 -7.57 5.29
C ASP A 303 -2.60 -7.47 5.40
N GLN A 304 -2.25 -8.75 5.55
CA GLN A 304 -0.89 -9.12 5.15
C GLN A 304 -0.60 -9.07 3.66
N ALA A 305 -1.64 -9.13 2.82
CA ALA A 305 -1.47 -9.01 1.36
C ALA A 305 -0.92 -7.63 0.96
N THR A 306 -1.01 -6.68 1.87
CA THR A 306 -0.60 -5.31 1.62
C THR A 306 0.75 -5.00 2.24
N VAL A 307 1.31 -5.93 3.00
CA VAL A 307 2.62 -5.73 3.61
C VAL A 307 3.74 -6.41 2.80
N ALA A 308 4.72 -5.64 2.35
CA ALA A 308 5.90 -6.22 1.69
C ALA A 308 6.63 -7.13 2.67
N GLN A 309 7.07 -8.29 2.21
CA GLN A 309 7.81 -9.19 3.09
C GLN A 309 9.31 -8.95 2.93
N ARG A 310 10.06 -9.27 3.98
CA ARG A 310 11.53 -9.16 3.94
C ARG A 310 12.14 -10.07 2.87
N SER A 311 13.23 -9.61 2.28
CA SER A 311 14.11 -10.44 1.44
C SER A 311 15.07 -11.24 2.35
N ALA A 312 15.22 -12.53 2.03
CA ALA A 312 16.06 -13.42 2.82
C ALA A 312 17.54 -13.02 2.80
N ASP A 313 17.93 -12.25 1.77
CA ASP A 313 19.32 -11.80 1.64
C ASP A 313 19.62 -10.44 2.32
N ASP A 314 18.60 -9.79 2.91
CA ASP A 314 18.78 -8.48 3.56
C ASP A 314 19.80 -8.62 4.70
N VAL A 315 20.72 -7.66 4.81
CA VAL A 315 21.75 -7.72 5.86
C VAL A 315 21.29 -7.05 7.15
N THR A 316 20.12 -6.40 7.10
CA THR A 316 19.63 -5.59 8.20
C THR A 316 18.44 -6.26 8.90
N PRO A 317 18.58 -6.53 10.21
CA PRO A 317 17.51 -7.14 10.96
C PRO A 317 16.36 -6.15 11.13
N GLU A 318 15.16 -6.69 11.33
CA GLU A 318 13.93 -5.92 11.30
C GLU A 318 13.96 -4.76 12.29
N ASP A 319 14.49 -5.02 13.49
CA ASP A 319 14.62 -3.99 14.52
C ASP A 319 15.42 -2.74 14.06
N SER A 320 16.34 -2.93 13.11
CA SER A 320 17.28 -1.88 12.68
C SER A 320 16.94 -1.35 11.29
N LYS A 321 15.79 -1.79 10.73
CA LYS A 321 15.32 -1.28 9.45
C LYS A 321 14.86 0.16 9.55
N GLY A 322 14.84 0.86 8.42
CA GLY A 322 14.23 2.19 8.41
C GLY A 322 12.78 2.07 8.82
N LEU A 323 12.17 3.18 9.26
CA LEU A 323 10.71 3.24 9.45
C LEU A 323 9.99 2.94 8.12
N MET A 324 9.02 2.02 8.16
CA MET A 324 8.38 1.57 6.91
C MET A 324 7.27 2.53 6.46
N ALA A 325 7.35 3.00 5.22
CA ALA A 325 6.33 3.90 4.69
C ALA A 325 5.05 3.11 4.51
N VAL A 326 4.04 3.44 5.30
CA VAL A 326 2.76 2.73 5.26
C VAL A 326 1.88 3.31 4.13
N SER A 327 1.47 2.43 3.20
CA SER A 327 0.65 2.81 2.04
C SER A 327 -0.83 3.05 2.39
N GLU A 328 -1.51 3.87 1.58
CA GLU A 328 -2.93 4.14 1.78
C GLU A 328 -3.76 2.85 1.77
N LYS A 329 -3.37 1.91 0.91
CA LYS A 329 -4.07 0.66 0.80
C LYS A 329 -3.88 -0.24 2.05
N SER A 330 -2.67 -0.24 2.61
CA SER A 330 -2.44 -0.95 3.90
C SER A 330 -3.28 -0.34 5.03
N PHE A 331 -3.21 0.98 5.14
CA PHE A 331 -3.87 1.72 6.22
C PHE A 331 -5.40 1.58 6.17
N ALA A 332 -5.96 1.47 4.96
CA ALA A 332 -7.41 1.25 4.79
C ALA A 332 -7.89 -0.10 5.33
N THR A 333 -7.00 -1.10 5.35
CA THR A 333 -7.31 -2.44 5.86
C THR A 333 -7.07 -2.55 7.37
N ARG A 334 -6.67 -1.43 7.96
CA ARG A 334 -6.34 -1.37 9.38
C ARG A 334 -7.43 -1.86 10.34
N HIS A 335 -7.02 -2.68 11.32
CA HIS A 335 -7.95 -3.32 12.26
C HIS A 335 -7.31 -3.51 13.62
N LEU A 336 -8.16 -3.56 14.64
CA LEU A 336 -7.72 -3.74 16.01
C LEU A 336 -7.20 -5.16 16.23
N ALA A 337 -6.00 -5.24 16.78
CA ALA A 337 -5.42 -6.53 17.19
C ALA A 337 -5.16 -6.53 18.70
N SER A 338 -4.90 -5.36 19.26
CA SER A 338 -4.74 -5.26 20.70
C SER A 338 -5.50 -4.07 21.24
N PRO A 339 -6.69 -4.33 21.81
CA PRO A 339 -7.45 -3.25 22.44
C PRO A 339 -6.63 -2.54 23.52
N THR A 340 -5.83 -3.31 24.27
CA THR A 340 -5.03 -2.78 25.37
C THR A 340 -4.03 -1.74 24.81
N ARG A 341 -3.31 -2.11 23.75
CA ARG A 341 -2.37 -1.16 23.11
C ARG A 341 -3.09 0.07 22.57
N ALA A 342 -4.16 -0.13 21.81
CA ALA A 342 -4.86 1.03 21.20
C ALA A 342 -5.39 2.04 22.21
N ALA A 343 -5.92 1.56 23.34
CA ALA A 343 -6.48 2.47 24.34
C ALA A 343 -5.42 3.32 25.07
N MET A 344 -4.14 2.99 24.89
CA MET A 344 -3.10 3.80 25.53
C MET A 344 -2.96 5.16 24.90
N PHE A 345 -3.47 5.31 23.68
CA PHE A 345 -3.19 6.53 22.88
C PHE A 345 -4.32 7.53 22.80
N ASN A 346 -4.06 8.75 23.26
CA ASN A 346 -5.11 9.77 23.24
C ASN A 346 -5.30 10.32 21.84
N TRP A 347 -4.25 10.26 21.02
CA TRP A 347 -4.34 10.77 19.65
C TRP A 347 -3.48 9.97 18.71
N LEU A 348 -4.08 9.48 17.63
CA LEU A 348 -3.32 8.94 16.50
C LEU A 348 -3.93 9.53 15.21
N PRO A 349 -3.08 9.91 14.24
CA PRO A 349 -3.59 10.62 13.05
C PRO A 349 -4.36 9.75 12.04
N ASP A 350 -5.37 10.35 11.39
CA ASP A 350 -6.02 9.74 10.21
C ASP A 350 -5.02 9.74 9.04
N TYR A 351 -5.30 8.89 8.05
N TYR A 351 -5.22 8.89 8.03
CA TYR A 351 -4.50 8.71 6.81
CA TYR A 351 -4.25 8.81 6.94
C TYR A 351 -4.17 10.01 6.09
C TYR A 351 -4.05 10.13 6.20
N ASP A 352 -5.10 10.96 6.20
CA ASP A 352 -5.05 12.25 5.52
C ASP A 352 -4.37 13.36 6.34
N HIS A 353 -4.08 13.12 7.61
CA HIS A 353 -3.41 14.12 8.45
C HIS A 353 -1.97 14.37 7.96
N PRO A 354 -1.48 15.61 8.08
CA PRO A 354 -0.09 15.85 7.70
C PRO A 354 0.90 14.96 8.48
N LEU A 355 0.55 14.55 9.71
CA LEU A 355 1.46 13.67 10.49
C LEU A 355 1.30 12.15 10.29
N ALA A 356 0.52 11.75 9.28
CA ALA A 356 0.31 10.32 9.02
C ALA A 356 1.53 9.61 8.44
N ASN A 357 2.50 10.35 7.94
CA ASN A 357 3.70 9.68 7.44
C ASN A 357 4.61 9.13 8.58
N HIS A 358 4.22 9.34 9.82
CA HIS A 358 5.07 8.91 10.92
C HIS A 358 4.66 7.55 11.47
N TYR A 359 3.68 6.94 10.80
CA TYR A 359 3.36 5.52 11.01
C TYR A 359 4.51 4.63 10.55
N ASN A 360 4.61 3.48 11.20
CA ASN A 360 5.63 2.46 10.93
C ASN A 360 4.91 1.12 10.93
N TYR A 361 5.54 0.12 10.34
CA TYR A 361 5.07 -1.26 10.49
C TYR A 361 6.25 -2.18 10.77
N ARG A 362 6.17 -2.97 11.83
CA ARG A 362 7.21 -3.97 12.07
C ARG A 362 6.67 -5.38 11.79
N ARG A 363 7.45 -6.22 11.11
CA ARG A 363 6.97 -7.55 10.71
C ARG A 363 7.34 -8.61 11.73
N SER A 364 8.14 -8.21 12.72
CA SER A 364 8.49 -9.10 13.82
C SER A 364 8.75 -8.26 15.07
N ALA A 365 8.90 -8.94 16.21
CA ALA A 365 9.21 -8.30 17.48
C ALA A 365 10.00 -9.30 18.29
N HIS A 366 10.84 -8.83 19.20
CA HIS A 366 11.57 -9.76 20.06
C HIS A 366 10.62 -10.26 21.14
N SER A 367 9.87 -9.34 21.72
CA SER A 367 8.93 -9.69 22.81
C SER A 367 7.87 -8.62 22.92
N GLY A 368 6.78 -8.95 23.60
CA GLY A 368 5.64 -8.03 23.75
C GLY A 368 4.36 -8.77 23.35
N PRO A 369 3.20 -8.13 23.53
CA PRO A 369 1.90 -8.81 23.25
C PRO A 369 1.65 -9.01 21.75
N LEU A 370 2.37 -8.28 20.90
CA LEU A 370 2.15 -8.43 19.44
C LEU A 370 3.42 -8.85 18.71
N LYS A 371 3.26 -9.75 17.74
CA LYS A 371 4.41 -10.29 16.98
C LYS A 371 4.72 -9.45 15.76
N ARG A 372 3.78 -8.57 15.42
CA ARG A 372 3.91 -7.67 14.28
C ARG A 372 2.83 -6.62 14.45
N GLY A 373 2.95 -5.53 13.70
CA GLY A 373 1.92 -4.52 13.85
C GLY A 373 2.29 -3.13 13.42
N GLU A 374 1.26 -2.31 13.36
CA GLU A 374 1.42 -0.89 13.12
C GLU A 374 2.09 -0.26 14.35
N ALA A 375 2.98 0.68 14.09
CA ALA A 375 3.63 1.45 15.15
C ALA A 375 3.60 2.94 14.77
N TYR A 376 3.79 3.83 15.74
CA TYR A 376 3.85 5.25 15.42
C TYR A 376 5.04 5.86 16.10
N SER A 377 5.77 6.71 15.38
CA SER A 377 6.90 7.44 15.95
C SER A 377 6.50 8.88 16.28
N PHE A 378 6.17 9.10 17.55
CA PHE A 378 5.89 10.46 18.03
C PHE A 378 7.11 11.38 17.89
N TYR A 379 8.30 10.86 18.16
CA TYR A 379 9.54 11.65 17.97
C TYR A 379 9.65 12.17 16.53
N SER A 380 9.47 11.28 15.56
CA SER A 380 9.53 11.69 14.14
C SER A 380 8.47 12.76 13.83
N ALA A 381 7.25 12.57 14.35
CA ALA A 381 6.17 13.52 14.18
C ALA A 381 6.58 14.86 14.79
N ASN A 382 7.24 14.84 15.94
CA ASN A 382 7.66 16.09 16.57
C ASN A 382 8.76 16.79 15.78
N LEU A 383 9.62 16.02 15.09
CA LEU A 383 10.58 16.65 14.17
C LEU A 383 9.81 17.44 13.10
N GLU A 384 8.76 16.83 12.52
CA GLU A 384 7.99 17.57 11.52
C GLU A 384 7.32 18.79 12.15
N ARG A 385 6.76 18.61 13.35
CA ARG A 385 6.13 19.73 14.05
C ARG A 385 7.11 20.86 14.28
N LYS A 386 8.34 20.54 14.70
CA LYS A 386 9.36 21.57 15.00
C LYS A 386 9.95 22.27 13.79
N TYR A 387 10.26 21.49 12.76
CA TYR A 387 11.05 22.01 11.66
C TYR A 387 10.28 22.24 10.39
N GLY A 388 9.05 21.70 10.36
CA GLY A 388 8.15 21.83 9.23
C GLY A 388 8.78 21.25 7.98
N GLU A 389 8.27 21.67 6.81
CA GLU A 389 8.82 21.25 5.51
C GLU A 389 9.18 22.38 4.54
N THR A 390 10.46 22.47 4.17
CA THR A 390 10.93 23.38 3.11
C THR A 390 11.03 22.62 1.78
N TYR A 391 10.88 21.30 1.89
CA TYR A 391 10.66 20.36 0.78
C TYR A 391 10.28 19.05 1.51
N PRO A 392 9.80 18.01 0.78
CA PRO A 392 9.42 16.73 1.41
C PRO A 392 10.52 16.04 2.25
N GLY A 393 10.23 15.77 3.53
CA GLY A 393 11.27 15.13 4.33
C GLY A 393 12.32 16.14 4.83
N SER A 394 12.12 17.43 4.57
CA SER A 394 13.15 18.39 4.95
C SER A 394 13.43 18.39 6.46
N TYR A 395 12.45 18.08 7.30
CA TYR A 395 12.70 18.01 8.78
C TYR A 395 13.77 16.96 9.16
N LEU A 396 13.92 15.95 8.31
CA LEU A 396 14.97 14.91 8.56
C LEU A 396 16.36 15.49 8.28
N ASP A 397 16.50 16.21 7.16
CA ASP A 397 17.77 16.87 6.91
C ASP A 397 18.09 17.89 8.01
N LYS A 398 17.10 18.67 8.44
CA LYS A 398 17.31 19.62 9.54
C LYS A 398 17.66 18.89 10.84
N TRP A 399 16.97 17.77 11.09
CA TRP A 399 17.31 16.97 12.30
C TRP A 399 18.80 16.55 12.24
N ARG A 400 19.26 16.08 11.08
N ARG A 400 19.26 16.08 11.08
CA ARG A 400 20.66 15.63 10.95
CA ARG A 400 20.66 15.63 10.97
C ARG A 400 21.65 16.77 11.18
C ARG A 400 21.65 16.79 11.19
N GLU A 401 21.35 17.95 10.62
CA GLU A 401 22.22 19.12 10.78
C GLU A 401 22.27 19.58 12.22
N VAL A 402 21.10 19.73 12.85
CA VAL A 402 21.04 20.09 14.26
C VAL A 402 21.71 19.03 15.15
N THR A 403 21.54 17.74 14.83
CA THR A 403 22.18 16.67 15.60
C THR A 403 23.71 16.82 15.59
N VAL A 404 24.29 16.98 14.41
CA VAL A 404 25.75 17.21 14.32
C VAL A 404 26.14 18.50 15.08
N ASP A 405 25.37 19.57 14.90
CA ASP A 405 25.65 20.84 15.61
C ASP A 405 25.59 20.64 17.13
N ARG A 406 24.61 19.86 17.60
CA ARG A 406 24.52 19.56 19.04
C ARG A 406 25.77 18.80 19.48
N MET A 407 26.08 17.71 18.78
CA MET A 407 27.23 16.85 19.20
C MET A 407 28.50 17.68 19.35
N LEU A 408 28.77 18.52 18.35
CA LEU A 408 29.92 19.46 18.39
C LEU A 408 29.84 20.48 19.52
N ASN A 409 28.66 21.06 19.74
CA ASN A 409 28.52 21.98 20.88
C ASN A 409 28.73 21.27 22.21
N TRP A 410 28.23 20.04 22.28
CA TRP A 410 28.22 19.29 23.54
C TRP A 410 29.57 18.65 23.79
N GLY A 411 30.44 18.74 22.77
CA GLY A 411 31.85 18.34 22.90
C GLY A 411 32.14 16.89 22.58
N PHE A 412 31.16 16.17 22.05
CA PHE A 412 31.36 14.77 21.73
C PHE A 412 32.27 14.63 20.55
N THR A 413 33.12 13.61 20.58
CA THR A 413 34.11 13.50 19.54
C THR A 413 33.61 12.55 18.42
N SER A 414 32.44 11.95 18.61
CA SER A 414 31.90 11.02 17.59
C SER A 414 30.39 10.91 17.67
N LEU A 415 29.83 10.34 16.59
CA LEU A 415 28.50 9.66 16.55
C LEU A 415 28.75 8.19 16.82
N GLY A 416 27.96 7.58 17.69
CA GLY A 416 28.30 6.26 18.22
C GLY A 416 27.64 5.22 17.35
N ASN A 417 27.44 4.04 17.92
CA ASN A 417 26.91 2.93 17.16
C ASN A 417 25.48 3.18 16.70
N TRP A 418 25.10 2.49 15.63
CA TRP A 418 23.78 2.61 15.00
C TRP A 418 23.49 4.07 14.68
N THR A 419 24.48 4.69 14.05
CA THR A 419 24.28 6.00 13.38
C THR A 419 23.73 5.77 11.97
N ASP A 420 22.61 6.43 11.64
CA ASP A 420 22.01 6.26 10.33
C ASP A 420 23.06 6.59 9.25
N PRO A 421 23.16 5.75 8.19
CA PRO A 421 24.16 5.95 7.15
C PRO A 421 24.09 7.30 6.42
N ALA A 422 22.96 8.01 6.53
CA ALA A 422 22.86 9.33 5.94
C ALA A 422 23.84 10.32 6.62
N TYR A 423 24.32 10.02 7.83
CA TYR A 423 25.31 10.88 8.52
C TYR A 423 26.76 10.55 8.09
N TYR A 424 26.94 9.49 7.32
CA TYR A 424 28.32 9.01 7.08
C TYR A 424 29.17 9.93 6.21
N ASP A 425 28.52 10.84 5.49
CA ASP A 425 29.27 11.86 4.74
C ASP A 425 29.19 13.25 5.35
N ASN A 426 28.87 13.38 6.63
CA ASN A 426 28.67 14.70 7.22
C ASN A 426 29.97 15.50 7.20
N ASN A 427 31.08 14.80 7.32
CA ASN A 427 32.41 15.38 7.19
C ASN A 427 32.69 16.52 8.18
N ARG A 428 32.10 16.44 9.37
CA ARG A 428 32.32 17.45 10.42
C ARG A 428 32.57 16.77 11.77
N ILE A 429 32.11 15.53 11.90
CA ILE A 429 32.31 14.76 13.15
C ILE A 429 32.46 13.28 12.76
N PRO A 430 33.44 12.58 13.37
CA PRO A 430 33.63 11.16 13.04
C PRO A 430 32.44 10.32 13.47
N PHE A 431 32.36 9.10 12.94
CA PHE A 431 31.25 8.20 13.30
C PHE A 431 31.74 6.77 13.41
N PHE A 432 30.96 5.94 14.09
CA PHE A 432 31.21 4.49 14.18
C PHE A 432 30.24 3.81 13.27
N ALA A 433 30.70 2.82 12.53
CA ALA A 433 29.85 2.09 11.59
C ALA A 433 29.46 0.76 12.23
N ASN A 434 28.49 0.08 11.65
CA ASN A 434 28.08 -1.24 12.14
C ASN A 434 27.44 -2.09 11.09
N GLY A 435 27.45 -3.39 11.35
CA GLY A 435 26.67 -4.34 10.58
C GLY A 435 26.29 -5.48 11.47
N TRP A 436 25.33 -6.27 10.99
CA TRP A 436 24.88 -7.47 11.69
C TRP A 436 25.03 -8.63 10.73
N VAL A 437 25.60 -9.74 11.20
CA VAL A 437 25.69 -10.94 10.38
C VAL A 437 24.46 -11.79 10.66
N ILE A 438 23.53 -11.75 9.70
CA ILE A 438 22.29 -12.50 9.81
C ILE A 438 22.11 -13.29 8.54
N GLY A 439 21.26 -14.30 8.58
CA GLY A 439 21.06 -15.10 7.38
C GLY A 439 20.54 -16.50 7.70
N ASP A 440 20.53 -17.37 6.69
CA ASP A 440 19.95 -18.70 6.88
C ASP A 440 20.95 -19.76 7.29
N PHE A 441 22.17 -19.35 7.67
CA PHE A 441 23.24 -20.28 8.06
C PHE A 441 22.77 -21.14 9.22
N LYS A 442 23.47 -22.26 9.43
CA LYS A 442 23.11 -23.15 10.54
C LYS A 442 23.39 -22.44 11.86
N THR A 443 22.72 -22.88 12.92
CA THR A 443 22.82 -22.28 14.27
C THR A 443 23.34 -23.25 15.36
N VAL A 444 23.75 -22.67 16.49
CA VAL A 444 24.01 -23.42 17.73
C VAL A 444 23.30 -22.65 18.85
N SER A 445 23.30 -23.18 20.06
CA SER A 445 22.57 -22.56 21.17
C SER A 445 23.39 -22.61 22.45
N SER A 446 23.25 -21.57 23.26
CA SER A 446 23.84 -21.46 24.58
C SER A 446 22.92 -22.13 25.60
N GLY A 447 21.73 -22.53 25.15
CA GLY A 447 20.68 -23.00 26.06
C GLY A 447 19.90 -21.87 26.73
N ALA A 448 20.30 -20.63 26.47
CA ALA A 448 19.61 -19.45 27.06
C ALA A 448 19.84 -18.23 26.19
N ASP A 449 19.67 -18.43 24.88
CA ASP A 449 19.93 -17.39 23.90
C ASP A 449 18.89 -16.30 24.08
N PHE A 450 19.38 -15.08 24.28
CA PHE A 450 18.51 -13.97 24.54
C PHE A 450 17.99 -13.24 23.30
N TRP A 451 18.84 -12.46 22.65
CA TRP A 451 18.41 -11.73 21.45
C TRP A 451 18.07 -12.64 20.24
N GLY A 452 18.63 -13.84 20.22
CA GLY A 452 18.48 -14.75 19.08
C GLY A 452 19.43 -15.91 19.19
N ALA A 453 19.25 -16.90 18.32
CA ALA A 453 20.12 -18.09 18.32
C ALA A 453 21.54 -17.71 17.88
N MET A 454 22.51 -18.53 18.31
CA MET A 454 23.92 -18.30 17.99
C MET A 454 24.30 -18.92 16.65
N PRO A 455 25.23 -18.29 15.91
CA PRO A 455 25.56 -18.78 14.60
C PRO A 455 26.47 -20.01 14.66
N ASP A 456 26.30 -20.91 13.72
CA ASP A 456 27.30 -21.98 13.55
C ASP A 456 28.42 -21.43 12.69
N VAL A 457 29.47 -20.97 13.36
CA VAL A 457 30.54 -20.22 12.73
C VAL A 457 31.45 -21.10 11.90
N PHE A 458 31.25 -22.42 11.98
CA PHE A 458 31.99 -23.36 11.12
C PHE A 458 31.24 -23.71 9.82
N ASP A 459 29.96 -23.33 9.74
CA ASP A 459 29.18 -23.46 8.51
C ASP A 459 29.73 -22.46 7.47
N PRO A 460 30.11 -22.95 6.27
CA PRO A 460 30.63 -22.01 5.24
C PRO A 460 29.68 -20.83 4.93
N GLU A 461 28.37 -21.06 5.03
CA GLU A 461 27.36 -20.02 4.86
C GLU A 461 27.44 -18.90 5.89
N PHE A 462 27.90 -19.20 7.12
CA PHE A 462 28.16 -18.11 8.06
C PHE A 462 29.20 -17.13 7.45
N LYS A 463 30.31 -17.65 6.95
CA LYS A 463 31.31 -16.79 6.31
C LYS A 463 30.76 -16.05 5.09
N VAL A 464 29.97 -16.75 4.27
CA VAL A 464 29.27 -16.08 3.15
C VAL A 464 28.52 -14.83 3.62
N ARG A 465 27.77 -14.98 4.72
CA ARG A 465 26.94 -13.90 5.19
C ARG A 465 27.77 -12.81 5.85
N ALA A 466 28.87 -13.19 6.52
CA ALA A 466 29.77 -12.21 7.17
C ALA A 466 30.41 -11.36 6.07
N MET A 467 30.82 -11.99 4.97
CA MET A 467 31.39 -11.29 3.81
C MET A 467 30.35 -10.30 3.21
N GLU A 468 29.11 -10.77 3.02
CA GLU A 468 28.08 -9.87 2.51
C GLU A 468 27.82 -8.71 3.48
N THR A 469 27.84 -9.00 4.77
CA THR A 469 27.65 -7.94 5.75
C THR A 469 28.73 -6.86 5.63
N ALA A 470 29.99 -7.28 5.62
CA ALA A 470 31.11 -6.33 5.52
C ALA A 470 31.05 -5.59 4.17
N ARG A 471 30.68 -6.30 3.11
CA ARG A 471 30.52 -5.65 1.81
C ARG A 471 29.57 -4.48 1.87
N VAL A 472 28.41 -4.66 2.50
CA VAL A 472 27.41 -3.60 2.58
C VAL A 472 27.94 -2.40 3.43
N VAL A 473 28.47 -2.69 4.61
CA VAL A 473 29.11 -1.63 5.42
C VAL A 473 30.18 -0.84 4.61
N SER A 474 31.03 -1.55 3.85
N SER A 474 31.01 -1.56 3.85
CA SER A 474 32.08 -0.89 3.08
CA SER A 474 32.07 -0.91 3.10
C SER A 474 31.49 0.05 2.02
C SER A 474 31.50 0.02 2.01
N GLU A 475 30.41 -0.41 1.38
CA GLU A 475 29.69 0.43 0.42
C GLU A 475 29.13 1.71 1.07
N GLU A 476 28.66 1.59 2.31
CA GLU A 476 28.20 2.73 3.10
C GLU A 476 29.26 3.75 3.52
N ILE A 477 30.40 3.20 3.96
N ILE A 477 30.41 3.30 4.01
CA ILE A 477 31.54 3.88 4.57
CA ILE A 477 31.38 4.24 4.57
C ILE A 477 32.38 4.64 3.55
C ILE A 477 32.35 4.75 3.50
N LYS A 478 32.40 4.08 2.34
CA LYS A 478 33.23 4.60 1.20
C LYS A 478 34.68 4.87 1.59
N ASN A 479 35.23 3.94 2.38
CA ASN A 479 36.60 4.03 2.89
C ASN A 479 36.89 5.40 3.53
N SER A 480 35.88 6.04 4.13
CA SER A 480 36.06 7.42 4.67
C SER A 480 36.98 7.43 5.89
N PRO A 481 37.92 8.40 5.97
CA PRO A 481 38.74 8.57 7.18
C PRO A 481 37.88 8.94 8.38
N TRP A 482 36.66 9.44 8.14
CA TRP A 482 35.79 9.86 9.26
C TRP A 482 35.19 8.67 9.99
N CYS A 483 35.29 7.47 9.41
CA CYS A 483 34.80 6.31 10.15
C CYS A 483 35.85 5.80 11.13
N VAL A 484 35.55 5.88 12.43
CA VAL A 484 36.51 5.49 13.47
C VAL A 484 36.74 3.99 13.44
N GLY A 485 35.67 3.25 13.24
CA GLY A 485 35.79 1.81 13.25
C GLY A 485 34.45 1.16 13.03
N VAL A 486 34.45 -0.17 12.99
CA VAL A 486 33.26 -0.95 12.67
C VAL A 486 32.93 -1.95 13.78
N PHE A 487 31.74 -1.81 14.40
CA PHE A 487 31.15 -2.84 15.29
C PHE A 487 30.43 -3.89 14.44
N ILE A 488 30.59 -5.14 14.79
CA ILE A 488 29.81 -6.18 14.12
C ILE A 488 29.05 -6.97 15.19
N ASP A 489 27.73 -7.07 15.04
CA ASP A 489 26.86 -7.81 15.99
C ASP A 489 26.81 -7.11 17.34
N ASN A 490 26.10 -7.68 18.33
CA ASN A 490 25.88 -6.99 19.57
C ASN A 490 25.29 -7.95 20.60
N GLU A 491 25.89 -8.02 21.80
CA GLU A 491 25.30 -8.77 22.93
C GLU A 491 24.85 -10.19 22.54
N LYS A 492 25.75 -10.92 21.89
CA LYS A 492 25.49 -12.30 21.53
C LYS A 492 25.51 -13.14 22.80
N SER A 493 24.68 -14.16 22.83
CA SER A 493 24.63 -15.07 23.99
C SER A 493 25.76 -16.11 23.95
N PHE A 494 26.98 -15.68 24.33
CA PHE A 494 28.14 -16.56 24.32
C PHE A 494 28.19 -17.43 25.58
N GLY A 495 27.35 -17.11 26.57
CA GLY A 495 27.24 -17.93 27.80
C GLY A 495 27.17 -17.01 29.02
N ARG A 496 26.20 -17.27 29.90
CA ARG A 496 25.90 -16.43 31.09
C ARG A 496 26.76 -16.83 32.29
N PRO A 497 27.00 -15.90 33.23
CA PRO A 497 27.91 -16.17 34.35
C PRO A 497 27.23 -16.72 35.60
N ASP A 498 25.94 -17.02 35.51
CA ASP A 498 25.14 -17.45 36.66
C ASP A 498 25.62 -18.78 37.23
N SER A 499 26.17 -19.64 36.39
CA SER A 499 26.62 -20.95 36.84
C SER A 499 27.62 -21.45 35.84
N ASP A 500 28.37 -22.47 36.23
CA ASP A 500 29.35 -23.03 35.31
C ASP A 500 28.68 -23.67 34.09
N LYS A 501 27.56 -24.36 34.31
CA LYS A 501 26.78 -24.87 33.19
C LYS A 501 26.19 -23.79 32.29
N ALA A 502 25.84 -22.63 32.87
CA ALA A 502 25.34 -21.52 32.05
C ALA A 502 26.49 -20.97 31.24
N GLN A 503 27.60 -20.75 31.90
CA GLN A 503 28.81 -20.22 31.25
C GLN A 503 29.24 -21.07 30.04
N TYR A 504 29.15 -22.39 30.20
CA TYR A 504 29.56 -23.33 29.14
C TYR A 504 28.37 -23.88 28.36
N GLY A 505 27.33 -23.05 28.26
CA GLY A 505 26.11 -23.50 27.60
C GLY A 505 26.27 -23.89 26.14
N ILE A 506 27.13 -23.19 25.41
CA ILE A 506 27.35 -23.54 23.99
C ILE A 506 28.03 -24.92 23.85
N PRO A 507 29.15 -25.16 24.59
CA PRO A 507 29.70 -26.53 24.57
C PRO A 507 28.71 -27.59 25.02
N ILE A 508 27.99 -27.33 26.10
CA ILE A 508 27.07 -28.34 26.64
C ILE A 508 25.99 -28.66 25.64
N HIS A 509 25.29 -27.64 25.14
CA HIS A 509 24.23 -27.86 24.15
C HIS A 509 24.74 -28.52 22.85
N THR A 510 25.90 -28.08 22.36
CA THR A 510 26.40 -28.61 21.10
C THR A 510 26.89 -30.05 21.24
N LEU A 511 27.54 -30.35 22.37
CA LEU A 511 28.01 -31.72 22.63
C LEU A 511 26.82 -32.67 22.69
N GLY A 512 25.67 -32.15 23.10
CA GLY A 512 24.41 -32.89 23.13
C GLY A 512 23.87 -33.26 21.75
N ARG A 513 24.38 -32.63 20.70
CA ARG A 513 23.91 -32.86 19.33
C ARG A 513 24.83 -33.82 18.54
N PRO A 514 24.25 -34.50 17.54
CA PRO A 514 25.02 -35.30 16.56
C PRO A 514 25.96 -34.44 15.72
N SER A 515 27.11 -35.00 15.34
CA SER A 515 28.06 -34.30 14.45
C SER A 515 27.53 -34.10 13.03
N GLU A 516 26.80 -35.09 12.51
CA GLU A 516 26.27 -35.01 11.16
C GLU A 516 25.38 -33.79 10.96
N GLY A 517 25.73 -32.98 9.97
CA GLY A 517 24.95 -31.78 9.63
C GLY A 517 25.23 -30.57 10.52
N VAL A 518 26.16 -30.69 11.47
CA VAL A 518 26.43 -29.64 12.51
C VAL A 518 27.93 -29.33 12.51
N PRO A 519 28.33 -28.37 11.66
CA PRO A 519 29.76 -28.07 11.51
C PRO A 519 30.49 -27.78 12.82
N THR A 520 29.87 -27.02 13.73
CA THR A 520 30.53 -26.67 15.01
C THR A 520 30.71 -27.97 15.85
N ARG A 521 29.75 -28.86 15.77
CA ARG A 521 29.86 -30.16 16.49
C ARG A 521 30.99 -31.01 15.88
N GLN A 522 31.10 -30.98 14.55
CA GLN A 522 32.22 -31.66 13.89
C GLN A 522 33.55 -31.09 14.36
N ALA A 523 33.63 -29.75 14.46
CA ALA A 523 34.86 -29.14 14.95
C ALA A 523 35.13 -29.59 16.39
N PHE A 524 34.10 -29.60 17.24
CA PHE A 524 34.30 -29.95 18.66
C PHE A 524 34.77 -31.40 18.79
N SER A 525 34.13 -32.27 18.01
CA SER A 525 34.50 -33.70 17.95
C SER A 525 35.97 -33.92 17.55
N LYS A 526 36.44 -33.16 16.55
CA LYS A 526 37.85 -33.22 16.11
C LYS A 526 38.84 -32.85 17.21
N LEU A 527 38.52 -31.78 17.94
CA LEU A 527 39.39 -31.33 19.02
C LEU A 527 39.48 -32.35 20.12
N LEU A 528 38.36 -32.99 20.45
CA LEU A 528 38.34 -33.98 21.54
C LEU A 528 39.01 -35.29 21.12
N LYS A 529 38.86 -35.65 19.85
CA LYS A 529 39.64 -36.76 19.31
C LYS A 529 41.13 -36.52 19.36
N ALA A 530 41.57 -35.30 19.04
CA ALA A 530 42.98 -35.00 19.09
C ALA A 530 43.47 -35.00 20.54
N LYS A 531 42.62 -34.57 21.48
CA LYS A 531 43.01 -34.49 22.89
C LYS A 531 43.16 -35.89 23.51
N TYR A 532 42.14 -36.72 23.34
CA TYR A 532 41.98 -37.99 24.10
C TYR A 532 42.44 -39.22 23.33
N LYS A 533 42.43 -39.11 21.99
CA LYS A 533 42.80 -40.17 21.03
C LYS A 533 41.78 -41.30 20.99
N THR A 534 41.52 -41.92 22.14
CA THR A 534 40.68 -43.09 22.23
C THR A 534 39.42 -42.73 22.98
N ILE A 535 38.31 -43.36 22.62
CA ILE A 535 37.07 -43.17 23.36
C ILE A 535 37.26 -43.63 24.83
N ALA A 536 38.25 -44.49 25.09
CA ALA A 536 38.44 -44.96 26.45
C ALA A 536 38.96 -43.82 27.33
N ALA A 537 39.84 -42.99 26.78
CA ALA A 537 40.38 -41.86 27.55
C ALA A 537 39.25 -40.88 27.86
N LEU A 538 38.39 -40.64 26.89
CA LEU A 538 37.28 -39.70 27.04
C LEU A 538 36.27 -40.29 28.05
N ASN A 539 35.94 -41.58 27.92
CA ASN A 539 35.08 -42.25 28.91
C ASN A 539 35.53 -42.07 30.34
N ASN A 540 36.82 -42.23 30.57
CA ASN A 540 37.34 -42.08 31.93
C ASN A 540 37.37 -40.64 32.36
N ALA A 541 37.61 -39.73 31.42
CA ALA A 541 37.60 -38.30 31.77
C ALA A 541 36.19 -37.82 32.13
N TRP A 542 35.19 -38.33 31.41
CA TRP A 542 33.82 -37.86 31.59
C TRP A 542 32.99 -38.76 32.47
N GLY A 543 33.62 -39.84 32.93
CA GLY A 543 32.93 -40.86 33.73
C GLY A 543 31.84 -41.57 32.93
N LEU A 544 32.06 -41.77 31.64
CA LEU A 544 31.03 -42.37 30.77
C LEU A 544 31.43 -43.77 30.27
N LYS A 545 30.54 -44.40 29.50
CA LYS A 545 30.79 -45.76 28.98
C LYS A 545 30.38 -45.85 27.53
N LEU A 546 30.73 -44.83 26.74
CA LEU A 546 30.38 -44.84 25.32
C LEU A 546 31.10 -46.00 24.64
N SER A 547 30.46 -46.60 23.66
CA SER A 547 31.02 -47.81 23.04
C SER A 547 32.01 -47.44 21.93
N SER A 548 31.92 -46.18 21.46
CA SER A 548 32.77 -45.72 20.33
C SER A 548 32.76 -44.21 20.11
N TRP A 549 33.72 -43.73 19.32
CA TRP A 549 33.64 -42.38 18.75
C TRP A 549 32.38 -42.17 17.93
N ALA A 550 31.90 -43.23 17.29
CA ALA A 550 30.68 -43.16 16.51
C ALA A 550 29.45 -42.93 17.38
N GLU A 551 29.39 -43.60 18.54
CA GLU A 551 28.33 -43.31 19.52
C GLU A 551 28.49 -41.90 20.12
N PHE A 552 29.73 -41.52 20.40
CA PHE A 552 29.99 -40.16 20.88
C PHE A 552 29.42 -39.15 19.86
N ASP A 553 29.63 -39.42 18.58
CA ASP A 553 29.18 -38.51 17.50
C ASP A 553 27.70 -38.51 17.21
N LEU A 554 26.93 -39.27 17.99
CA LEU A 554 25.46 -39.19 17.96
C LEU A 554 24.93 -38.07 18.84
N GLY A 555 25.79 -37.51 19.68
CA GLY A 555 25.36 -36.56 20.68
C GLY A 555 25.37 -37.20 22.06
N VAL A 556 25.90 -36.46 23.03
CA VAL A 556 26.07 -36.94 24.40
C VAL A 556 25.50 -35.87 25.33
N ASP A 557 24.62 -36.31 26.23
CA ASP A 557 23.92 -35.45 27.20
C ASP A 557 24.79 -35.07 28.44
N VAL A 558 25.80 -34.26 28.20
CA VAL A 558 26.70 -33.78 29.25
C VAL A 558 25.97 -32.87 30.22
N LYS A 559 24.79 -32.40 29.81
CA LYS A 559 23.99 -31.47 30.60
C LYS A 559 23.61 -32.05 31.95
N ALA A 560 23.42 -33.37 32.02
CA ALA A 560 23.09 -34.02 33.29
C ALA A 560 24.33 -34.38 34.15
N LEU A 561 25.54 -34.22 33.63
CA LEU A 561 26.77 -34.54 34.38
C LEU A 561 27.22 -33.36 35.25
N PRO A 562 27.73 -33.66 36.47
CA PRO A 562 28.26 -32.57 37.30
C PRO A 562 29.51 -32.01 36.63
N VAL A 563 29.75 -30.70 36.80
CA VAL A 563 30.95 -30.10 36.23
C VAL A 563 32.17 -30.52 37.05
N THR A 564 33.08 -31.26 36.41
CA THR A 564 34.32 -31.74 37.03
C THR A 564 35.49 -31.03 36.35
N ASP A 565 36.72 -31.30 36.82
CA ASP A 565 37.92 -30.67 36.25
C ASP A 565 38.07 -30.96 34.76
N THR A 566 37.86 -32.22 34.37
CA THR A 566 38.05 -32.60 32.98
C THR A 566 36.95 -31.98 32.10
N LEU A 567 35.69 -32.11 32.53
CA LEU A 567 34.58 -31.48 31.81
C LEU A 567 34.77 -29.96 31.70
N ARG A 568 35.14 -29.29 32.78
CA ARG A 568 35.44 -27.86 32.67
C ARG A 568 36.55 -27.54 31.64
N ALA A 569 37.66 -28.29 31.69
CA ALA A 569 38.78 -28.06 30.77
C ALA A 569 38.32 -28.23 29.32
N ASP A 570 37.49 -29.23 29.09
CA ASP A 570 36.94 -29.52 27.78
C ASP A 570 35.95 -28.46 27.31
N TYR A 571 35.07 -28.03 28.20
CA TYR A 571 34.11 -26.98 27.82
C TYR A 571 34.88 -25.69 27.51
N SER A 572 35.90 -25.41 28.33
CA SER A 572 36.75 -24.22 28.12
C SER A 572 37.42 -24.26 26.74
N MET A 573 38.02 -25.40 26.40
CA MET A 573 38.67 -25.60 25.11
C MET A 573 37.69 -25.42 23.93
N LEU A 574 36.50 -25.99 24.05
CA LEU A 574 35.47 -25.93 23.01
C LEU A 574 34.90 -24.50 22.84
N LEU A 575 34.68 -23.82 23.96
CA LEU A 575 34.22 -22.42 23.93
C LEU A 575 35.28 -21.54 23.25
N SER A 576 36.55 -21.74 23.58
CA SER A 576 37.63 -20.99 22.98
C SER A 576 37.63 -21.19 21.51
N ALA A 577 37.50 -22.44 21.07
CA ALA A 577 37.57 -22.72 19.65
C ALA A 577 36.39 -22.12 18.88
N TYR A 578 35.20 -22.20 19.47
CA TYR A 578 33.99 -21.58 18.92
C TYR A 578 34.18 -20.05 18.76
N ALA A 579 34.55 -19.39 19.85
CA ALA A 579 34.80 -17.95 19.81
C ALA A 579 35.96 -17.53 18.88
N ASP A 580 37.07 -18.28 18.88
CA ASP A 580 38.14 -18.02 17.89
C ASP A 580 37.64 -18.02 16.45
N GLN A 581 36.81 -19.01 16.11
CA GLN A 581 36.28 -19.14 14.76
C GLN A 581 35.30 -18.01 14.42
N TYR A 582 34.46 -17.62 15.40
CA TYR A 582 33.55 -16.48 15.22
C TYR A 582 34.37 -15.24 14.85
N PHE A 583 35.35 -14.90 15.70
CA PHE A 583 36.15 -13.66 15.50
C PHE A 583 37.09 -13.69 14.32
N LYS A 584 37.62 -14.88 14.02
CA LYS A 584 38.43 -15.13 12.81
C LYS A 584 37.64 -14.79 11.56
N VAL A 585 36.43 -15.35 11.46
CA VAL A 585 35.60 -15.13 10.27
C VAL A 585 35.17 -13.68 10.15
N VAL A 586 34.73 -13.09 11.26
CA VAL A 586 34.25 -11.70 11.19
C VAL A 586 35.39 -10.74 10.87
N HIS A 587 36.51 -10.90 11.57
CA HIS A 587 37.66 -10.06 11.30
C HIS A 587 38.08 -10.18 9.84
N GLY A 588 38.10 -11.42 9.31
CA GLY A 588 38.50 -11.64 7.92
C GLY A 588 37.63 -10.90 6.92
N ALA A 589 36.29 -10.93 7.15
CA ALA A 589 35.36 -10.20 6.32
C ALA A 589 35.54 -8.68 6.41
N VAL A 590 35.70 -8.15 7.62
CA VAL A 590 35.86 -6.71 7.79
C VAL A 590 37.16 -6.30 7.10
N GLU A 591 38.23 -7.07 7.35
CA GLU A 591 39.54 -6.74 6.78
C GLU A 591 39.47 -6.82 5.24
N HIS A 592 38.76 -7.80 4.72
CA HIS A 592 38.66 -7.94 3.27
C HIS A 592 38.13 -6.68 2.54
N TYR A 593 37.04 -6.12 3.07
CA TYR A 593 36.34 -5.03 2.40
C TYR A 593 36.76 -3.69 2.94
N MET A 594 37.26 -3.68 4.18
CA MET A 594 37.64 -2.38 4.80
C MET A 594 38.99 -2.56 5.43
N PRO A 595 40.03 -2.76 4.59
CA PRO A 595 41.33 -3.07 5.14
C PRO A 595 41.97 -1.99 6.01
N ASN A 596 41.54 -0.73 5.86
CA ASN A 596 42.10 0.38 6.59
C ASN A 596 41.48 0.61 7.97
N HIS A 597 40.31 0.02 8.23
CA HIS A 597 39.51 0.42 9.39
C HIS A 597 39.57 -0.54 10.55
N LEU A 598 39.53 0.02 11.77
CA LEU A 598 39.56 -0.77 13.01
C LEU A 598 38.32 -1.63 13.13
N TYR A 599 38.53 -2.88 13.54
CA TYR A 599 37.40 -3.74 13.81
C TYR A 599 37.20 -3.72 15.31
N LEU A 600 35.98 -3.45 15.75
CA LEU A 600 35.73 -3.11 17.14
C LEU A 600 35.03 -4.19 17.96
N GLY A 601 35.05 -5.44 17.50
CA GLY A 601 34.49 -6.52 18.36
C GLY A 601 32.96 -6.63 18.32
N ALA A 602 32.36 -7.21 19.38
CA ALA A 602 30.99 -7.67 19.31
C ALA A 602 30.14 -7.20 20.48
N ARG A 603 30.69 -6.24 21.22
CA ARG A 603 29.94 -5.56 22.30
C ARG A 603 29.43 -6.53 23.39
N PHE A 604 30.34 -6.91 24.27
CA PHE A 604 30.02 -7.92 25.30
C PHE A 604 29.25 -7.29 26.45
N PRO A 605 28.09 -7.85 26.80
CA PRO A 605 27.40 -7.41 28.02
C PRO A 605 27.93 -8.18 29.23
N ASP A 606 27.54 -7.77 30.43
CA ASP A 606 27.97 -8.50 31.62
C ASP A 606 27.46 -9.95 31.72
N TRP A 607 26.36 -10.25 31.04
CA TRP A 607 25.82 -11.60 31.02
C TRP A 607 26.33 -12.42 29.84
N GLY A 608 27.31 -11.89 29.12
CA GLY A 608 27.81 -12.59 27.97
C GLY A 608 29.28 -12.38 27.71
N MET A 609 30.10 -12.41 28.77
CA MET A 609 31.54 -12.27 28.52
C MET A 609 32.43 -13.32 29.25
N PRO A 610 32.17 -14.61 29.04
CA PRO A 610 33.11 -15.61 29.58
C PRO A 610 34.51 -15.31 29.04
N MET A 611 35.52 -15.51 29.89
CA MET A 611 36.88 -15.13 29.52
C MET A 611 37.40 -15.79 28.25
N GLU A 612 36.93 -16.98 27.93
CA GLU A 612 37.39 -17.65 26.73
C GLU A 612 37.03 -16.84 25.49
N VAL A 613 35.87 -16.19 25.56
CA VAL A 613 35.34 -15.41 24.45
C VAL A 613 36.02 -14.04 24.40
N VAL A 614 36.28 -13.47 25.57
CA VAL A 614 36.99 -12.20 25.65
C VAL A 614 38.40 -12.37 25.06
N LYS A 615 39.08 -13.45 25.39
CA LYS A 615 40.46 -13.65 24.89
C LYS A 615 40.49 -13.85 23.37
N ALA A 616 39.46 -14.51 22.86
CA ALA A 616 39.26 -14.67 21.41
C ALA A 616 39.13 -13.32 20.73
N ALA A 617 38.32 -12.43 21.32
CA ALA A 617 38.13 -11.09 20.78
C ALA A 617 39.46 -10.31 20.84
N ALA A 618 40.21 -10.52 21.92
CA ALA A 618 41.49 -9.81 22.05
C ALA A 618 42.44 -10.20 20.89
N LYS A 619 42.30 -11.40 20.37
CA LYS A 619 43.20 -11.92 19.34
C LYS A 619 42.92 -11.24 17.99
N TYR A 620 41.64 -10.97 17.71
CA TYR A 620 41.25 -10.54 16.38
C TYR A 620 40.76 -9.10 16.26
N ALA A 621 40.07 -8.61 17.28
CA ALA A 621 39.58 -7.23 17.28
C ALA A 621 40.72 -6.26 17.52
N ASP A 622 40.72 -5.14 16.79
CA ASP A 622 41.66 -4.04 17.07
C ASP A 622 41.36 -3.44 18.43
N VAL A 623 40.07 -3.35 18.75
CA VAL A 623 39.63 -2.75 20.01
C VAL A 623 38.50 -3.69 20.54
N VAL A 624 38.58 -4.11 21.80
CA VAL A 624 37.56 -4.99 22.39
C VAL A 624 36.43 -4.15 22.98
N SER A 625 35.18 -4.44 22.60
CA SER A 625 34.03 -3.61 23.09
C SER A 625 33.21 -4.34 24.12
N TYR A 626 32.79 -3.57 25.13
CA TYR A 626 31.95 -4.06 26.23
C TYR A 626 30.80 -3.06 26.41
N ASN A 627 29.61 -3.57 26.69
CA ASN A 627 28.46 -2.73 27.13
C ASN A 627 28.39 -2.94 28.65
N SER A 628 28.42 -1.88 29.43
CA SER A 628 28.48 -2.04 30.89
C SER A 628 27.54 -1.03 31.56
N TYR A 629 26.35 -1.51 31.88
CA TYR A 629 25.38 -0.67 32.54
C TYR A 629 25.53 -0.80 34.05
N LYS A 630 26.39 0.05 34.60
CA LYS A 630 26.73 0.06 36.01
C LYS A 630 26.96 1.54 36.32
N GLU A 631 27.25 1.86 37.57
CA GLU A 631 27.62 3.23 37.96
C GLU A 631 29.03 3.67 37.57
N GLY A 632 29.86 2.69 37.26
CA GLY A 632 31.18 2.95 36.69
C GLY A 632 31.89 1.65 36.46
N LEU A 633 33.22 1.75 36.39
CA LEU A 633 34.07 0.62 36.10
C LEU A 633 34.86 0.26 37.36
N PRO A 634 34.34 -0.66 38.19
CA PRO A 634 35.00 -0.96 39.48
C PRO A 634 36.33 -1.68 39.24
N LYS A 635 37.31 -1.38 40.09
CA LYS A 635 38.66 -2.03 40.02
C LYS A 635 38.61 -3.54 39.84
N GLN A 636 37.92 -4.24 40.73
CA GLN A 636 37.95 -5.71 40.77
C GLN A 636 37.33 -6.32 39.53
N LYS A 637 36.26 -5.71 39.06
CA LYS A 637 35.54 -6.23 37.92
C LYS A 637 36.35 -6.08 36.62
N TRP A 638 37.25 -5.11 36.57
CA TRP A 638 37.99 -4.81 35.33
C TRP A 638 39.48 -5.15 35.36
N ALA A 639 39.93 -5.83 36.42
CA ALA A 639 41.35 -6.11 36.64
C ALA A 639 41.95 -6.98 35.53
N PHE A 640 41.12 -7.85 34.95
CA PHE A 640 41.52 -8.73 33.85
C PHE A 640 42.07 -7.99 32.62
N LEU A 641 41.67 -6.74 32.43
CA LEU A 641 42.07 -5.95 31.26
C LEU A 641 43.59 -5.82 31.15
N ALA A 642 44.26 -5.77 32.30
CA ALA A 642 45.73 -5.57 32.35
C ALA A 642 46.49 -6.69 31.68
N GLU A 643 46.08 -7.93 31.91
CA GLU A 643 46.73 -9.07 31.27
C GLU A 643 46.50 -9.07 29.75
N LEU A 644 45.31 -8.63 29.30
CA LEU A 644 45.06 -8.58 27.86
C LEU A 644 45.86 -7.47 27.20
N ASP A 645 45.99 -6.34 27.92
CA ASP A 645 46.67 -5.16 27.41
C ASP A 645 46.11 -4.76 26.03
N LYS A 646 44.78 -4.70 25.90
CA LYS A 646 44.14 -4.30 24.64
C LYS A 646 43.40 -3.00 24.84
N PRO A 647 43.45 -2.12 23.85
CA PRO A 647 42.58 -0.97 23.88
C PRO A 647 41.14 -1.47 23.86
N SER A 648 40.28 -0.75 24.58
CA SER A 648 38.93 -1.24 24.86
C SER A 648 37.95 -0.08 24.67
N ILE A 649 36.68 -0.41 24.47
CA ILE A 649 35.71 0.68 24.39
C ILE A 649 34.44 0.22 25.06
N ILE A 650 33.79 1.14 25.78
CA ILE A 650 32.41 0.92 26.28
C ILE A 650 31.40 1.28 25.17
N GLY A 651 30.63 0.29 24.70
CA GLY A 651 29.70 0.53 23.57
C GLY A 651 28.40 1.16 24.03
N GLU A 652 28.08 0.92 25.31
CA GLU A 652 26.80 1.35 25.94
C GLU A 652 26.96 1.53 27.45
N PHE A 653 26.37 2.63 27.95
CA PHE A 653 26.00 2.79 29.36
C PHE A 653 24.87 3.81 29.35
N HIS A 654 24.20 3.93 30.48
CA HIS A 654 23.19 4.98 30.66
C HIS A 654 22.76 5.13 32.11
N ILE A 655 22.12 6.25 32.43
CA ILE A 655 21.44 6.44 33.74
C ILE A 655 20.13 7.18 33.44
N GLY A 656 19.02 6.71 34.00
CA GLY A 656 17.73 7.41 33.81
C GLY A 656 17.09 7.85 35.11
N ALA A 657 15.96 8.57 35.00
CA ALA A 657 15.26 9.05 36.21
C ALA A 657 13.77 9.01 35.89
N MET A 658 12.94 9.28 36.90
N MET A 658 12.92 9.21 36.90
CA MET A 658 11.48 9.15 36.75
CA MET A 658 11.46 9.16 36.65
C MET A 658 10.74 10.48 36.96
C MET A 658 10.76 10.46 37.03
N ASP A 659 11.49 11.57 36.92
CA ASP A 659 10.95 12.91 37.15
C ASP A 659 10.58 13.69 35.85
N HIS A 660 10.57 13.01 34.71
CA HIS A 660 10.19 13.58 33.43
C HIS A 660 9.21 12.67 32.72
N GLY A 661 8.36 12.00 33.50
CA GLY A 661 7.23 11.30 32.91
C GLY A 661 7.42 9.86 32.53
N SER A 662 8.64 9.32 32.65
CA SER A 662 8.85 7.92 32.31
C SER A 662 8.36 6.94 33.36
N TYR A 663 7.87 5.79 32.93
CA TYR A 663 7.53 4.73 33.87
C TYR A 663 8.71 3.88 34.30
N HIS A 664 9.86 4.08 33.66
CA HIS A 664 11.02 3.23 33.88
C HIS A 664 12.24 4.06 33.59
N PRO A 665 13.15 4.13 34.57
CA PRO A 665 14.36 4.92 34.39
C PRO A 665 15.34 4.30 33.39
N GLY A 666 15.29 2.99 33.22
CA GLY A 666 16.30 2.26 32.47
C GLY A 666 17.09 1.29 33.38
N LEU A 667 18.30 0.89 32.97
CA LEU A 667 19.10 -0.07 33.75
C LEU A 667 19.75 0.46 35.04
N ILE A 668 20.13 1.72 35.02
CA ILE A 668 20.81 2.33 36.14
C ILE A 668 20.02 3.60 36.46
N HIS A 669 19.79 3.83 37.75
CA HIS A 669 18.74 4.78 38.20
C HIS A 669 19.33 5.95 39.00
N ALA A 670 18.83 7.15 38.71
CA ALA A 670 19.16 8.36 39.42
C ALA A 670 17.90 8.93 40.06
N ALA A 671 18.09 9.86 40.98
CA ALA A 671 17.00 10.43 41.81
C ALA A 671 16.25 11.50 41.09
N SER A 672 16.86 12.05 40.02
CA SER A 672 16.39 13.25 39.33
C SER A 672 17.24 13.50 38.12
N GLN A 673 16.81 14.43 37.25
CA GLN A 673 17.63 14.75 36.07
C GLN A 673 18.99 15.26 36.48
N ALA A 674 19.07 16.09 37.53
CA ALA A 674 20.38 16.57 38.02
C ALA A 674 21.26 15.44 38.52
N ASP A 675 20.64 14.51 39.26
CA ASP A 675 21.40 13.34 39.72
C ASP A 675 21.84 12.48 38.50
N ARG A 676 21.03 12.40 37.45
CA ARG A 676 21.44 11.70 36.22
C ARG A 676 22.74 12.29 35.73
N GLY A 677 22.81 13.63 35.73
CA GLY A 677 24.01 14.35 35.29
C GLY A 677 25.23 14.07 36.16
N GLU A 678 25.04 14.12 37.48
CA GLU A 678 26.12 13.70 38.39
C GLU A 678 26.62 12.28 38.18
N MET A 679 25.70 11.33 38.04
CA MET A 679 26.08 9.95 37.82
C MET A 679 26.79 9.76 36.48
N TYR A 680 26.39 10.53 35.47
CA TYR A 680 27.09 10.49 34.16
C TYR A 680 28.56 10.86 34.33
N LYS A 681 28.80 11.95 35.03
CA LYS A 681 30.14 12.41 35.31
C LYS A 681 31.00 11.39 36.08
N ASP A 682 30.37 10.69 37.01
CA ASP A 682 31.07 9.64 37.77
C ASP A 682 31.43 8.46 36.89
N TYR A 683 30.48 8.01 36.06
CA TYR A 683 30.77 6.95 35.14
C TYR A 683 31.93 7.30 34.20
N MET A 684 31.81 8.43 33.51
CA MET A 684 32.86 8.84 32.59
C MET A 684 34.23 9.06 33.27
N GLN A 685 34.24 9.55 34.51
CA GLN A 685 35.51 9.67 35.26
C GLN A 685 36.16 8.31 35.39
N SER A 686 35.34 7.30 35.65
CA SER A 686 35.81 5.94 35.78
C SER A 686 36.44 5.42 34.47
N VAL A 687 35.80 5.73 33.34
CA VAL A 687 36.37 5.38 32.04
C VAL A 687 37.69 6.12 31.79
N ILE A 688 37.65 7.43 31.98
CA ILE A 688 38.81 8.28 31.79
C ILE A 688 40.00 7.77 32.63
N ASP A 689 39.74 7.38 33.87
CA ASP A 689 40.79 6.85 34.75
C ASP A 689 41.34 5.45 34.43
N ASN A 690 40.67 4.70 33.55
CA ASN A 690 41.09 3.35 33.27
C ASN A 690 42.01 3.39 32.01
N PRO A 691 43.28 3.00 32.16
CA PRO A 691 44.25 3.15 31.06
C PRO A 691 43.96 2.29 29.83
N TYR A 692 43.08 1.28 29.96
CA TYR A 692 42.71 0.41 28.84
C TYR A 692 41.61 0.95 27.93
N PHE A 693 40.85 1.94 28.38
CA PHE A 693 39.72 2.42 27.57
C PHE A 693 40.06 3.57 26.69
N VAL A 694 39.69 3.45 25.42
CA VAL A 694 39.82 4.55 24.47
C VAL A 694 38.56 5.35 24.17
N GLY A 695 37.47 5.03 24.87
CA GLY A 695 36.23 5.78 24.73
C GLY A 695 35.03 5.10 25.39
N ALA A 696 33.89 5.76 25.34
CA ALA A 696 32.64 5.25 25.91
C ALA A 696 31.47 5.94 25.23
N HIS A 697 30.51 5.15 24.76
CA HIS A 697 29.29 5.66 24.14
C HIS A 697 28.09 5.40 25.05
N TRP A 698 27.24 6.41 25.14
CA TRP A 698 25.98 6.38 25.90
C TRP A 698 24.85 5.88 25.04
N PHE A 699 24.05 4.99 25.61
CA PHE A 699 22.87 4.46 24.94
C PHE A 699 21.65 5.12 25.60
N GLN A 700 20.93 6.03 24.93
CA GLN A 700 21.02 6.36 23.51
C GLN A 700 20.67 7.85 23.30
N TYR A 701 20.53 8.30 22.06
CA TYR A 701 20.30 9.72 21.77
C TYR A 701 18.93 10.19 22.32
N MET A 702 17.89 9.40 22.05
CA MET A 702 16.52 9.82 22.42
C MET A 702 15.96 8.89 23.49
N ASP A 703 15.02 9.35 24.31
CA ASP A 703 14.30 8.42 25.18
C ASP A 703 13.63 7.39 24.32
N SER A 704 13.49 6.18 24.85
CA SER A 704 12.60 5.20 24.27
C SER A 704 11.16 5.71 24.47
N PRO A 705 10.23 5.33 23.57
CA PRO A 705 8.80 5.65 23.72
C PRO A 705 8.26 5.28 25.10
N LEU A 706 7.39 6.11 25.63
CA LEU A 706 6.75 5.88 26.93
C LEU A 706 6.09 4.50 27.04
N THR A 707 5.49 4.06 25.95
CA THR A 707 4.76 2.81 25.89
C THR A 707 5.57 1.70 25.25
N GLY A 708 6.88 1.85 25.26
CA GLY A 708 7.77 0.82 24.72
C GLY A 708 8.20 0.95 23.27
N ARG A 709 9.50 0.76 23.01
CA ARG A 709 9.93 0.67 21.61
C ARG A 709 9.31 -0.59 21.02
N ALA A 710 8.92 -0.53 19.75
CA ALA A 710 8.25 -1.64 19.07
C ALA A 710 9.00 -3.00 19.19
N TYR A 711 10.34 -2.97 19.14
CA TYR A 711 11.11 -4.20 19.17
C TYR A 711 10.88 -5.06 20.42
N ASP A 712 10.88 -4.46 21.61
CA ASP A 712 10.86 -5.31 22.80
C ASP A 712 10.30 -4.66 24.06
N GLY A 713 9.70 -3.47 23.92
CA GLY A 713 9.01 -2.81 25.03
C GLY A 713 9.87 -2.01 25.99
N GLU A 714 11.18 -1.94 25.77
CA GLU A 714 11.98 -1.01 26.59
C GLU A 714 11.36 0.39 26.47
N ASN A 715 11.15 1.02 27.62
CA ASN A 715 10.43 2.29 27.73
C ASN A 715 11.15 3.24 28.65
N TYR A 716 12.45 3.42 28.42
CA TYR A 716 13.34 4.05 29.38
C TYR A 716 13.66 5.54 29.16
N ASN A 717 13.99 6.23 30.26
CA ASN A 717 14.52 7.59 30.21
C ASN A 717 16.01 7.54 30.01
N VAL A 718 16.44 7.22 28.79
CA VAL A 718 17.84 7.03 28.52
C VAL A 718 18.34 8.00 27.46
N GLY A 719 17.52 9.01 27.14
CA GLY A 719 17.88 9.97 26.07
C GLY A 719 18.67 11.16 26.58
N PHE A 720 19.49 11.72 25.68
CA PHE A 720 19.92 13.12 25.83
C PHE A 720 18.80 14.08 25.41
N VAL A 721 17.84 13.58 24.64
CA VAL A 721 16.64 14.39 24.30
C VAL A 721 15.41 13.58 24.62
N ASP A 722 14.28 14.27 24.85
CA ASP A 722 13.03 13.57 25.10
C ASP A 722 12.20 13.34 23.81
N VAL A 723 10.96 12.88 23.92
CA VAL A 723 10.13 12.54 22.75
C VAL A 723 9.81 13.77 21.88
N THR A 724 9.89 14.96 22.46
CA THR A 724 9.67 16.21 21.71
C THR A 724 10.94 16.77 21.06
N ASP A 725 12.02 15.98 21.12
CA ASP A 725 13.35 16.41 20.62
C ASP A 725 13.93 17.57 21.43
N THR A 726 13.59 17.62 22.72
CA THR A 726 14.12 18.69 23.58
C THR A 726 15.21 18.11 24.45
N PRO A 727 16.39 18.76 24.45
CA PRO A 727 17.49 18.19 25.24
C PRO A 727 17.22 18.24 26.73
N TYR A 728 17.66 17.22 27.46
CA TYR A 728 17.77 17.34 28.91
C TYR A 728 19.00 18.16 29.16
N GLN A 729 18.83 19.41 29.63
CA GLN A 729 19.98 20.28 29.86
C GLN A 729 20.94 19.75 30.89
N GLU A 730 20.43 19.01 31.88
CA GLU A 730 21.32 18.38 32.90
C GLU A 730 22.30 17.41 32.23
N MET A 731 21.86 16.73 31.18
CA MET A 731 22.73 15.75 30.49
C MET A 731 23.74 16.50 29.59
N VAL A 732 23.25 17.53 28.91
CA VAL A 732 24.15 18.41 28.14
C VAL A 732 25.29 18.97 29.00
N ASP A 733 24.94 19.54 30.14
CA ASP A 733 25.97 20.09 30.99
C ASP A 733 26.97 19.03 31.41
N ALA A 734 26.48 17.83 31.80
CA ALA A 734 27.37 16.77 32.24
C ALA A 734 28.29 16.34 31.12
N ALA A 735 27.76 16.24 29.91
CA ALA A 735 28.57 15.89 28.74
C ALA A 735 29.63 16.95 28.45
N LYS A 736 29.25 18.22 28.53
CA LYS A 736 30.24 19.28 28.27
C LYS A 736 31.36 19.30 29.30
N GLU A 737 31.03 19.04 30.57
CA GLU A 737 32.03 19.03 31.64
C GLU A 737 33.06 17.92 31.42
N VAL A 738 32.57 16.75 31.05
CA VAL A 738 33.44 15.60 30.79
C VAL A 738 34.25 15.83 29.51
N ASN A 739 33.55 16.24 28.45
CA ASN A 739 34.19 16.41 27.16
C ASN A 739 35.25 17.52 27.14
N ALA A 740 35.08 18.53 27.99
CA ALA A 740 36.07 19.60 28.04
C ALA A 740 37.39 19.14 28.69
N LYS A 741 37.36 17.97 29.35
CA LYS A 741 38.53 17.49 30.07
C LYS A 741 39.04 16.09 29.69
N ILE A 742 38.39 15.39 28.74
CA ILE A 742 38.83 14.06 28.37
C ILE A 742 40.34 14.05 28.00
N TYR A 743 40.82 15.08 27.32
CA TYR A 743 42.21 15.00 26.81
C TYR A 743 43.26 15.42 27.84
N THR A 744 42.99 16.53 28.53
CA THR A 744 43.85 16.99 29.63
C THR A 744 43.98 15.92 30.70
N GLU A 745 42.87 15.27 31.08
CA GLU A 745 42.94 14.10 31.96
C GLU A 745 43.84 12.99 31.43
N ARG A 746 43.58 12.49 30.23
CA ARG A 746 44.29 11.30 29.73
C ARG A 746 45.75 11.61 29.47
N LEU A 747 46.01 12.80 28.97
CA LEU A 747 47.34 13.10 28.50
C LEU A 747 48.05 13.96 29.55
N GLY B 1 2.20 -22.45 19.53
CA GLY B 1 1.64 -23.52 20.41
C GLY B 1 1.87 -24.91 19.86
N SER B 2 3.14 -25.30 19.72
CA SER B 2 3.54 -26.63 19.22
C SER B 2 3.24 -27.74 20.21
N HIS B 3 2.73 -28.87 19.70
CA HIS B 3 2.12 -29.90 20.53
C HIS B 3 2.72 -31.27 20.14
N MET B 4 3.62 -31.77 20.98
CA MET B 4 4.38 -32.96 20.63
C MET B 4 3.62 -34.19 21.08
N LEU B 5 3.24 -35.00 20.09
CA LEU B 5 2.44 -36.20 20.32
C LEU B 5 3.28 -37.46 20.61
N PHE B 6 4.33 -37.69 19.83
CA PHE B 6 5.18 -38.87 19.96
C PHE B 6 6.59 -38.55 19.48
N ASP B 7 7.57 -38.58 20.39
CA ASP B 7 8.97 -38.48 19.98
C ASP B 7 9.77 -39.73 20.36
N PHE B 8 9.13 -40.67 21.04
CA PHE B 8 9.76 -41.96 21.39
C PHE B 8 11.03 -41.83 22.25
N GLU B 9 11.17 -40.69 22.93
CA GLU B 9 12.35 -40.42 23.76
C GLU B 9 12.46 -41.39 24.95
N ASN B 10 11.29 -41.83 25.42
CA ASN B 10 11.07 -42.96 26.35
C ASN B 10 11.83 -44.26 26.10
N ASP B 11 12.15 -44.53 24.83
CA ASP B 11 12.44 -45.88 24.33
C ASP B 11 11.26 -46.87 24.54
N GLN B 12 10.08 -46.33 24.87
CA GLN B 12 8.85 -47.09 24.97
C GLN B 12 8.03 -46.78 23.73
N VAL B 13 7.46 -47.81 23.11
CA VAL B 13 6.48 -47.64 22.04
C VAL B 13 5.12 -47.55 22.72
N PRO B 14 4.43 -46.40 22.64
CA PRO B 14 3.21 -46.31 23.43
C PRO B 14 2.15 -47.36 23.06
N SER B 15 1.26 -47.64 24.02
CA SER B 15 0.29 -48.73 23.91
C SER B 15 -0.76 -48.51 22.84
N ASN B 16 -0.97 -47.26 22.45
CA ASN B 16 -1.97 -46.92 21.44
C ASN B 16 -1.47 -47.13 20.01
N ILE B 17 -0.21 -47.50 19.82
CA ILE B 17 0.29 -47.70 18.45
C ILE B 17 0.27 -49.17 18.09
N HIS B 18 -0.44 -49.54 17.02
CA HIS B 18 -0.66 -50.96 16.65
C HIS B 18 -0.01 -51.28 15.32
N PHE B 19 0.64 -52.45 15.23
CA PHE B 19 1.45 -52.74 14.05
C PHE B 19 0.82 -53.80 13.16
N LEU B 20 0.70 -53.49 11.87
CA LEU B 20 0.03 -54.36 10.90
C LEU B 20 1.04 -54.95 9.98
N ASN B 21 1.23 -56.26 10.10
CA ASN B 21 2.23 -56.95 9.29
C ASN B 21 3.55 -56.17 9.23
N ALA B 22 3.99 -55.72 10.41
CA ALA B 22 5.22 -54.95 10.57
C ALA B 22 5.89 -55.22 11.94
N ARG B 23 7.21 -55.05 11.99
CA ARG B 23 7.99 -55.11 13.24
C ARG B 23 8.46 -53.68 13.57
N ALA B 24 8.37 -53.26 14.84
CA ALA B 24 8.88 -51.93 15.20
C ALA B 24 9.95 -51.96 16.30
N SER B 25 10.84 -50.98 16.29
CA SER B 25 11.85 -50.84 17.34
C SER B 25 12.26 -49.38 17.40
N ILE B 26 12.85 -48.96 18.51
CA ILE B 26 13.28 -47.56 18.64
C ILE B 26 14.79 -47.51 18.53
N GLU B 27 15.29 -46.62 17.67
N GLU B 27 15.31 -46.64 17.66
CA GLU B 27 16.72 -46.48 17.39
CA GLU B 27 16.75 -46.48 17.55
C GLU B 27 17.13 -45.00 17.41
C GLU B 27 17.18 -45.04 17.29
N THR B 28 18.40 -44.72 17.69
CA THR B 28 18.98 -43.37 17.57
C THR B 28 19.32 -43.08 16.09
N TYR B 29 19.17 -41.82 15.68
CA TYR B 29 19.55 -41.38 14.35
C TYR B 29 19.80 -39.86 14.42
N THR B 30 20.35 -39.27 13.37
CA THR B 30 20.51 -37.81 13.29
C THR B 30 19.21 -37.08 12.95
N GLY B 31 18.71 -36.34 13.92
CA GLY B 31 17.46 -35.61 13.74
C GLY B 31 17.62 -34.40 12.85
N ILE B 32 16.51 -33.97 12.25
CA ILE B 32 16.48 -32.77 11.43
C ILE B 32 17.06 -31.60 12.22
N ASN B 33 17.90 -30.80 11.54
CA ASN B 33 18.60 -29.67 12.18
C ASN B 33 19.62 -30.08 13.24
N GLY B 34 20.13 -31.32 13.14
CA GLY B 34 21.21 -31.81 14.01
C GLY B 34 20.75 -31.99 15.44
N GLU B 35 19.67 -32.75 15.61
CA GLU B 35 19.09 -32.95 16.93
C GLU B 35 19.33 -34.38 17.35
N PRO B 36 19.66 -34.61 18.64
CA PRO B 36 19.81 -35.99 19.13
C PRO B 36 18.42 -36.63 19.20
N SER B 37 18.23 -37.72 18.47
CA SER B 37 16.87 -38.20 18.24
C SER B 37 16.75 -39.70 18.45
N LYS B 38 15.56 -40.13 18.84
CA LYS B 38 15.21 -41.55 18.94
C LYS B 38 13.97 -41.71 18.09
N GLY B 39 14.06 -42.55 17.04
CA GLY B 39 12.93 -42.76 16.14
C GLY B 39 12.35 -44.17 16.13
N LEU B 40 11.08 -44.25 15.71
CA LEU B 40 10.40 -45.55 15.51
C LEU B 40 10.80 -46.17 14.17
N LYS B 41 11.67 -47.17 14.20
CA LYS B 41 12.01 -47.92 12.97
C LYS B 41 10.91 -48.96 12.67
N LEU B 42 10.26 -48.79 11.52
CA LEU B 42 9.11 -49.60 11.16
C LEU B 42 9.45 -50.45 9.94
N ALA B 43 9.65 -51.76 10.18
CA ALA B 43 9.99 -52.71 9.12
C ALA B 43 8.71 -53.41 8.71
N MET B 44 8.21 -53.05 7.53
CA MET B 44 6.96 -53.59 7.00
C MET B 44 7.22 -54.82 6.13
N GLN B 45 6.45 -55.89 6.34
CA GLN B 45 6.60 -57.08 5.50
C GLN B 45 5.67 -56.96 4.30
N SER B 46 5.90 -55.90 3.53
CA SER B 46 4.97 -55.49 2.49
C SER B 46 5.22 -56.22 1.16
N LYS B 47 6.25 -57.05 1.09
CA LYS B 47 6.35 -57.94 -0.06
C LYS B 47 5.29 -59.07 0.06
N GLN B 48 5.21 -59.72 1.22
CA GLN B 48 4.25 -60.84 1.37
C GLN B 48 2.85 -60.35 1.69
N HIS B 49 2.75 -59.17 2.31
CA HIS B 49 1.46 -58.67 2.75
C HIS B 49 1.00 -57.39 2.08
N SER B 50 -0.26 -57.35 1.69
CA SER B 50 -0.72 -56.26 0.85
C SER B 50 -1.17 -55.01 1.64
N TYR B 51 -1.32 -55.12 2.96
CA TYR B 51 -1.65 -53.93 3.77
C TYR B 51 -0.82 -54.00 5.02
N THR B 52 0.15 -53.08 5.15
CA THR B 52 1.12 -53.07 6.25
C THR B 52 1.29 -51.63 6.82
N GLY B 53 1.80 -51.50 8.03
CA GLY B 53 2.09 -50.16 8.58
C GLY B 53 1.68 -50.12 10.03
N LEU B 54 1.25 -48.95 10.48
CA LEU B 54 0.82 -48.75 11.87
C LEU B 54 -0.48 -47.95 11.95
N ALA B 55 -1.15 -48.11 13.07
CA ALA B 55 -2.40 -47.41 13.33
C ALA B 55 -2.30 -47.00 14.78
N ILE B 56 -2.39 -45.69 15.02
CA ILE B 56 -2.44 -45.11 16.39
C ILE B 56 -3.91 -44.91 16.74
N VAL B 57 -4.36 -45.53 17.81
CA VAL B 57 -5.77 -45.54 18.16
C VAL B 57 -5.83 -45.21 19.66
N PRO B 58 -5.98 -43.92 20.01
CA PRO B 58 -6.09 -43.56 21.42
C PRO B 58 -7.39 -44.11 22.02
N GLU B 59 -7.41 -44.37 23.32
CA GLU B 59 -8.57 -44.98 23.96
C GLU B 59 -9.77 -44.05 23.88
N GLN B 60 -9.52 -42.75 24.06
CA GLN B 60 -10.51 -41.73 23.70
C GLN B 60 -9.94 -40.86 22.58
N PRO B 61 -10.79 -40.43 21.63
CA PRO B 61 -10.33 -39.59 20.51
C PRO B 61 -9.59 -38.37 21.03
N TRP B 62 -8.60 -37.88 20.27
CA TRP B 62 -7.91 -36.65 20.67
C TRP B 62 -8.79 -35.43 20.46
N ASP B 63 -8.71 -34.45 21.38
CA ASP B 63 -9.41 -33.18 21.22
C ASP B 63 -8.41 -32.14 20.76
N TRP B 64 -8.43 -31.84 19.46
CA TRP B 64 -7.49 -30.88 18.89
C TRP B 64 -8.27 -29.67 18.40
N SER B 65 -9.46 -29.46 18.97
CA SER B 65 -10.38 -28.38 18.53
C SER B 65 -9.80 -26.97 18.70
N GLU B 66 -8.82 -26.85 19.58
CA GLU B 66 -8.06 -25.61 19.80
C GLU B 66 -7.29 -25.17 18.54
N PHE B 67 -6.95 -26.14 17.66
CA PHE B 67 -6.06 -25.89 16.53
C PHE B 67 -6.84 -25.48 15.29
N THR B 68 -7.26 -24.22 15.25
CA THR B 68 -8.12 -23.70 14.18
C THR B 68 -7.38 -23.44 12.86
N SER B 69 -6.05 -23.51 12.89
CA SER B 69 -5.25 -23.40 11.67
C SER B 69 -3.92 -24.03 11.93
N ALA B 70 -3.86 -25.34 11.76
CA ALA B 70 -2.73 -26.14 12.17
C ALA B 70 -2.56 -27.37 11.25
N SER B 71 -1.36 -27.96 11.31
CA SER B 71 -1.06 -29.16 10.55
C SER B 71 -0.44 -30.23 11.42
N LEU B 72 -0.66 -31.48 11.02
CA LEU B 72 -0.04 -32.63 11.68
C LEU B 72 1.26 -32.95 10.97
N TYR B 73 2.37 -32.99 11.73
CA TYR B 73 3.69 -33.26 11.18
C TYR B 73 4.27 -34.58 11.61
N PHE B 74 5.07 -35.16 10.71
CA PHE B 74 5.85 -36.39 10.95
C PHE B 74 7.22 -36.17 10.34
N ASP B 75 8.28 -36.61 11.04
CA ASP B 75 9.58 -36.77 10.38
C ASP B 75 9.71 -38.20 9.93
N ILE B 76 10.02 -38.39 8.65
CA ILE B 76 10.02 -39.73 8.07
C ILE B 76 11.16 -39.85 7.09
N VAL B 77 11.77 -41.02 7.03
CA VAL B 77 12.76 -41.30 5.98
C VAL B 77 12.74 -42.80 5.67
N SER B 78 13.07 -43.21 4.44
CA SER B 78 13.20 -44.64 4.13
C SER B 78 14.62 -45.11 4.35
N VAL B 79 14.75 -46.41 4.62
CA VAL B 79 16.02 -47.07 4.87
C VAL B 79 16.12 -48.25 3.92
N GLY B 80 17.33 -48.56 3.45
CA GLY B 80 17.55 -49.64 2.49
C GLY B 80 17.45 -49.23 1.01
N ASP B 81 16.89 -50.10 0.18
CA ASP B 81 16.96 -49.95 -1.29
C ASP B 81 15.75 -49.30 -1.98
N HIS B 82 14.63 -49.13 -1.26
CA HIS B 82 13.39 -48.71 -1.89
C HIS B 82 12.77 -47.53 -1.17
N SER B 83 12.27 -46.57 -1.94
CA SER B 83 11.50 -45.48 -1.43
C SER B 83 10.15 -46.07 -0.98
N THR B 84 9.42 -45.35 -0.17
CA THR B 84 8.16 -45.83 0.40
C THR B 84 7.04 -44.83 0.10
N GLN B 85 5.94 -45.30 -0.48
CA GLN B 85 4.79 -44.42 -0.54
C GLN B 85 3.90 -44.73 0.65
N PHE B 86 3.75 -43.74 1.53
CA PHE B 86 2.87 -43.89 2.70
C PHE B 86 1.51 -43.31 2.37
N TYR B 87 0.46 -44.02 2.76
CA TYR B 87 -0.88 -43.47 2.81
C TYR B 87 -1.13 -43.03 4.24
N LEU B 88 -1.55 -41.76 4.37
CA LEU B 88 -1.92 -41.21 5.67
C LEU B 88 -3.46 -41.12 5.70
N ASP B 89 -4.06 -41.88 6.62
CA ASP B 89 -5.51 -41.83 6.77
C ASP B 89 -5.83 -41.31 8.15
N VAL B 90 -6.62 -40.26 8.22
CA VAL B 90 -6.97 -39.69 9.52
C VAL B 90 -8.48 -39.76 9.66
N THR B 91 -8.92 -40.48 10.69
CA THR B 91 -10.36 -40.71 10.96
C THR B 91 -10.82 -39.98 12.21
N ASP B 92 -11.95 -39.30 12.13
CA ASP B 92 -12.47 -38.60 13.32
C ASP B 92 -13.51 -39.48 14.01
N GLN B 93 -14.07 -39.01 15.12
CA GLN B 93 -15.07 -39.76 15.89
C GLN B 93 -16.41 -39.98 15.20
N ASN B 94 -16.66 -39.30 14.09
CA ASN B 94 -17.92 -39.46 13.34
C ASN B 94 -17.78 -40.41 12.16
N GLY B 95 -16.58 -40.96 11.98
CA GLY B 95 -16.31 -41.90 10.90
C GLY B 95 -15.68 -41.25 9.66
N ALA B 96 -15.60 -39.92 9.66
CA ALA B 96 -15.10 -39.16 8.51
C ALA B 96 -13.60 -39.37 8.40
N VAL B 97 -13.10 -39.43 7.15
CA VAL B 97 -11.71 -39.77 6.89
C VAL B 97 -11.14 -38.90 5.79
N PHE B 98 -9.88 -38.50 5.94
CA PHE B 98 -9.14 -38.00 4.79
C PHE B 98 -7.93 -38.85 4.53
N THR B 99 -7.57 -38.91 3.25
CA THR B 99 -6.38 -39.60 2.81
C THR B 99 -5.40 -38.63 2.10
N ARG B 100 -4.16 -38.61 2.52
CA ARG B 100 -3.11 -37.91 1.78
C ARG B 100 -2.00 -38.91 1.61
N SER B 101 -1.06 -38.64 0.72
CA SER B 101 -0.03 -39.63 0.45
C SER B 101 1.16 -38.89 -0.08
N ILE B 102 2.34 -39.48 0.05
CA ILE B 102 3.54 -38.90 -0.53
C ILE B 102 4.61 -39.97 -0.57
N ASP B 103 5.64 -39.79 -1.41
CA ASP B 103 6.81 -40.63 -1.41
C ASP B 103 7.78 -40.27 -0.27
N ILE B 104 8.43 -41.28 0.31
CA ILE B 104 9.45 -41.07 1.35
C ILE B 104 10.73 -41.65 0.80
N PRO B 105 11.68 -40.78 0.42
CA PRO B 105 12.93 -41.24 -0.19
C PRO B 105 13.81 -41.82 0.86
N VAL B 106 14.75 -42.64 0.41
CA VAL B 106 15.91 -43.07 1.19
C VAL B 106 16.84 -41.85 1.35
N GLY B 107 17.53 -41.72 2.47
CA GLY B 107 18.55 -40.67 2.59
C GLY B 107 18.35 -39.80 3.79
N LYS B 108 18.09 -38.52 3.59
CA LYS B 108 18.00 -37.65 4.75
C LYS B 108 16.59 -37.48 5.25
N MET B 109 16.45 -37.49 6.58
CA MET B 109 15.17 -37.32 7.24
C MET B 109 14.54 -35.98 6.84
N GLN B 110 13.24 -35.97 6.54
CA GLN B 110 12.56 -34.71 6.28
C GLN B 110 11.27 -34.69 7.05
N SER B 111 10.73 -33.48 7.24
CA SER B 111 9.42 -33.30 7.87
C SER B 111 8.33 -33.23 6.82
N TYR B 112 7.22 -33.92 7.12
CA TYR B 112 6.04 -34.04 6.26
C TYR B 112 4.81 -33.56 7.01
N TYR B 113 3.98 -32.76 6.35
CA TYR B 113 2.83 -32.21 7.07
C TYR B 113 1.48 -32.40 6.43
N ALA B 114 0.44 -32.66 7.23
CA ALA B 114 -0.90 -32.82 6.74
C ALA B 114 -1.75 -31.76 7.42
N LYS B 115 -2.38 -30.89 6.63
CA LYS B 115 -3.26 -29.85 7.17
C LYS B 115 -4.46 -30.43 7.94
N LEU B 116 -4.72 -29.87 9.13
CA LEU B 116 -5.94 -30.24 9.87
C LEU B 116 -7.04 -29.22 9.72
N SER B 117 -6.66 -27.94 9.54
CA SER B 117 -7.57 -26.81 9.60
C SER B 117 -6.91 -25.58 8.99
N GLY B 118 -7.73 -24.65 8.52
CA GLY B 118 -7.22 -23.38 8.02
C GLY B 118 -6.71 -23.36 6.58
N HIS B 119 -6.32 -22.16 6.14
CA HIS B 119 -5.70 -21.97 4.82
C HIS B 119 -6.58 -22.53 3.69
N ASP B 120 -6.06 -23.36 2.80
CA ASP B 120 -6.91 -23.87 1.70
C ASP B 120 -7.90 -24.97 2.09
N LEU B 121 -7.92 -25.34 3.37
CA LEU B 121 -9.03 -26.17 3.88
C LEU B 121 -10.27 -25.32 4.15
N GLU B 122 -10.07 -24.03 4.39
CA GLU B 122 -11.19 -23.15 4.81
C GLU B 122 -12.43 -23.17 3.93
N VAL B 123 -12.30 -22.79 2.67
CA VAL B 123 -13.32 -23.20 1.69
C VAL B 123 -12.69 -24.34 0.86
N PRO B 124 -13.12 -25.59 1.13
CA PRO B 124 -12.28 -26.76 0.78
C PRO B 124 -12.39 -27.28 -0.66
N ASP B 125 -13.56 -27.14 -1.27
CA ASP B 125 -13.81 -27.58 -2.63
C ASP B 125 -15.10 -26.89 -3.04
N SER B 126 -15.77 -27.43 -4.07
CA SER B 126 -17.04 -26.92 -4.59
C SER B 126 -18.30 -27.30 -3.76
N GLY B 127 -18.18 -28.30 -2.89
CA GLY B 127 -19.34 -28.79 -2.10
C GLY B 127 -19.96 -30.10 -2.58
N ASP B 128 -19.69 -30.48 -3.83
CA ASP B 128 -20.11 -31.77 -4.41
C ASP B 128 -19.32 -32.93 -3.79
N VAL B 129 -20.02 -33.96 -3.32
CA VAL B 129 -19.38 -35.16 -2.75
C VAL B 129 -18.31 -35.81 -3.67
N ASN B 130 -18.53 -35.72 -4.98
CA ASN B 130 -17.58 -36.30 -5.95
C ASN B 130 -16.39 -35.39 -6.33
N ASP B 131 -16.35 -34.19 -5.75
CA ASP B 131 -15.26 -33.23 -6.05
C ASP B 131 -14.07 -33.50 -5.15
N LEU B 132 -13.08 -34.17 -5.70
CA LEU B 132 -11.91 -34.59 -4.92
C LEU B 132 -10.83 -33.51 -4.87
N ASN B 133 -11.01 -32.44 -5.63
CA ASN B 133 -10.05 -31.35 -5.68
C ASN B 133 -10.15 -30.37 -4.52
N LEU B 134 -9.10 -29.57 -4.35
CA LEU B 134 -9.20 -28.36 -3.52
C LEU B 134 -10.05 -27.32 -4.26
N ALA B 135 -10.35 -26.18 -3.62
CA ALA B 135 -11.27 -25.18 -4.21
C ALA B 135 -10.70 -24.59 -5.50
N SER B 136 -9.37 -24.66 -5.64
CA SER B 136 -8.66 -24.14 -6.80
C SER B 136 -8.93 -24.93 -8.10
N GLY B 137 -9.48 -26.13 -7.98
CA GLY B 137 -9.67 -26.97 -9.16
C GLY B 137 -8.42 -27.76 -9.50
N LEU B 138 -7.45 -27.78 -8.58
CA LEU B 138 -6.30 -28.70 -8.62
C LEU B 138 -6.50 -29.84 -7.64
N ARG B 139 -6.12 -31.06 -8.04
CA ARG B 139 -6.24 -32.21 -7.16
C ARG B 139 -5.41 -32.01 -5.89
N SER B 140 -4.25 -31.41 -6.02
CA SER B 140 -3.49 -30.94 -4.87
C SER B 140 -2.85 -29.61 -5.21
N ASN B 141 -2.62 -28.78 -4.17
CA ASN B 141 -2.27 -27.38 -4.38
C ASN B 141 -0.77 -27.19 -4.20
N PRO B 142 -0.22 -26.08 -4.71
CA PRO B 142 1.09 -25.71 -4.18
C PRO B 142 0.95 -25.39 -2.68
N PRO B 143 2.05 -25.41 -1.93
CA PRO B 143 1.93 -25.11 -0.48
C PRO B 143 1.45 -23.68 -0.23
N THR B 144 0.68 -23.47 0.84
CA THR B 144 0.16 -22.14 1.22
C THR B 144 1.17 -21.34 2.02
N TRP B 145 2.36 -21.90 2.20
CA TRP B 145 3.52 -21.20 2.76
C TRP B 145 4.82 -21.84 2.25
N THR B 146 5.94 -21.16 2.45
CA THR B 146 7.26 -21.62 2.01
C THR B 146 8.06 -22.19 3.17
N SER B 147 8.59 -23.39 2.96
CA SER B 147 9.49 -24.07 3.91
C SER B 147 10.15 -25.27 3.24
N ASP B 148 11.16 -25.83 3.87
CA ASP B 148 11.85 -27.01 3.34
C ASP B 148 11.05 -28.30 3.55
N ASP B 149 10.07 -28.22 4.46
CA ASP B 149 9.17 -29.32 4.81
C ASP B 149 8.38 -29.72 3.58
N ARG B 150 7.86 -30.93 3.57
CA ARG B 150 7.12 -31.41 2.41
C ARG B 150 5.64 -31.56 2.79
N GLN B 151 4.75 -31.04 1.96
CA GLN B 151 3.33 -31.23 2.26
C GLN B 151 2.83 -32.58 1.76
N PHE B 152 2.15 -33.36 2.62
CA PHE B 152 1.48 -34.60 2.16
C PHE B 152 0.52 -34.19 1.04
N VAL B 153 0.49 -34.99 -0.02
CA VAL B 153 -0.31 -34.64 -1.19
C VAL B 153 -1.76 -35.06 -0.98
N TRP B 154 -2.72 -34.19 -1.33
CA TRP B 154 -4.14 -34.53 -1.23
C TRP B 154 -4.54 -35.66 -2.18
N MET B 155 -5.20 -36.68 -1.63
CA MET B 155 -5.75 -37.77 -2.46
C MET B 155 -7.28 -37.76 -2.54
N TRP B 156 -7.99 -38.00 -1.43
CA TRP B 156 -9.47 -38.00 -1.43
C TRP B 156 -9.96 -37.92 0.02
N GLY B 157 -11.25 -37.70 0.20
CA GLY B 157 -11.84 -37.82 1.52
C GLY B 157 -12.36 -36.47 1.98
N VAL B 158 -12.46 -36.34 3.30
CA VAL B 158 -13.11 -35.17 3.92
C VAL B 158 -12.03 -34.15 4.29
N LYS B 159 -12.14 -32.92 3.78
CA LYS B 159 -11.14 -31.88 4.04
C LYS B 159 -11.11 -31.39 5.50
N ASN B 160 -12.30 -31.22 6.09
CA ASN B 160 -12.40 -30.66 7.44
C ASN B 160 -13.00 -31.69 8.40
N LEU B 161 -12.13 -32.37 9.13
CA LEU B 161 -12.59 -33.38 10.09
C LEU B 161 -13.05 -32.70 11.37
N ASP B 162 -13.73 -33.48 12.21
CA ASP B 162 -14.14 -32.96 13.50
C ASP B 162 -12.92 -33.07 14.41
N LEU B 163 -12.25 -31.94 14.61
CA LEU B 163 -10.98 -31.95 15.31
C LEU B 163 -11.21 -32.16 16.82
N SER B 164 -12.45 -32.01 17.25
CA SER B 164 -12.76 -32.17 18.68
C SER B 164 -12.72 -33.65 19.05
N GLY B 165 -12.47 -34.50 18.05
CA GLY B 165 -12.45 -35.90 18.28
C GLY B 165 -11.79 -36.68 17.15
N ILE B 166 -10.45 -36.66 17.11
CA ILE B 166 -9.69 -37.47 16.14
C ILE B 166 -9.45 -38.88 16.69
N ALA B 167 -9.98 -39.88 15.98
CA ALA B 167 -10.05 -41.22 16.52
C ALA B 167 -8.91 -42.16 16.08
N LYS B 168 -8.29 -41.88 14.94
CA LYS B 168 -7.29 -42.80 14.41
C LYS B 168 -6.36 -42.07 13.43
N ILE B 169 -5.09 -42.46 13.44
CA ILE B 169 -4.11 -42.02 12.43
C ILE B 169 -3.45 -43.32 11.91
N SER B 170 -3.42 -43.48 10.59
CA SER B 170 -2.86 -44.68 9.96
C SER B 170 -1.76 -44.26 8.99
N LEU B 171 -0.59 -44.89 9.08
CA LEU B 171 0.42 -44.83 8.01
C LEU B 171 0.55 -46.21 7.43
N SER B 172 0.22 -46.36 6.16
CA SER B 172 0.26 -47.70 5.57
C SER B 172 0.99 -47.72 4.24
N VAL B 173 1.59 -48.87 3.95
CA VAL B 173 2.12 -49.24 2.66
C VAL B 173 1.20 -50.36 2.12
N GLN B 174 0.74 -50.19 0.88
CA GLN B 174 -0.30 -51.05 0.24
C GLN B 174 0.17 -51.61 -1.07
N SER B 175 -0.05 -52.91 -1.30
CA SER B 175 0.30 -53.60 -2.53
C SER B 175 1.70 -53.32 -3.04
N ALA B 176 2.70 -53.36 -2.14
CA ALA B 176 4.09 -53.22 -2.55
C ALA B 176 4.64 -54.48 -3.19
N MET B 177 5.70 -54.33 -3.96
CA MET B 177 6.43 -55.49 -4.47
C MET B 177 7.67 -55.81 -3.60
N HIS B 178 7.97 -54.95 -2.62
CA HIS B 178 9.19 -55.07 -1.81
C HIS B 178 8.84 -54.77 -0.35
N ASP B 179 9.59 -55.34 0.59
CA ASP B 179 9.49 -54.93 1.99
C ASP B 179 9.99 -53.49 2.01
N LYS B 180 9.29 -52.65 2.76
CA LYS B 180 9.69 -51.24 2.93
C LYS B 180 10.01 -50.98 4.42
N THR B 181 11.01 -50.13 4.68
CA THR B 181 11.42 -49.83 6.04
C THR B 181 11.60 -48.33 6.16
N VAL B 182 11.05 -47.76 7.21
CA VAL B 182 11.13 -46.33 7.47
C VAL B 182 11.57 -46.03 8.90
N ILE B 183 11.98 -44.78 9.14
CA ILE B 183 12.08 -44.27 10.52
C ILE B 183 11.14 -43.10 10.65
N ILE B 184 10.27 -43.16 11.66
CA ILE B 184 9.28 -42.13 11.95
C ILE B 184 9.63 -41.46 13.29
N ASP B 185 9.52 -40.14 13.35
CA ASP B 185 9.83 -39.42 14.59
C ASP B 185 9.05 -38.13 14.68
N ASN B 186 8.97 -37.60 15.90
CA ASN B 186 8.41 -36.26 16.13
C ASN B 186 7.02 -36.00 15.55
N ILE B 187 6.12 -36.92 15.80
CA ILE B 187 4.74 -36.71 15.43
C ILE B 187 4.22 -35.58 16.29
N ARG B 188 3.77 -34.50 15.64
CA ARG B 188 3.45 -33.27 16.35
C ARG B 188 2.37 -32.46 15.62
N ILE B 189 1.69 -31.57 16.34
CA ILE B 189 0.85 -30.57 15.71
C ILE B 189 1.51 -29.20 15.84
N GLN B 190 1.65 -28.51 14.70
CA GLN B 190 2.20 -27.16 14.65
C GLN B 190 1.20 -26.21 14.04
N PRO B 191 1.01 -25.02 14.67
CA PRO B 191 0.18 -24.00 14.03
C PRO B 191 0.70 -23.67 12.64
N ASN B 192 -0.21 -23.34 11.73
CA ASN B 192 0.19 -22.90 10.38
C ASN B 192 0.87 -21.53 10.37
N PRO B 193 2.02 -21.39 9.66
CA PRO B 193 2.56 -20.07 9.29
C PRO B 193 1.48 -19.27 8.58
N PRO B 194 1.68 -17.94 8.38
CA PRO B 194 0.62 -17.16 7.73
C PRO B 194 0.47 -17.65 6.29
N GLN B 195 -0.75 -17.64 5.76
CA GLN B 195 -0.96 -18.10 4.39
C GLN B 195 -0.43 -17.09 3.38
N ASP B 196 0.40 -17.56 2.47
CA ASP B 196 0.87 -16.77 1.35
C ASP B 196 -0.28 -16.45 0.39
N GLU B 197 -0.72 -15.19 0.39
CA GLU B 197 -1.85 -14.77 -0.47
C GLU B 197 -1.58 -14.95 -1.96
N ASN B 198 -0.32 -15.13 -2.36
CA ASN B 198 -0.01 -15.39 -3.75
C ASN B 198 0.15 -16.85 -4.11
N PHE B 199 -0.25 -17.76 -3.22
CA PHE B 199 0.06 -19.18 -3.43
C PHE B 199 -0.61 -19.80 -4.68
N LEU B 200 -1.73 -19.23 -5.14
CA LEU B 200 -2.36 -19.61 -6.42
C LEU B 200 -2.12 -18.61 -7.58
N VAL B 201 -1.28 -17.61 -7.35
CA VAL B 201 -1.01 -16.54 -8.32
C VAL B 201 0.28 -16.82 -9.08
N GLY B 202 0.24 -16.64 -10.38
CA GLY B 202 1.42 -16.84 -11.23
C GLY B 202 2.00 -18.25 -11.25
N LEU B 203 1.12 -19.26 -11.38
CA LEU B 203 1.58 -20.66 -11.32
C LEU B 203 2.24 -21.13 -12.61
N VAL B 204 1.76 -20.59 -13.72
CA VAL B 204 1.99 -21.15 -15.04
C VAL B 204 2.72 -20.16 -15.93
N ASP B 205 3.77 -20.62 -16.62
CA ASP B 205 4.45 -19.76 -17.58
C ASP B 205 3.84 -19.87 -18.97
N GLU B 206 4.46 -19.24 -19.96
CA GLU B 206 3.95 -19.27 -21.35
C GLU B 206 3.95 -20.68 -21.99
N PHE B 207 4.74 -21.59 -21.44
CA PHE B 207 4.86 -22.96 -21.90
C PHE B 207 4.00 -23.95 -21.09
N GLY B 208 3.17 -23.44 -20.18
CA GLY B 208 2.40 -24.30 -19.30
C GLY B 208 3.19 -24.96 -18.17
N GLN B 209 4.39 -24.46 -17.88
CA GLN B 209 5.25 -25.08 -16.84
C GLN B 209 5.12 -24.35 -15.49
N ASN B 210 5.48 -25.03 -14.40
CA ASN B 210 5.59 -24.42 -13.08
C ASN B 210 6.50 -23.17 -13.16
N ALA B 211 5.89 -21.98 -13.09
CA ALA B 211 6.61 -20.66 -13.23
C ALA B 211 7.50 -20.34 -12.04
N LYS B 212 7.24 -20.96 -10.89
CA LYS B 212 7.97 -20.63 -9.67
C LYS B 212 9.12 -21.56 -9.29
N VAL B 213 9.40 -22.58 -10.11
CA VAL B 213 10.39 -23.58 -9.74
C VAL B 213 11.28 -23.81 -10.93
N ASP B 214 12.58 -23.88 -10.71
CA ASP B 214 13.48 -24.29 -11.76
C ASP B 214 13.76 -25.76 -11.54
N TYR B 215 13.71 -26.53 -12.61
CA TYR B 215 14.03 -27.93 -12.47
C TYR B 215 14.78 -28.38 -13.69
N LYS B 216 15.52 -29.47 -13.54
CA LYS B 216 16.27 -30.03 -14.66
C LYS B 216 15.34 -30.33 -15.84
N GLY B 217 15.72 -29.81 -17.00
CA GLY B 217 14.97 -30.02 -18.24
C GLY B 217 13.87 -29.02 -18.48
N LYS B 218 13.66 -28.10 -17.55
CA LYS B 218 12.70 -27.01 -17.78
C LYS B 218 13.09 -26.28 -19.04
N ILE B 219 12.11 -25.94 -19.86
CA ILE B 219 12.33 -25.16 -21.10
C ILE B 219 12.20 -23.65 -20.82
N HIS B 220 13.17 -22.86 -21.25
CA HIS B 220 13.10 -21.39 -21.03
C HIS B 220 12.90 -20.60 -22.32
N SER B 221 13.10 -21.23 -23.47
CA SER B 221 13.01 -20.51 -24.74
C SER B 221 12.68 -21.43 -25.93
N LEU B 222 12.27 -20.82 -27.03
CA LEU B 222 12.05 -21.49 -28.31
C LEU B 222 13.31 -22.21 -28.76
N GLU B 223 14.46 -21.55 -28.63
CA GLU B 223 15.77 -22.18 -28.92
C GLU B 223 15.94 -23.56 -28.27
N GLU B 224 15.67 -23.64 -26.96
CA GLU B 224 15.86 -24.86 -26.17
C GLU B 224 14.86 -25.91 -26.59
N LEU B 225 13.65 -25.48 -26.91
CA LEU B 225 12.63 -26.38 -27.42
C LEU B 225 13.03 -27.02 -28.78
N HIS B 226 13.55 -26.20 -29.69
CA HIS B 226 14.00 -26.71 -31.00
C HIS B 226 15.22 -27.59 -30.89
N ALA B 227 16.07 -27.31 -29.90
CA ALA B 227 17.26 -28.16 -29.66
C ALA B 227 16.85 -29.55 -29.16
N ALA B 228 15.89 -29.60 -28.21
CA ALA B 228 15.37 -30.89 -27.72
C ALA B 228 14.77 -31.69 -28.86
N ARG B 229 13.94 -31.01 -29.65
CA ARG B 229 13.33 -31.58 -30.83
C ARG B 229 14.40 -32.18 -31.72
N ASP B 230 15.40 -31.38 -32.05
CA ASP B 230 16.41 -31.79 -33.02
C ASP B 230 17.22 -32.99 -32.55
N VAL B 231 17.58 -33.02 -31.27
CA VAL B 231 18.27 -34.16 -30.68
C VAL B 231 17.42 -35.42 -30.83
N GLU B 232 16.14 -35.31 -30.49
CA GLU B 232 15.26 -36.48 -30.46
C GLU B 232 14.98 -37.01 -31.87
N LEU B 233 14.65 -36.10 -32.79
CA LEU B 233 14.33 -36.47 -34.17
C LEU B 233 15.49 -37.21 -34.85
N ALA B 234 16.73 -36.87 -34.46
CA ALA B 234 17.90 -37.57 -35.00
C ALA B 234 17.98 -39.02 -34.53
N GLU B 235 17.29 -39.34 -33.44
CA GLU B 235 17.27 -40.72 -32.94
C GLU B 235 16.09 -41.56 -33.46
N LEU B 236 15.04 -40.89 -33.94
CA LEU B 236 13.82 -41.58 -34.39
C LEU B 236 13.87 -41.90 -35.87
N ASP B 237 14.14 -43.16 -36.17
CA ASP B 237 14.27 -43.59 -37.56
C ASP B 237 13.02 -44.34 -38.01
N GLY B 238 12.02 -44.47 -37.14
CA GLY B 238 10.85 -45.25 -37.50
C GLY B 238 11.01 -46.76 -37.31
N LYS B 239 12.18 -47.24 -36.92
CA LYS B 239 12.44 -48.70 -36.95
C LYS B 239 11.98 -49.40 -35.64
N PRO B 240 11.14 -50.46 -35.76
CA PRO B 240 10.72 -51.22 -34.56
C PRO B 240 11.86 -52.05 -33.94
N MET B 241 11.70 -52.50 -32.69
CA MET B 241 12.67 -53.40 -32.05
C MET B 241 12.87 -54.68 -32.88
N PRO B 242 14.04 -55.36 -32.73
CA PRO B 242 14.31 -56.49 -33.64
C PRO B 242 13.38 -57.70 -33.40
N SER B 243 13.12 -58.50 -34.43
CA SER B 243 12.36 -59.74 -34.19
C SER B 243 10.86 -59.47 -33.92
N ARG B 244 10.41 -58.27 -34.26
CA ARG B 244 8.98 -57.94 -34.18
C ARG B 244 8.40 -58.34 -35.51
N SER B 245 7.22 -58.98 -35.49
CA SER B 245 6.49 -59.23 -36.73
C SER B 245 5.84 -57.94 -37.19
N LYS B 246 5.19 -57.97 -38.34
CA LYS B 246 4.50 -56.81 -38.88
C LYS B 246 3.56 -56.11 -37.84
N PHE B 247 2.79 -56.92 -37.11
CA PHE B 247 1.81 -56.36 -36.16
C PHE B 247 2.33 -56.36 -34.71
N GLY B 248 3.64 -56.37 -34.54
CA GLY B 248 4.28 -56.24 -33.23
C GLY B 248 4.34 -57.51 -32.41
N GLY B 249 4.08 -58.66 -33.03
CA GLY B 249 4.20 -59.95 -32.35
C GLY B 249 5.64 -60.49 -32.38
N TRP B 250 5.83 -61.68 -31.86
CA TRP B 250 7.21 -62.18 -31.68
C TRP B 250 7.54 -63.08 -32.87
N LEU B 251 8.54 -62.69 -33.68
CA LEU B 251 8.89 -63.44 -34.91
C LEU B 251 9.43 -64.84 -34.70
N ALA B 252 10.20 -65.07 -33.62
CA ALA B 252 10.69 -66.42 -33.31
C ALA B 252 9.53 -67.37 -32.94
N GLY B 253 8.37 -66.79 -32.67
CA GLY B 253 7.13 -67.54 -32.50
C GLY B 253 7.21 -68.53 -31.37
N PRO B 254 6.83 -69.78 -31.62
CA PRO B 254 6.37 -70.29 -32.92
C PRO B 254 5.02 -69.72 -33.37
N LYS B 255 4.75 -69.87 -34.65
CA LYS B 255 3.65 -69.21 -35.31
C LYS B 255 2.40 -70.07 -35.18
N LEU B 256 1.30 -69.46 -34.72
CA LEU B 256 0.03 -70.16 -34.50
C LEU B 256 -0.90 -69.91 -35.68
N LYS B 257 -2.12 -70.41 -35.60
CA LYS B 257 -3.06 -70.24 -36.72
C LYS B 257 -3.33 -68.74 -36.91
N ALA B 258 -3.28 -68.26 -38.16
CA ALA B 258 -3.55 -66.84 -38.45
C ALA B 258 -5.00 -66.69 -38.88
N THR B 259 -5.75 -65.83 -38.19
CA THR B 259 -7.15 -65.58 -38.57
C THR B 259 -7.34 -64.25 -39.30
N GLY B 260 -6.29 -63.43 -39.37
CA GLY B 260 -6.44 -62.06 -39.88
C GLY B 260 -6.79 -61.01 -38.84
N TYR B 261 -6.98 -61.43 -37.58
CA TYR B 261 -7.30 -60.48 -36.51
C TYR B 261 -6.60 -60.88 -35.23
N PHE B 262 -6.38 -59.90 -34.34
CA PHE B 262 -5.92 -60.22 -32.99
C PHE B 262 -6.90 -61.13 -32.24
N ARG B 263 -6.36 -62.12 -31.54
CA ARG B 263 -7.16 -63.11 -30.85
C ARG B 263 -6.43 -63.58 -29.61
N THR B 264 -7.08 -64.36 -28.76
CA THR B 264 -6.44 -64.89 -27.57
C THR B 264 -6.09 -66.39 -27.69
N GLU B 265 -5.06 -66.81 -26.97
CA GLU B 265 -4.68 -68.24 -26.90
C GLU B 265 -3.74 -68.49 -25.74
N LYS B 266 -3.85 -69.65 -25.10
CA LYS B 266 -2.93 -69.98 -24.02
C LYS B 266 -1.76 -70.63 -24.70
N ILE B 267 -0.55 -70.17 -24.39
CA ILE B 267 0.64 -70.75 -25.01
C ILE B 267 1.50 -71.25 -23.86
N ASN B 268 1.57 -72.58 -23.73
CA ASN B 268 2.34 -73.24 -22.66
C ASN B 268 2.04 -72.70 -21.27
N GLY B 269 0.75 -72.68 -20.93
CA GLY B 269 0.32 -72.33 -19.61
C GLY B 269 0.17 -70.85 -19.35
N LYS B 270 0.52 -69.99 -20.33
CA LYS B 270 0.37 -68.55 -20.17
C LYS B 270 -0.56 -67.99 -21.25
N TRP B 271 -1.54 -67.19 -20.81
CA TRP B 271 -2.41 -66.48 -21.72
C TRP B 271 -1.61 -65.49 -22.52
N MET B 272 -1.89 -65.44 -23.82
CA MET B 272 -1.25 -64.49 -24.73
C MET B 272 -2.29 -63.99 -25.73
N LEU B 273 -1.97 -62.88 -26.39
CA LEU B 273 -2.66 -62.53 -27.60
C LEU B 273 -1.94 -63.15 -28.77
N VAL B 274 -2.64 -63.22 -29.89
CA VAL B 274 -2.00 -63.74 -31.09
C VAL B 274 -2.36 -62.75 -32.17
N ASP B 275 -1.34 -62.31 -32.93
CA ASP B 275 -1.54 -61.23 -33.90
C ASP B 275 -2.22 -61.77 -35.18
N PRO B 276 -2.61 -60.87 -36.10
CA PRO B 276 -3.40 -61.34 -37.25
C PRO B 276 -2.69 -62.36 -38.15
N GLU B 277 -1.38 -62.48 -38.02
CA GLU B 277 -0.58 -63.42 -38.79
C GLU B 277 -0.22 -64.68 -38.01
N GLY B 278 -0.62 -64.75 -36.75
CA GLY B 278 -0.35 -65.96 -35.97
C GLY B 278 0.80 -65.88 -35.00
N TYR B 279 1.37 -64.69 -34.81
CA TYR B 279 2.54 -64.56 -33.94
C TYR B 279 2.11 -64.20 -32.53
N PRO B 280 2.75 -64.82 -31.51
CA PRO B 280 2.44 -64.47 -30.12
C PRO B 280 2.55 -62.96 -29.89
N TYR B 281 1.63 -62.41 -29.10
CA TYR B 281 1.61 -60.96 -28.90
C TYR B 281 1.30 -60.63 -27.45
N PHE B 282 1.91 -59.54 -26.98
CA PHE B 282 1.74 -59.06 -25.63
C PHE B 282 1.65 -57.54 -25.76
N ALA B 283 0.56 -56.97 -25.22
CA ALA B 283 0.22 -55.55 -25.48
C ALA B 283 0.91 -54.64 -24.45
N THR B 284 1.72 -53.71 -24.94
CA THR B 284 2.28 -52.66 -24.08
C THR B 284 2.08 -51.35 -24.79
N GLY B 285 1.95 -50.28 -24.00
CA GLY B 285 1.74 -48.95 -24.62
C GLY B 285 1.03 -47.98 -23.69
N LEU B 286 0.63 -46.84 -24.24
CA LEU B 286 0.22 -45.73 -23.41
C LEU B 286 -1.24 -45.37 -23.72
N ASP B 287 -1.97 -44.91 -22.70
CA ASP B 287 -3.34 -44.42 -22.88
C ASP B 287 -3.37 -42.92 -23.18
N ILE B 288 -4.52 -42.46 -23.71
CA ILE B 288 -4.73 -41.01 -23.98
C ILE B 288 -3.69 -40.47 -24.97
N ILE B 289 -3.68 -41.06 -26.16
CA ILE B 289 -2.84 -40.54 -27.22
C ILE B 289 -3.78 -39.65 -28.06
N ARG B 290 -4.06 -38.47 -27.51
CA ARG B 290 -5.02 -37.51 -28.06
C ARG B 290 -4.80 -36.22 -27.32
N LEU B 291 -5.42 -35.17 -27.81
CA LEU B 291 -5.26 -33.85 -27.20
C LEU B 291 -6.44 -33.40 -26.33
N SER B 292 -7.48 -34.23 -26.26
CA SER B 292 -8.76 -33.89 -25.62
C SER B 292 -8.61 -33.50 -24.16
N ASN B 293 -7.62 -34.11 -23.50
CA ASN B 293 -7.51 -33.98 -22.07
C ASN B 293 -6.38 -33.04 -21.64
N SER B 294 -5.84 -32.28 -22.61
CA SER B 294 -4.63 -31.47 -22.36
C SER B 294 -4.95 -30.00 -22.08
N SER B 295 -6.24 -29.65 -21.98
CA SER B 295 -6.57 -28.26 -21.70
C SER B 295 -6.87 -28.07 -20.19
N THR B 296 -6.69 -26.84 -19.70
CA THR B 296 -6.93 -26.49 -18.29
C THR B 296 -7.82 -25.26 -18.27
N MET B 297 -8.75 -25.18 -17.32
CA MET B 297 -9.69 -24.02 -17.31
C MET B 297 -8.94 -22.69 -17.01
N THR B 298 -9.21 -21.65 -17.79
CA THR B 298 -8.54 -20.36 -17.62
C THR B 298 -9.26 -19.40 -16.65
N GLY B 299 -10.50 -19.72 -16.30
CA GLY B 299 -11.32 -18.84 -15.47
C GLY B 299 -12.26 -17.91 -16.24
N TYR B 300 -12.18 -17.94 -17.56
CA TYR B 300 -13.06 -17.16 -18.43
C TYR B 300 -14.23 -17.97 -18.99
N ASP B 301 -15.30 -17.26 -19.35
CA ASP B 301 -16.49 -17.92 -19.91
C ASP B 301 -16.98 -17.06 -21.06
N TYR B 302 -17.86 -17.65 -21.87
CA TYR B 302 -18.39 -16.97 -23.04
C TYR B 302 -19.92 -16.87 -22.95
N ASP B 303 -20.49 -15.91 -23.70
N ASP B 303 -20.50 -15.91 -23.68
CA ASP B 303 -21.93 -15.82 -23.95
CA ASP B 303 -21.96 -15.81 -23.84
C ASP B 303 -22.46 -17.16 -24.44
C ASP B 303 -22.51 -17.10 -24.44
N GLN B 304 -23.39 -17.75 -23.70
CA GLN B 304 -23.94 -19.09 -24.06
C GLN B 304 -24.62 -19.14 -25.43
N ALA B 305 -25.24 -18.03 -25.83
CA ALA B 305 -25.83 -17.93 -27.16
C ALA B 305 -24.78 -18.05 -28.29
N THR B 306 -23.49 -17.99 -27.95
CA THR B 306 -22.44 -18.12 -28.98
C THR B 306 -21.85 -19.53 -29.07
N VAL B 307 -22.19 -20.38 -28.09
CA VAL B 307 -21.62 -21.72 -27.98
C VAL B 307 -22.62 -22.77 -28.49
N ALA B 308 -22.21 -23.51 -29.51
CA ALA B 308 -23.05 -24.55 -30.09
C ALA B 308 -23.23 -25.65 -29.05
N GLN B 309 -24.48 -26.08 -28.88
CA GLN B 309 -24.82 -27.03 -27.82
C GLN B 309 -24.68 -28.49 -28.28
N ARG B 310 -24.57 -29.41 -27.31
CA ARG B 310 -24.36 -30.84 -27.58
C ARG B 310 -25.62 -31.44 -28.17
N SER B 311 -25.44 -32.36 -29.13
CA SER B 311 -26.53 -33.17 -29.67
C SER B 311 -26.83 -34.31 -28.69
N ALA B 312 -28.09 -34.48 -28.33
CA ALA B 312 -28.50 -35.59 -27.45
C ALA B 312 -28.11 -37.00 -27.97
N ASP B 313 -27.94 -37.16 -29.28
CA ASP B 313 -27.57 -38.47 -29.81
C ASP B 313 -26.05 -38.74 -29.90
N ASP B 314 -25.24 -37.76 -29.48
CA ASP B 314 -23.79 -37.88 -29.56
C ASP B 314 -23.33 -39.10 -28.74
N VAL B 315 -22.44 -39.91 -29.32
CA VAL B 315 -21.89 -41.09 -28.63
C VAL B 315 -20.70 -40.72 -27.75
N THR B 316 -20.22 -39.48 -27.90
CA THR B 316 -18.98 -39.04 -27.21
C THR B 316 -19.25 -38.12 -26.00
N PRO B 317 -18.87 -38.56 -24.78
CA PRO B 317 -19.12 -37.70 -23.62
C PRO B 317 -18.16 -36.52 -23.67
N GLU B 318 -18.50 -35.43 -23.00
CA GLU B 318 -17.83 -34.15 -23.22
C GLU B 318 -16.34 -34.23 -22.98
N ASP B 319 -15.94 -35.03 -21.99
CA ASP B 319 -14.53 -35.16 -21.57
C ASP B 319 -13.66 -35.69 -22.70
N SER B 320 -14.29 -36.49 -23.57
CA SER B 320 -13.59 -37.16 -24.67
C SER B 320 -13.81 -36.56 -26.06
N LYS B 321 -14.46 -35.39 -26.12
CA LYS B 321 -14.67 -34.68 -27.38
C LYS B 321 -13.37 -34.04 -27.79
N GLY B 322 -13.23 -33.72 -29.08
CA GLY B 322 -12.02 -33.06 -29.58
C GLY B 322 -11.99 -31.68 -28.93
N LEU B 323 -10.82 -31.02 -28.92
CA LEU B 323 -10.75 -29.62 -28.51
C LEU B 323 -11.68 -28.80 -29.41
N MET B 324 -12.46 -27.92 -28.82
CA MET B 324 -13.44 -27.12 -29.58
C MET B 324 -12.79 -25.82 -30.09
N ALA B 325 -12.98 -25.54 -31.38
CA ALA B 325 -12.45 -24.32 -31.99
C ALA B 325 -13.31 -23.16 -31.52
N VAL B 326 -12.70 -22.25 -30.79
CA VAL B 326 -13.40 -21.06 -30.30
C VAL B 326 -13.47 -19.98 -31.40
N SER B 327 -14.70 -19.62 -31.79
CA SER B 327 -14.98 -18.60 -32.81
C SER B 327 -14.63 -17.19 -32.31
N GLU B 328 -14.43 -16.26 -33.25
CA GLU B 328 -14.18 -14.88 -32.87
C GLU B 328 -15.36 -14.25 -32.14
N LYS B 329 -16.57 -14.50 -32.62
CA LYS B 329 -17.77 -13.98 -31.96
C LYS B 329 -17.86 -14.44 -30.49
N SER B 330 -17.60 -15.72 -30.25
CA SER B 330 -17.53 -16.24 -28.89
C SER B 330 -16.44 -15.54 -28.06
N PHE B 331 -15.22 -15.54 -28.57
CA PHE B 331 -14.08 -14.99 -27.83
C PHE B 331 -14.25 -13.50 -27.53
N ALA B 332 -14.99 -12.78 -28.38
CA ALA B 332 -15.27 -11.37 -28.14
C ALA B 332 -16.18 -11.12 -26.92
N THR B 333 -16.98 -12.12 -26.54
CA THR B 333 -17.88 -11.98 -25.39
C THR B 333 -17.20 -12.40 -24.07
N ARG B 334 -15.90 -12.67 -24.15
CA ARG B 334 -15.12 -13.26 -23.07
C ARG B 334 -15.17 -12.47 -21.76
N HIS B 335 -15.48 -13.14 -20.65
CA HIS B 335 -15.54 -12.47 -19.33
C HIS B 335 -15.07 -13.37 -18.20
N LEU B 336 -14.72 -12.75 -17.07
CA LEU B 336 -14.19 -13.44 -15.92
C LEU B 336 -15.27 -14.18 -15.16
N ALA B 337 -15.09 -15.48 -14.96
CA ALA B 337 -16.01 -16.28 -14.18
C ALA B 337 -15.32 -16.74 -12.90
N SER B 338 -14.02 -16.97 -12.98
CA SER B 338 -13.21 -17.31 -11.79
C SER B 338 -11.91 -16.50 -11.71
N PRO B 339 -11.88 -15.45 -10.86
CA PRO B 339 -10.64 -14.67 -10.69
C PRO B 339 -9.49 -15.55 -10.21
N THR B 340 -9.80 -16.51 -9.33
CA THR B 340 -8.83 -17.49 -8.81
C THR B 340 -8.15 -18.23 -9.96
N ARG B 341 -8.95 -18.76 -10.89
CA ARG B 341 -8.37 -19.51 -12.01
C ARG B 341 -7.56 -18.57 -12.90
N ALA B 342 -8.14 -17.41 -13.19
CA ALA B 342 -7.50 -16.47 -14.12
C ALA B 342 -6.14 -16.03 -13.68
N ALA B 343 -5.97 -15.79 -12.37
CA ALA B 343 -4.69 -15.27 -11.88
C ALA B 343 -3.58 -16.33 -11.86
N MET B 344 -3.93 -17.59 -12.12
CA MET B 344 -2.92 -18.64 -12.15
C MET B 344 -1.97 -18.50 -13.33
N PHE B 345 -2.46 -17.87 -14.38
CA PHE B 345 -1.75 -17.90 -15.66
C PHE B 345 -0.95 -16.64 -15.91
N ASN B 346 0.37 -16.78 -16.02
CA ASN B 346 1.20 -15.62 -16.36
C ASN B 346 1.05 -15.18 -17.80
N TRP B 347 0.62 -16.06 -18.68
CA TRP B 347 0.42 -15.71 -20.09
C TRP B 347 -0.69 -16.49 -20.76
N LEU B 348 -1.56 -15.78 -21.50
CA LEU B 348 -2.58 -16.39 -22.35
C LEU B 348 -2.67 -15.50 -23.57
N PRO B 349 -2.79 -16.11 -24.77
CA PRO B 349 -2.75 -15.30 -25.99
C PRO B 349 -4.01 -14.47 -26.26
N ASP B 350 -3.85 -13.31 -26.90
CA ASP B 350 -5.00 -12.54 -27.44
C ASP B 350 -5.57 -13.28 -28.67
N TYR B 351 -6.76 -12.86 -29.08
N TYR B 351 -6.79 -12.96 -29.10
CA TYR B 351 -7.53 -13.48 -30.16
CA TYR B 351 -7.39 -13.77 -30.16
C TYR B 351 -6.74 -13.66 -31.45
C TYR B 351 -6.64 -13.75 -31.48
N ASP B 352 -5.83 -12.72 -31.70
CA ASP B 352 -5.06 -12.64 -32.94
C ASP B 352 -3.63 -13.16 -32.85
N HIS B 353 -3.19 -13.61 -31.68
CA HIS B 353 -1.86 -14.27 -31.53
C HIS B 353 -1.82 -15.60 -32.34
N PRO B 354 -0.66 -15.98 -32.90
CA PRO B 354 -0.63 -17.25 -33.66
C PRO B 354 -1.03 -18.49 -32.82
N LEU B 355 -0.90 -18.43 -31.48
CA LEU B 355 -1.18 -19.57 -30.57
C LEU B 355 -2.61 -19.52 -29.98
N ALA B 356 -3.43 -18.63 -30.51
CA ALA B 356 -4.81 -18.49 -30.09
C ALA B 356 -5.67 -19.68 -30.46
N ASN B 357 -5.26 -20.45 -31.46
CA ASN B 357 -6.06 -21.62 -31.83
C ASN B 357 -6.01 -22.74 -30.79
N HIS B 358 -5.22 -22.58 -29.73
CA HIS B 358 -5.13 -23.64 -28.73
C HIS B 358 -6.08 -23.45 -27.56
N TYR B 359 -6.95 -22.45 -27.67
CA TYR B 359 -8.08 -22.31 -26.75
C TYR B 359 -9.09 -23.42 -27.01
N ASN B 360 -9.82 -23.82 -25.95
CA ASN B 360 -10.81 -24.89 -26.00
C ASN B 360 -12.00 -24.37 -25.17
N TYR B 361 -13.16 -25.03 -25.28
CA TYR B 361 -14.30 -24.72 -24.39
C TYR B 361 -14.98 -26.03 -24.00
N ARG B 362 -15.20 -26.21 -22.71
CA ARG B 362 -15.91 -27.39 -22.23
C ARG B 362 -17.27 -26.95 -21.64
N ARG B 363 -18.32 -27.64 -22.07
CA ARG B 363 -19.71 -27.33 -21.69
C ARG B 363 -20.13 -28.00 -20.41
N SER B 364 -19.25 -28.85 -19.88
CA SER B 364 -19.47 -29.50 -18.60
C SER B 364 -18.13 -29.84 -17.96
N ALA B 365 -18.18 -30.28 -16.71
CA ALA B 365 -17.02 -30.79 -16.01
C ALA B 365 -17.54 -31.80 -15.00
N HIS B 366 -16.75 -32.79 -14.66
CA HIS B 366 -17.09 -33.67 -13.55
C HIS B 366 -17.05 -32.95 -12.20
N SER B 367 -16.03 -32.12 -12.00
CA SER B 367 -15.81 -31.45 -10.72
C SER B 367 -14.83 -30.31 -10.90
N GLY B 368 -14.79 -29.40 -9.92
CA GLY B 368 -13.96 -28.22 -10.02
C GLY B 368 -14.82 -27.01 -9.76
N PRO B 369 -14.19 -25.83 -9.70
CA PRO B 369 -14.93 -24.59 -9.38
C PRO B 369 -15.82 -24.11 -10.49
N LEU B 370 -15.58 -24.58 -11.71
CA LEU B 370 -16.43 -24.18 -12.86
C LEU B 370 -17.12 -25.37 -13.50
N LYS B 371 -18.40 -25.16 -13.85
CA LYS B 371 -19.20 -26.22 -14.47
C LYS B 371 -19.00 -26.23 -15.98
N ARG B 372 -18.36 -25.18 -16.47
CA ARG B 372 -18.13 -24.99 -17.89
C ARG B 372 -17.15 -23.83 -18.04
N GLY B 373 -16.61 -23.66 -19.23
CA GLY B 373 -15.78 -22.49 -19.50
C GLY B 373 -14.65 -22.68 -20.47
N GLU B 374 -13.97 -21.59 -20.75
CA GLU B 374 -12.82 -21.57 -21.66
C GLU B 374 -11.69 -22.38 -21.04
N ALA B 375 -10.91 -23.03 -21.88
CA ALA B 375 -9.75 -23.73 -21.42
C ALA B 375 -8.63 -23.52 -22.44
N TYR B 376 -7.39 -23.79 -22.04
CA TYR B 376 -6.27 -23.63 -22.97
C TYR B 376 -5.38 -24.85 -22.92
N SER B 377 -4.95 -25.32 -24.09
CA SER B 377 -3.99 -26.44 -24.15
C SER B 377 -2.57 -25.95 -24.40
N PHE B 378 -1.80 -25.77 -23.31
CA PHE B 378 -0.36 -25.46 -23.45
C PHE B 378 0.41 -26.56 -24.19
N TYR B 379 0.00 -27.81 -24.01
CA TYR B 379 0.68 -28.88 -24.75
C TYR B 379 0.55 -28.72 -26.26
N SER B 380 -0.68 -28.46 -26.71
CA SER B 380 -0.99 -28.28 -28.13
C SER B 380 -0.26 -27.01 -28.59
N ALA B 381 -0.29 -25.96 -27.76
CA ALA B 381 0.46 -24.76 -28.13
C ALA B 381 1.95 -25.06 -28.31
N ASN B 382 2.54 -25.88 -27.45
CA ASN B 382 3.95 -26.25 -27.58
C ASN B 382 4.25 -27.12 -28.80
N LEU B 383 3.27 -27.91 -29.25
CA LEU B 383 3.47 -28.68 -30.50
C LEU B 383 3.64 -27.70 -31.67
N GLU B 384 2.83 -26.64 -31.68
CA GLU B 384 2.99 -25.59 -32.70
C GLU B 384 4.34 -24.87 -32.59
N ARG B 385 4.72 -24.46 -31.37
CA ARG B 385 6.04 -23.83 -31.15
C ARG B 385 7.18 -24.76 -31.60
N LYS B 386 7.06 -26.04 -31.24
CA LYS B 386 8.09 -27.03 -31.48
C LYS B 386 8.28 -27.40 -32.94
N TYR B 387 7.16 -27.68 -33.64
CA TYR B 387 7.22 -28.21 -35.01
C TYR B 387 6.92 -27.19 -36.09
N GLY B 388 6.36 -26.04 -35.71
CA GLY B 388 6.00 -24.97 -36.67
C GLY B 388 4.84 -25.36 -37.57
N GLU B 389 4.63 -24.57 -38.64
CA GLU B 389 3.65 -24.84 -39.71
C GLU B 389 4.27 -24.85 -41.13
N THR B 390 4.08 -25.96 -41.84
CA THR B 390 4.40 -26.06 -43.26
C THR B 390 3.10 -25.88 -44.08
N TYR B 391 1.99 -25.91 -43.36
CA TYR B 391 0.62 -25.71 -43.86
C TYR B 391 -0.18 -25.65 -42.57
N PRO B 392 -1.42 -25.18 -42.64
CA PRO B 392 -2.20 -25.02 -41.41
C PRO B 392 -2.38 -26.32 -40.65
N GLY B 393 -2.05 -26.31 -39.36
CA GLY B 393 -2.10 -27.50 -38.52
C GLY B 393 -1.07 -28.60 -38.81
N SER B 394 0.01 -28.32 -39.55
CA SER B 394 0.98 -29.37 -39.88
C SER B 394 1.63 -29.96 -38.62
N TYR B 395 1.71 -29.16 -37.55
CA TYR B 395 2.33 -29.66 -36.30
C TYR B 395 1.57 -30.86 -35.70
N LEU B 396 0.27 -30.97 -35.98
CA LEU B 396 -0.53 -32.15 -35.56
C LEU B 396 -0.14 -33.39 -36.33
N ASP B 397 0.05 -33.27 -37.64
CA ASP B 397 0.45 -34.44 -38.41
C ASP B 397 1.86 -34.85 -38.01
N LYS B 398 2.69 -33.84 -37.72
CA LYS B 398 4.06 -34.09 -37.31
C LYS B 398 4.04 -34.76 -35.94
N TRP B 399 3.18 -34.26 -35.04
CA TRP B 399 3.04 -34.88 -33.70
C TRP B 399 2.63 -36.37 -33.81
N ARG B 400 1.70 -36.65 -34.71
CA ARG B 400 1.25 -38.01 -34.94
C ARG B 400 2.37 -38.93 -35.44
N GLU B 401 3.16 -38.44 -36.39
CA GLU B 401 4.25 -39.23 -36.94
C GLU B 401 5.32 -39.49 -35.91
N VAL B 402 5.71 -38.44 -35.17
CA VAL B 402 6.71 -38.58 -34.12
C VAL B 402 6.18 -39.53 -33.02
N THR B 403 4.90 -39.43 -32.69
CA THR B 403 4.32 -40.31 -31.67
C THR B 403 4.44 -41.78 -32.06
N VAL B 404 4.08 -42.11 -33.29
CA VAL B 404 4.24 -43.49 -33.74
C VAL B 404 5.74 -43.91 -33.77
N ASP B 405 6.59 -43.04 -34.30
CA ASP B 405 8.04 -43.32 -34.27
C ASP B 405 8.53 -43.56 -32.82
N ARG B 406 8.07 -42.71 -31.89
CA ARG B 406 8.43 -42.89 -30.47
C ARG B 406 8.02 -44.28 -29.96
N MET B 407 6.76 -44.65 -30.20
CA MET B 407 6.21 -45.89 -29.69
C MET B 407 7.04 -47.04 -30.23
N LEU B 408 7.34 -47.02 -31.52
CA LEU B 408 8.19 -48.07 -32.14
C LEU B 408 9.62 -48.09 -31.57
N ASN B 409 10.24 -46.93 -31.44
CA ASN B 409 11.58 -46.85 -30.87
C ASN B 409 11.60 -47.36 -29.42
N TRP B 410 10.53 -47.03 -28.67
CA TRP B 410 10.46 -47.34 -27.24
C TRP B 410 10.07 -48.80 -27.01
N GLY B 411 9.74 -49.48 -28.11
CA GLY B 411 9.45 -50.91 -28.14
C GLY B 411 8.00 -51.26 -27.76
N PHE B 412 7.14 -50.26 -27.65
CA PHE B 412 5.72 -50.52 -27.37
C PHE B 412 5.07 -51.27 -28.52
N THR B 413 4.25 -52.26 -28.19
CA THR B 413 3.61 -53.07 -29.23
C THR B 413 2.26 -52.48 -29.66
N SER B 414 1.77 -51.47 -28.93
CA SER B 414 0.47 -50.84 -29.22
C SER B 414 0.35 -49.37 -28.83
N LEU B 415 -0.66 -48.72 -29.42
CA LEU B 415 -1.25 -47.49 -28.94
C LEU B 415 -2.41 -47.89 -28.02
N GLY B 416 -2.48 -47.33 -26.82
CA GLY B 416 -3.44 -47.85 -25.79
C GLY B 416 -4.83 -47.23 -25.93
N ASN B 417 -5.59 -47.29 -24.84
CA ASN B 417 -6.95 -46.80 -24.88
C ASN B 417 -6.96 -45.29 -25.10
N TRP B 418 -8.07 -44.79 -25.65
CA TRP B 418 -8.25 -43.36 -25.93
C TRP B 418 -7.13 -42.83 -26.79
N THR B 419 -6.82 -43.63 -27.79
CA THR B 419 -6.04 -43.16 -28.96
C THR B 419 -6.95 -42.42 -29.94
N ASP B 420 -6.57 -41.20 -30.30
CA ASP B 420 -7.31 -40.46 -31.31
C ASP B 420 -7.52 -41.23 -32.61
N PRO B 421 -8.75 -41.21 -33.17
CA PRO B 421 -9.00 -42.06 -34.35
C PRO B 421 -8.15 -41.69 -35.56
N ALA B 422 -7.48 -40.55 -35.53
CA ALA B 422 -6.64 -40.18 -36.67
C ALA B 422 -5.45 -41.14 -36.76
N TYR B 423 -5.16 -41.85 -35.66
CA TYR B 423 -4.10 -42.82 -35.67
C TYR B 423 -4.56 -44.17 -36.19
N TYR B 424 -5.86 -44.32 -36.44
CA TYR B 424 -6.39 -45.68 -36.67
C TYR B 424 -5.94 -46.28 -38.00
N ASP B 425 -5.49 -45.45 -38.94
CA ASP B 425 -4.98 -45.99 -40.19
C ASP B 425 -3.47 -45.85 -40.30
N ASN B 426 -2.78 -45.66 -39.16
CA ASN B 426 -1.31 -45.53 -39.19
C ASN B 426 -0.62 -46.70 -39.84
N ASN B 427 -1.13 -47.91 -39.59
CA ASN B 427 -0.66 -49.11 -40.29
C ASN B 427 0.83 -49.40 -40.10
N ARG B 428 1.34 -49.05 -38.92
CA ARG B 428 2.71 -49.36 -38.54
C ARG B 428 2.73 -49.91 -37.09
N ILE B 429 1.72 -49.55 -36.29
CA ILE B 429 1.62 -50.04 -34.92
C ILE B 429 0.13 -50.33 -34.63
N PRO B 430 -0.17 -51.47 -33.99
CA PRO B 430 -1.56 -51.70 -33.58
C PRO B 430 -2.12 -50.72 -32.54
N PHE B 431 -3.45 -50.63 -32.49
CA PHE B 431 -4.06 -49.71 -31.59
C PHE B 431 -5.26 -50.37 -30.91
N PHE B 432 -5.64 -49.83 -29.76
CA PHE B 432 -6.86 -50.28 -29.09
C PHE B 432 -7.91 -49.21 -29.31
N ALA B 433 -9.13 -49.65 -29.59
CA ALA B 433 -10.28 -48.75 -29.84
C ALA B 433 -11.19 -48.67 -28.59
N ASN B 434 -12.10 -47.70 -28.57
CA ASN B 434 -12.98 -47.53 -27.40
C ASN B 434 -14.28 -46.87 -27.77
N GLY B 435 -15.31 -47.11 -26.96
CA GLY B 435 -16.57 -46.36 -27.12
C GLY B 435 -17.09 -46.14 -25.71
N TRP B 436 -18.05 -45.22 -25.58
CA TRP B 436 -18.71 -44.95 -24.32
C TRP B 436 -20.21 -45.13 -24.59
N VAL B 437 -20.91 -45.93 -23.78
CA VAL B 437 -22.37 -46.04 -24.00
C VAL B 437 -23.07 -44.95 -23.18
N ILE B 438 -23.49 -43.88 -23.85
CA ILE B 438 -24.13 -42.75 -23.15
C ILE B 438 -25.47 -42.45 -23.80
N GLY B 439 -26.35 -41.75 -23.08
CA GLY B 439 -27.59 -41.34 -23.71
C GLY B 439 -28.70 -41.14 -22.71
N ASP B 440 -29.94 -41.18 -23.19
CA ASP B 440 -31.11 -40.84 -22.36
C ASP B 440 -31.85 -42.01 -21.73
N PHE B 441 -31.24 -43.18 -21.74
CA PHE B 441 -31.87 -44.35 -21.14
C PHE B 441 -32.07 -44.19 -19.63
N LYS B 442 -32.92 -45.05 -19.05
CA LYS B 442 -33.15 -45.05 -17.60
C LYS B 442 -31.87 -45.45 -16.83
N THR B 443 -31.81 -45.10 -15.55
CA THR B 443 -30.60 -45.30 -14.73
C THR B 443 -30.93 -45.98 -13.42
N VAL B 444 -29.91 -46.52 -12.79
CA VAL B 444 -30.01 -47.04 -11.44
C VAL B 444 -28.83 -46.43 -10.68
N SER B 445 -28.75 -46.64 -9.36
CA SER B 445 -27.66 -46.09 -8.57
C SER B 445 -27.03 -47.13 -7.68
N SER B 446 -25.71 -47.05 -7.51
CA SER B 446 -25.01 -47.83 -6.48
C SER B 446 -25.10 -47.20 -5.06
N GLY B 447 -25.62 -45.99 -4.96
CA GLY B 447 -25.62 -45.24 -3.70
C GLY B 447 -24.38 -44.36 -3.58
N ALA B 448 -23.43 -44.54 -4.50
CA ALA B 448 -22.13 -43.86 -4.42
C ALA B 448 -21.53 -43.77 -5.82
N ASP B 449 -22.34 -43.34 -6.77
CA ASP B 449 -21.89 -43.28 -8.16
C ASP B 449 -20.85 -42.18 -8.34
N PHE B 450 -19.68 -42.59 -8.84
CA PHE B 450 -18.59 -41.66 -8.98
C PHE B 450 -18.50 -40.89 -10.32
N TRP B 451 -18.16 -41.56 -11.42
CA TRP B 451 -18.09 -40.84 -12.72
C TRP B 451 -19.45 -40.41 -13.29
N GLY B 452 -20.51 -41.05 -12.80
CA GLY B 452 -21.83 -40.90 -13.45
C GLY B 452 -22.79 -41.96 -12.96
N ALA B 453 -24.07 -41.75 -13.25
CA ALA B 453 -25.13 -42.65 -12.84
C ALA B 453 -24.93 -43.96 -13.60
N MET B 454 -25.35 -45.07 -13.00
CA MET B 454 -25.24 -46.36 -13.67
C MET B 454 -26.43 -46.61 -14.62
N PRO B 455 -26.21 -47.40 -15.67
CA PRO B 455 -27.27 -47.56 -16.66
C PRO B 455 -28.36 -48.57 -16.22
N ASP B 456 -29.64 -48.31 -16.53
CA ASP B 456 -30.63 -49.38 -16.42
C ASP B 456 -30.53 -50.27 -17.66
N VAL B 457 -29.78 -51.36 -17.50
CA VAL B 457 -29.38 -52.22 -18.60
C VAL B 457 -30.53 -53.10 -19.12
N PHE B 458 -31.66 -53.12 -18.40
CA PHE B 458 -32.89 -53.79 -18.86
C PHE B 458 -33.84 -52.86 -19.66
N ASP B 459 -33.57 -51.54 -19.63
CA ASP B 459 -34.24 -50.58 -20.50
C ASP B 459 -33.82 -50.85 -21.94
N PRO B 460 -34.81 -51.14 -22.85
CA PRO B 460 -34.44 -51.33 -24.25
C PRO B 460 -33.60 -50.17 -24.83
N GLU B 461 -33.81 -48.95 -24.35
CA GLU B 461 -33.02 -47.79 -24.87
C GLU B 461 -31.53 -47.93 -24.54
N PHE B 462 -31.18 -48.63 -23.46
CA PHE B 462 -29.74 -48.91 -23.21
C PHE B 462 -29.12 -49.72 -24.35
N LYS B 463 -29.78 -50.80 -24.76
CA LYS B 463 -29.38 -51.55 -25.92
C LYS B 463 -29.31 -50.74 -27.22
N VAL B 464 -30.33 -49.91 -27.48
CA VAL B 464 -30.31 -48.97 -28.63
C VAL B 464 -29.03 -48.11 -28.63
N ARG B 465 -28.67 -47.57 -27.45
CA ARG B 465 -27.47 -46.75 -27.35
C ARG B 465 -26.15 -47.54 -27.45
N ALA B 466 -26.12 -48.76 -26.90
CA ALA B 466 -24.95 -49.63 -27.03
C ALA B 466 -24.70 -49.95 -28.50
N MET B 467 -25.79 -50.24 -29.21
CA MET B 467 -25.72 -50.54 -30.64
C MET B 467 -25.18 -49.32 -31.39
N GLU B 468 -25.68 -48.14 -31.08
CA GLU B 468 -25.19 -46.92 -31.75
C GLU B 468 -23.70 -46.65 -31.43
N THR B 469 -23.32 -46.86 -30.18
CA THR B 469 -21.92 -46.71 -29.77
C THR B 469 -21.02 -47.64 -30.59
N ALA B 470 -21.40 -48.92 -30.70
CA ALA B 470 -20.61 -49.90 -31.43
C ALA B 470 -20.55 -49.54 -32.91
N ARG B 471 -21.66 -49.02 -33.44
CA ARG B 471 -21.70 -48.62 -34.87
C ARG B 471 -20.66 -47.54 -35.18
N VAL B 472 -20.57 -46.55 -34.30
CA VAL B 472 -19.60 -45.45 -34.49
C VAL B 472 -18.15 -45.99 -34.36
N VAL B 473 -17.88 -46.77 -33.32
CA VAL B 473 -16.54 -47.41 -33.25
C VAL B 473 -16.23 -48.18 -34.53
N SER B 474 -17.21 -48.94 -35.04
N SER B 474 -17.21 -48.93 -35.04
CA SER B 474 -16.95 -49.75 -36.23
CA SER B 474 -16.96 -49.77 -36.23
C SER B 474 -16.58 -48.86 -37.41
C SER B 474 -16.66 -48.92 -37.47
N GLU B 475 -17.33 -47.78 -37.57
CA GLU B 475 -17.05 -46.80 -38.65
C GLU B 475 -15.65 -46.18 -38.52
N GLU B 476 -15.18 -45.98 -37.29
CA GLU B 476 -13.80 -45.49 -37.07
C GLU B 476 -12.71 -46.54 -37.35
N ILE B 477 -12.92 -47.79 -36.92
CA ILE B 477 -11.84 -48.79 -37.07
C ILE B 477 -11.80 -49.46 -38.45
N LYS B 478 -12.88 -49.36 -39.21
CA LYS B 478 -12.93 -49.89 -40.57
C LYS B 478 -12.49 -51.36 -40.66
N ASN B 479 -12.94 -52.18 -39.67
CA ASN B 479 -12.64 -53.60 -39.62
C ASN B 479 -11.13 -53.89 -39.73
N SER B 480 -10.30 -52.95 -39.26
CA SER B 480 -8.86 -53.09 -39.45
C SER B 480 -8.25 -54.19 -38.62
N PRO B 481 -7.37 -54.99 -39.24
CA PRO B 481 -6.54 -55.97 -38.52
C PRO B 481 -5.65 -55.32 -37.46
N TRP B 482 -5.33 -54.05 -37.66
CA TRP B 482 -4.52 -53.27 -36.69
C TRP B 482 -5.19 -52.99 -35.34
N CYS B 483 -6.51 -53.16 -35.27
CA CYS B 483 -7.22 -52.92 -34.03
C CYS B 483 -7.16 -54.18 -33.19
N VAL B 484 -6.45 -54.09 -32.07
CA VAL B 484 -6.28 -55.23 -31.16
C VAL B 484 -7.63 -55.59 -30.52
N GLY B 485 -8.42 -54.57 -30.19
CA GLY B 485 -9.75 -54.85 -29.70
C GLY B 485 -10.42 -53.60 -29.22
N VAL B 486 -11.62 -53.76 -28.63
CA VAL B 486 -12.44 -52.62 -28.22
C VAL B 486 -12.76 -52.59 -26.71
N PHE B 487 -12.39 -51.51 -26.02
CA PHE B 487 -12.89 -51.25 -24.65
C PHE B 487 -14.22 -50.53 -24.76
N ILE B 488 -15.16 -50.83 -23.88
CA ILE B 488 -16.40 -50.05 -23.82
C ILE B 488 -16.59 -49.55 -22.40
N ASP B 489 -16.73 -48.22 -22.22
CA ASP B 489 -16.99 -47.65 -20.90
C ASP B 489 -15.71 -47.80 -20.03
N ASN B 490 -15.75 -47.30 -18.80
CA ASN B 490 -14.56 -47.26 -17.97
C ASN B 490 -14.95 -47.00 -16.51
N GLU B 491 -14.42 -47.79 -15.57
CA GLU B 491 -14.60 -47.51 -14.13
C GLU B 491 -16.04 -47.17 -13.71
N LYS B 492 -16.97 -48.01 -14.11
CA LYS B 492 -18.36 -47.85 -13.72
C LYS B 492 -18.51 -48.16 -12.24
N SER B 493 -19.47 -47.52 -11.56
CA SER B 493 -19.64 -47.75 -10.12
C SER B 493 -20.56 -48.97 -9.89
N PHE B 494 -20.00 -50.16 -10.10
CA PHE B 494 -20.69 -51.41 -9.87
C PHE B 494 -20.91 -51.73 -8.38
N GLY B 495 -20.27 -50.99 -7.47
CA GLY B 495 -20.33 -51.30 -6.04
C GLY B 495 -18.96 -51.30 -5.38
N ARG B 496 -18.83 -50.62 -4.24
CA ARG B 496 -17.50 -50.41 -3.61
C ARG B 496 -17.21 -51.48 -2.56
N PRO B 497 -15.92 -51.72 -2.27
CA PRO B 497 -15.60 -52.82 -1.34
C PRO B 497 -15.55 -52.42 0.13
N ASP B 498 -15.99 -51.22 0.50
CA ASP B 498 -15.81 -50.70 1.88
C ASP B 498 -16.62 -51.49 2.91
N SER B 499 -17.76 -52.02 2.48
CA SER B 499 -18.65 -52.73 3.37
C SER B 499 -19.55 -53.58 2.48
N ASP B 500 -20.29 -54.48 3.10
CA ASP B 500 -21.18 -55.34 2.34
C ASP B 500 -22.32 -54.54 1.72
N LYS B 501 -22.85 -53.59 2.47
CA LYS B 501 -23.84 -52.67 1.88
C LYS B 501 -23.31 -51.82 0.73
N ALA B 502 -22.03 -51.40 0.79
CA ALA B 502 -21.43 -50.66 -0.35
C ALA B 502 -21.33 -51.56 -1.60
N GLN B 503 -20.86 -52.77 -1.37
CA GLN B 503 -20.66 -53.68 -2.46
C GLN B 503 -22.00 -54.03 -3.16
N TYR B 504 -23.05 -54.15 -2.37
CA TYR B 504 -24.38 -54.46 -2.91
C TYR B 504 -25.22 -53.21 -3.05
N GLY B 505 -24.55 -52.08 -3.26
CA GLY B 505 -25.21 -50.79 -3.42
C GLY B 505 -26.30 -50.73 -4.48
N ILE B 506 -26.07 -51.35 -5.65
CA ILE B 506 -27.10 -51.31 -6.73
C ILE B 506 -28.39 -52.09 -6.36
N PRO B 507 -28.24 -53.35 -5.89
CA PRO B 507 -29.42 -54.08 -5.44
C PRO B 507 -30.13 -53.29 -4.31
N ILE B 508 -29.36 -52.79 -3.33
CA ILE B 508 -29.99 -52.06 -2.20
C ILE B 508 -30.76 -50.82 -2.65
N HIS B 509 -30.13 -49.97 -3.45
CA HIS B 509 -30.81 -48.75 -3.95
C HIS B 509 -32.01 -49.10 -4.81
N THR B 510 -31.86 -50.09 -5.70
CA THR B 510 -32.92 -50.39 -6.65
C THR B 510 -34.14 -51.09 -5.97
N LEU B 511 -33.88 -51.89 -4.95
CA LEU B 511 -34.97 -52.56 -4.23
C LEU B 511 -35.87 -51.55 -3.55
N GLY B 512 -35.30 -50.38 -3.23
CA GLY B 512 -36.03 -49.27 -2.60
C GLY B 512 -37.02 -48.58 -3.52
N ARG B 513 -36.83 -48.81 -4.81
CA ARG B 513 -37.65 -48.22 -5.84
C ARG B 513 -38.81 -49.16 -6.22
N PRO B 514 -39.88 -48.62 -6.83
CA PRO B 514 -40.98 -49.47 -7.30
C PRO B 514 -40.55 -50.24 -8.56
N SER B 515 -41.23 -51.35 -8.86
CA SER B 515 -40.97 -52.11 -10.08
C SER B 515 -41.36 -51.40 -11.35
N GLU B 516 -42.61 -50.92 -11.39
N GLU B 516 -42.61 -50.92 -11.40
CA GLU B 516 -43.14 -50.17 -12.53
CA GLU B 516 -43.09 -50.21 -12.57
C GLU B 516 -42.26 -48.95 -12.85
C GLU B 516 -42.25 -48.97 -12.86
N GLY B 517 -41.93 -48.80 -14.14
CA GLY B 517 -41.11 -47.66 -14.59
C GLY B 517 -39.61 -47.88 -14.37
N VAL B 518 -39.23 -48.99 -13.74
CA VAL B 518 -37.80 -49.30 -13.44
C VAL B 518 -37.46 -50.69 -13.92
N PRO B 519 -37.05 -50.82 -15.20
CA PRO B 519 -36.86 -52.16 -15.77
C PRO B 519 -35.88 -53.08 -14.99
N THR B 520 -34.82 -52.52 -14.41
CA THR B 520 -33.93 -53.38 -13.61
C THR B 520 -34.65 -53.87 -12.35
N ARG B 521 -35.46 -53.01 -11.73
CA ARG B 521 -36.28 -53.47 -10.54
C ARG B 521 -37.31 -54.57 -10.93
N GLN B 522 -37.90 -54.45 -12.11
N GLN B 522 -37.88 -54.47 -12.12
CA GLN B 522 -38.79 -55.52 -12.63
CA GLN B 522 -38.79 -55.54 -12.58
C GLN B 522 -38.04 -56.84 -12.72
C GLN B 522 -38.08 -56.87 -12.82
N ALA B 523 -36.84 -56.82 -13.33
CA ALA B 523 -36.00 -58.00 -13.42
C ALA B 523 -35.72 -58.60 -12.03
N PHE B 524 -35.39 -57.73 -11.07
CA PHE B 524 -35.08 -58.15 -9.70
C PHE B 524 -36.31 -58.80 -9.04
N SER B 525 -37.46 -58.15 -9.25
CA SER B 525 -38.74 -58.66 -8.73
C SER B 525 -39.09 -60.07 -9.27
N LYS B 526 -38.94 -60.24 -10.58
CA LYS B 526 -39.14 -61.54 -11.23
C LYS B 526 -38.30 -62.63 -10.55
N LEU B 527 -37.03 -62.33 -10.33
CA LEU B 527 -36.10 -63.30 -9.73
C LEU B 527 -36.48 -63.65 -8.31
N LEU B 528 -36.88 -62.63 -7.56
CA LEU B 528 -37.22 -62.84 -6.13
C LEU B 528 -38.57 -63.54 -5.98
N LYS B 529 -39.52 -63.23 -6.85
CA LYS B 529 -40.79 -63.95 -6.82
C LYS B 529 -40.61 -65.40 -7.20
N ALA B 530 -39.75 -65.68 -8.19
CA ALA B 530 -39.45 -67.06 -8.57
C ALA B 530 -38.75 -67.80 -7.43
N LYS B 531 -37.86 -67.12 -6.73
CA LYS B 531 -37.17 -67.72 -5.60
C LYS B 531 -38.15 -67.98 -4.46
N TYR B 532 -38.89 -66.95 -4.04
CA TYR B 532 -39.68 -67.03 -2.81
C TYR B 532 -41.13 -67.51 -2.96
N LYS B 533 -41.71 -67.20 -4.11
CA LYS B 533 -43.09 -67.56 -4.53
C LYS B 533 -44.17 -66.81 -3.76
N THR B 534 -44.09 -66.84 -2.44
CA THR B 534 -45.10 -66.23 -1.58
C THR B 534 -44.50 -65.07 -0.81
N ILE B 535 -45.34 -64.11 -0.44
CA ILE B 535 -44.86 -62.97 0.35
C ILE B 535 -44.48 -63.45 1.77
N ALA B 536 -45.18 -64.49 2.24
CA ALA B 536 -44.85 -65.15 3.53
C ALA B 536 -43.35 -65.55 3.56
N ALA B 537 -42.88 -66.19 2.47
CA ALA B 537 -41.48 -66.66 2.42
C ALA B 537 -40.50 -65.49 2.36
N LEU B 538 -40.84 -64.46 1.60
CA LEU B 538 -39.99 -63.29 1.54
C LEU B 538 -39.94 -62.58 2.87
N ASN B 539 -41.11 -62.45 3.48
CA ASN B 539 -41.20 -61.83 4.77
C ASN B 539 -40.33 -62.52 5.79
N ASN B 540 -40.32 -63.86 5.78
N ASN B 540 -40.35 -63.85 5.80
CA ASN B 540 -39.51 -64.67 6.72
CA ASN B 540 -39.51 -64.60 6.72
C ASN B 540 -38.00 -64.52 6.45
C ASN B 540 -38.06 -64.22 6.42
N ALA B 541 -37.66 -64.44 5.17
CA ALA B 541 -36.28 -64.25 4.70
C ALA B 541 -35.71 -62.85 4.99
N TRP B 542 -36.54 -61.81 4.91
CA TRP B 542 -36.06 -60.42 5.10
C TRP B 542 -36.46 -59.83 6.44
N GLY B 543 -37.22 -60.59 7.22
CA GLY B 543 -37.70 -60.12 8.54
C GLY B 543 -38.66 -58.96 8.37
N LEU B 544 -39.58 -59.08 7.42
CA LEU B 544 -40.55 -58.03 7.18
C LEU B 544 -42.00 -58.51 7.35
N LYS B 545 -42.93 -57.57 7.22
CA LYS B 545 -44.34 -57.84 7.42
C LYS B 545 -45.14 -57.26 6.25
N LEU B 546 -44.65 -57.45 5.03
CA LEU B 546 -45.34 -56.89 3.86
C LEU B 546 -46.70 -57.57 3.66
N SER B 547 -47.69 -56.81 3.20
CA SER B 547 -49.07 -57.29 3.12
C SER B 547 -49.30 -58.26 1.97
N SER B 548 -48.60 -58.05 0.84
CA SER B 548 -48.74 -58.87 -0.36
C SER B 548 -47.61 -58.46 -1.31
N TRP B 549 -47.47 -59.16 -2.44
CA TRP B 549 -46.47 -58.80 -3.46
C TRP B 549 -46.67 -57.37 -3.96
N ALA B 550 -47.90 -56.84 -3.87
CA ALA B 550 -48.16 -55.53 -4.41
C ALA B 550 -47.45 -54.46 -3.56
N GLU B 551 -47.34 -54.69 -2.25
CA GLU B 551 -46.59 -53.80 -1.38
C GLU B 551 -45.10 -53.94 -1.70
N PHE B 552 -44.63 -55.17 -1.92
CA PHE B 552 -43.23 -55.39 -2.34
C PHE B 552 -42.90 -54.58 -3.60
N ASP B 553 -43.80 -54.62 -4.58
CA ASP B 553 -43.57 -53.93 -5.84
C ASP B 553 -43.63 -52.41 -5.82
N LEU B 554 -44.01 -51.86 -4.67
CA LEU B 554 -43.97 -50.41 -4.52
C LEU B 554 -42.58 -49.92 -4.05
N GLY B 555 -41.68 -50.85 -3.73
CA GLY B 555 -40.37 -50.48 -3.20
C GLY B 555 -40.23 -50.87 -1.74
N VAL B 556 -39.05 -51.32 -1.35
CA VAL B 556 -38.83 -51.79 0.03
C VAL B 556 -37.51 -51.19 0.50
N ASP B 557 -37.54 -50.48 1.63
CA ASP B 557 -36.31 -49.89 2.20
C ASP B 557 -35.38 -50.94 2.85
N VAL B 558 -34.56 -51.62 2.05
CA VAL B 558 -33.67 -52.68 2.57
C VAL B 558 -32.34 -52.17 3.09
N LYS B 559 -31.99 -50.92 2.81
CA LYS B 559 -30.74 -50.36 3.34
C LYS B 559 -30.70 -50.27 4.87
N ALA B 560 -31.86 -50.11 5.50
CA ALA B 560 -31.99 -50.12 6.97
C ALA B 560 -31.89 -51.52 7.64
N LEU B 561 -31.91 -52.59 6.85
CA LEU B 561 -31.91 -53.97 7.38
C LEU B 561 -30.49 -54.49 7.55
N PRO B 562 -30.25 -55.33 8.58
CA PRO B 562 -28.89 -55.84 8.70
C PRO B 562 -28.63 -56.88 7.63
N VAL B 563 -27.39 -56.93 7.14
CA VAL B 563 -27.06 -57.94 6.14
C VAL B 563 -26.97 -59.33 6.81
N THR B 564 -27.87 -60.23 6.40
CA THR B 564 -28.01 -61.57 6.95
C THR B 564 -27.63 -62.54 5.84
N ASP B 565 -27.63 -63.85 6.13
CA ASP B 565 -27.36 -64.83 5.06
C ASP B 565 -28.34 -64.75 3.87
N THR B 566 -29.64 -64.64 4.16
CA THR B 566 -30.64 -64.57 3.07
C THR B 566 -30.53 -63.26 2.26
N LEU B 567 -30.36 -62.14 2.94
CA LEU B 567 -30.23 -60.86 2.23
C LEU B 567 -29.00 -60.81 1.36
N ARG B 568 -27.87 -61.32 1.88
CA ARG B 568 -26.63 -61.41 1.10
C ARG B 568 -26.81 -62.31 -0.13
N ALA B 569 -27.42 -63.48 0.05
CA ALA B 569 -27.68 -64.38 -1.11
C ALA B 569 -28.53 -63.64 -2.17
N ASP B 570 -29.58 -62.97 -1.72
CA ASP B 570 -30.40 -62.20 -2.64
C ASP B 570 -29.65 -61.02 -3.32
N TYR B 571 -28.91 -60.22 -2.57
CA TYR B 571 -28.20 -59.09 -3.20
C TYR B 571 -27.19 -59.62 -4.20
N SER B 572 -26.52 -60.70 -3.82
CA SER B 572 -25.58 -61.38 -4.74
C SER B 572 -26.28 -61.87 -6.02
N MET B 573 -27.41 -62.54 -5.87
CA MET B 573 -28.24 -62.94 -7.05
C MET B 573 -28.57 -61.75 -7.96
N LEU B 574 -29.03 -60.66 -7.37
CA LEU B 574 -29.44 -59.47 -8.13
C LEU B 574 -28.28 -58.76 -8.79
N LEU B 575 -27.20 -58.56 -8.04
CA LEU B 575 -26.01 -57.96 -8.65
C LEU B 575 -25.50 -58.79 -9.83
N SER B 576 -25.46 -60.14 -9.70
CA SER B 576 -25.12 -60.96 -10.85
C SER B 576 -26.02 -60.79 -12.07
N ALA B 577 -27.33 -60.71 -11.84
CA ALA B 577 -28.30 -60.57 -12.94
C ALA B 577 -28.09 -59.23 -13.65
N TYR B 578 -27.85 -58.19 -12.86
CA TYR B 578 -27.58 -56.85 -13.39
C TYR B 578 -26.30 -56.82 -14.23
N ALA B 579 -25.20 -57.30 -13.64
CA ALA B 579 -23.92 -57.38 -14.37
C ALA B 579 -23.94 -58.27 -15.62
N ASP B 580 -24.56 -59.45 -15.54
N ASP B 580 -24.58 -59.43 -15.54
CA ASP B 580 -24.79 -60.29 -16.73
CA ASP B 580 -24.79 -60.29 -16.71
C ASP B 580 -25.49 -59.51 -17.85
C ASP B 580 -25.53 -59.57 -17.84
N GLN B 581 -26.57 -58.82 -17.52
CA GLN B 581 -27.30 -58.06 -18.57
C GLN B 581 -26.47 -56.93 -19.17
N TYR B 582 -25.75 -56.20 -18.32
CA TYR B 582 -24.84 -55.16 -18.79
C TYR B 582 -23.84 -55.76 -19.82
N PHE B 583 -23.16 -56.83 -19.43
CA PHE B 583 -22.15 -57.42 -20.30
C PHE B 583 -22.74 -58.09 -21.54
N LYS B 584 -23.89 -58.73 -21.36
CA LYS B 584 -24.62 -59.32 -22.48
C LYS B 584 -24.93 -58.29 -23.56
N VAL B 585 -25.48 -57.16 -23.15
CA VAL B 585 -25.97 -56.15 -24.12
C VAL B 585 -24.74 -55.51 -24.82
N VAL B 586 -23.71 -55.16 -24.04
CA VAL B 586 -22.52 -54.52 -24.62
C VAL B 586 -21.79 -55.51 -25.55
N HIS B 587 -21.60 -56.74 -25.09
CA HIS B 587 -20.94 -57.75 -25.94
C HIS B 587 -21.71 -57.94 -27.26
N GLY B 588 -23.03 -58.04 -27.15
CA GLY B 588 -23.96 -58.17 -28.29
C GLY B 588 -23.81 -57.04 -29.30
N ALA B 589 -23.71 -55.79 -28.81
CA ALA B 589 -23.51 -54.62 -29.68
C ALA B 589 -22.16 -54.65 -30.42
N VAL B 590 -21.11 -54.93 -29.67
CA VAL B 590 -19.77 -54.99 -30.23
C VAL B 590 -19.69 -56.13 -31.25
N GLU B 591 -20.26 -57.28 -30.92
CA GLU B 591 -20.25 -58.40 -31.86
C GLU B 591 -21.07 -58.10 -33.13
N HIS B 592 -22.19 -57.39 -32.96
CA HIS B 592 -23.03 -57.06 -34.12
C HIS B 592 -22.24 -56.30 -35.19
N TYR B 593 -21.51 -55.24 -34.77
CA TYR B 593 -20.87 -54.34 -35.73
C TYR B 593 -19.41 -54.67 -36.00
N MET B 594 -18.77 -55.30 -35.01
CA MET B 594 -17.37 -55.70 -35.19
C MET B 594 -17.17 -57.17 -34.88
N PRO B 595 -17.77 -58.04 -35.72
CA PRO B 595 -17.76 -59.46 -35.33
C PRO B 595 -16.37 -60.10 -35.25
N ASN B 596 -15.37 -59.54 -35.92
CA ASN B 596 -14.02 -60.12 -35.89
C ASN B 596 -13.18 -59.72 -34.69
N HIS B 597 -13.63 -58.74 -33.91
CA HIS B 597 -12.71 -58.09 -32.96
C HIS B 597 -12.96 -58.46 -31.52
N LEU B 598 -11.88 -58.52 -30.75
CA LEU B 598 -11.96 -58.78 -29.31
C LEU B 598 -12.71 -57.69 -28.55
N TYR B 599 -13.61 -58.11 -27.67
CA TYR B 599 -14.29 -57.20 -26.72
C TYR B 599 -13.52 -57.26 -25.39
N LEU B 600 -13.09 -56.09 -24.92
CA LEU B 600 -12.08 -56.04 -23.81
C LEU B 600 -12.66 -55.65 -22.45
N GLY B 601 -13.99 -55.75 -22.30
CA GLY B 601 -14.67 -55.41 -21.03
C GLY B 601 -14.74 -53.93 -20.66
N ALA B 602 -14.73 -53.65 -19.36
CA ALA B 602 -15.18 -52.37 -18.85
C ALA B 602 -14.24 -51.63 -17.90
N ARG B 603 -13.02 -52.17 -17.75
CA ARG B 603 -11.91 -51.48 -17.09
C ARG B 603 -12.24 -51.29 -15.59
N PHE B 604 -12.19 -52.37 -14.84
CA PHE B 604 -12.59 -52.34 -13.42
C PHE B 604 -11.48 -51.72 -12.56
N PRO B 605 -11.84 -50.75 -11.73
CA PRO B 605 -10.92 -50.16 -10.74
C PRO B 605 -11.03 -50.94 -9.43
N ASP B 606 -10.10 -50.74 -8.50
CA ASP B 606 -10.15 -51.56 -7.29
C ASP B 606 -11.38 -51.21 -6.44
N TRP B 607 -12.01 -50.08 -6.70
CA TRP B 607 -13.24 -49.70 -5.97
C TRP B 607 -14.55 -50.07 -6.69
N GLY B 608 -14.44 -50.87 -7.75
CA GLY B 608 -15.63 -51.20 -8.55
C GLY B 608 -15.57 -52.59 -9.17
N MET B 609 -15.04 -53.56 -8.42
CA MET B 609 -15.02 -54.91 -8.97
C MET B 609 -15.55 -55.99 -7.99
N PRO B 610 -16.82 -55.86 -7.51
CA PRO B 610 -17.36 -57.04 -6.79
C PRO B 610 -17.25 -58.31 -7.62
N MET B 611 -17.03 -59.46 -6.98
CA MET B 611 -16.82 -60.69 -7.75
C MET B 611 -17.97 -61.06 -8.68
N GLU B 612 -19.20 -60.75 -8.26
CA GLU B 612 -20.35 -61.03 -9.09
C GLU B 612 -20.17 -60.39 -10.46
N VAL B 613 -19.61 -59.19 -10.47
CA VAL B 613 -19.52 -58.37 -11.65
C VAL B 613 -18.33 -58.84 -12.51
N VAL B 614 -17.23 -59.19 -11.85
CA VAL B 614 -16.05 -59.76 -12.56
C VAL B 614 -16.45 -61.06 -13.24
N LYS B 615 -17.16 -61.94 -12.52
CA LYS B 615 -17.66 -63.20 -13.13
C LYS B 615 -18.54 -62.99 -14.36
N ALA B 616 -19.41 -61.98 -14.35
CA ALA B 616 -20.17 -61.60 -15.56
C ALA B 616 -19.30 -61.15 -16.75
N ALA B 617 -18.28 -60.34 -16.48
CA ALA B 617 -17.36 -59.92 -17.54
C ALA B 617 -16.66 -61.16 -18.06
N ALA B 618 -16.26 -62.07 -17.16
CA ALA B 618 -15.59 -63.30 -17.59
C ALA B 618 -16.46 -64.13 -18.58
N LYS B 619 -17.77 -64.10 -18.38
CA LYS B 619 -18.68 -64.80 -19.28
C LYS B 619 -18.71 -64.20 -20.68
N TYR B 620 -18.68 -62.86 -20.79
CA TYR B 620 -18.94 -62.20 -22.10
C TYR B 620 -17.75 -61.55 -22.80
N ALA B 621 -16.82 -60.99 -22.01
CA ALA B 621 -15.65 -60.31 -22.60
C ALA B 621 -14.65 -61.36 -23.10
N ASP B 622 -13.95 -61.04 -24.19
CA ASP B 622 -12.84 -61.86 -24.63
C ASP B 622 -11.66 -61.74 -23.67
N VAL B 623 -11.42 -60.53 -23.19
CA VAL B 623 -10.34 -60.23 -22.27
C VAL B 623 -10.96 -59.37 -21.15
N VAL B 624 -10.71 -59.75 -19.89
CA VAL B 624 -11.21 -58.94 -18.76
C VAL B 624 -10.20 -57.84 -18.46
N SER B 625 -10.65 -56.59 -18.41
CA SER B 625 -9.75 -55.45 -18.17
C SER B 625 -9.90 -54.89 -16.74
N TYR B 626 -8.77 -54.55 -16.17
CA TYR B 626 -8.70 -54.00 -14.81
C TYR B 626 -7.79 -52.81 -14.83
N ASN B 627 -8.14 -51.75 -14.09
CA ASN B 627 -7.21 -50.62 -13.91
C ASN B 627 -6.59 -50.79 -12.54
N SER B 628 -5.26 -50.86 -12.43
CA SER B 628 -4.71 -51.14 -11.09
C SER B 628 -3.57 -50.18 -10.75
N TYR B 629 -3.88 -49.14 -10.01
CA TYR B 629 -2.82 -48.19 -9.64
C TYR B 629 -2.22 -48.61 -8.30
N LYS B 630 -1.21 -49.47 -8.41
CA LYS B 630 -0.55 -50.08 -7.27
C LYS B 630 0.91 -50.17 -7.67
N GLU B 631 1.80 -50.61 -6.78
CA GLU B 631 3.18 -50.80 -7.18
C GLU B 631 3.41 -52.05 -8.02
N GLY B 632 2.40 -52.91 -8.09
CA GLY B 632 2.51 -54.12 -8.92
C GLY B 632 1.25 -54.94 -8.70
N LEU B 633 1.32 -56.21 -9.04
CA LEU B 633 0.19 -57.13 -8.85
C LEU B 633 0.46 -58.17 -7.75
N PRO B 634 0.05 -57.90 -6.50
CA PRO B 634 0.44 -58.84 -5.43
C PRO B 634 -0.27 -60.19 -5.57
N LYS B 635 0.45 -61.26 -5.23
CA LYS B 635 -0.11 -62.63 -5.24
C LYS B 635 -1.54 -62.77 -4.73
N GLN B 636 -1.79 -62.37 -3.48
CA GLN B 636 -3.08 -62.66 -2.84
C GLN B 636 -4.20 -61.85 -3.47
N LYS B 637 -3.88 -60.61 -3.87
CA LYS B 637 -4.88 -59.72 -4.49
C LYS B 637 -5.42 -60.26 -5.81
N TRP B 638 -4.64 -61.07 -6.50
CA TRP B 638 -4.98 -61.48 -7.89
C TRP B 638 -5.16 -62.99 -7.98
N ALA B 639 -5.24 -63.65 -6.85
CA ALA B 639 -5.36 -65.09 -6.81
C ALA B 639 -6.61 -65.56 -7.51
N PHE B 640 -7.69 -64.77 -7.38
CA PHE B 640 -8.99 -65.09 -7.95
C PHE B 640 -8.92 -65.29 -9.48
N LEU B 641 -7.88 -64.76 -10.15
CA LEU B 641 -7.76 -64.94 -11.62
C LEU B 641 -7.72 -66.41 -12.07
N ALA B 642 -7.22 -67.27 -11.19
CA ALA B 642 -6.97 -68.66 -11.59
C ALA B 642 -8.26 -69.45 -11.77
N GLU B 643 -9.26 -69.23 -10.93
N GLU B 643 -9.24 -69.22 -10.89
CA GLU B 643 -10.54 -69.94 -11.07
CA GLU B 643 -10.59 -69.80 -11.01
C GLU B 643 -11.40 -69.37 -12.23
C GLU B 643 -11.16 -69.47 -12.40
N LEU B 644 -11.04 -68.20 -12.76
CA LEU B 644 -11.69 -67.65 -13.96
C LEU B 644 -11.01 -68.19 -15.20
N ASP B 645 -9.69 -68.34 -15.14
CA ASP B 645 -8.88 -68.75 -16.27
C ASP B 645 -9.22 -67.94 -17.53
N LYS B 646 -9.33 -66.60 -17.39
CA LYS B 646 -9.52 -65.69 -18.52
C LYS B 646 -8.27 -64.85 -18.79
N PRO B 647 -7.95 -64.62 -20.08
CA PRO B 647 -6.92 -63.66 -20.42
C PRO B 647 -7.35 -62.29 -19.89
N SER B 648 -6.39 -61.47 -19.47
CA SER B 648 -6.70 -60.28 -18.70
C SER B 648 -5.81 -59.16 -19.18
N ILE B 649 -6.24 -57.92 -18.98
CA ILE B 649 -5.36 -56.81 -19.40
C ILE B 649 -5.41 -55.71 -18.35
N ILE B 650 -4.26 -55.12 -18.02
CA ILE B 650 -4.24 -53.90 -17.19
C ILE B 650 -4.48 -52.69 -18.08
N GLY B 651 -5.61 -52.01 -17.88
CA GLY B 651 -5.92 -50.86 -18.74
C GLY B 651 -5.17 -49.60 -18.35
N GLU B 652 -4.74 -49.51 -17.09
CA GLU B 652 -4.10 -48.27 -16.58
C GLU B 652 -3.25 -48.61 -15.37
N PHE B 653 -2.06 -48.00 -15.33
CA PHE B 653 -1.26 -47.86 -14.13
C PHE B 653 -0.35 -46.68 -14.39
N HIS B 654 0.29 -46.18 -13.34
CA HIS B 654 1.30 -45.10 -13.47
C HIS B 654 2.06 -44.90 -12.18
N ILE B 655 3.20 -44.23 -12.31
CA ILE B 655 3.98 -43.79 -11.14
C ILE B 655 4.43 -42.36 -11.48
N GLY B 656 4.28 -41.42 -10.56
CA GLY B 656 4.75 -40.04 -10.78
C GLY B 656 5.72 -39.57 -9.71
N ALA B 657 6.31 -38.39 -9.93
CA ALA B 657 7.21 -37.81 -8.94
C ALA B 657 7.05 -36.30 -8.97
N MET B 658 7.65 -35.62 -7.98
N MET B 658 7.74 -35.63 -8.05
CA MET B 658 7.48 -34.17 -7.87
CA MET B 658 7.52 -34.21 -7.82
C MET B 658 8.78 -33.40 -8.00
C MET B 658 8.72 -33.34 -8.14
N ASP B 659 9.71 -33.97 -8.76
CA ASP B 659 10.97 -33.30 -9.08
C ASP B 659 11.00 -32.62 -10.46
N HIS B 660 9.85 -32.51 -11.14
CA HIS B 660 9.82 -31.86 -12.47
C HIS B 660 8.66 -30.88 -12.51
N GLY B 661 8.41 -30.20 -11.38
CA GLY B 661 7.47 -29.06 -11.36
C GLY B 661 6.04 -29.37 -10.94
N SER B 662 5.71 -30.65 -10.84
CA SER B 662 4.32 -31.03 -10.58
C SER B 662 3.91 -30.83 -9.13
N TYR B 663 2.66 -30.43 -8.92
CA TYR B 663 2.14 -30.32 -7.57
C TYR B 663 1.64 -31.65 -7.03
N HIS B 664 1.53 -32.67 -7.90
CA HIS B 664 0.90 -33.94 -7.58
C HIS B 664 1.55 -35.02 -8.43
N PRO B 665 2.08 -36.06 -7.77
CA PRO B 665 2.75 -37.10 -8.54
C PRO B 665 1.73 -37.93 -9.35
N GLY B 666 0.51 -38.08 -8.82
CA GLY B 666 -0.44 -39.03 -9.37
C GLY B 666 -0.85 -40.07 -8.31
N LEU B 667 -1.35 -41.22 -8.74
CA LEU B 667 -1.87 -42.19 -7.77
C LEU B 667 -0.80 -42.99 -7.03
N ILE B 668 0.31 -43.29 -7.70
CA ILE B 668 1.43 -44.02 -7.11
C ILE B 668 2.67 -43.11 -7.23
N HIS B 669 3.44 -43.03 -6.13
CA HIS B 669 4.49 -41.99 -6.01
C HIS B 669 5.89 -42.57 -5.93
N ALA B 670 6.82 -41.90 -6.62
CA ALA B 670 8.25 -42.22 -6.64
C ALA B 670 9.02 -41.03 -6.11
N ALA B 671 10.24 -41.28 -5.65
CA ALA B 671 11.12 -40.24 -5.03
C ALA B 671 11.74 -39.29 -6.05
N SER B 672 11.73 -39.67 -7.32
CA SER B 672 12.47 -38.96 -8.37
C SER B 672 12.10 -39.57 -9.72
N GLN B 673 12.57 -38.96 -10.81
CA GLN B 673 12.32 -39.51 -12.15
C GLN B 673 13.00 -40.86 -12.32
N ALA B 674 14.24 -40.97 -11.83
CA ALA B 674 14.91 -42.26 -11.78
C ALA B 674 14.12 -43.34 -11.02
N ASP B 675 13.62 -43.00 -9.83
CA ASP B 675 12.78 -43.92 -9.04
C ASP B 675 11.50 -44.30 -9.82
N ARG B 676 10.92 -43.36 -10.55
CA ARG B 676 9.74 -43.67 -11.40
C ARG B 676 10.06 -44.81 -12.35
N GLY B 677 11.23 -44.72 -12.96
CA GLY B 677 11.66 -45.72 -13.92
C GLY B 677 11.87 -47.09 -13.29
N GLU B 678 12.51 -47.12 -12.13
N GLU B 678 12.52 -47.15 -12.13
CA GLU B 678 12.68 -48.35 -11.34
CA GLU B 678 12.66 -48.45 -11.41
C GLU B 678 11.31 -48.96 -11.00
C GLU B 678 11.31 -49.00 -10.98
N MET B 679 10.40 -48.13 -10.52
CA MET B 679 9.03 -48.58 -10.14
C MET B 679 8.20 -49.10 -11.32
N TYR B 680 8.40 -48.51 -12.49
CA TYR B 680 7.81 -48.97 -13.74
C TYR B 680 8.30 -50.37 -14.06
N LYS B 681 9.61 -50.58 -13.97
CA LYS B 681 10.15 -51.90 -14.26
C LYS B 681 9.61 -52.98 -13.29
N ASP B 682 9.53 -52.65 -12.01
CA ASP B 682 8.92 -53.52 -10.98
C ASP B 682 7.45 -53.85 -11.30
N TYR B 683 6.67 -52.83 -11.65
CA TYR B 683 5.26 -53.07 -11.97
C TYR B 683 5.12 -54.05 -13.16
N MET B 684 5.77 -53.70 -14.26
CA MET B 684 5.75 -54.52 -15.49
C MET B 684 6.28 -55.95 -15.29
N GLN B 685 7.27 -56.11 -14.43
CA GLN B 685 7.78 -57.47 -14.18
C GLN B 685 6.67 -58.30 -13.54
N SER B 686 5.91 -57.64 -12.66
N SER B 686 5.91 -57.67 -12.63
CA SER B 686 4.80 -58.27 -11.94
CA SER B 686 4.82 -58.38 -11.98
C SER B 686 3.64 -58.68 -12.88
C SER B 686 3.76 -58.80 -13.00
N VAL B 687 3.41 -57.88 -13.92
CA VAL B 687 2.47 -58.20 -14.99
C VAL B 687 3.00 -59.36 -15.84
N ILE B 688 4.24 -59.23 -16.28
CA ILE B 688 4.87 -60.24 -17.11
C ILE B 688 4.86 -61.60 -16.43
N ASP B 689 5.16 -61.61 -15.13
CA ASP B 689 5.18 -62.87 -14.36
C ASP B 689 3.79 -63.51 -14.12
N ASN B 690 2.73 -62.77 -14.35
CA ASN B 690 1.39 -63.29 -14.05
C ASN B 690 0.84 -63.95 -15.32
N PRO B 691 0.59 -65.29 -15.29
CA PRO B 691 0.23 -66.00 -16.52
C PRO B 691 -1.15 -65.66 -17.10
N TYR B 692 -1.97 -64.93 -16.35
CA TYR B 692 -3.29 -64.51 -16.84
C TYR B 692 -3.31 -63.18 -17.63
N PHE B 693 -2.21 -62.43 -17.56
CA PHE B 693 -2.19 -61.13 -18.24
C PHE B 693 -1.59 -61.18 -19.60
N VAL B 694 -2.27 -60.54 -20.54
CA VAL B 694 -1.79 -60.48 -21.93
C VAL B 694 -1.27 -59.09 -22.24
N GLY B 695 -1.19 -58.20 -21.26
CA GLY B 695 -0.75 -56.82 -21.55
C GLY B 695 -0.98 -55.85 -20.40
N ALA B 696 -0.43 -54.64 -20.52
CA ALA B 696 -0.68 -53.56 -19.57
C ALA B 696 -0.40 -52.24 -20.28
N HIS B 697 -1.26 -51.27 -20.03
CA HIS B 697 -1.13 -49.96 -20.61
C HIS B 697 -0.96 -48.98 -19.48
N TRP B 698 -0.10 -48.03 -19.77
CA TRP B 698 0.29 -46.95 -18.86
C TRP B 698 -0.62 -45.75 -19.09
N PHE B 699 -1.11 -45.15 -18.01
CA PHE B 699 -1.96 -43.96 -18.12
C PHE B 699 -1.09 -42.79 -17.62
N GLN B 700 -0.61 -41.89 -18.47
CA GLN B 700 -0.99 -41.69 -19.86
C GLN B 700 0.21 -41.13 -20.64
N TYR B 701 -0.02 -40.74 -21.89
CA TYR B 701 1.07 -40.29 -22.75
C TYR B 701 1.76 -39.01 -22.22
N MET B 702 0.95 -38.02 -21.91
CA MET B 702 1.45 -36.70 -21.45
C MET B 702 1.06 -36.46 -19.99
N ASP B 703 1.79 -35.55 -19.33
CA ASP B 703 1.44 -35.11 -18.01
C ASP B 703 0.10 -34.43 -18.11
N SER B 704 -0.72 -34.54 -17.07
CA SER B 704 -1.89 -33.69 -17.04
C SER B 704 -1.41 -32.25 -16.77
N PRO B 705 -2.22 -31.26 -17.15
CA PRO B 705 -1.89 -29.85 -16.93
C PRO B 705 -1.57 -29.57 -15.49
N LEU B 706 -0.60 -28.68 -15.25
CA LEU B 706 -0.16 -28.31 -13.91
C LEU B 706 -1.30 -27.82 -13.07
N THR B 707 -2.20 -27.08 -13.69
CA THR B 707 -3.34 -26.53 -13.00
C THR B 707 -4.61 -27.36 -13.26
N GLY B 708 -4.43 -28.63 -13.63
CA GLY B 708 -5.52 -29.61 -13.70
C GLY B 708 -6.20 -29.70 -15.07
N ARG B 709 -6.51 -30.94 -15.50
CA ARG B 709 -7.24 -31.12 -16.75
C ARG B 709 -8.64 -30.56 -16.51
N ALA B 710 -9.23 -29.99 -17.54
CA ALA B 710 -10.52 -29.31 -17.42
C ALA B 710 -11.63 -30.22 -16.91
N TYR B 711 -11.57 -31.52 -17.22
CA TYR B 711 -12.62 -32.44 -16.81
C TYR B 711 -12.86 -32.49 -15.30
N ASP B 712 -11.79 -32.53 -14.51
CA ASP B 712 -11.90 -32.85 -13.07
C ASP B 712 -10.69 -32.48 -12.21
N GLY B 713 -9.74 -31.70 -12.75
CA GLY B 713 -8.62 -31.16 -11.96
C GLY B 713 -7.43 -32.07 -11.69
N GLU B 714 -7.45 -33.30 -12.22
CA GLU B 714 -6.27 -34.15 -12.08
C GLU B 714 -5.10 -33.37 -12.66
N ASN B 715 -3.98 -33.32 -11.92
CA ASN B 715 -2.83 -32.47 -12.26
C ASN B 715 -1.50 -33.19 -12.06
N TYR B 716 -1.42 -34.41 -12.63
CA TYR B 716 -0.44 -35.40 -12.24
C TYR B 716 0.82 -35.51 -13.12
N ASN B 717 1.94 -35.90 -12.52
CA ASN B 717 3.15 -36.25 -13.31
C ASN B 717 3.05 -37.67 -13.77
N VAL B 718 2.16 -37.89 -14.74
CA VAL B 718 1.92 -39.26 -15.19
C VAL B 718 2.27 -39.51 -16.64
N GLY B 719 2.94 -38.55 -17.27
CA GLY B 719 3.31 -38.65 -18.67
C GLY B 719 4.62 -39.35 -18.94
N PHE B 720 4.72 -39.97 -20.13
CA PHE B 720 6.03 -40.23 -20.74
C PHE B 720 6.64 -38.95 -21.33
N VAL B 721 5.80 -37.93 -21.58
CA VAL B 721 6.30 -36.62 -22.02
C VAL B 721 5.69 -35.54 -21.14
N ASP B 722 6.41 -34.41 -20.97
CA ASP B 722 5.88 -33.32 -20.20
C ASP B 722 5.07 -32.34 -21.07
N VAL B 723 4.65 -31.22 -20.47
CA VAL B 723 3.80 -30.21 -21.17
C VAL B 723 4.49 -29.65 -22.44
N THR B 724 5.82 -29.69 -22.46
CA THR B 724 6.56 -29.20 -23.63
C THR B 724 6.84 -30.28 -24.63
N ASP B 725 6.24 -31.47 -24.42
CA ASP B 725 6.43 -32.59 -25.35
C ASP B 725 7.89 -33.10 -25.33
N THR B 726 8.56 -32.93 -24.20
CA THR B 726 9.88 -33.53 -24.03
C THR B 726 9.76 -34.85 -23.26
N PRO B 727 10.33 -35.94 -23.81
CA PRO B 727 10.18 -37.24 -23.13
C PRO B 727 10.94 -37.29 -21.80
N TYR B 728 10.38 -37.94 -20.80
CA TYR B 728 11.14 -38.25 -19.61
C TYR B 728 12.04 -39.43 -19.95
N GLN B 729 13.33 -39.17 -20.15
CA GLN B 729 14.25 -40.21 -20.58
C GLN B 729 14.35 -41.37 -19.58
N GLU B 730 14.22 -41.11 -18.27
CA GLU B 730 14.15 -42.20 -17.30
C GLU B 730 12.98 -43.19 -17.61
N MET B 731 11.81 -42.66 -18.02
CA MET B 731 10.67 -43.52 -18.42
C MET B 731 10.95 -44.24 -19.74
N VAL B 732 11.50 -43.52 -20.71
CA VAL B 732 11.91 -44.13 -21.97
C VAL B 732 12.85 -45.32 -21.74
N ASP B 733 13.88 -45.13 -20.91
CA ASP B 733 14.80 -46.26 -20.71
C ASP B 733 14.10 -47.45 -20.05
N ALA B 734 13.21 -47.15 -19.10
CA ALA B 734 12.51 -48.24 -18.37
C ALA B 734 11.62 -49.02 -19.34
N ALA B 735 10.89 -48.31 -20.19
CA ALA B 735 10.02 -48.96 -21.17
C ALA B 735 10.82 -49.80 -22.13
N LYS B 736 11.97 -49.29 -22.59
CA LYS B 736 12.80 -50.05 -23.50
C LYS B 736 13.34 -51.31 -22.81
N GLU B 737 13.74 -51.17 -21.56
CA GLU B 737 14.23 -52.36 -20.84
C GLU B 737 13.14 -53.42 -20.78
N VAL B 738 11.93 -53.02 -20.39
CA VAL B 738 10.79 -53.94 -20.34
C VAL B 738 10.42 -54.52 -21.72
N ASN B 739 10.27 -53.64 -22.70
CA ASN B 739 9.77 -54.04 -24.01
C ASN B 739 10.73 -54.98 -24.78
N ALA B 740 12.03 -54.88 -24.46
CA ALA B 740 13.04 -55.72 -25.10
C ALA B 740 12.94 -57.17 -24.61
N LYS B 741 12.28 -57.38 -23.48
CA LYS B 741 12.18 -58.70 -22.89
C LYS B 741 10.77 -59.29 -22.69
N ILE B 742 9.70 -58.57 -23.06
CA ILE B 742 8.36 -59.11 -22.79
C ILE B 742 8.20 -60.50 -23.40
N TYR B 743 8.80 -60.72 -24.57
CA TYR B 743 8.54 -62.01 -25.22
C TYR B 743 9.47 -63.13 -24.73
N THR B 744 10.75 -62.86 -24.61
CA THR B 744 11.66 -63.87 -24.08
C THR B 744 11.20 -64.30 -22.70
N GLU B 745 10.72 -63.35 -21.90
CA GLU B 745 10.18 -63.64 -20.55
C GLU B 745 8.97 -64.61 -20.51
N ARG B 746 7.90 -64.32 -21.22
CA ARG B 746 6.91 -65.39 -21.44
C ARG B 746 7.35 -65.96 -22.77
N LEU B 747 6.97 -67.17 -23.13
CA LEU B 747 7.50 -67.67 -24.40
C LEU B 747 6.40 -67.87 -25.45
N SER C 2 20.19 -2.60 -64.06
CA SER C 2 20.77 -1.21 -64.10
C SER C 2 19.82 -0.19 -64.74
N HIS C 3 20.07 1.08 -64.44
CA HIS C 3 19.22 2.16 -64.89
C HIS C 3 20.04 3.43 -64.68
N MET C 4 20.64 3.94 -65.75
CA MET C 4 21.48 5.11 -65.64
C MET C 4 20.59 6.34 -65.85
N LEU C 5 20.39 7.09 -64.79
CA LEU C 5 19.40 8.18 -64.79
C LEU C 5 19.97 9.55 -65.19
N PHE C 6 21.08 9.95 -64.60
CA PHE C 6 21.66 11.26 -64.92
C PHE C 6 23.19 11.23 -64.87
N ASP C 7 23.82 11.43 -66.03
CA ASP C 7 25.27 11.59 -66.02
C ASP C 7 25.67 13.01 -66.40
N PHE C 8 24.66 13.85 -66.67
CA PHE C 8 24.84 15.28 -66.97
C PHE C 8 25.75 15.60 -68.15
N GLU C 9 25.90 14.64 -69.05
CA GLU C 9 26.85 14.75 -70.16
C GLU C 9 26.24 15.59 -71.30
N ASN C 10 25.65 16.69 -70.89
CA ASN C 10 25.06 17.71 -71.75
C ASN C 10 25.43 19.03 -71.05
N ASP C 11 25.56 20.12 -71.80
N ASP C 11 25.56 20.11 -71.79
CA ASP C 11 25.86 21.40 -71.15
CA ASP C 11 25.86 21.37 -71.11
C ASP C 11 24.61 22.07 -70.59
C ASP C 11 24.61 22.07 -70.59
N GLN C 12 23.46 21.44 -70.76
CA GLN C 12 22.20 21.95 -70.18
C GLN C 12 21.73 21.10 -68.99
N VAL C 13 21.17 21.77 -67.99
CA VAL C 13 20.60 21.10 -66.81
C VAL C 13 19.32 20.39 -67.25
N PRO C 14 19.10 19.14 -66.83
CA PRO C 14 17.89 18.43 -67.26
C PRO C 14 16.62 19.15 -66.86
N SER C 15 15.58 19.10 -67.70
CA SER C 15 14.32 19.78 -67.41
C SER C 15 13.46 19.04 -66.42
N ASN C 16 13.81 17.81 -66.12
CA ASN C 16 13.03 17.07 -65.16
C ASN C 16 13.50 17.30 -63.73
N ILE C 17 14.49 18.17 -63.55
CA ILE C 17 14.96 18.45 -62.19
C ILE C 17 14.61 19.88 -61.84
N HIS C 18 14.00 20.05 -60.66
CA HIS C 18 13.49 21.33 -60.21
C HIS C 18 14.26 21.79 -59.02
N PHE C 19 14.48 23.10 -58.92
CA PHE C 19 15.30 23.70 -57.85
C PHE C 19 14.54 24.62 -56.94
N LEU C 20 14.81 24.51 -55.64
CA LEU C 20 14.22 25.38 -54.66
C LEU C 20 15.32 26.17 -53.94
N ASN C 21 15.31 27.50 -54.11
CA ASN C 21 16.31 28.35 -53.44
C ASN C 21 17.74 27.86 -53.69
N ALA C 22 18.07 27.61 -54.96
CA ALA C 22 19.35 27.01 -55.31
C ALA C 22 19.61 27.24 -56.80
N ARG C 23 20.85 27.59 -57.15
CA ARG C 23 21.18 27.82 -58.56
C ARG C 23 21.91 26.58 -59.09
N ALA C 24 21.48 26.06 -60.24
CA ALA C 24 22.10 24.87 -60.82
C ALA C 24 22.93 25.22 -62.05
N SER C 25 24.05 24.52 -62.27
CA SER C 25 24.80 24.65 -63.51
C SER C 25 25.50 23.34 -63.81
N ILE C 26 25.93 23.15 -65.06
CA ILE C 26 26.74 21.99 -65.42
C ILE C 26 28.20 22.44 -65.45
N GLU C 27 29.06 21.73 -64.74
N GLU C 27 29.06 21.70 -64.76
CA GLU C 27 30.48 22.05 -64.75
CA GLU C 27 30.47 22.04 -64.60
C GLU C 27 31.29 20.78 -64.78
C GLU C 27 31.32 20.78 -64.71
N THR C 28 32.49 20.89 -65.33
CA THR C 28 33.44 19.81 -65.37
C THR C 28 34.07 19.74 -63.99
N TYR C 29 34.17 18.51 -63.45
CA TYR C 29 34.77 18.27 -62.14
C TYR C 29 35.60 16.96 -62.21
N THR C 30 36.41 16.70 -61.18
CA THR C 30 37.21 15.46 -61.09
C THR C 30 36.35 14.27 -60.62
N GLY C 31 36.09 13.35 -61.54
CA GLY C 31 35.28 12.15 -61.25
C GLY C 31 35.90 11.25 -60.19
N ILE C 32 35.12 10.30 -59.69
CA ILE C 32 35.67 9.31 -58.76
C ILE C 32 36.84 8.52 -59.37
N ASN C 33 36.77 8.27 -60.68
CA ASN C 33 37.84 7.53 -61.36
C ASN C 33 39.05 8.40 -61.82
N GLY C 34 39.05 9.68 -61.43
CA GLY C 34 40.13 10.57 -61.84
C GLY C 34 39.89 11.26 -63.18
N GLU C 35 38.91 10.79 -63.94
CA GLU C 35 38.58 11.37 -65.26
C GLU C 35 37.71 12.63 -65.10
N PRO C 36 37.90 13.66 -65.96
CA PRO C 36 36.91 14.74 -65.95
C PRO C 36 35.55 14.22 -66.33
N SER C 37 34.53 14.80 -65.72
CA SER C 37 33.17 14.48 -66.06
C SER C 37 32.33 15.71 -65.86
N LYS C 38 31.21 15.79 -66.56
CA LYS C 38 30.24 16.89 -66.36
C LYS C 38 29.38 16.51 -65.18
N GLY C 39 29.23 17.46 -64.25
CA GLY C 39 28.45 17.25 -63.03
C GLY C 39 27.46 18.39 -62.82
N LEU C 40 26.42 18.13 -62.03
CA LEU C 40 25.46 19.16 -61.70
C LEU C 40 25.93 19.89 -60.47
N LYS C 41 26.31 21.15 -60.65
CA LYS C 41 26.71 21.98 -59.49
C LYS C 41 25.47 22.66 -58.91
N LEU C 42 25.23 22.42 -57.64
CA LEU C 42 24.05 22.95 -57.00
C LEU C 42 24.46 23.90 -55.89
N ALA C 43 24.26 25.19 -56.13
CA ALA C 43 24.63 26.20 -55.15
C ALA C 43 23.39 26.59 -54.36
N MET C 44 23.26 26.01 -53.17
CA MET C 44 22.06 26.21 -52.37
C MET C 44 22.19 27.49 -51.56
N GLN C 45 21.12 28.29 -51.57
CA GLN C 45 21.06 29.60 -50.87
C GLN C 45 20.57 29.37 -49.44
N SER C 46 21.29 28.45 -48.78
CA SER C 46 20.84 27.86 -47.51
C SER C 46 21.15 28.70 -46.28
N LYS C 47 21.91 29.79 -46.45
CA LYS C 47 22.05 30.74 -45.34
C LYS C 47 20.75 31.54 -45.19
N GLN C 48 20.26 32.10 -46.29
N GLN C 48 20.24 32.10 -46.28
CA GLN C 48 19.00 32.86 -46.21
CA GLN C 48 19.01 32.87 -46.18
C GLN C 48 17.78 31.97 -46.06
C GLN C 48 17.76 31.99 -46.08
N HIS C 49 17.77 30.83 -46.76
CA HIS C 49 16.57 29.98 -46.83
C HIS C 49 16.70 28.66 -46.12
N SER C 50 15.70 28.38 -45.27
CA SER C 50 15.73 27.21 -44.39
C SER C 50 15.39 25.91 -45.13
N TYR C 51 14.88 26.02 -46.35
CA TYR C 51 14.76 24.84 -47.20
C TYR C 51 15.30 25.13 -48.58
N THR C 52 16.26 24.33 -49.03
CA THR C 52 16.87 24.47 -50.36
C THR C 52 17.11 23.11 -50.97
N GLY C 53 17.25 23.02 -52.28
CA GLY C 53 17.58 21.73 -52.84
C GLY C 53 16.98 21.53 -54.20
N LEU C 54 16.86 20.25 -54.57
CA LEU C 54 16.40 19.88 -55.88
C LEU C 54 15.40 18.75 -55.75
N ALA C 55 14.64 18.59 -56.81
CA ALA C 55 13.66 17.57 -56.89
C ALA C 55 13.58 17.03 -58.31
N ILE C 56 13.72 15.72 -58.42
CA ILE C 56 13.61 15.00 -59.68
C ILE C 56 12.20 14.46 -59.83
N VAL C 57 11.53 14.89 -60.92
CA VAL C 57 10.13 14.52 -61.17
C VAL C 57 10.01 14.07 -62.61
N PRO C 58 10.02 12.74 -62.82
CA PRO C 58 9.91 12.19 -64.15
C PRO C 58 8.50 12.42 -64.70
N GLU C 59 8.38 12.35 -66.03
CA GLU C 59 7.09 12.66 -66.67
C GLU C 59 6.02 11.68 -66.19
N GLN C 60 6.41 10.40 -66.05
CA GLN C 60 5.58 9.37 -65.42
C GLN C 60 6.43 8.74 -64.34
N PRO C 61 5.83 8.25 -63.24
CA PRO C 61 6.62 7.54 -62.21
C PRO C 61 7.47 6.40 -62.77
N TRP C 62 8.67 6.25 -62.23
CA TRP C 62 9.56 5.19 -62.64
C TRP C 62 9.03 3.85 -62.15
N ASP C 63 8.97 2.88 -63.07
CA ASP C 63 8.59 1.51 -62.73
C ASP C 63 9.88 0.69 -62.54
N TRP C 64 10.27 0.56 -61.26
CA TRP C 64 11.46 -0.17 -60.86
C TRP C 64 11.04 -1.43 -60.11
N SER C 65 9.83 -1.92 -60.39
CA SER C 65 9.33 -3.06 -59.63
C SER C 65 10.11 -4.33 -59.96
N GLU C 66 10.81 -4.33 -61.08
CA GLU C 66 11.71 -5.44 -61.41
C GLU C 66 13.02 -5.42 -60.60
N PHE C 67 13.34 -4.27 -60.00
CA PHE C 67 14.56 -4.14 -59.20
C PHE C 67 14.32 -4.64 -57.77
N THR C 68 14.30 -5.96 -57.59
CA THR C 68 13.90 -6.58 -56.32
C THR C 68 14.97 -6.56 -55.22
N SER C 69 16.22 -6.30 -55.61
CA SER C 69 17.31 -6.12 -54.63
C SER C 69 18.29 -5.10 -55.21
N ALA C 70 17.99 -3.81 -54.99
CA ALA C 70 18.71 -2.74 -55.66
C ALA C 70 18.80 -1.43 -54.84
N SER C 71 19.76 -0.58 -55.21
CA SER C 71 19.92 0.72 -54.54
C SER C 71 20.05 1.84 -55.55
N LEU C 72 19.68 3.02 -55.10
CA LEU C 72 19.88 4.28 -55.83
C LEU C 72 21.24 4.85 -55.44
N TYR C 73 22.08 5.15 -56.41
CA TYR C 73 23.40 5.63 -56.15
C TYR C 73 23.49 7.04 -56.65
N PHE C 74 24.33 7.86 -56.01
CA PHE C 74 24.69 9.20 -56.46
C PHE C 74 26.18 9.36 -56.24
N ASP C 75 26.85 10.10 -57.12
CA ASP C 75 28.20 10.52 -56.78
C ASP C 75 28.05 11.96 -56.29
N ILE C 76 28.63 12.28 -55.14
CA ILE C 76 28.42 13.61 -54.57
C ILE C 76 29.70 14.10 -53.86
N VAL C 77 29.91 15.41 -53.88
CA VAL C 77 30.97 16.04 -53.10
C VAL C 77 30.50 17.44 -52.74
N SER C 78 31.01 17.99 -51.62
CA SER C 78 30.80 19.42 -51.34
C SER C 78 31.95 20.27 -51.85
N VAL C 79 31.65 21.54 -52.13
CA VAL C 79 32.64 22.50 -52.63
C VAL C 79 32.73 23.72 -51.71
N GLY C 80 33.94 24.19 -51.43
CA GLY C 80 34.10 25.40 -50.61
C GLY C 80 34.47 25.05 -49.18
N ASP C 81 33.90 25.79 -48.25
CA ASP C 81 34.37 25.81 -46.87
C ASP C 81 33.62 24.88 -45.93
N HIS C 82 32.53 24.29 -46.40
CA HIS C 82 31.60 23.63 -45.49
C HIS C 82 31.19 22.30 -46.04
N SER C 83 31.09 21.32 -45.16
CA SER C 83 30.43 20.06 -45.52
C SER C 83 28.92 20.29 -45.61
N THR C 84 28.21 19.32 -46.18
CA THR C 84 26.80 19.47 -46.46
C THR C 84 26.09 18.23 -45.95
N GLN C 85 25.05 18.38 -45.14
CA GLN C 85 24.24 17.22 -44.81
C GLN C 85 23.08 17.20 -45.77
N PHE C 86 23.03 16.17 -46.64
CA PHE C 86 21.90 16.05 -47.56
C PHE C 86 20.80 15.23 -46.92
N TYR C 87 19.56 15.69 -47.09
CA TYR C 87 18.40 14.88 -46.82
C TYR C 87 17.90 14.32 -48.15
N LEU C 88 17.82 12.99 -48.24
CA LEU C 88 17.30 12.31 -49.41
C LEU C 88 15.85 11.88 -49.11
N ASP C 89 14.88 12.43 -49.86
CA ASP C 89 13.49 11.96 -49.73
C ASP C 89 13.04 11.31 -51.01
N VAL C 90 12.54 10.08 -50.89
CA VAL C 90 12.05 9.33 -52.07
C VAL C 90 10.56 9.12 -51.84
N THR C 91 9.74 9.51 -52.82
CA THR C 91 8.27 9.40 -52.69
C THR C 91 7.71 8.54 -53.85
N ASP C 92 6.83 7.61 -53.50
CA ASP C 92 6.14 6.79 -54.50
C ASP C 92 4.80 7.38 -55.01
N GLN C 93 4.16 6.71 -55.97
CA GLN C 93 2.93 7.25 -56.57
C GLN C 93 1.76 7.33 -55.59
N ASN C 94 1.90 6.67 -54.44
CA ASN C 94 0.88 6.65 -53.42
C ASN C 94 1.14 7.69 -52.34
N GLY C 95 2.28 8.38 -52.43
CA GLY C 95 2.64 9.39 -51.44
C GLY C 95 3.39 8.90 -50.19
N ALA C 96 3.73 7.60 -50.16
CA ALA C 96 4.58 7.06 -49.10
C ALA C 96 5.99 7.57 -49.37
N VAL C 97 6.69 7.97 -48.32
CA VAL C 97 8.00 8.60 -48.45
C VAL C 97 8.95 7.95 -47.45
N PHE C 98 10.21 7.81 -47.82
CA PHE C 98 11.27 7.63 -46.82
C PHE C 98 12.33 8.71 -46.90
N THR C 99 12.96 8.95 -45.76
CA THR C 99 14.08 9.88 -45.62
C THR C 99 15.34 9.16 -45.16
N ARG C 100 16.39 9.29 -45.95
CA ARG C 100 17.72 8.95 -45.51
C ARG C 100 18.56 10.23 -45.49
N SER C 101 19.74 10.17 -44.86
CA SER C 101 20.61 11.36 -44.75
C SER C 101 22.09 10.97 -44.56
N ILE C 102 22.98 11.84 -44.98
N ILE C 102 22.99 11.84 -44.98
CA ILE C 102 24.42 11.62 -44.74
CA ILE C 102 24.43 11.59 -44.77
C ILE C 102 25.16 12.95 -44.86
C ILE C 102 25.21 12.89 -44.98
N ASP C 103 26.38 12.99 -44.35
CA ASP C 103 27.29 14.12 -44.55
C ASP C 103 27.99 13.96 -45.88
N ILE C 104 28.20 15.09 -46.56
CA ILE C 104 28.91 15.11 -47.82
C ILE C 104 30.10 16.02 -47.57
N PRO C 105 31.30 15.42 -47.40
CA PRO C 105 32.50 16.19 -47.14
C PRO C 105 32.96 16.96 -48.37
N VAL C 106 33.84 17.92 -48.14
CA VAL C 106 34.57 18.58 -49.20
C VAL C 106 35.73 17.62 -49.51
N GLY C 107 36.28 17.67 -50.71
CA GLY C 107 37.46 16.85 -50.98
C GLY C 107 37.18 16.06 -52.24
N LYS C 108 37.37 14.74 -52.21
CA LYS C 108 37.13 13.88 -53.42
C LYS C 108 35.68 13.48 -53.63
N MET C 109 35.30 13.31 -54.91
CA MET C 109 33.98 12.75 -55.20
C MET C 109 33.90 11.36 -54.54
N GLN C 110 32.77 11.06 -53.92
CA GLN C 110 32.51 9.71 -53.41
C GLN C 110 31.14 9.19 -53.86
N SER C 111 30.95 7.87 -53.79
CA SER C 111 29.67 7.27 -54.14
C SER C 111 28.86 6.96 -52.93
N TYR C 112 27.56 7.26 -53.04
CA TYR C 112 26.57 7.17 -51.97
C TYR C 112 25.38 6.35 -52.44
N TYR C 113 24.84 5.50 -51.58
CA TYR C 113 23.72 4.67 -52.02
C TYR C 113 22.59 4.61 -51.01
N ALA C 114 21.39 4.51 -51.57
CA ALA C 114 20.17 4.39 -50.76
C ALA C 114 19.45 3.13 -51.25
N LYS C 115 19.32 2.15 -50.36
CA LYS C 115 18.60 0.91 -50.72
C LYS C 115 17.15 1.14 -51.08
N LEU C 116 16.71 0.56 -52.19
CA LEU C 116 15.28 0.60 -52.48
C LEU C 116 14.58 -0.72 -52.14
N SER C 117 15.34 -1.79 -52.10
CA SER C 117 14.78 -3.14 -51.93
C SER C 117 15.86 -4.10 -51.53
N GLY C 118 15.47 -5.18 -50.85
CA GLY C 118 16.43 -6.25 -50.64
C GLY C 118 17.16 -6.16 -49.31
N HIS C 119 17.95 -7.19 -49.02
CA HIS C 119 18.82 -7.23 -47.86
C HIS C 119 18.06 -6.91 -46.58
N ASP C 120 18.51 -5.93 -45.82
CA ASP C 120 17.89 -5.61 -44.56
C ASP C 120 16.55 -4.86 -44.66
N LEU C 121 16.08 -4.56 -45.88
CA LEU C 121 14.73 -4.03 -46.08
C LEU C 121 13.68 -5.13 -46.19
N GLU C 122 14.11 -6.37 -46.41
CA GLU C 122 13.14 -7.44 -46.71
C GLU C 122 12.17 -7.63 -45.56
N VAL C 123 12.70 -7.78 -44.36
CA VAL C 123 11.89 -7.66 -43.16
C VAL C 123 12.36 -6.36 -42.49
N PRO C 124 11.63 -5.25 -42.78
CA PRO C 124 12.12 -3.86 -42.57
C PRO C 124 12.34 -3.46 -41.10
N ASP C 125 11.40 -3.83 -40.24
CA ASP C 125 11.42 -3.54 -38.81
C ASP C 125 10.59 -4.60 -38.07
N SER C 126 10.15 -4.30 -36.84
CA SER C 126 9.23 -5.18 -36.09
C SER C 126 7.79 -5.19 -36.64
N GLY C 127 7.37 -4.07 -37.25
CA GLY C 127 6.00 -3.92 -37.74
C GLY C 127 5.33 -2.67 -37.23
N ASP C 128 5.78 -2.20 -36.06
CA ASP C 128 5.27 -0.97 -35.41
C ASP C 128 5.53 0.29 -36.23
N VAL C 129 4.49 1.13 -36.33
CA VAL C 129 4.58 2.45 -36.99
C VAL C 129 5.61 3.41 -36.33
N ASN C 130 5.78 3.33 -35.01
CA ASN C 130 6.76 4.15 -34.27
C ASN C 130 8.17 3.54 -34.18
N ASP C 131 8.34 2.34 -34.73
CA ASP C 131 9.63 1.66 -34.80
C ASP C 131 10.43 2.16 -36.01
N LEU C 132 11.27 3.16 -35.77
CA LEU C 132 12.07 3.81 -36.80
C LEU C 132 13.33 3.00 -37.12
N ASN C 133 13.59 1.92 -36.38
CA ASN C 133 14.80 1.10 -36.58
C ASN C 133 14.66 0.13 -37.76
N LEU C 134 15.78 -0.51 -38.13
CA LEU C 134 15.77 -1.69 -38.99
C LEU C 134 15.56 -2.88 -38.01
N ALA C 135 15.29 -4.08 -38.55
CA ALA C 135 14.95 -5.26 -37.72
C ALA C 135 15.98 -5.59 -36.66
N SER C 136 17.24 -5.30 -36.98
CA SER C 136 18.38 -5.49 -36.06
C SER C 136 18.24 -4.82 -34.69
N GLY C 137 17.40 -3.78 -34.60
CA GLY C 137 17.32 -2.98 -33.38
C GLY C 137 18.30 -1.82 -33.39
N LEU C 138 18.93 -1.56 -34.54
CA LEU C 138 19.84 -0.41 -34.73
C LEU C 138 19.09 0.60 -35.57
N ARG C 139 19.27 1.88 -35.30
CA ARG C 139 18.58 2.88 -36.09
C ARG C 139 19.10 2.82 -37.51
N SER C 140 20.42 2.63 -37.65
CA SER C 140 21.00 2.29 -38.97
C SER C 140 22.05 1.19 -38.79
N ASN C 141 22.11 0.30 -39.78
CA ASN C 141 22.90 -0.91 -39.69
C ASN C 141 24.25 -0.69 -40.27
N PRO C 142 25.18 -1.60 -39.91
CA PRO C 142 26.38 -1.79 -40.72
C PRO C 142 25.93 -2.02 -42.16
N PRO C 143 26.77 -1.70 -43.16
CA PRO C 143 26.38 -2.10 -44.50
C PRO C 143 26.23 -3.63 -44.68
N THR C 144 25.42 -4.04 -45.64
CA THR C 144 25.16 -5.46 -45.93
C THR C 144 26.13 -6.00 -46.98
N TRP C 145 27.06 -5.15 -47.42
CA TRP C 145 28.19 -5.59 -48.24
C TRP C 145 29.37 -4.70 -47.97
N THR C 146 30.53 -5.10 -48.50
CA THR C 146 31.77 -4.37 -48.34
C THR C 146 32.13 -3.59 -49.61
N SER C 147 32.28 -2.26 -49.44
CA SER C 147 32.69 -1.36 -50.49
C SER C 147 33.21 -0.05 -49.85
N ASP C 148 33.97 0.72 -50.61
CA ASP C 148 34.34 2.05 -50.12
C ASP C 148 33.16 3.05 -50.22
N ASP C 149 32.23 2.78 -51.14
CA ASP C 149 30.98 3.58 -51.28
C ASP C 149 30.31 3.80 -49.93
N ARG C 150 29.52 4.87 -49.81
CA ARG C 150 28.95 5.25 -48.53
C ARG C 150 27.43 5.06 -48.55
N GLN C 151 26.91 4.42 -47.51
CA GLN C 151 25.47 4.23 -47.39
C GLN C 151 24.81 5.45 -46.77
N PHE C 152 23.80 6.00 -47.45
CA PHE C 152 22.89 6.99 -46.87
C PHE C 152 22.28 6.34 -45.63
N VAL C 153 22.24 7.07 -44.54
CA VAL C 153 21.85 6.51 -43.24
C VAL C 153 20.34 6.56 -43.13
N TRP C 154 19.76 5.54 -42.51
CA TRP C 154 18.33 5.49 -42.26
C TRP C 154 17.92 6.54 -41.24
N MET C 155 16.86 7.32 -41.55
CA MET C 155 16.29 8.33 -40.62
C MET C 155 14.85 7.99 -40.20
N TRP C 156 13.89 7.99 -41.15
CA TRP C 156 12.47 7.70 -40.82
C TRP C 156 11.69 7.44 -42.10
N GLY C 157 10.47 6.92 -41.95
CA GLY C 157 9.51 6.78 -43.04
C GLY C 157 9.21 5.34 -43.40
N VAL C 158 8.78 5.13 -44.65
CA VAL C 158 8.36 3.84 -45.15
C VAL C 158 9.56 3.14 -45.83
N LYS C 159 9.99 2.03 -45.24
CA LYS C 159 11.12 1.26 -45.74
C LYS C 159 10.91 0.72 -47.14
N ASN C 160 9.72 0.15 -47.37
CA ASN C 160 9.40 -0.48 -48.64
C ASN C 160 8.34 0.32 -49.41
N LEU C 161 8.81 1.13 -50.34
CA LEU C 161 7.92 1.92 -51.18
C LEU C 161 7.31 1.05 -52.29
N ASP C 162 6.30 1.59 -52.96
CA ASP C 162 5.74 0.93 -54.13
C ASP C 162 6.64 1.19 -55.32
N LEU C 163 7.56 0.25 -55.54
CA LEU C 163 8.60 0.41 -56.57
C LEU C 163 8.04 0.45 -57.99
N SER C 164 6.79 0.04 -58.15
CA SER C 164 6.16 0.07 -59.48
C SER C 164 5.85 1.52 -59.88
N GLY C 165 6.04 2.45 -58.95
CA GLY C 165 5.75 3.86 -59.20
C GLY C 165 6.51 4.79 -58.27
N ILE C 166 7.76 5.11 -58.62
CA ILE C 166 8.55 6.11 -57.88
C ILE C 166 8.34 7.47 -58.54
N ALA C 167 7.79 8.40 -57.77
CA ALA C 167 7.24 9.64 -58.31
C ALA C 167 8.21 10.84 -58.19
N LYS C 168 9.10 10.80 -57.20
CA LYS C 168 9.96 11.98 -56.92
C LYS C 168 11.18 11.56 -56.09
N ILE C 169 12.34 12.15 -56.41
CA ILE C 169 13.55 12.00 -55.59
C ILE C 169 13.99 13.43 -55.26
N SER C 170 14.15 13.70 -53.97
CA SER C 170 14.53 15.01 -53.52
C SER C 170 15.85 14.98 -52.73
N LEU C 171 16.73 15.95 -52.98
CA LEU C 171 17.90 16.13 -52.13
C LEU C 171 17.86 17.54 -51.59
N SER C 172 17.87 17.70 -50.26
CA SER C 172 17.69 18.99 -49.66
C SER C 172 18.64 19.31 -48.52
N VAL C 173 18.89 20.60 -48.35
CA VAL C 173 19.63 21.14 -47.22
C VAL C 173 18.65 22.02 -46.41
N GLN C 174 18.57 21.75 -45.12
CA GLN C 174 17.55 22.29 -44.25
C GLN C 174 18.19 23.01 -43.06
N SER C 175 17.69 24.22 -42.77
CA SER C 175 18.11 25.03 -41.62
C SER C 175 19.63 25.11 -41.44
N ALA C 176 20.36 25.44 -42.50
CA ALA C 176 21.79 25.62 -42.42
C ALA C 176 22.12 27.01 -41.91
N MET C 177 23.37 27.21 -41.51
CA MET C 177 23.89 28.53 -41.09
C MET C 177 24.74 29.13 -42.23
N HIS C 178 24.98 28.33 -43.27
CA HIS C 178 25.81 28.73 -44.41
C HIS C 178 25.23 28.26 -45.73
N ASP C 179 25.53 29.02 -46.79
CA ASP C 179 25.28 28.52 -48.14
C ASP C 179 26.11 27.25 -48.33
N LYS C 180 25.50 26.19 -48.87
CA LYS C 180 26.20 24.93 -49.18
C LYS C 180 26.19 24.69 -50.68
N THR C 181 27.30 24.18 -51.20
CA THR C 181 27.43 23.91 -52.64
C THR C 181 27.92 22.49 -52.80
N VAL C 182 27.24 21.72 -53.64
CA VAL C 182 27.67 20.39 -54.01
C VAL C 182 27.81 20.20 -55.54
N ILE C 183 28.47 19.12 -55.92
CA ILE C 183 28.41 18.67 -57.30
C ILE C 183 27.88 17.27 -57.20
N ILE C 184 26.95 16.94 -58.09
CA ILE C 184 26.28 15.64 -58.13
C ILE C 184 26.48 15.07 -59.53
N ASP C 185 26.66 13.75 -59.61
CA ASP C 185 26.83 13.08 -60.90
C ASP C 185 26.42 11.62 -60.81
N ASN C 186 26.22 10.99 -61.97
CA ASN C 186 26.04 9.55 -62.06
C ASN C 186 24.94 9.04 -61.15
N ILE C 187 23.72 9.58 -61.34
CA ILE C 187 22.59 9.10 -60.60
C ILE C 187 22.12 7.83 -61.32
N ARG C 188 22.00 6.75 -60.56
CA ARG C 188 21.67 5.46 -61.20
C ARG C 188 21.03 4.52 -60.22
N ILE C 189 20.42 3.46 -60.75
CA ILE C 189 19.97 2.29 -59.97
C ILE C 189 20.85 1.12 -60.35
N GLN C 190 21.39 0.43 -59.35
CA GLN C 190 22.28 -0.74 -59.53
C GLN C 190 21.74 -1.85 -58.63
N PRO C 191 21.74 -3.13 -59.10
CA PRO C 191 21.37 -4.19 -58.15
C PRO C 191 22.40 -4.28 -57.02
N ASN C 192 21.93 -4.65 -55.83
CA ASN C 192 22.81 -4.84 -54.68
C ASN C 192 23.78 -6.02 -54.89
N PRO C 193 25.03 -5.88 -54.42
CA PRO C 193 25.94 -7.03 -54.31
C PRO C 193 25.28 -8.08 -53.42
N PRO C 194 25.86 -9.30 -53.36
CA PRO C 194 25.28 -10.31 -52.47
C PRO C 194 25.37 -9.85 -51.03
N GLN C 195 24.33 -10.13 -50.23
CA GLN C 195 24.31 -9.76 -48.80
C GLN C 195 25.33 -10.56 -48.02
N ASP C 196 26.15 -9.87 -47.23
CA ASP C 196 27.10 -10.52 -46.34
C ASP C 196 26.32 -11.13 -45.14
N GLU C 197 26.39 -12.46 -45.08
N GLU C 197 26.28 -12.47 -45.03
CA GLU C 197 25.78 -13.32 -44.07
CA GLU C 197 25.47 -13.09 -43.94
C GLU C 197 26.05 -12.85 -42.63
C GLU C 197 26.02 -12.84 -42.53
N ASN C 198 27.27 -12.38 -42.41
CA ASN C 198 27.79 -11.95 -41.10
C ASN C 198 27.74 -10.43 -40.89
N PHE C 199 26.95 -9.70 -41.67
CA PHE C 199 26.90 -8.22 -41.46
C PHE C 199 26.40 -7.80 -40.05
N LEU C 200 25.64 -8.64 -39.37
CA LEU C 200 25.27 -8.35 -37.99
C LEU C 200 26.00 -9.19 -36.92
N VAL C 201 27.03 -9.92 -37.33
CA VAL C 201 27.72 -10.89 -36.44
C VAL C 201 29.05 -10.27 -35.98
N GLY C 202 29.34 -10.32 -34.68
CA GLY C 202 30.69 -9.92 -34.23
C GLY C 202 30.91 -8.40 -34.39
N LEU C 203 29.88 -7.64 -34.05
CA LEU C 203 29.90 -6.18 -34.19
C LEU C 203 30.70 -5.48 -33.12
N VAL C 204 30.70 -6.04 -31.90
CA VAL C 204 31.17 -5.33 -30.70
C VAL C 204 32.31 -6.11 -30.04
N ASP C 205 33.42 -5.43 -29.75
CA ASP C 205 34.51 -6.03 -28.95
C ASP C 205 34.26 -5.98 -27.44
N GLU C 206 35.25 -6.36 -26.65
CA GLU C 206 35.04 -6.45 -25.19
C GLU C 206 34.90 -5.08 -24.55
N PHE C 207 35.26 -4.03 -25.28
CA PHE C 207 35.17 -2.65 -24.76
C PHE C 207 33.91 -1.92 -25.26
N GLY C 208 33.11 -2.64 -26.03
CA GLY C 208 31.92 -2.05 -26.63
C GLY C 208 32.17 -1.29 -27.93
N GLN C 209 33.38 -1.44 -28.50
CA GLN C 209 33.74 -0.71 -29.72
C GLN C 209 33.40 -1.53 -30.96
N ASN C 210 33.27 -0.83 -32.09
CA ASN C 210 33.16 -1.46 -33.40
C ASN C 210 34.36 -2.43 -33.61
N ALA C 211 34.10 -3.72 -33.63
CA ALA C 211 35.17 -4.74 -33.63
C ALA C 211 35.82 -4.84 -35.00
N LYS C 212 35.08 -4.52 -36.05
CA LYS C 212 35.54 -4.75 -37.42
C LYS C 212 36.34 -3.60 -38.02
N VAL C 213 36.24 -2.40 -37.47
CA VAL C 213 36.92 -1.23 -38.04
C VAL C 213 37.99 -0.69 -37.07
N ASP C 214 39.22 -0.42 -37.54
CA ASP C 214 40.20 0.34 -36.69
C ASP C 214 40.00 1.80 -37.05
N TYR C 215 39.86 2.64 -36.06
CA TYR C 215 39.74 4.03 -36.37
C TYR C 215 40.70 4.73 -35.45
N LYS C 216 40.98 5.98 -35.78
CA LYS C 216 41.83 6.79 -34.93
C LYS C 216 41.22 6.90 -33.55
N GLY C 217 42.02 6.59 -32.53
CA GLY C 217 41.56 6.67 -31.14
C GLY C 217 40.96 5.39 -30.57
N LYS C 218 40.78 4.38 -31.43
CA LYS C 218 40.28 3.08 -30.93
C LYS C 218 41.26 2.44 -29.91
N ILE C 219 40.72 1.94 -28.82
CA ILE C 219 41.47 1.22 -27.77
C ILE C 219 41.67 -0.24 -28.16
N HIS C 220 42.93 -0.67 -28.20
CA HIS C 220 43.23 -2.03 -28.61
C HIS C 220 43.61 -2.94 -27.42
N SER C 221 43.83 -2.32 -26.26
CA SER C 221 44.13 -3.08 -25.04
C SER C 221 43.82 -2.26 -23.80
N LEU C 222 43.71 -2.98 -22.69
CA LEU C 222 43.53 -2.37 -21.37
C LEU C 222 44.63 -1.35 -21.10
N GLU C 223 45.85 -1.68 -21.51
CA GLU C 223 47.00 -0.78 -21.29
C GLU C 223 46.81 0.57 -21.97
N GLU C 224 46.33 0.55 -23.22
CA GLU C 224 46.06 1.79 -23.94
C GLU C 224 44.95 2.57 -23.25
N LEU C 225 43.97 1.87 -22.69
CA LEU C 225 42.86 2.57 -21.99
C LEU C 225 43.37 3.27 -20.72
N HIS C 226 44.13 2.54 -19.91
CA HIS C 226 44.73 3.13 -18.73
C HIS C 226 45.63 4.29 -19.08
N ALA C 227 46.34 4.19 -20.20
CA ALA C 227 47.21 5.29 -20.64
C ALA C 227 46.37 6.51 -21.00
N ALA C 228 45.29 6.31 -21.72
CA ALA C 228 44.38 7.43 -22.04
C ALA C 228 43.87 8.09 -20.77
N ARG C 229 43.49 7.27 -19.79
CA ARG C 229 43.03 7.74 -18.47
C ARG C 229 44.10 8.62 -17.81
N ASP C 230 45.32 8.09 -17.69
CA ASP C 230 46.43 8.82 -17.01
C ASP C 230 46.67 10.18 -17.65
N VAL C 231 46.66 10.22 -18.98
CA VAL C 231 46.86 11.50 -19.69
C VAL C 231 45.80 12.55 -19.32
N GLU C 232 44.53 12.16 -19.36
CA GLU C 232 43.46 13.09 -19.05
C GLU C 232 43.49 13.51 -17.58
N LEU C 233 43.72 12.58 -16.66
CA LEU C 233 43.62 12.88 -15.24
C LEU C 233 44.68 13.90 -14.85
N ALA C 234 45.81 13.84 -15.55
CA ALA C 234 46.92 14.76 -15.32
C ALA C 234 46.56 16.19 -15.68
N GLU C 235 45.60 16.39 -16.59
CA GLU C 235 45.18 17.75 -16.93
C GLU C 235 43.92 18.24 -16.20
N LEU C 236 43.17 17.35 -15.56
CA LEU C 236 42.00 17.79 -14.77
C LEU C 236 42.38 18.25 -13.36
N ASP C 237 42.36 19.55 -13.10
CA ASP C 237 42.70 20.08 -11.76
C ASP C 237 41.49 20.59 -10.96
N GLY C 238 40.27 20.41 -11.49
CA GLY C 238 39.09 20.96 -10.84
C GLY C 238 38.88 22.45 -10.97
N LYS C 239 39.73 23.15 -11.72
CA LYS C 239 39.58 24.62 -11.83
C LYS C 239 38.58 25.03 -12.92
N PRO C 240 37.62 25.90 -12.57
CA PRO C 240 36.70 26.48 -13.59
C PRO C 240 37.40 27.44 -14.51
N MET C 241 36.77 27.77 -15.64
CA MET C 241 37.23 28.92 -16.42
C MET C 241 37.26 30.19 -15.53
N PRO C 242 38.15 31.14 -15.84
CA PRO C 242 38.31 32.28 -14.93
C PRO C 242 37.12 33.26 -14.89
N SER C 243 37.08 34.08 -13.84
CA SER C 243 36.21 35.27 -13.79
C SER C 243 34.73 34.95 -13.61
N ARG C 244 34.43 33.74 -13.14
CA ARG C 244 33.08 33.35 -12.79
C ARG C 244 32.81 33.28 -11.32
N SER C 245 31.53 33.46 -10.98
CA SER C 245 31.06 33.35 -9.63
C SER C 245 31.06 31.90 -9.18
N LYS C 246 30.85 31.69 -7.89
CA LYS C 246 30.70 30.39 -7.30
C LYS C 246 29.73 29.52 -8.14
N PHE C 247 28.63 30.13 -8.60
CA PHE C 247 27.61 29.40 -9.34
C PHE C 247 27.78 29.40 -10.87
N GLY C 248 28.92 29.85 -11.37
CA GLY C 248 29.21 29.87 -12.82
C GLY C 248 28.74 31.10 -13.60
N GLY C 249 28.20 32.10 -12.88
CA GLY C 249 27.80 33.39 -13.45
C GLY C 249 28.99 34.31 -13.68
N TRP C 250 28.74 35.47 -14.28
CA TRP C 250 29.84 36.30 -14.82
C TRP C 250 30.16 37.43 -13.83
N LEU C 251 31.36 37.40 -13.26
CA LEU C 251 31.69 38.36 -12.17
C LEU C 251 31.66 39.83 -12.63
N ALA C 252 31.93 40.09 -13.92
CA ALA C 252 31.95 41.45 -14.43
C ALA C 252 30.55 42.02 -14.49
N GLY C 253 29.54 41.19 -14.26
CA GLY C 253 28.16 41.72 -14.18
C GLY C 253 27.59 42.15 -15.53
N PRO C 254 26.59 43.05 -15.52
CA PRO C 254 26.11 43.78 -14.35
C PRO C 254 25.54 42.87 -13.25
N LYS C 255 25.85 43.20 -12.00
CA LYS C 255 25.36 42.40 -10.87
C LYS C 255 23.97 42.89 -10.52
N LEU C 256 23.03 41.96 -10.40
CA LEU C 256 21.61 42.27 -10.26
C LEU C 256 21.11 41.78 -8.91
N LYS C 257 19.82 41.94 -8.63
CA LYS C 257 19.25 41.40 -7.39
C LYS C 257 19.55 39.91 -7.17
N ALA C 258 19.95 39.60 -5.94
CA ALA C 258 20.34 38.27 -5.55
C ALA C 258 19.23 37.67 -4.69
N THR C 259 18.52 36.68 -5.23
CA THR C 259 17.40 36.09 -4.48
C THR C 259 17.78 34.79 -3.76
N GLY C 260 19.00 34.29 -3.99
CA GLY C 260 19.41 33.00 -3.44
C GLY C 260 19.01 31.83 -4.35
N TYR C 261 18.41 32.13 -5.51
CA TYR C 261 17.96 31.09 -6.45
C TYR C 261 18.22 31.57 -7.86
N PHE C 262 18.45 30.64 -8.79
CA PHE C 262 18.51 31.02 -10.20
C PHE C 262 17.17 31.59 -10.65
N ARG C 263 17.24 32.64 -11.48
CA ARG C 263 16.05 33.36 -11.94
C ARG C 263 16.35 33.97 -13.31
N THR C 264 15.36 34.67 -13.89
CA THR C 264 15.56 35.25 -15.22
C THR C 264 15.53 36.77 -15.14
N GLU C 265 16.23 37.41 -16.06
CA GLU C 265 16.14 38.85 -16.24
C GLU C 265 16.67 39.23 -17.63
N LYS C 266 16.07 40.25 -18.25
CA LYS C 266 16.53 40.76 -19.52
C LYS C 266 17.61 41.82 -19.20
N ILE C 267 18.79 41.62 -19.75
CA ILE C 267 19.95 42.49 -19.47
C ILE C 267 20.30 43.19 -20.76
N ASN C 268 19.89 44.46 -20.85
CA ASN C 268 20.13 45.34 -22.01
C ASN C 268 19.85 44.68 -23.36
N GLY C 269 18.63 44.20 -23.47
CA GLY C 269 18.14 43.57 -24.69
C GLY C 269 18.35 42.07 -24.77
N LYS C 270 19.13 41.48 -23.85
CA LYS C 270 19.45 40.06 -23.96
C LYS C 270 18.81 39.30 -22.79
N TRP C 271 17.93 38.32 -23.05
CA TRP C 271 17.42 37.47 -21.94
C TRP C 271 18.59 36.76 -21.33
N MET C 272 18.65 36.72 -20.00
CA MET C 272 19.70 35.93 -19.33
C MET C 272 19.12 35.23 -18.13
N LEU C 273 19.80 34.20 -17.64
CA LEU C 273 19.54 33.78 -16.28
C LEU C 273 20.35 34.65 -15.33
N VAL C 274 20.02 34.59 -14.04
CA VAL C 274 20.77 35.28 -12.98
C VAL C 274 20.97 34.24 -11.89
N ASP C 275 22.22 34.08 -11.46
CA ASP C 275 22.54 33.03 -10.50
C ASP C 275 22.07 33.47 -9.08
N PRO C 276 22.19 32.60 -8.07
CA PRO C 276 21.68 32.97 -6.77
C PRO C 276 22.33 34.20 -6.11
N GLU C 277 23.51 34.60 -6.58
CA GLU C 277 24.22 35.74 -5.98
C GLU C 277 24.06 37.01 -6.82
N GLY C 278 23.26 36.92 -7.88
CA GLY C 278 22.91 38.05 -8.72
C GLY C 278 23.76 38.26 -9.97
N TYR C 279 24.62 37.30 -10.30
CA TYR C 279 25.47 37.46 -11.49
C TYR C 279 24.80 36.89 -12.73
N PRO C 280 25.00 37.55 -13.87
CA PRO C 280 24.37 37.00 -15.09
C PRO C 280 24.87 35.59 -15.40
N TYR C 281 23.98 34.80 -15.98
CA TYR C 281 24.25 33.36 -16.14
C TYR C 281 23.71 32.90 -17.48
N PHE C 282 24.49 32.04 -18.15
CA PHE C 282 24.06 31.47 -19.44
C PHE C 282 24.38 29.99 -19.34
N ALA C 283 23.36 29.15 -19.53
CA ALA C 283 23.45 27.69 -19.32
C ALA C 283 24.06 26.94 -20.50
N THR C 284 25.18 26.26 -20.28
CA THR C 284 25.78 25.41 -21.27
C THR C 284 26.09 24.08 -20.58
N GLY C 285 26.08 22.98 -21.32
CA GLY C 285 26.26 21.73 -20.61
C GLY C 285 25.72 20.61 -21.43
N LEU C 286 25.73 19.45 -20.83
CA LEU C 286 25.37 18.20 -21.53
C LEU C 286 24.21 17.48 -20.86
N ASP C 287 23.39 16.77 -21.67
CA ASP C 287 22.26 15.98 -21.17
C ASP C 287 22.70 14.50 -20.95
N ILE C 288 21.94 13.79 -20.12
CA ILE C 288 22.07 12.34 -19.86
C ILE C 288 23.41 12.14 -19.16
N ILE C 289 23.52 12.78 -18.00
CA ILE C 289 24.70 12.60 -17.19
C ILE C 289 24.33 11.54 -16.17
N ARG C 290 24.23 10.31 -16.67
CA ARG C 290 23.74 9.20 -15.88
C ARG C 290 24.02 7.94 -16.69
N LEU C 291 23.85 6.77 -16.07
CA LEU C 291 24.20 5.51 -16.72
C LEU C 291 23.02 4.74 -17.31
N SER C 292 21.79 5.21 -17.04
CA SER C 292 20.52 4.54 -17.40
C SER C 292 20.38 4.12 -18.84
N ASN C 293 20.95 4.94 -19.70
CA ASN C 293 20.75 4.83 -21.14
C ASN C 293 21.95 4.25 -21.87
N SER C 294 22.89 3.71 -21.08
CA SER C 294 24.17 3.25 -21.63
C SER C 294 24.19 1.74 -21.89
N SER C 295 23.05 1.07 -21.69
CA SER C 295 22.94 -0.40 -21.89
C SER C 295 22.33 -0.76 -23.25
N THR C 296 22.60 -1.99 -23.70
CA THR C 296 22.17 -2.44 -25.02
C THR C 296 21.66 -3.87 -24.91
N MET C 297 20.60 -4.17 -25.67
CA MET C 297 19.98 -5.53 -25.61
C MET C 297 20.93 -6.56 -26.13
N THR C 298 21.23 -7.55 -25.29
CA THR C 298 22.20 -8.58 -25.64
C THR C 298 21.54 -9.72 -26.46
N GLY C 299 20.20 -9.79 -26.43
CA GLY C 299 19.44 -10.90 -27.06
C GLY C 299 19.04 -12.04 -26.12
N TYR C 300 19.55 -12.02 -24.89
CA TYR C 300 19.15 -12.97 -23.84
C TYR C 300 17.99 -12.44 -23.00
N ASP C 301 17.28 -13.35 -22.35
CA ASP C 301 16.15 -12.99 -21.50
C ASP C 301 16.20 -13.84 -20.23
N TYR C 302 15.43 -13.47 -19.22
CA TYR C 302 15.37 -14.23 -18.00
C TYR C 302 13.95 -14.70 -17.81
N ASP C 303 13.77 -15.71 -16.95
CA ASP C 303 12.41 -16.19 -16.69
C ASP C 303 11.56 -15.08 -16.05
N GLN C 304 10.39 -14.83 -16.63
CA GLN C 304 9.60 -13.65 -16.26
C GLN C 304 9.28 -13.60 -14.77
N ALA C 305 9.11 -14.76 -14.15
CA ALA C 305 8.74 -14.87 -12.74
C ALA C 305 9.88 -14.57 -11.74
N THR C 306 11.11 -14.48 -12.24
CA THR C 306 12.27 -14.09 -11.40
C THR C 306 12.58 -12.57 -11.43
N VAL C 307 11.88 -11.82 -12.28
CA VAL C 307 12.15 -10.40 -12.50
C VAL C 307 11.08 -9.53 -11.81
N ALA C 308 11.53 -8.68 -10.86
CA ALA C 308 10.68 -7.69 -10.18
C ALA C 308 9.82 -6.89 -11.17
N GLN C 309 8.53 -6.72 -10.85
CA GLN C 309 7.61 -5.94 -11.70
C GLN C 309 7.45 -4.49 -11.19
N ARG C 310 7.29 -3.54 -12.12
CA ARG C 310 7.14 -2.10 -11.82
C ARG C 310 6.04 -1.76 -10.79
N SER C 311 6.28 -0.71 -10.01
CA SER C 311 5.25 -0.10 -9.13
C SER C 311 4.38 0.87 -9.96
N ALA C 312 3.07 0.64 -9.98
CA ALA C 312 2.14 1.52 -10.72
C ALA C 312 2.22 2.97 -10.23
N ASP C 313 2.78 3.18 -9.04
CA ASP C 313 2.97 4.53 -8.49
C ASP C 313 4.33 5.15 -8.79
N ASP C 314 5.22 4.35 -9.39
CA ASP C 314 6.54 4.84 -9.79
C ASP C 314 6.44 6.11 -10.64
N VAL C 315 7.14 7.17 -10.22
CA VAL C 315 7.20 8.45 -10.99
C VAL C 315 8.17 8.37 -12.18
N THR C 316 8.97 7.31 -12.25
CA THR C 316 10.05 7.18 -13.23
C THR C 316 9.75 6.17 -14.34
N PRO C 317 9.72 6.64 -15.60
CA PRO C 317 9.47 5.71 -16.70
C PRO C 317 10.62 4.72 -16.83
N GLU C 318 10.32 3.55 -17.40
CA GLU C 318 11.28 2.46 -17.48
C GLU C 318 12.60 2.93 -18.10
N ASP C 319 12.49 3.79 -19.11
CA ASP C 319 13.66 4.28 -19.86
C ASP C 319 14.64 5.04 -18.97
N SER C 320 14.10 5.67 -17.93
CA SER C 320 14.87 6.57 -17.07
C SER C 320 15.14 5.97 -15.69
N LYS C 321 14.92 4.66 -15.56
CA LYS C 321 15.25 3.92 -14.35
C LYS C 321 16.75 3.72 -14.26
N GLY C 322 17.24 3.54 -13.02
CA GLY C 322 18.62 3.11 -12.76
C GLY C 322 18.87 1.74 -13.40
N LEU C 323 20.13 1.42 -13.70
CA LEU C 323 20.45 0.06 -14.21
C LEU C 323 20.07 -1.02 -13.16
N MET C 324 19.27 -2.00 -13.58
CA MET C 324 18.77 -3.05 -12.66
C MET C 324 19.85 -4.10 -12.39
N ALA C 325 20.15 -4.32 -11.11
CA ALA C 325 21.06 -5.40 -10.68
C ALA C 325 20.35 -6.72 -10.95
N VAL C 326 21.07 -7.63 -11.60
CA VAL C 326 20.51 -8.93 -11.95
C VAL C 326 20.84 -9.95 -10.85
N SER C 327 19.81 -10.55 -10.25
CA SER C 327 20.00 -11.57 -9.21
C SER C 327 20.52 -12.86 -9.82
N GLU C 328 21.28 -13.63 -9.02
CA GLU C 328 21.84 -14.89 -9.49
C GLU C 328 20.75 -15.84 -10.00
N LYS C 329 19.62 -15.87 -9.28
CA LYS C 329 18.44 -16.67 -9.66
C LYS C 329 17.95 -16.34 -11.06
N SER C 330 17.83 -15.03 -11.34
CA SER C 330 17.41 -14.55 -12.66
C SER C 330 18.37 -14.98 -13.75
N PHE C 331 19.65 -14.68 -13.55
CA PHE C 331 20.68 -15.01 -14.50
C PHE C 331 20.80 -16.53 -14.70
N ALA C 332 20.49 -17.30 -13.64
CA ALA C 332 20.44 -18.79 -13.78
C ALA C 332 19.37 -19.32 -14.79
N THR C 333 18.33 -18.53 -15.06
CA THR C 333 17.34 -18.84 -16.11
C THR C 333 17.63 -18.23 -17.50
N ARG C 334 18.77 -17.55 -17.63
CA ARG C 334 19.17 -16.85 -18.88
C ARG C 334 19.09 -17.73 -20.11
N HIS C 335 18.43 -17.21 -21.14
CA HIS C 335 18.15 -17.95 -22.36
C HIS C 335 18.10 -17.01 -23.55
N LEU C 336 18.15 -17.59 -24.74
CA LEU C 336 18.24 -16.78 -25.97
C LEU C 336 16.85 -16.30 -26.41
N ALA C 337 16.72 -14.99 -26.65
CA ALA C 337 15.47 -14.41 -27.14
C ALA C 337 15.63 -13.93 -28.59
N SER C 338 16.83 -13.41 -28.92
CA SER C 338 17.12 -12.98 -30.27
C SER C 338 18.49 -13.47 -30.70
N PRO C 339 18.53 -14.49 -31.60
CA PRO C 339 19.78 -14.99 -32.15
C PRO C 339 20.53 -13.85 -32.83
N THR C 340 19.78 -13.00 -33.54
CA THR C 340 20.32 -11.83 -34.23
C THR C 340 21.04 -10.94 -33.21
N ARG C 341 20.39 -10.59 -32.09
CA ARG C 341 21.06 -9.76 -31.03
C ARG C 341 22.28 -10.47 -30.43
N ALA C 342 22.13 -11.72 -30.04
CA ALA C 342 23.21 -12.39 -29.27
C ALA C 342 24.49 -12.55 -30.06
N ALA C 343 24.37 -12.67 -31.38
CA ALA C 343 25.53 -12.95 -32.22
C ALA C 343 26.31 -11.66 -32.49
N MET C 344 25.75 -10.52 -32.05
CA MET C 344 26.43 -9.21 -32.24
C MET C 344 27.67 -9.03 -31.37
N PHE C 345 27.72 -9.72 -30.23
CA PHE C 345 28.71 -9.47 -29.18
C PHE C 345 29.86 -10.47 -29.20
N ASN C 346 31.09 -9.99 -29.31
CA ASN C 346 32.27 -10.88 -29.30
C ASN C 346 32.63 -11.33 -27.88
N TRP C 347 32.29 -10.50 -26.90
CA TRP C 347 32.47 -10.83 -25.47
C TRP C 347 31.27 -10.38 -24.59
N LEU C 348 30.75 -11.31 -23.77
CA LEU C 348 29.78 -10.97 -22.71
C LEU C 348 30.14 -11.83 -21.49
N PRO C 349 30.38 -11.20 -20.32
CA PRO C 349 30.86 -11.94 -19.12
C PRO C 349 29.82 -12.93 -18.56
N ASP C 350 30.30 -14.05 -18.05
CA ASP C 350 29.45 -14.98 -17.27
C ASP C 350 29.15 -14.35 -15.90
N TYR C 351 28.15 -14.89 -15.19
CA TYR C 351 27.75 -14.30 -13.90
C TYR C 351 28.89 -14.09 -12.86
N ASP C 352 29.95 -14.89 -12.91
CA ASP C 352 31.05 -14.76 -11.92
C ASP C 352 32.25 -13.91 -12.39
N HIS C 353 32.15 -13.31 -13.58
CA HIS C 353 33.22 -12.41 -14.00
C HIS C 353 33.08 -11.10 -13.19
N PRO C 354 34.21 -10.44 -12.83
CA PRO C 354 34.04 -9.20 -12.06
C PRO C 354 33.31 -8.04 -12.81
N LEU C 355 33.14 -8.17 -14.14
CA LEU C 355 32.44 -7.13 -14.90
C LEU C 355 30.99 -7.51 -15.14
N ALA C 356 30.54 -8.59 -14.45
CA ALA C 356 29.16 -9.07 -14.62
C ALA C 356 28.15 -8.13 -13.98
N ASN C 357 28.63 -7.28 -13.09
CA ASN C 357 27.73 -6.31 -12.44
C ASN C 357 27.21 -5.19 -13.36
N HIS C 358 27.68 -5.17 -14.62
CA HIS C 358 27.24 -4.16 -15.58
C HIS C 358 26.10 -4.67 -16.50
N TYR C 359 25.52 -5.82 -16.12
CA TYR C 359 24.26 -6.26 -16.73
C TYR C 359 23.07 -5.45 -16.20
N ASN C 360 22.13 -5.17 -17.11
CA ASN C 360 20.88 -4.44 -16.83
C ASN C 360 19.72 -5.33 -17.34
N TYR C 361 18.49 -5.02 -16.93
CA TYR C 361 17.30 -5.64 -17.53
C TYR C 361 16.23 -4.58 -17.73
N ARG C 362 15.75 -4.44 -18.97
CA ARG C 362 14.64 -3.54 -19.25
C ARG C 362 13.37 -4.35 -19.49
N ARG C 363 12.28 -3.89 -18.86
CA ARG C 363 11.00 -4.59 -18.86
C ARG C 363 10.06 -4.09 -19.94
N SER C 364 10.49 -3.07 -20.65
CA SER C 364 9.73 -2.51 -21.77
C SER C 364 10.73 -1.81 -22.70
N ALA C 365 10.22 -1.31 -23.83
CA ALA C 365 11.02 -0.67 -24.86
C ALA C 365 10.04 0.14 -25.71
N HIS C 366 10.47 1.30 -26.22
CA HIS C 366 9.67 2.04 -27.20
C HIS C 366 9.64 1.30 -28.54
N SER C 367 10.79 0.82 -29.01
CA SER C 367 10.86 0.12 -30.28
C SER C 367 12.09 -0.78 -30.35
N GLY C 368 12.05 -1.75 -31.26
CA GLY C 368 13.15 -2.69 -31.47
C GLY C 368 12.56 -4.08 -31.54
N PRO C 369 13.38 -5.08 -31.92
CA PRO C 369 12.92 -6.48 -32.05
C PRO C 369 12.46 -7.11 -30.73
N LEU C 370 12.89 -6.56 -29.60
CA LEU C 370 12.50 -7.09 -28.28
C LEU C 370 11.73 -6.06 -27.46
N LYS C 371 10.70 -6.54 -26.76
CA LYS C 371 9.82 -5.73 -25.91
C LYS C 371 10.38 -5.62 -24.48
N ARG C 372 11.33 -6.50 -24.15
CA ARG C 372 11.95 -6.62 -22.83
C ARG C 372 13.21 -7.47 -23.03
N GLY C 373 14.06 -7.55 -22.01
CA GLY C 373 15.29 -8.36 -22.10
C GLY C 373 16.54 -7.85 -21.40
N GLU C 374 17.52 -8.74 -21.28
CA GLU C 374 18.83 -8.44 -20.68
C GLU C 374 19.56 -7.41 -21.52
N ALA C 375 20.23 -6.48 -20.84
CA ALA C 375 21.09 -5.55 -21.52
C ALA C 375 22.45 -5.47 -20.81
N TYR C 376 23.45 -4.93 -21.50
CA TYR C 376 24.77 -4.78 -20.86
C TYR C 376 25.29 -3.38 -21.12
N SER C 377 25.93 -2.80 -20.12
CA SER C 377 26.53 -1.47 -20.24
C SER C 377 28.05 -1.56 -20.36
N PHE C 378 28.56 -1.48 -21.58
CA PHE C 378 30.02 -1.53 -21.76
C PHE C 378 30.68 -0.27 -21.21
N TYR C 379 29.97 0.84 -21.31
CA TYR C 379 30.49 2.10 -20.79
C TYR C 379 30.73 1.97 -19.28
N SER C 380 29.71 1.52 -18.55
CA SER C 380 29.83 1.22 -17.10
C SER C 380 30.97 0.25 -16.79
N ALA C 381 31.09 -0.82 -17.56
CA ALA C 381 32.23 -1.75 -17.46
C ALA C 381 33.55 -1.06 -17.66
N ASN C 382 33.62 -0.17 -18.63
CA ASN C 382 34.86 0.58 -18.88
C ASN C 382 35.21 1.53 -17.71
N LEU C 383 34.19 2.04 -17.02
CA LEU C 383 34.47 2.85 -15.84
C LEU C 383 35.16 2.01 -14.78
N GLU C 384 34.67 0.78 -14.55
CA GLU C 384 35.34 -0.14 -13.60
C GLU C 384 36.76 -0.53 -14.07
N ARG C 385 36.92 -0.81 -15.37
CA ARG C 385 38.25 -1.06 -15.95
C ARG C 385 39.22 0.07 -15.66
N LYS C 386 38.75 1.31 -15.83
CA LYS C 386 39.64 2.47 -15.70
C LYS C 386 39.97 2.74 -14.24
N TYR C 387 38.95 2.70 -13.40
CA TYR C 387 39.12 3.26 -12.08
C TYR C 387 39.24 2.28 -10.96
N GLY C 388 38.90 1.01 -11.20
CA GLY C 388 38.96 -0.02 -10.16
C GLY C 388 38.00 0.14 -8.98
N GLU C 389 38.23 -0.61 -7.91
CA GLU C 389 37.42 -0.50 -6.67
C GLU C 389 38.19 -0.47 -5.34
N THR C 390 38.06 0.59 -4.55
CA THR C 390 38.60 0.58 -3.19
C THR C 390 37.49 0.40 -2.16
N TYR C 391 36.28 0.14 -2.67
CA TYR C 391 35.06 -0.20 -1.90
C TYR C 391 34.04 -0.41 -3.00
N PRO C 392 32.96 -1.16 -2.70
CA PRO C 392 31.97 -1.54 -3.73
C PRO C 392 31.41 -0.34 -4.47
N GLY C 393 31.48 -0.35 -5.80
CA GLY C 393 31.02 0.77 -6.59
C GLY C 393 31.85 2.05 -6.60
N SER C 394 33.09 2.01 -6.12
CA SER C 394 33.87 3.26 -5.97
C SER C 394 34.16 3.95 -7.31
N TYR C 395 34.18 3.16 -8.40
CA TYR C 395 34.41 3.71 -9.73
C TYR C 395 33.26 4.61 -10.15
N LEU C 396 32.08 4.44 -9.56
CA LEU C 396 30.99 5.38 -9.83
C LEU C 396 31.24 6.74 -9.19
N ASP C 397 31.76 6.74 -7.97
CA ASP C 397 32.11 7.98 -7.32
C ASP C 397 33.24 8.70 -8.07
N LYS C 398 34.23 7.94 -8.53
CA LYS C 398 35.33 8.49 -9.30
C LYS C 398 34.77 9.08 -10.58
N TRP C 399 33.92 8.34 -11.30
CA TRP C 399 33.23 8.87 -12.48
C TRP C 399 32.55 10.21 -12.26
N ARG C 400 31.78 10.32 -11.16
N ARG C 400 31.79 10.32 -11.15
CA ARG C 400 31.09 11.55 -10.84
CA ARG C 400 31.06 11.53 -10.83
C ARG C 400 32.07 12.71 -10.66
C ARG C 400 31.96 12.73 -10.50
N GLU C 401 33.11 12.46 -9.86
CA GLU C 401 34.13 13.47 -9.62
C GLU C 401 34.83 13.90 -10.92
N VAL C 402 35.22 12.92 -11.73
CA VAL C 402 35.88 13.20 -13.00
C VAL C 402 34.92 13.95 -13.93
N THR C 403 33.66 13.57 -13.90
CA THR C 403 32.64 14.24 -14.74
C THR C 403 32.55 15.72 -14.39
N VAL C 404 32.51 16.02 -13.10
CA VAL C 404 32.40 17.41 -12.67
C VAL C 404 33.69 18.14 -13.03
N ASP C 405 34.83 17.52 -12.76
CA ASP C 405 36.10 18.16 -13.14
C ASP C 405 36.11 18.41 -14.62
N ARG C 406 35.62 17.46 -15.41
CA ARG C 406 35.60 17.66 -16.88
C ARG C 406 34.72 18.87 -17.29
N MET C 407 33.50 18.95 -16.74
CA MET C 407 32.58 20.03 -17.11
C MET C 407 33.16 21.41 -16.79
N LEU C 408 33.79 21.52 -15.63
CA LEU C 408 34.51 22.76 -15.24
C LEU C 408 35.70 23.04 -16.15
N ASN C 409 36.53 22.03 -16.43
CA ASN C 409 37.66 22.24 -17.35
C ASN C 409 37.19 22.67 -18.73
N TRP C 410 36.12 22.03 -19.20
CA TRP C 410 35.60 22.30 -20.53
C TRP C 410 34.85 23.60 -20.62
N GLY C 411 34.56 24.20 -19.48
CA GLY C 411 33.95 25.55 -19.43
C GLY C 411 32.43 25.55 -19.31
N PHE C 412 31.83 24.37 -19.11
CA PHE C 412 30.36 24.32 -19.04
C PHE C 412 29.89 24.97 -17.76
N THR C 413 28.74 25.62 -17.80
CA THR C 413 28.22 26.28 -16.60
C THR C 413 27.24 25.42 -15.86
N SER C 414 26.86 24.27 -16.43
CA SER C 414 25.85 23.44 -15.78
C SER C 414 25.99 21.97 -16.15
N LEU C 415 25.32 21.13 -15.36
CA LEU C 415 24.97 19.77 -15.74
C LEU C 415 23.56 19.82 -16.33
N GLY C 416 23.35 19.21 -17.51
CA GLY C 416 22.07 19.37 -18.26
C GLY C 416 20.95 18.48 -17.80
N ASN C 417 19.99 18.21 -18.69
CA ASN C 417 18.81 17.47 -18.27
C ASN C 417 19.19 16.00 -18.12
N TRP C 418 18.44 15.30 -17.29
CA TRP C 418 18.66 13.87 -16.96
C TRP C 418 20.02 13.65 -16.36
N THR C 419 20.33 14.52 -15.40
CA THR C 419 21.50 14.36 -14.57
C THR C 419 21.09 13.48 -13.40
N ASP C 420 21.90 12.45 -13.12
CA ASP C 420 21.66 11.54 -12.00
C ASP C 420 21.59 12.31 -10.71
N PRO C 421 20.55 12.04 -9.87
CA PRO C 421 20.37 12.78 -8.63
C PRO C 421 21.56 12.65 -7.70
N ALA C 422 22.41 11.64 -7.90
CA ALA C 422 23.66 11.57 -7.15
C ALA C 422 24.52 12.83 -7.29
N TYR C 423 24.34 13.59 -8.40
CA TYR C 423 25.11 14.80 -8.64
C TYR C 423 24.51 16.02 -7.97
N TYR C 424 23.28 15.90 -7.44
CA TYR C 424 22.53 17.06 -6.97
C TYR C 424 23.13 17.77 -5.77
N ASP C 425 24.00 17.07 -5.04
CA ASP C 425 24.70 17.73 -3.95
C ASP C 425 26.19 17.97 -4.27
N ASN C 426 26.54 17.97 -5.55
CA ASN C 426 27.95 18.13 -5.90
C ASN C 426 28.54 19.49 -5.39
N ASN C 427 27.70 20.50 -5.34
CA ASN C 427 28.09 21.84 -4.83
C ASN C 427 29.33 22.49 -5.45
N ARG C 428 29.56 22.22 -6.74
CA ARG C 428 30.66 22.80 -7.51
C ARG C 428 30.15 23.32 -8.85
N ILE C 429 29.13 22.66 -9.40
CA ILE C 429 28.52 23.06 -10.68
C ILE C 429 26.98 22.95 -10.56
N PRO C 430 26.25 23.95 -11.05
CA PRO C 430 24.79 23.91 -11.02
C PRO C 430 24.23 22.78 -11.89
N PHE C 431 23.01 22.37 -11.65
CA PHE C 431 22.44 21.30 -12.46
C PHE C 431 20.98 21.60 -12.80
N PHE C 432 20.48 20.92 -13.84
CA PHE C 432 19.05 20.96 -14.12
C PHE C 432 18.41 19.67 -13.64
N ALA C 433 17.19 19.79 -13.07
CA ALA C 433 16.44 18.64 -12.55
C ALA C 433 15.28 18.34 -13.49
N ASN C 434 14.68 17.16 -13.33
CA ASN C 434 13.61 16.76 -14.24
C ASN C 434 12.62 15.83 -13.55
N GLY C 435 11.40 15.79 -14.06
CA GLY C 435 10.43 14.78 -13.64
C GLY C 435 9.60 14.44 -14.85
N TRP C 436 8.96 13.28 -14.83
CA TRP C 436 8.02 12.89 -15.88
C TRP C 436 6.73 12.71 -15.17
N VAL C 437 5.65 13.21 -15.76
CA VAL C 437 4.31 12.95 -15.20
C VAL C 437 3.71 11.70 -15.89
N ILE C 438 3.67 10.60 -15.13
CA ILE C 438 3.20 9.32 -15.66
C ILE C 438 2.18 8.68 -14.69
N GLY C 439 1.38 7.74 -15.16
CA GLY C 439 0.42 7.09 -14.25
C GLY C 439 -0.77 6.58 -15.02
N ASP C 440 -1.84 6.30 -14.29
CA ASP C 440 -3.04 5.68 -14.87
C ASP C 440 -4.19 6.65 -15.14
N PHE C 441 -3.89 7.95 -15.20
CA PHE C 441 -4.89 8.94 -15.60
C PHE C 441 -5.41 8.63 -17.03
N LYS C 442 -6.59 9.14 -17.33
CA LYS C 442 -7.18 9.00 -18.66
C LYS C 442 -6.30 9.67 -19.72
N THR C 443 -6.44 9.23 -20.97
CA THR C 443 -5.63 9.76 -22.05
C THR C 443 -6.44 10.36 -23.19
N VAL C 444 -5.72 11.09 -24.04
CA VAL C 444 -6.26 11.58 -25.27
C VAL C 444 -5.21 11.31 -26.35
N SER C 445 -5.58 11.52 -27.61
CA SER C 445 -4.64 11.23 -28.70
C SER C 445 -4.55 12.38 -29.66
N SER C 446 -3.34 12.56 -30.20
CA SER C 446 -3.08 13.53 -31.25
C SER C 446 -3.30 12.91 -32.61
N GLY C 447 -3.55 11.60 -32.63
CA GLY C 447 -3.67 10.87 -33.89
C GLY C 447 -2.32 10.41 -34.47
N ALA C 448 -1.22 10.81 -33.82
CA ALA C 448 0.13 10.38 -34.24
C ALA C 448 1.10 10.51 -33.06
N ASP C 449 0.74 9.91 -31.94
CA ASP C 449 1.55 9.99 -30.72
C ASP C 449 2.87 9.25 -30.88
N PHE C 450 3.98 9.96 -30.65
CA PHE C 450 5.28 9.32 -30.86
C PHE C 450 5.77 8.58 -29.63
N TRP C 451 6.24 9.31 -28.62
CA TRP C 451 6.78 8.66 -27.42
C TRP C 451 5.76 7.88 -26.56
N GLY C 452 4.50 8.30 -26.61
CA GLY C 452 3.45 7.67 -25.81
C GLY C 452 2.18 8.48 -25.98
N ALA C 453 1.07 7.99 -25.40
CA ALA C 453 -0.24 8.70 -25.51
C ALA C 453 -0.24 10.04 -24.78
N MET C 454 -1.20 10.92 -25.08
CA MET C 454 -1.28 12.22 -24.39
C MET C 454 -2.18 12.20 -23.15
N PRO C 455 -1.80 12.94 -22.08
CA PRO C 455 -2.59 12.93 -20.84
C PRO C 455 -3.95 13.56 -21.04
N ASP C 456 -5.00 13.00 -20.44
CA ASP C 456 -6.19 13.80 -20.28
C ASP C 456 -5.99 14.77 -19.12
N VAL C 457 -5.60 16.02 -19.43
CA VAL C 457 -5.20 17.00 -18.41
C VAL C 457 -6.35 17.56 -17.58
N PHE C 458 -7.59 17.29 -18.03
CA PHE C 458 -8.79 17.62 -17.24
C PHE C 458 -9.27 16.49 -16.29
N ASP C 459 -8.67 15.30 -16.41
CA ASP C 459 -8.88 14.22 -15.41
C ASP C 459 -8.19 14.67 -14.11
N PRO C 460 -8.93 14.76 -12.98
CA PRO C 460 -8.27 15.10 -11.69
C PRO C 460 -7.03 14.22 -11.36
N GLU C 461 -7.02 12.98 -11.82
CA GLU C 461 -5.92 12.07 -11.56
C GLU C 461 -4.64 12.54 -12.30
N PHE C 462 -4.81 13.31 -13.39
CA PHE C 462 -3.62 13.91 -14.01
C PHE C 462 -2.93 14.84 -13.02
N LYS C 463 -3.69 15.69 -12.33
CA LYS C 463 -3.15 16.58 -11.34
C LYS C 463 -2.55 15.81 -10.16
N VAL C 464 -3.19 14.69 -9.78
CA VAL C 464 -2.70 13.88 -8.66
C VAL C 464 -1.28 13.39 -9.01
N ARG C 465 -1.08 12.92 -10.23
CA ARG C 465 0.26 12.48 -10.66
C ARG C 465 1.28 13.63 -10.87
N ALA C 466 0.85 14.77 -11.39
CA ALA C 466 1.78 15.91 -11.56
C ALA C 466 2.29 16.36 -10.20
N MET C 467 1.40 16.39 -9.22
CA MET C 467 1.79 16.69 -7.83
C MET C 467 2.79 15.67 -7.27
N GLU C 468 2.52 14.38 -7.50
CA GLU C 468 3.44 13.35 -7.03
C GLU C 468 4.80 13.52 -7.73
N THR C 469 4.77 13.84 -9.02
CA THR C 469 6.01 14.03 -9.79
C THR C 469 6.85 15.15 -9.18
N ALA C 470 6.18 16.29 -8.93
CA ALA C 470 6.84 17.47 -8.35
C ALA C 470 7.29 17.22 -6.94
N ARG C 471 6.49 16.48 -6.17
CA ARG C 471 6.90 16.08 -4.81
C ARG C 471 8.25 15.35 -4.85
N VAL C 472 8.36 14.37 -5.75
CA VAL C 472 9.60 13.61 -5.89
C VAL C 472 10.79 14.44 -6.38
N VAL C 473 10.57 15.31 -7.36
CA VAL C 473 11.68 16.17 -7.78
C VAL C 473 12.15 17.06 -6.61
N SER C 474 11.18 17.59 -5.86
N SER C 474 11.19 17.59 -5.86
CA SER C 474 11.51 18.47 -4.74
CA SER C 474 11.55 18.50 -4.75
C SER C 474 12.32 17.73 -3.69
C SER C 474 12.30 17.76 -3.64
N GLU C 475 11.90 16.50 -3.41
CA GLU C 475 12.66 15.62 -2.49
C GLU C 475 14.11 15.42 -2.96
N GLU C 476 14.31 15.21 -4.26
CA GLU C 476 15.66 15.00 -4.81
C GLU C 476 16.52 16.27 -4.73
N ILE C 477 15.96 17.41 -5.09
CA ILE C 477 16.78 18.64 -5.14
C ILE C 477 16.99 19.33 -3.78
N LYS C 478 16.11 19.06 -2.81
CA LYS C 478 16.26 19.58 -1.43
C LYS C 478 16.32 21.11 -1.47
N ASN C 479 15.47 21.71 -2.30
CA ASN C 479 15.41 23.18 -2.42
C ASN C 479 16.79 23.83 -2.63
N SER C 480 17.69 23.14 -3.34
CA SER C 480 19.07 23.62 -3.48
C SER C 480 19.18 24.81 -4.42
N PRO C 481 19.90 25.87 -4.02
CA PRO C 481 20.23 26.98 -4.91
C PRO C 481 20.98 26.49 -6.16
N TRP C 482 21.64 25.32 -6.07
CA TRP C 482 22.44 24.77 -7.17
C TRP C 482 21.58 24.27 -8.33
N CYS C 483 20.28 24.15 -8.10
CA CYS C 483 19.34 23.67 -9.14
C CYS C 483 18.88 24.86 -9.97
N VAL C 484 19.31 24.92 -11.22
CA VAL C 484 18.90 26.04 -12.08
C VAL C 484 17.37 26.05 -12.30
N GLY C 485 16.79 24.88 -12.56
CA GLY C 485 15.36 24.80 -12.74
C GLY C 485 14.92 23.38 -13.04
N VAL C 486 13.63 23.21 -13.28
CA VAL C 486 13.05 21.91 -13.41
C VAL C 486 12.39 21.77 -14.76
N PHE C 487 12.86 20.80 -15.55
CA PHE C 487 12.12 20.38 -16.74
C PHE C 487 11.07 19.34 -16.33
N ILE C 488 9.88 19.40 -16.91
CA ILE C 488 8.89 18.32 -16.68
C ILE C 488 8.50 17.78 -18.04
N ASP C 489 8.63 16.46 -18.25
CA ASP C 489 8.25 15.80 -19.50
C ASP C 489 9.20 16.14 -20.65
N ASN C 490 8.92 15.66 -21.86
CA ASN C 490 9.83 15.84 -22.99
C ASN C 490 9.15 15.50 -24.31
N GLU C 491 9.18 16.39 -25.31
CA GLU C 491 8.68 15.99 -26.65
C GLU C 491 7.33 15.27 -26.62
N LYS C 492 6.36 15.86 -25.93
CA LYS C 492 5.00 15.36 -26.00
C LYS C 492 4.40 15.66 -27.39
N SER C 493 3.51 14.75 -27.83
CA SER C 493 2.86 14.83 -29.13
C SER C 493 1.67 15.78 -29.08
N PHE C 494 1.97 17.08 -28.99
CA PHE C 494 0.94 18.07 -28.90
C PHE C 494 0.32 18.33 -30.28
N GLY C 495 0.97 17.88 -31.35
CA GLY C 495 0.55 18.24 -32.71
C GLY C 495 1.70 18.73 -33.59
N ARG C 496 1.80 18.18 -34.80
CA ARG C 496 2.84 18.55 -35.77
C ARG C 496 2.33 19.73 -36.58
N PRO C 497 3.18 20.74 -36.82
CA PRO C 497 2.68 21.75 -37.77
C PRO C 497 2.86 21.42 -39.28
N ASP C 498 2.74 20.15 -39.66
CA ASP C 498 2.80 19.75 -41.09
C ASP C 498 1.52 20.12 -41.83
N SER C 499 0.43 20.15 -41.10
CA SER C 499 -0.87 20.39 -41.68
C SER C 499 -1.82 20.84 -40.59
N ASP C 500 -2.95 21.43 -40.99
CA ASP C 500 -3.98 21.77 -40.04
C ASP C 500 -4.45 20.51 -39.31
N LYS C 501 -4.68 19.43 -40.05
CA LYS C 501 -5.15 18.25 -39.36
C LYS C 501 -4.11 17.61 -38.45
N ALA C 502 -2.83 17.73 -38.80
CA ALA C 502 -1.79 17.25 -37.91
C ALA C 502 -1.67 18.21 -36.74
N GLN C 503 -1.73 19.51 -37.00
CA GLN C 503 -1.55 20.48 -35.93
C GLN C 503 -2.69 20.38 -34.93
N TYR C 504 -3.90 20.11 -35.43
CA TYR C 504 -5.10 20.03 -34.60
C TYR C 504 -5.57 18.62 -34.31
N GLY C 505 -4.62 17.68 -34.32
CA GLY C 505 -4.94 16.26 -34.10
C GLY C 505 -5.61 15.97 -32.77
N ILE C 506 -5.22 16.70 -31.70
CA ILE C 506 -5.85 16.49 -30.38
C ILE C 506 -7.33 16.93 -30.36
N PRO C 507 -7.65 18.16 -30.81
CA PRO C 507 -9.08 18.49 -30.94
C PRO C 507 -9.88 17.61 -31.89
N ILE C 508 -9.31 17.24 -33.04
CA ILE C 508 -9.98 16.36 -34.01
C ILE C 508 -10.32 14.96 -33.40
N HIS C 509 -9.31 14.29 -32.89
CA HIS C 509 -9.49 12.95 -32.28
C HIS C 509 -10.49 13.03 -31.14
N THR C 510 -10.29 14.00 -30.26
CA THR C 510 -11.12 14.14 -29.06
C THR C 510 -12.59 14.47 -29.37
N LEU C 511 -12.84 15.29 -30.37
CA LEU C 511 -14.21 15.66 -30.75
C LEU C 511 -15.00 14.45 -31.24
N GLY C 512 -14.28 13.49 -31.81
CA GLY C 512 -14.91 12.26 -32.33
C GLY C 512 -15.33 11.29 -31.24
N ARG C 513 -14.83 11.53 -30.02
CA ARG C 513 -15.20 10.73 -28.85
C ARG C 513 -16.45 11.26 -28.16
N PRO C 514 -17.21 10.38 -27.46
CA PRO C 514 -18.32 10.85 -26.62
C PRO C 514 -17.81 11.71 -25.48
N SER C 515 -18.63 12.64 -24.97
CA SER C 515 -18.25 13.38 -23.75
C SER C 515 -18.12 12.48 -22.52
N GLU C 516 -19.01 11.50 -22.41
CA GLU C 516 -19.11 10.68 -21.20
C GLU C 516 -17.80 9.96 -20.93
N GLY C 517 -17.23 10.19 -19.75
CA GLY C 517 -15.95 9.56 -19.34
C GLY C 517 -14.70 10.12 -19.98
N VAL C 518 -14.81 11.27 -20.63
CA VAL C 518 -13.68 11.90 -21.34
C VAL C 518 -13.61 13.39 -20.88
N PRO C 519 -12.96 13.66 -19.74
CA PRO C 519 -12.87 15.00 -19.16
C PRO C 519 -12.44 16.06 -20.21
N THR C 520 -11.42 15.77 -21.02
CA THR C 520 -10.97 16.76 -22.04
C THR C 520 -12.07 17.07 -23.06
N ARG C 521 -12.82 16.04 -23.47
CA ARG C 521 -13.97 16.27 -24.35
C ARG C 521 -15.04 17.09 -23.65
N GLN C 522 -15.25 16.86 -22.35
CA GLN C 522 -16.24 17.66 -21.63
C GLN C 522 -15.82 19.12 -21.54
N ALA C 523 -14.52 19.35 -21.37
CA ALA C 523 -14.00 20.73 -21.35
C ALA C 523 -14.21 21.43 -22.71
N PHE C 524 -13.89 20.73 -23.79
CA PHE C 524 -14.04 21.27 -25.16
C PHE C 524 -15.50 21.63 -25.49
N SER C 525 -16.41 20.75 -25.06
CA SER C 525 -17.83 20.92 -25.29
C SER C 525 -18.33 22.16 -24.52
N LYS C 526 -17.84 22.30 -23.30
CA LYS C 526 -18.12 23.47 -22.49
C LYS C 526 -17.66 24.74 -23.19
N LEU C 527 -16.46 24.74 -23.77
CA LEU C 527 -15.97 25.93 -24.47
C LEU C 527 -16.77 26.27 -25.71
N LEU C 528 -17.18 25.24 -26.45
CA LEU C 528 -17.95 25.46 -27.69
C LEU C 528 -19.34 25.97 -27.35
N LYS C 529 -19.89 25.51 -26.24
CA LYS C 529 -21.21 25.97 -25.80
C LYS C 529 -21.18 27.42 -25.34
N ALA C 530 -20.14 27.80 -24.61
CA ALA C 530 -19.97 29.18 -24.17
C ALA C 530 -19.77 30.07 -25.40
N LYS C 531 -19.09 29.57 -26.42
CA LYS C 531 -18.86 30.43 -27.57
C LYS C 531 -20.08 30.56 -28.49
N TYR C 532 -20.71 29.44 -28.81
CA TYR C 532 -21.79 29.42 -29.78
C TYR C 532 -23.17 29.57 -29.20
N LYS C 533 -23.31 29.22 -27.92
CA LYS C 533 -24.58 29.15 -27.18
C LYS C 533 -25.57 28.09 -27.69
N THR C 534 -25.77 28.04 -29.01
N THR C 534 -25.85 28.10 -29.00
CA THR C 534 -26.86 27.30 -29.64
CA THR C 534 -26.86 27.24 -29.62
C THR C 534 -26.31 26.27 -30.63
C THR C 534 -26.26 26.23 -30.56
N ILE C 535 -26.94 25.09 -30.68
CA ILE C 535 -26.58 24.06 -31.67
C ILE C 535 -26.74 24.63 -33.09
N ALA C 536 -27.75 25.49 -33.30
CA ALA C 536 -27.93 26.17 -34.60
C ALA C 536 -26.66 26.89 -35.01
N ALA C 537 -26.09 27.67 -34.09
CA ALA C 537 -24.87 28.41 -34.38
C ALA C 537 -23.66 27.50 -34.64
N LEU C 538 -23.53 26.43 -33.86
CA LEU C 538 -22.48 25.43 -34.11
C LEU C 538 -22.68 24.83 -35.50
N ASN C 539 -23.93 24.46 -35.80
CA ASN C 539 -24.24 23.87 -37.09
C ASN C 539 -23.83 24.76 -38.25
N ASN C 540 -24.12 26.05 -38.13
N ASN C 540 -24.08 26.07 -38.12
CA ASN C 540 -23.73 27.05 -39.11
CA ASN C 540 -23.75 27.02 -39.17
C ASN C 540 -22.23 27.07 -39.28
C ASN C 540 -22.25 27.35 -39.27
N ALA C 541 -21.54 27.22 -38.15
CA ALA C 541 -20.09 27.41 -38.12
C ALA C 541 -19.34 26.23 -38.70
N TRP C 542 -19.84 25.02 -38.47
CA TRP C 542 -19.13 23.83 -38.92
C TRP C 542 -19.79 23.17 -40.13
N GLY C 543 -20.94 23.69 -40.56
CA GLY C 543 -21.64 23.16 -41.72
C GLY C 543 -22.20 21.79 -41.44
N LEU C 544 -22.74 21.64 -40.23
CA LEU C 544 -23.30 20.38 -39.75
C LEU C 544 -24.80 20.51 -39.63
N LYS C 545 -25.47 19.42 -39.29
CA LYS C 545 -26.91 19.46 -39.05
C LYS C 545 -27.31 18.63 -37.82
N LEU C 546 -26.55 18.79 -36.73
CA LEU C 546 -26.85 18.13 -35.44
C LEU C 546 -28.18 18.60 -34.85
N SER C 547 -28.92 17.68 -34.23
CA SER C 547 -30.24 18.01 -33.67
C SER C 547 -30.19 18.77 -32.34
N SER C 548 -29.11 18.57 -31.58
CA SER C 548 -29.07 19.02 -30.20
C SER C 548 -27.64 19.02 -29.73
N TRP C 549 -27.36 19.77 -28.67
CA TRP C 549 -26.07 19.61 -27.97
C TRP C 549 -25.87 18.17 -27.46
N ALA C 550 -26.95 17.55 -26.94
CA ALA C 550 -26.90 16.13 -26.53
C ALA C 550 -26.32 15.24 -27.63
N GLU C 551 -26.76 15.42 -28.88
CA GLU C 551 -26.22 14.64 -29.98
C GLU C 551 -24.74 14.99 -30.27
N PHE C 552 -24.41 16.28 -30.21
CA PHE C 552 -23.01 16.71 -30.31
C PHE C 552 -22.17 15.93 -29.30
N ASP C 553 -22.71 15.77 -28.10
CA ASP C 553 -21.93 15.14 -27.03
C ASP C 553 -21.76 13.61 -27.14
N LEU C 554 -22.37 13.01 -28.15
CA LEU C 554 -22.11 11.59 -28.47
C LEU C 554 -20.83 11.38 -29.25
N GLY C 555 -20.22 12.47 -29.71
CA GLY C 555 -19.03 12.41 -30.54
C GLY C 555 -19.38 12.76 -31.96
N VAL C 556 -18.50 13.51 -32.62
CA VAL C 556 -18.72 13.96 -33.99
C VAL C 556 -17.48 13.69 -34.82
N ASP C 557 -17.66 13.10 -35.99
CA ASP C 557 -16.54 12.78 -36.86
C ASP C 557 -16.16 14.04 -37.64
N VAL C 558 -15.15 14.76 -37.15
CA VAL C 558 -14.72 16.00 -37.81
C VAL C 558 -13.52 15.75 -38.73
N LYS C 559 -13.02 14.53 -38.69
CA LYS C 559 -11.89 14.12 -39.53
C LYS C 559 -12.07 14.53 -40.98
N ALA C 560 -13.30 14.40 -41.49
CA ALA C 560 -13.58 14.65 -42.92
C ALA C 560 -13.98 16.09 -43.22
N LEU C 561 -14.17 16.88 -42.17
CA LEU C 561 -14.60 18.27 -42.35
C LEU C 561 -13.48 19.15 -42.92
N PRO C 562 -13.78 19.92 -43.97
CA PRO C 562 -12.82 20.89 -44.51
C PRO C 562 -12.47 21.93 -43.45
N VAL C 563 -11.18 22.18 -43.26
CA VAL C 563 -10.75 23.10 -42.22
C VAL C 563 -10.84 24.53 -42.72
N THR C 564 -12.03 25.10 -42.63
CA THR C 564 -12.28 26.50 -42.98
C THR C 564 -11.69 27.39 -41.89
N ASP C 565 -11.68 28.71 -42.11
CA ASP C 565 -11.19 29.60 -41.04
C ASP C 565 -12.01 29.58 -39.75
N THR C 566 -13.32 29.33 -39.87
N THR C 566 -13.32 29.32 -39.86
CA THR C 566 -14.19 29.23 -38.68
CA THR C 566 -14.17 29.24 -38.67
C THR C 566 -13.86 27.98 -37.86
C THR C 566 -13.84 27.98 -37.86
N LEU C 567 -13.74 26.85 -38.54
CA LEU C 567 -13.34 25.59 -37.90
C LEU C 567 -11.92 25.63 -37.37
N ARG C 568 -10.97 26.15 -38.16
CA ARG C 568 -9.60 26.38 -37.67
C ARG C 568 -9.57 27.15 -36.35
N ALA C 569 -10.39 28.20 -36.28
CA ALA C 569 -10.48 29.02 -35.09
C ALA C 569 -10.99 28.21 -33.88
N ASP C 570 -11.94 27.29 -34.09
CA ASP C 570 -12.41 26.45 -32.98
C ASP C 570 -11.34 25.43 -32.56
N TYR C 571 -10.79 24.69 -33.53
CA TYR C 571 -9.59 23.87 -33.26
C TYR C 571 -8.52 24.62 -32.47
N SER C 572 -8.20 25.84 -32.91
CA SER C 572 -7.22 26.67 -32.21
C SER C 572 -7.61 26.94 -30.76
N MET C 573 -8.87 27.34 -30.52
CA MET C 573 -9.38 27.59 -29.17
C MET C 573 -9.26 26.34 -28.26
N LEU C 574 -9.59 25.18 -28.81
CA LEU C 574 -9.53 23.92 -28.04
C LEU C 574 -8.11 23.48 -27.74
N LEU C 575 -7.24 23.55 -28.75
CA LEU C 575 -5.82 23.22 -28.54
C LEU C 575 -5.21 24.16 -27.48
N SER C 576 -5.50 25.46 -27.59
CA SER C 576 -5.06 26.42 -26.57
C SER C 576 -5.53 26.08 -25.18
N ALA C 577 -6.79 25.74 -25.02
CA ALA C 577 -7.33 25.34 -23.71
C ALA C 577 -6.70 24.07 -23.14
N TYR C 578 -6.55 23.04 -23.99
CA TYR C 578 -5.82 21.80 -23.61
C TYR C 578 -4.40 22.11 -23.13
N ALA C 579 -3.64 22.85 -23.92
CA ALA C 579 -2.26 23.23 -23.55
C ALA C 579 -2.25 24.13 -22.32
N ASP C 580 -3.18 25.09 -22.23
CA ASP C 580 -3.27 25.92 -21.02
C ASP C 580 -3.47 25.06 -19.76
N GLN C 581 -4.30 24.02 -19.85
CA GLN C 581 -4.62 23.15 -18.72
C GLN C 581 -3.41 22.28 -18.36
N TYR C 582 -2.74 21.72 -19.38
CA TYR C 582 -1.50 20.98 -19.13
C TYR C 582 -0.52 21.84 -18.38
N PHE C 583 -0.20 23.03 -18.92
CA PHE C 583 0.81 23.88 -18.30
C PHE C 583 0.37 24.44 -16.96
N LYS C 584 -0.92 24.72 -16.80
CA LYS C 584 -1.38 25.25 -15.52
C LYS C 584 -1.18 24.21 -14.42
N VAL C 585 -1.53 22.98 -14.71
CA VAL C 585 -1.45 21.91 -13.70
C VAL C 585 0.02 21.63 -13.36
N VAL C 586 0.87 21.50 -14.40
CA VAL C 586 2.30 21.24 -14.17
C VAL C 586 2.98 22.40 -13.43
N HIS C 587 2.79 23.63 -13.92
CA HIS C 587 3.33 24.80 -13.23
C HIS C 587 2.88 24.81 -11.76
N GLY C 588 1.60 24.55 -11.52
CA GLY C 588 1.05 24.60 -10.17
C GLY C 588 1.68 23.60 -9.21
N ALA C 589 1.97 22.41 -9.73
CA ALA C 589 2.54 21.33 -8.88
C ALA C 589 4.02 21.68 -8.56
N VAL C 590 4.77 22.11 -9.57
CA VAL C 590 6.16 22.52 -9.37
C VAL C 590 6.25 23.71 -8.40
N GLU C 591 5.32 24.66 -8.56
CA GLU C 591 5.27 25.82 -7.69
C GLU C 591 4.96 25.46 -6.24
N HIS C 592 4.03 24.53 -6.08
CA HIS C 592 3.62 24.08 -4.75
C HIS C 592 4.80 23.55 -3.91
N TYR C 593 5.61 22.68 -4.51
CA TYR C 593 6.72 22.03 -3.84
C TYR C 593 8.06 22.71 -3.98
N MET C 594 8.23 23.46 -5.07
CA MET C 594 9.50 24.16 -5.31
C MET C 594 9.21 25.63 -5.68
N PRO C 595 8.65 26.41 -4.72
CA PRO C 595 8.24 27.81 -4.99
C PRO C 595 9.39 28.73 -5.40
N ASN C 596 10.61 28.37 -5.08
CA ASN C 596 11.74 29.22 -5.38
C ASN C 596 12.38 28.91 -6.72
N HIS C 597 11.96 27.84 -7.39
CA HIS C 597 12.68 27.38 -8.58
C HIS C 597 12.03 27.68 -9.91
N LEU C 598 12.84 27.84 -10.94
CA LEU C 598 12.29 28.06 -12.27
C LEU C 598 11.66 26.77 -12.81
N TYR C 599 10.51 26.93 -13.47
CA TYR C 599 9.86 25.87 -14.25
C TYR C 599 10.21 26.08 -15.72
N LEU C 600 10.83 25.07 -16.31
CA LEU C 600 11.45 25.21 -17.65
C LEU C 600 10.65 24.59 -18.81
N GLY C 601 9.36 24.36 -18.59
CA GLY C 601 8.51 23.88 -19.68
C GLY C 601 8.64 22.39 -20.00
N ALA C 602 8.41 22.05 -21.26
CA ALA C 602 8.16 20.67 -21.70
C ALA C 602 8.99 20.19 -22.88
N ARG C 603 9.97 21.01 -23.29
CA ARG C 603 10.95 20.59 -24.32
C ARG C 603 10.31 20.25 -25.68
N PHE C 604 9.88 21.29 -26.41
CA PHE C 604 9.22 21.09 -27.70
C PHE C 604 10.17 20.73 -28.83
N PRO C 605 9.88 19.64 -29.54
CA PRO C 605 10.61 19.35 -30.78
C PRO C 605 10.01 20.14 -31.94
N ASP C 606 10.66 20.08 -33.11
CA ASP C 606 10.10 20.70 -34.35
C ASP C 606 8.82 20.01 -34.80
N TRP C 607 8.66 18.73 -34.45
CA TRP C 607 7.42 18.04 -34.80
C TRP C 607 6.34 18.14 -33.72
N GLY C 608 6.53 19.04 -32.75
CA GLY C 608 5.60 19.14 -31.64
C GLY C 608 5.49 20.53 -31.04
N MET C 609 5.52 21.57 -31.87
CA MET C 609 5.35 22.95 -31.35
C MET C 609 4.30 23.83 -32.05
N PRO C 610 3.01 23.42 -32.01
CA PRO C 610 1.99 24.34 -32.54
C PRO C 610 2.03 25.63 -31.75
N MET C 611 1.74 26.76 -32.41
CA MET C 611 1.86 28.06 -31.76
C MET C 611 0.93 28.17 -30.56
N GLU C 612 -0.24 27.55 -30.62
CA GLU C 612 -1.16 27.56 -29.45
C GLU C 612 -0.50 26.97 -28.18
N VAL C 613 0.31 25.93 -28.35
CA VAL C 613 0.94 25.22 -27.21
C VAL C 613 2.15 26.04 -26.74
N VAL C 614 2.85 26.63 -27.71
CA VAL C 614 4.00 27.50 -27.38
C VAL C 614 3.52 28.70 -26.55
N LYS C 615 2.40 29.32 -26.96
CA LYS C 615 1.86 30.43 -26.16
C LYS C 615 1.41 30.04 -24.74
N ALA C 616 0.86 28.85 -24.58
CA ALA C 616 0.47 28.34 -23.25
C ALA C 616 1.71 28.18 -22.36
N ALA C 617 2.78 27.62 -22.92
CA ALA C 617 4.04 27.50 -22.22
C ALA C 617 4.55 28.89 -21.79
N ALA C 618 4.44 29.86 -22.70
CA ALA C 618 4.92 31.22 -22.43
C ALA C 618 4.16 31.84 -21.26
N LYS C 619 2.89 31.47 -21.12
CA LYS C 619 2.06 31.95 -20.04
C LYS C 619 2.47 31.38 -18.67
N TYR C 620 2.88 30.12 -18.61
CA TYR C 620 3.10 29.43 -17.32
C TYR C 620 4.55 29.11 -17.00
N ALA C 621 5.31 28.71 -18.00
CA ALA C 621 6.72 28.39 -17.78
C ALA C 621 7.54 29.65 -17.57
N ASP C 622 8.48 29.61 -16.66
CA ASP C 622 9.43 30.72 -16.53
C ASP C 622 10.37 30.83 -17.73
N VAL C 623 10.76 29.69 -18.27
CA VAL C 623 11.64 29.61 -19.44
C VAL C 623 10.95 28.61 -20.39
N VAL C 624 10.81 28.97 -21.67
CA VAL C 624 10.23 28.04 -22.66
C VAL C 624 11.37 27.21 -23.24
N SER C 625 11.21 25.89 -23.23
CA SER C 625 12.27 24.99 -23.73
C SER C 625 11.92 24.33 -25.07
N TYR C 626 12.94 24.25 -25.92
CA TYR C 626 12.78 23.69 -27.25
C TYR C 626 13.94 22.79 -27.51
N ASN C 627 13.68 21.67 -28.17
CA ASN C 627 14.75 20.82 -28.68
C ASN C 627 14.90 21.07 -30.18
N SER C 628 16.12 21.32 -30.64
CA SER C 628 16.30 21.68 -32.08
C SER C 628 17.55 21.08 -32.66
N TYR C 629 17.31 19.98 -33.40
CA TYR C 629 18.37 19.24 -34.05
C TYR C 629 18.54 19.73 -35.46
N LYS C 630 19.29 20.82 -35.59
CA LYS C 630 19.50 21.56 -36.84
C LYS C 630 20.96 22.04 -36.77
N GLU C 631 21.46 22.64 -37.83
CA GLU C 631 22.83 23.12 -37.81
C GLU C 631 22.93 24.43 -37.06
N GLY C 632 21.77 25.01 -36.76
CA GLY C 632 21.71 26.22 -35.96
C GLY C 632 20.28 26.66 -35.79
N LEU C 633 20.12 27.92 -35.37
CA LEU C 633 18.78 28.55 -35.22
C LEU C 633 18.60 29.61 -36.31
N PRO C 634 17.99 29.23 -37.44
CA PRO C 634 17.84 30.20 -38.56
C PRO C 634 16.89 31.36 -38.21
N LYS C 635 17.27 32.55 -38.67
CA LYS C 635 16.60 33.79 -38.28
C LYS C 635 15.09 33.71 -38.47
N GLN C 636 14.65 33.21 -39.62
CA GLN C 636 13.22 33.16 -39.94
C GLN C 636 12.40 32.10 -39.18
N LYS C 637 12.99 30.92 -39.00
CA LYS C 637 12.41 29.84 -38.17
C LYS C 637 12.15 30.29 -36.72
N TRP C 638 12.95 31.22 -36.21
CA TRP C 638 12.77 31.64 -34.82
C TRP C 638 12.24 33.07 -34.64
N ALA C 639 11.84 33.72 -35.74
CA ALA C 639 11.27 35.08 -35.63
C ALA C 639 10.11 35.22 -34.64
N PHE C 640 9.26 34.19 -34.53
CA PHE C 640 8.13 34.15 -33.59
C PHE C 640 8.53 34.41 -32.13
N LEU C 641 9.81 34.23 -31.78
CA LEU C 641 10.22 34.36 -30.38
C LEU C 641 10.06 35.79 -29.89
N ALA C 642 10.14 36.73 -30.83
CA ALA C 642 10.03 38.16 -30.46
C ALA C 642 8.65 38.51 -29.88
N GLU C 643 7.60 37.97 -30.49
CA GLU C 643 6.21 38.22 -30.05
C GLU C 643 6.03 37.68 -28.63
N LEU C 644 6.62 36.52 -28.34
CA LEU C 644 6.55 35.93 -26.99
C LEU C 644 7.31 36.74 -25.92
N ASP C 645 8.47 37.27 -26.30
CA ASP C 645 9.41 37.93 -25.40
C ASP C 645 9.65 37.15 -24.12
N LYS C 646 9.83 35.83 -24.26
CA LYS C 646 10.16 34.94 -23.15
C LYS C 646 11.58 34.45 -23.22
N PRO C 647 12.25 34.37 -22.06
CA PRO C 647 13.55 33.69 -22.09
C PRO C 647 13.33 32.20 -22.46
N SER C 648 14.26 31.63 -23.23
CA SER C 648 14.07 30.32 -23.84
C SER C 648 15.37 29.55 -23.67
N ILE C 649 15.31 28.23 -23.79
CA ILE C 649 16.51 27.41 -23.68
C ILE C 649 16.38 26.29 -24.70
N ILE C 650 17.48 25.99 -25.38
CA ILE C 650 17.57 24.75 -26.18
C ILE C 650 17.87 23.53 -25.26
N GLY C 651 16.96 22.55 -25.19
CA GLY C 651 17.14 21.41 -24.27
C GLY C 651 18.08 20.39 -24.88
N GLU C 652 18.16 20.36 -26.21
CA GLU C 652 18.92 19.34 -26.98
C GLU C 652 19.36 19.81 -28.34
N PHE C 653 20.60 19.52 -28.69
CA PHE C 653 21.07 19.58 -30.07
C PHE C 653 22.29 18.66 -30.09
N HIS C 654 22.70 18.27 -31.29
CA HIS C 654 23.94 17.47 -31.45
C HIS C 654 24.39 17.37 -32.87
N ILE C 655 25.64 16.97 -33.05
CA ILE C 655 26.23 16.67 -34.36
C ILE C 655 27.13 15.42 -34.21
N GLY C 656 26.93 14.40 -35.05
CA GLY C 656 27.80 13.23 -35.04
C GLY C 656 28.59 13.02 -36.31
N ALA C 657 29.53 12.07 -36.27
CA ALA C 657 30.30 11.71 -37.48
C ALA C 657 30.52 10.22 -37.50
N MET C 658 31.04 9.70 -38.61
CA MET C 658 31.14 8.25 -38.72
C MET C 658 32.59 7.81 -38.86
N ASP C 659 33.51 8.66 -38.42
CA ASP C 659 34.92 8.30 -38.52
C ASP C 659 35.48 7.71 -37.21
N HIS C 660 34.61 7.40 -36.24
CA HIS C 660 35.06 6.80 -34.97
C HIS C 660 34.21 5.56 -34.68
N GLY C 661 33.88 4.81 -35.75
CA GLY C 661 33.29 3.45 -35.61
C GLY C 661 31.75 3.38 -35.57
N SER C 662 31.08 4.53 -35.56
CA SER C 662 29.62 4.52 -35.40
C SER C 662 28.90 4.09 -36.67
N TYR C 663 27.73 3.49 -36.53
CA TYR C 663 26.90 3.09 -37.68
C TYR C 663 25.94 4.22 -38.03
N HIS C 664 25.84 5.22 -37.16
CA HIS C 664 24.88 6.30 -37.37
C HIS C 664 25.43 7.54 -36.72
N PRO C 665 25.52 8.64 -37.50
CA PRO C 665 26.02 9.87 -36.90
C PRO C 665 25.03 10.51 -35.93
N GLY C 666 23.73 10.26 -36.06
CA GLY C 666 22.74 10.98 -35.25
C GLY C 666 21.89 11.85 -36.17
N LEU C 667 21.33 12.95 -35.64
CA LEU C 667 20.28 13.65 -36.40
C LEU C 667 20.90 14.64 -37.37
N ILE C 668 22.05 15.17 -36.96
CA ILE C 668 22.77 16.17 -37.74
C ILE C 668 24.19 15.66 -37.91
N HIS C 669 24.71 15.78 -39.12
CA HIS C 669 25.90 15.01 -39.55
C HIS C 669 27.05 15.89 -39.93
N ALA C 670 28.23 15.49 -39.45
CA ALA C 670 29.48 16.12 -39.86
C ALA C 670 30.37 15.18 -40.65
N ALA C 671 31.39 15.76 -41.25
CA ALA C 671 32.25 14.99 -42.14
C ALA C 671 33.39 14.24 -41.42
N SER C 672 33.60 14.56 -40.16
CA SER C 672 34.75 14.08 -39.38
C SER C 672 34.62 14.65 -38.00
N GLN C 673 35.41 14.16 -37.04
CA GLN C 673 35.41 14.75 -35.67
C GLN C 673 35.77 16.24 -35.69
N ALA C 674 36.78 16.61 -36.50
CA ALA C 674 37.09 18.05 -36.59
C ALA C 674 35.89 18.85 -37.12
N ASP C 675 35.20 18.34 -38.14
CA ASP C 675 34.02 19.05 -38.65
C ASP C 675 32.88 19.08 -37.61
N ARG C 676 32.71 18.03 -36.79
CA ARG C 676 31.75 18.09 -35.68
C ARG C 676 31.98 19.34 -34.80
N GLY C 677 33.24 19.57 -34.44
CA GLY C 677 33.61 20.73 -33.58
C GLY C 677 33.31 22.04 -34.28
N GLU C 678 33.57 22.13 -35.58
CA GLU C 678 33.24 23.36 -36.33
C GLU C 678 31.75 23.60 -36.31
N MET C 679 30.99 22.55 -36.51
CA MET C 679 29.54 22.66 -36.58
C MET C 679 28.95 23.00 -35.21
N TYR C 680 29.58 22.47 -34.16
CA TYR C 680 29.21 22.84 -32.80
C TYR C 680 29.35 24.38 -32.57
N LYS C 681 30.47 24.92 -32.98
CA LYS C 681 30.75 26.33 -32.79
C LYS C 681 29.72 27.17 -33.55
N ASP C 682 29.38 26.76 -34.77
CA ASP C 682 28.36 27.45 -35.58
C ASP C 682 27.00 27.38 -34.90
N TYR C 683 26.60 26.20 -34.40
CA TYR C 683 25.32 26.08 -33.69
C TYR C 683 25.30 27.01 -32.46
N MET C 684 26.34 26.89 -31.65
CA MET C 684 26.33 27.69 -30.42
C MET C 684 26.37 29.21 -30.70
N GLN C 685 27.09 29.60 -31.75
CA GLN C 685 27.12 31.04 -32.12
C GLN C 685 25.71 31.53 -32.42
N SER C 686 24.93 30.69 -33.12
N SER C 686 24.92 30.70 -33.12
CA SER C 686 23.55 31.03 -33.45
CA SER C 686 23.54 31.10 -33.45
C SER C 686 22.66 31.23 -32.22
C SER C 686 22.62 31.22 -32.22
N VAL C 687 22.85 30.41 -31.20
CA VAL C 687 22.11 30.55 -29.95
C VAL C 687 22.55 31.81 -29.21
N ILE C 688 23.86 31.96 -29.09
CA ILE C 688 24.49 33.10 -28.38
C ILE C 688 24.03 34.43 -28.98
N ASP C 689 23.91 34.46 -30.32
CA ASP C 689 23.49 35.67 -31.05
C ASP C 689 21.99 35.92 -30.93
N ASN C 690 21.22 34.94 -30.51
CA ASN C 690 19.76 35.12 -30.38
C ASN C 690 19.38 35.72 -29.02
N PRO C 691 18.74 36.92 -29.01
CA PRO C 691 18.53 37.57 -27.72
C PRO C 691 17.58 36.87 -26.76
N TYR C 692 16.83 35.88 -27.25
CA TYR C 692 15.81 35.24 -26.43
C TYR C 692 16.34 34.02 -25.68
N PHE C 693 17.50 33.50 -26.07
CA PHE C 693 18.01 32.25 -25.46
C PHE C 693 18.97 32.47 -24.31
N VAL C 694 18.74 31.75 -23.20
CA VAL C 694 19.55 31.86 -21.98
C VAL C 694 20.46 30.64 -21.81
N GLY C 695 20.35 29.67 -22.71
CA GLY C 695 21.36 28.61 -22.77
C GLY C 695 21.02 27.53 -23.80
N ALA C 696 21.85 26.49 -23.84
CA ALA C 696 21.65 25.37 -24.76
C ALA C 696 22.41 24.19 -24.24
N HIS C 697 21.76 23.04 -24.23
CA HIS C 697 22.41 21.83 -23.75
C HIS C 697 22.50 20.85 -24.92
N TRP C 698 23.65 20.18 -25.00
CA TRP C 698 23.96 19.17 -25.99
C TRP C 698 23.42 17.77 -25.54
N PHE C 699 22.80 17.05 -26.45
CA PHE C 699 22.38 15.66 -26.17
C PHE C 699 23.38 14.76 -26.90
N GLN C 700 24.35 14.13 -26.22
CA GLN C 700 24.33 13.90 -24.76
C GLN C 700 25.77 13.65 -24.30
N TYR C 701 25.99 13.32 -23.05
CA TYR C 701 27.38 13.15 -22.57
C TYR C 701 28.17 12.06 -23.31
N MET C 702 27.53 10.90 -23.48
CA MET C 702 28.22 9.71 -24.01
C MET C 702 27.58 9.24 -25.33
N ASP C 703 28.38 8.61 -26.19
CA ASP C 703 27.85 7.96 -27.37
C ASP C 703 26.81 6.96 -26.93
N SER C 704 25.77 6.80 -27.74
N SER C 704 25.74 6.80 -27.69
CA SER C 704 24.84 5.68 -27.59
CA SER C 704 24.85 5.68 -27.42
C SER C 704 25.63 4.40 -27.85
C SER C 704 25.55 4.41 -27.88
N PRO C 705 25.17 3.26 -27.29
CA PRO C 705 25.75 1.96 -27.66
C PRO C 705 25.74 1.73 -29.17
N LEU C 706 26.80 1.10 -29.67
CA LEU C 706 27.00 0.84 -31.11
C LEU C 706 25.79 0.10 -31.71
N THR C 707 25.23 -0.80 -30.90
CA THR C 707 24.12 -1.65 -31.28
C THR C 707 22.78 -1.12 -30.72
N GLY C 708 22.79 0.15 -30.31
CA GLY C 708 21.54 0.85 -29.92
C GLY C 708 21.25 0.84 -28.45
N ARG C 709 20.80 1.99 -27.90
CA ARG C 709 20.41 2.00 -26.48
C ARG C 709 19.18 1.10 -26.37
N ALA C 710 19.03 0.48 -25.21
CA ALA C 710 17.98 -0.49 -24.99
C ALA C 710 16.56 0.09 -25.27
N TYR C 711 16.34 1.35 -24.93
CA TYR C 711 15.03 1.99 -25.10
C TYR C 711 14.44 1.91 -26.52
N ASP C 712 15.24 2.24 -27.53
CA ASP C 712 14.68 2.43 -28.88
C ASP C 712 15.69 2.27 -30.03
N GLY C 713 16.92 1.81 -29.69
CA GLY C 713 17.93 1.49 -30.68
C GLY C 713 18.66 2.66 -31.31
N GLU C 714 18.48 3.88 -30.77
CA GLU C 714 19.31 4.97 -31.23
C GLU C 714 20.75 4.50 -31.01
N ASN C 715 21.62 4.74 -32.00
CA ASN C 715 22.96 4.18 -31.96
C ASN C 715 23.97 5.18 -32.49
N TYR C 716 23.85 6.42 -31.96
CA TYR C 716 24.47 7.61 -32.52
C TYR C 716 25.88 8.03 -31.97
N ASN C 717 26.74 8.58 -32.82
CA ASN C 717 27.93 9.25 -32.32
C ASN C 717 27.55 10.61 -31.80
N VAL C 718 26.91 10.67 -30.63
CA VAL C 718 26.57 12.00 -30.15
C VAL C 718 27.16 12.37 -28.80
N GLY C 719 28.14 11.60 -28.37
CA GLY C 719 28.84 11.90 -27.11
C GLY C 719 29.97 12.93 -27.22
N PHE C 720 30.28 13.55 -26.07
CA PHE C 720 31.58 14.19 -25.85
C PHE C 720 32.64 13.15 -25.44
N VAL C 721 32.17 11.99 -24.97
CA VAL C 721 33.04 10.83 -24.64
C VAL C 721 32.48 9.60 -25.36
N ASP C 722 33.38 8.69 -25.72
CA ASP C 722 32.99 7.49 -26.42
C ASP C 722 32.70 6.34 -25.41
N VAL C 723 32.43 5.13 -25.92
CA VAL C 723 32.08 3.98 -25.07
C VAL C 723 33.18 3.64 -24.04
N THR C 724 34.42 4.04 -24.32
CA THR C 724 35.54 3.74 -23.42
C THR C 724 35.71 4.86 -22.45
N ASP C 725 34.74 5.77 -22.38
CA ASP C 725 34.86 6.96 -21.51
C ASP C 725 36.05 7.87 -21.88
N THR C 726 36.38 7.92 -23.17
CA THR C 726 37.50 8.74 -23.61
C THR C 726 36.94 9.95 -24.39
N PRO C 727 37.29 11.18 -23.98
CA PRO C 727 36.75 12.38 -24.62
C PRO C 727 37.14 12.48 -26.10
N TYR C 728 36.22 13.02 -26.90
CA TYR C 728 36.51 13.47 -28.26
C TYR C 728 37.21 14.82 -28.14
N GLN C 729 38.53 14.86 -28.38
CA GLN C 729 39.29 16.09 -28.15
C GLN C 729 38.75 17.24 -28.98
N GLU C 730 38.30 16.95 -30.21
CA GLU C 730 37.76 18.02 -31.06
C GLU C 730 36.53 18.70 -30.47
N MET C 731 35.70 17.91 -29.78
CA MET C 731 34.51 18.44 -29.15
C MET C 731 34.86 19.24 -27.91
N VAL C 732 35.81 18.72 -27.12
CA VAL C 732 36.31 19.46 -25.97
C VAL C 732 36.86 20.83 -26.36
N ASP C 733 37.69 20.85 -27.41
CA ASP C 733 38.31 22.09 -27.87
C ASP C 733 37.27 23.08 -28.39
N ALA C 734 36.28 22.57 -29.10
CA ALA C 734 35.15 23.40 -29.57
C ALA C 734 34.34 23.98 -28.41
N ALA C 735 34.05 23.14 -27.43
CA ALA C 735 33.33 23.61 -26.26
C ALA C 735 34.13 24.66 -25.46
N LYS C 736 35.44 24.49 -25.34
CA LYS C 736 36.26 25.49 -24.62
C LYS C 736 36.25 26.84 -25.33
N GLU C 737 36.36 26.82 -26.65
CA GLU C 737 36.34 28.06 -27.40
C GLU C 737 35.00 28.82 -27.21
N VAL C 738 33.89 28.10 -27.28
CA VAL C 738 32.55 28.70 -27.10
C VAL C 738 32.36 29.17 -25.66
N ASN C 739 32.71 28.31 -24.70
CA ASN C 739 32.42 28.61 -23.34
C ASN C 739 33.29 29.79 -22.84
N ALA C 740 34.50 29.92 -23.37
CA ALA C 740 35.38 31.03 -22.96
C ALA C 740 34.80 32.39 -23.34
N LYS C 741 33.92 32.45 -24.34
CA LYS C 741 33.38 33.75 -24.78
C LYS C 741 31.85 33.96 -24.60
N ILE C 742 31.13 32.99 -24.04
CA ILE C 742 29.65 33.13 -23.91
C ILE C 742 29.27 34.46 -23.26
N TYR C 743 30.02 34.85 -22.23
CA TYR C 743 29.65 36.03 -21.48
C TYR C 743 30.04 37.35 -22.18
N THR C 744 31.26 37.41 -22.70
CA THR C 744 31.66 38.60 -23.48
C THR C 744 30.76 38.81 -24.69
N GLU C 745 30.38 37.71 -25.35
CA GLU C 745 29.47 37.78 -26.50
C GLU C 745 28.13 38.38 -26.10
N ARG C 746 27.53 37.90 -25.00
CA ARG C 746 26.21 38.38 -24.57
C ARG C 746 26.24 39.77 -23.95
N LEU C 747 27.30 40.05 -23.20
CA LEU C 747 27.27 41.22 -22.31
C LEU C 747 28.29 42.31 -22.64
N GLY C 748 29.17 42.05 -23.61
CA GLY C 748 30.22 43.01 -23.99
C GLY C 748 31.44 42.93 -23.08
N SER C 749 32.33 43.94 -23.19
CA SER C 749 33.45 44.18 -22.23
C SER C 749 33.34 45.53 -21.50
N SER D 2 -7.25 48.60 -8.07
CA SER D 2 -8.70 49.00 -7.88
C SER D 2 -9.56 48.60 -9.08
N HIS D 3 -10.87 48.68 -8.90
CA HIS D 3 -11.76 48.41 -9.99
C HIS D 3 -13.04 49.16 -9.63
N MET D 4 -13.32 50.22 -10.39
CA MET D 4 -14.42 51.12 -10.05
C MET D 4 -15.64 50.68 -10.83
N LEU D 5 -16.66 50.17 -10.14
CA LEU D 5 -17.73 49.42 -10.84
C LEU D 5 -18.96 50.24 -11.15
N PHE D 6 -19.50 50.95 -10.15
CA PHE D 6 -20.63 51.87 -10.42
C PHE D 6 -20.49 53.16 -9.63
N ASP D 7 -20.44 54.28 -10.35
CA ASP D 7 -20.50 55.61 -9.71
C ASP D 7 -21.80 56.30 -10.06
N PHE D 8 -22.58 55.65 -10.92
CA PHE D 8 -23.91 56.15 -11.36
C PHE D 8 -23.87 57.56 -11.95
N GLU D 9 -22.73 57.96 -12.49
CA GLU D 9 -22.59 59.32 -13.00
C GLU D 9 -23.15 59.42 -14.42
N ASN D 10 -24.36 58.85 -14.57
N ASN D 10 -24.38 58.91 -14.56
CA ASN D 10 -25.16 58.91 -15.78
CA ASN D 10 -25.12 58.89 -15.83
C ASN D 10 -26.57 59.24 -15.35
C ASN D 10 -26.62 59.03 -15.47
N ASP D 11 -27.38 59.75 -16.28
CA ASP D 11 -28.82 59.88 -15.97
C ASP D 11 -29.57 58.52 -16.00
N GLN D 12 -28.93 57.49 -16.54
CA GLN D 12 -29.54 56.16 -16.76
C GLN D 12 -29.22 55.14 -15.67
N VAL D 13 -30.21 54.35 -15.26
CA VAL D 13 -29.90 53.21 -14.40
C VAL D 13 -29.15 52.19 -15.25
N PRO D 14 -28.00 51.69 -14.77
CA PRO D 14 -27.23 50.74 -15.59
C PRO D 14 -28.04 49.50 -16.00
N SER D 15 -27.80 49.00 -17.23
CA SER D 15 -28.50 47.81 -17.73
C SER D 15 -28.08 46.48 -17.08
N ASN D 16 -26.93 46.46 -16.39
CA ASN D 16 -26.44 45.21 -15.81
C ASN D 16 -26.97 45.05 -14.39
N ILE D 17 -27.88 45.91 -13.98
CA ILE D 17 -28.48 45.77 -12.64
C ILE D 17 -29.95 45.45 -12.83
N HIS D 18 -30.43 44.42 -12.13
CA HIS D 18 -31.79 43.93 -12.27
C HIS D 18 -32.47 44.07 -10.95
N PHE D 19 -33.76 44.34 -10.99
CA PHE D 19 -34.54 44.64 -9.78
C PHE D 19 -35.66 43.66 -9.51
N LEU D 20 -35.81 43.30 -8.24
CA LEU D 20 -36.89 42.44 -7.90
C LEU D 20 -37.78 43.15 -6.89
N ASN D 21 -39.01 43.40 -7.29
CA ASN D 21 -40.01 44.03 -6.42
C ASN D 21 -39.46 45.31 -5.81
N ALA D 22 -38.96 46.18 -6.68
CA ALA D 22 -38.25 47.36 -6.24
C ALA D 22 -38.09 48.26 -7.47
N ARG D 23 -38.06 49.55 -7.23
CA ARG D 23 -38.00 50.52 -8.30
C ARG D 23 -36.74 51.34 -8.08
N ALA D 24 -36.00 51.55 -9.17
CA ALA D 24 -34.69 52.20 -9.13
C ALA D 24 -34.74 53.51 -9.90
N SER D 25 -33.98 54.50 -9.44
CA SER D 25 -33.83 55.74 -10.20
C SER D 25 -32.51 56.34 -9.80
N ILE D 26 -32.06 57.33 -10.57
CA ILE D 26 -30.78 57.98 -10.29
C ILE D 26 -31.12 59.34 -9.68
N GLU D 27 -30.56 59.64 -8.51
N GLU D 27 -30.43 59.69 -8.59
CA GLU D 27 -30.81 60.92 -7.85
CA GLU D 27 -30.80 60.86 -7.81
C GLU D 27 -29.50 61.55 -7.47
C GLU D 27 -29.57 61.51 -7.20
N THR D 28 -29.53 62.85 -7.22
CA THR D 28 -28.41 63.54 -6.57
C THR D 28 -28.60 63.48 -5.06
N TYR D 29 -27.51 63.26 -4.34
CA TYR D 29 -27.51 63.11 -2.88
C TYR D 29 -26.16 63.69 -2.36
N THR D 30 -26.08 63.92 -1.05
CA THR D 30 -24.87 64.45 -0.41
C THR D 30 -23.88 63.35 -0.19
N GLY D 31 -22.78 63.41 -0.96
CA GLY D 31 -21.73 62.41 -0.89
C GLY D 31 -21.07 62.36 0.48
N ILE D 32 -20.31 61.30 0.74
CA ILE D 32 -19.55 61.20 1.99
C ILE D 32 -18.63 62.41 2.13
N ASN D 33 -18.10 62.89 1.00
CA ASN D 33 -17.14 64.00 1.05
C ASN D 33 -17.81 65.36 1.00
N GLY D 34 -19.14 65.39 1.04
CA GLY D 34 -19.86 66.67 1.13
C GLY D 34 -20.22 67.20 -0.26
N GLU D 35 -19.66 66.61 -1.31
CA GLU D 35 -20.00 67.03 -2.68
C GLU D 35 -21.29 66.35 -3.13
N PRO D 36 -22.09 67.03 -3.97
CA PRO D 36 -23.21 66.34 -4.60
C PRO D 36 -22.70 65.16 -5.41
N SER D 37 -23.49 64.09 -5.45
CA SER D 37 -23.15 62.97 -6.32
C SER D 37 -24.42 62.28 -6.76
N LYS D 38 -24.37 61.61 -7.91
CA LYS D 38 -25.50 60.80 -8.37
C LYS D 38 -25.44 59.43 -7.75
N GLY D 39 -26.57 58.98 -7.22
CA GLY D 39 -26.60 57.65 -6.59
C GLY D 39 -27.77 56.87 -7.12
N LEU D 40 -27.73 55.56 -6.90
CA LEU D 40 -28.88 54.73 -7.24
C LEU D 40 -29.87 54.75 -6.08
N LYS D 41 -31.06 55.27 -6.31
CA LYS D 41 -32.08 55.22 -5.27
C LYS D 41 -32.91 53.98 -5.48
N LEU D 42 -32.99 53.12 -4.46
CA LEU D 42 -33.68 51.84 -4.63
C LEU D 42 -34.80 51.76 -3.62
N ALA D 43 -36.02 51.83 -4.12
CA ALA D 43 -37.22 51.85 -3.31
C ALA D 43 -37.83 50.45 -3.32
N MET D 44 -37.54 49.67 -2.29
CA MET D 44 -37.96 48.27 -2.25
C MET D 44 -39.41 48.17 -1.72
N GLN D 45 -40.20 47.33 -2.38
CA GLN D 45 -41.62 47.11 -2.03
C GLN D 45 -41.73 46.02 -0.99
N SER D 46 -41.04 46.25 0.13
CA SER D 46 -40.76 45.17 1.05
C SER D 46 -41.85 45.02 2.12
N LYS D 47 -42.80 45.94 2.19
CA LYS D 47 -44.04 45.66 2.98
C LYS D 47 -44.85 44.51 2.33
N GLN D 48 -45.13 44.61 1.02
N GLN D 48 -45.08 44.60 1.03
CA GLN D 48 -45.89 43.58 0.30
CA GLN D 48 -45.87 43.61 0.31
C GLN D 48 -45.08 42.33 0.00
C GLN D 48 -45.09 42.33 -0.03
N HIS D 49 -43.82 42.52 -0.40
CA HIS D 49 -43.02 41.43 -0.93
C HIS D 49 -41.92 40.97 0.06
N SER D 50 -41.90 39.68 0.36
CA SER D 50 -40.98 39.16 1.35
C SER D 50 -39.53 39.05 0.82
N TYR D 51 -39.34 39.14 -0.49
CA TYR D 51 -37.99 39.24 -1.06
C TYR D 51 -37.98 40.45 -2.06
N THR D 52 -37.03 41.36 -1.83
CA THR D 52 -36.87 42.57 -2.69
C THR D 52 -35.40 42.86 -2.86
N GLY D 53 -35.02 43.61 -3.89
CA GLY D 53 -33.64 44.04 -3.97
C GLY D 53 -33.15 44.21 -5.39
N LEU D 54 -31.83 44.14 -5.54
CA LEU D 54 -31.19 44.26 -6.84
C LEU D 54 -30.19 43.15 -7.00
N ALA D 55 -29.83 42.91 -8.25
CA ALA D 55 -28.72 42.00 -8.55
C ALA D 55 -27.91 42.54 -9.72
N ILE D 56 -26.60 42.55 -9.54
CA ILE D 56 -25.67 43.02 -10.56
C ILE D 56 -25.13 41.79 -11.26
N VAL D 57 -25.32 41.74 -12.58
CA VAL D 57 -24.98 40.54 -13.38
C VAL D 57 -24.21 41.03 -14.61
N PRO D 58 -22.87 40.98 -14.53
CA PRO D 58 -22.08 41.45 -15.69
C PRO D 58 -22.16 40.47 -16.83
N GLU D 59 -21.83 40.95 -18.04
CA GLU D 59 -21.96 40.13 -19.26
C GLU D 59 -21.09 38.88 -19.16
N GLN D 60 -19.94 39.02 -18.51
CA GLN D 60 -19.06 37.90 -18.20
C GLN D 60 -18.67 38.06 -16.71
N PRO D 61 -18.53 36.93 -15.98
CA PRO D 61 -18.07 37.08 -14.59
C PRO D 61 -16.80 37.94 -14.46
N TRP D 62 -16.73 38.79 -13.43
CA TRP D 62 -15.47 39.53 -13.19
C TRP D 62 -14.33 38.60 -12.81
N ASP D 63 -13.16 38.86 -13.37
CA ASP D 63 -11.95 38.14 -12.98
C ASP D 63 -11.18 39.01 -11.99
N TRP D 64 -11.30 38.68 -10.71
CA TRP D 64 -10.62 39.47 -9.67
C TRP D 64 -9.54 38.61 -9.02
N SER D 65 -8.99 37.68 -9.79
CA SER D 65 -7.98 36.77 -9.27
C SER D 65 -6.70 37.50 -8.84
N GLU D 66 -6.42 38.68 -9.40
CA GLU D 66 -5.27 39.50 -8.98
C GLU D 66 -5.49 40.19 -7.64
N PHE D 67 -6.75 40.29 -7.21
CA PHE D 67 -7.12 40.98 -5.97
C PHE D 67 -7.03 40.03 -4.77
N THR D 68 -5.80 39.72 -4.33
CA THR D 68 -5.60 38.63 -3.35
C THR D 68 -5.76 39.02 -1.89
N SER D 69 -5.89 40.31 -1.60
CA SER D 69 -6.28 40.79 -0.25
C SER D 69 -7.14 42.00 -0.51
N ALA D 70 -8.41 41.77 -0.83
CA ALA D 70 -9.28 42.90 -1.20
C ALA D 70 -10.71 42.78 -0.70
N SER D 71 -11.41 43.92 -0.76
CA SER D 71 -12.81 43.99 -0.36
C SER D 71 -13.63 44.73 -1.39
N LEU D 72 -14.90 44.36 -1.42
CA LEU D 72 -15.91 45.08 -2.15
C LEU D 72 -16.50 46.17 -1.24
N TYR D 73 -16.52 47.41 -1.74
CA TYR D 73 -17.03 48.58 -1.00
C TYR D 73 -18.28 49.14 -1.64
N PHE D 74 -19.20 49.61 -0.79
CA PHE D 74 -20.39 50.32 -1.25
C PHE D 74 -20.55 51.54 -0.34
N ASP D 75 -21.06 52.67 -0.89
CA ASP D 75 -21.54 53.74 -0.06
C ASP D 75 -23.06 53.55 0.00
N ILE D 76 -23.62 53.53 1.19
CA ILE D 76 -25.05 53.27 1.35
C ILE D 76 -25.64 54.10 2.47
N VAL D 77 -26.91 54.47 2.31
CA VAL D 77 -27.65 55.15 3.38
C VAL D 77 -29.11 54.80 3.20
N SER D 78 -29.86 54.76 4.30
CA SER D 78 -31.32 54.63 4.20
C SER D 78 -32.02 55.99 4.15
N VAL D 79 -33.17 56.04 3.50
CA VAL D 79 -33.97 57.26 3.39
C VAL D 79 -35.37 56.98 3.98
N GLY D 80 -35.95 57.97 4.65
CA GLY D 80 -37.29 57.85 5.22
C GLY D 80 -37.24 57.51 6.69
N ASP D 81 -38.18 56.67 7.11
CA ASP D 81 -38.47 56.48 8.53
C ASP D 81 -37.87 55.20 9.11
N HIS D 82 -37.24 54.38 8.27
CA HIS D 82 -36.75 53.08 8.73
C HIS D 82 -35.31 52.79 8.30
N SER D 83 -34.56 52.19 9.22
CA SER D 83 -33.25 51.59 8.86
C SER D 83 -33.49 50.36 7.97
N THR D 84 -32.45 49.93 7.26
CA THR D 84 -32.58 48.81 6.35
C THR D 84 -31.53 47.79 6.69
N GLN D 85 -31.92 46.53 6.80
CA GLN D 85 -30.90 45.50 6.95
C GLN D 85 -30.66 44.88 5.58
N PHE D 86 -29.46 45.08 5.03
CA PHE D 86 -29.16 44.52 3.70
C PHE D 86 -28.55 43.14 3.85
N TYR D 87 -29.03 42.23 3.04
CA TYR D 87 -28.31 41.00 2.82
C TYR D 87 -27.48 41.11 1.55
N LEU D 88 -26.18 40.90 1.69
CA LEU D 88 -25.30 40.86 0.52
C LEU D 88 -24.92 39.41 0.17
N ASP D 89 -25.30 39.00 -1.04
CA ASP D 89 -24.95 37.65 -1.52
C ASP D 89 -24.02 37.78 -2.70
N VAL D 90 -22.84 37.16 -2.59
CA VAL D 90 -21.88 37.16 -3.71
C VAL D 90 -21.74 35.74 -4.21
N THR D 91 -21.89 35.56 -5.53
CA THR D 91 -21.96 34.22 -6.14
C THR D 91 -20.90 34.13 -7.22
N ASP D 92 -20.08 33.07 -7.19
CA ASP D 92 -19.02 32.89 -8.19
C ASP D 92 -19.48 32.04 -9.41
N GLN D 93 -18.62 31.92 -10.41
CA GLN D 93 -19.01 31.20 -11.65
C GLN D 93 -19.28 29.70 -11.45
N ASN D 94 -18.90 29.16 -10.29
CA ASN D 94 -19.17 27.76 -9.95
C ASN D 94 -20.43 27.55 -9.12
N GLY D 95 -21.19 28.63 -8.89
CA GLY D 95 -22.34 28.57 -8.00
C GLY D 95 -22.09 28.72 -6.50
N ALA D 96 -20.84 28.83 -6.07
CA ALA D 96 -20.56 29.03 -4.65
C ALA D 96 -21.01 30.44 -4.24
N VAL D 97 -21.51 30.60 -3.00
CA VAL D 97 -22.13 31.87 -2.56
C VAL D 97 -21.80 32.15 -1.11
N PHE D 98 -21.57 33.41 -0.78
CA PHE D 98 -21.58 33.76 0.62
C PHE D 98 -22.62 34.83 0.89
N THR D 99 -23.04 34.88 2.14
CA THR D 99 -23.94 35.90 2.64
C THR D 99 -23.29 36.70 3.76
N ARG D 100 -23.25 38.01 3.57
CA ARG D 100 -22.93 38.92 4.66
C ARG D 100 -24.10 39.87 4.89
N SER D 101 -24.12 40.56 6.04
CA SER D 101 -25.24 41.45 6.35
C SER D 101 -24.89 42.60 7.31
N ILE D 102 -25.58 43.72 7.18
N ILE D 102 -25.56 43.73 7.16
CA ILE D 102 -25.36 44.85 8.11
CA ILE D 102 -25.38 44.84 8.10
C ILE D 102 -26.54 45.83 8.04
C ILE D 102 -26.67 45.67 8.14
N ASP D 103 -26.77 46.54 9.14
CA ASP D 103 -27.79 47.58 9.20
C ASP D 103 -27.33 48.81 8.41
N ILE D 104 -28.27 49.44 7.72
CA ILE D 104 -28.04 50.70 7.01
C ILE D 104 -28.93 51.78 7.68
N PRO D 105 -28.31 52.64 8.50
CA PRO D 105 -29.07 53.70 9.18
C PRO D 105 -29.50 54.79 8.22
N VAL D 106 -30.52 55.55 8.59
CA VAL D 106 -30.84 56.80 7.91
C VAL D 106 -29.75 57.81 8.29
N GLY D 107 -29.69 58.98 7.66
CA GLY D 107 -28.71 59.98 8.09
C GLY D 107 -27.66 60.18 7.01
N LYS D 108 -26.38 60.17 7.39
CA LYS D 108 -25.28 60.45 6.44
C LYS D 108 -24.89 59.23 5.63
N MET D 109 -24.51 59.43 4.36
CA MET D 109 -23.89 58.37 3.58
C MET D 109 -22.69 57.80 4.37
N GLN D 110 -22.52 56.46 4.36
CA GLN D 110 -21.33 55.85 4.97
C GLN D 110 -20.75 54.80 4.03
N SER D 111 -19.49 54.39 4.24
CA SER D 111 -18.90 53.32 3.42
C SER D 111 -18.94 51.98 4.13
N TYR D 112 -19.32 50.95 3.35
CA TYR D 112 -19.42 49.56 3.83
C TYR D 112 -18.52 48.65 3.01
N TYR D 113 -17.87 47.70 3.66
CA TYR D 113 -17.01 46.77 2.91
C TYR D 113 -17.33 45.32 3.20
N ALA D 114 -17.13 44.50 2.18
CA ALA D 114 -17.28 43.05 2.27
C ALA D 114 -15.97 42.44 1.82
N LYS D 115 -15.27 41.77 2.74
CA LYS D 115 -13.98 41.16 2.37
C LYS D 115 -14.17 40.06 1.31
N LEU D 116 -13.37 40.08 0.25
CA LEU D 116 -13.33 38.97 -0.74
C LEU D 116 -12.13 38.03 -0.57
N SER D 117 -11.03 38.60 -0.07
CA SER D 117 -9.81 37.82 0.14
C SER D 117 -8.94 38.46 1.22
N GLY D 118 -8.01 37.67 1.75
CA GLY D 118 -6.98 38.19 2.61
C GLY D 118 -7.35 38.20 4.08
N HIS D 119 -6.42 38.69 4.89
CA HIS D 119 -6.65 38.84 6.32
C HIS D 119 -7.21 37.56 6.92
N ASP D 120 -8.34 37.67 7.61
CA ASP D 120 -8.90 36.54 8.30
C ASP D 120 -9.66 35.57 7.37
N LEU D 121 -9.73 35.86 6.07
CA LEU D 121 -10.19 34.83 5.13
C LEU D 121 -9.07 33.86 4.75
N GLU D 122 -7.82 34.22 5.01
CA GLU D 122 -6.65 33.38 4.65
C GLU D 122 -6.39 32.27 5.67
N ASP D 131 -19.18 24.75 10.33
CA ASP D 131 -18.45 25.77 11.07
C ASP D 131 -18.70 27.15 10.46
N LEU D 132 -19.63 27.90 11.03
CA LEU D 132 -20.03 29.20 10.47
C LEU D 132 -19.15 30.39 10.92
N ASN D 133 -18.25 30.19 11.88
CA ASN D 133 -17.40 31.27 12.37
C ASN D 133 -16.18 31.57 11.49
N LEU D 134 -15.52 32.69 11.79
CA LEU D 134 -14.15 32.89 11.34
C LEU D 134 -13.17 32.27 12.36
N ALA D 135 -11.93 32.06 11.91
CA ALA D 135 -10.94 31.18 12.56
C ALA D 135 -10.68 31.34 14.07
N SER D 136 -10.88 32.53 14.63
CA SER D 136 -10.58 32.82 16.06
C SER D 136 -11.50 32.13 17.08
N GLY D 137 -12.78 32.02 16.72
CA GLY D 137 -13.81 31.51 17.61
C GLY D 137 -14.98 32.45 17.70
N LEU D 138 -15.06 33.40 16.78
CA LEU D 138 -16.10 34.43 16.83
C LEU D 138 -16.89 34.42 15.51
N ARG D 139 -18.22 34.42 15.59
CA ARG D 139 -19.05 34.40 14.39
C ARG D 139 -18.64 35.54 13.51
N SER D 140 -18.47 36.70 14.11
CA SER D 140 -17.67 37.70 13.46
C SER D 140 -16.54 37.99 14.42
N ASN D 141 -15.33 37.59 14.02
CA ASN D 141 -14.12 38.27 14.46
C ASN D 141 -14.40 39.75 14.52
N PRO D 142 -13.61 40.51 15.32
CA PRO D 142 -13.49 41.94 15.20
C PRO D 142 -12.94 42.23 13.81
N PRO D 143 -12.98 43.49 13.33
CA PRO D 143 -12.34 43.86 12.08
C PRO D 143 -10.82 43.69 12.15
N THR D 144 -10.20 43.59 10.97
CA THR D 144 -8.77 43.27 10.87
C THR D 144 -7.98 44.54 10.62
N TRP D 145 -8.69 45.66 10.51
CA TRP D 145 -8.09 46.98 10.58
C TRP D 145 -9.03 47.91 11.31
N THR D 146 -8.55 49.11 11.59
CA THR D 146 -9.31 50.12 12.34
C THR D 146 -9.72 51.18 11.35
N SER D 147 -11.03 51.44 11.25
CA SER D 147 -11.55 52.42 10.30
C SER D 147 -12.97 52.82 10.69
N ASP D 148 -13.37 54.03 10.29
CA ASP D 148 -14.77 54.49 10.42
C ASP D 148 -15.74 53.69 9.53
N ASP D 149 -15.21 53.17 8.42
CA ASP D 149 -16.03 52.36 7.51
C ASP D 149 -16.59 51.15 8.22
N ARG D 150 -17.74 50.69 7.75
CA ARG D 150 -18.42 49.62 8.44
C ARG D 150 -18.30 48.31 7.67
N GLN D 151 -18.19 47.21 8.42
CA GLN D 151 -18.06 45.86 7.85
C GLN D 151 -19.40 45.12 7.69
N PHE D 152 -19.66 44.63 6.48
CA PHE D 152 -20.74 43.67 6.24
C PHE D 152 -20.40 42.37 6.99
N VAL D 153 -21.13 42.11 8.09
CA VAL D 153 -20.84 41.05 9.07
C VAL D 153 -21.00 39.69 8.42
N TRP D 154 -20.18 38.71 8.84
CA TRP D 154 -20.28 37.36 8.30
C TRP D 154 -21.57 36.71 8.77
N MET D 155 -22.33 36.13 7.84
CA MET D 155 -23.53 35.38 8.20
C MET D 155 -23.34 33.89 7.90
N TRP D 156 -23.19 33.53 6.64
CA TRP D 156 -23.03 32.08 6.27
C TRP D 156 -22.57 31.96 4.83
N GLY D 157 -22.17 30.72 4.47
CA GLY D 157 -21.76 30.40 3.11
C GLY D 157 -20.26 30.10 2.94
N VAL D 158 -19.76 30.32 1.73
CA VAL D 158 -18.40 29.95 1.38
C VAL D 158 -17.54 31.20 1.51
N LYS D 159 -16.59 31.16 2.45
CA LYS D 159 -15.69 32.28 2.75
C LYS D 159 -14.88 32.73 1.53
N ASN D 160 -14.24 31.74 0.90
CA ASN D 160 -13.28 31.97 -0.18
C ASN D 160 -13.84 31.52 -1.53
N LEU D 161 -14.37 32.48 -2.29
CA LEU D 161 -14.99 32.20 -3.58
C LEU D 161 -13.91 32.05 -4.65
N ASP D 162 -14.32 31.57 -5.82
CA ASP D 162 -13.45 31.55 -6.98
C ASP D 162 -13.36 32.96 -7.54
N LEU D 163 -12.37 33.70 -7.08
CA LEU D 163 -12.21 35.10 -7.50
C LEU D 163 -11.85 35.30 -8.99
N SER D 164 -11.54 34.22 -9.71
CA SER D 164 -11.28 34.32 -11.13
C SER D 164 -12.60 34.49 -11.95
N GLY D 165 -13.74 34.29 -11.28
CA GLY D 165 -15.03 34.56 -11.91
C GLY D 165 -16.12 34.86 -10.90
N ILE D 166 -16.33 36.14 -10.59
CA ILE D 166 -17.51 36.52 -9.76
C ILE D 166 -18.68 36.86 -10.70
N ALA D 167 -19.80 36.16 -10.53
CA ALA D 167 -20.87 36.17 -11.52
C ALA D 167 -22.06 37.08 -11.14
N LYS D 168 -22.25 37.32 -9.84
CA LYS D 168 -23.42 38.07 -9.38
C LYS D 168 -23.21 38.67 -7.99
N ILE D 169 -23.70 39.89 -7.83
CA ILE D 169 -23.71 40.54 -6.50
C ILE D 169 -25.12 40.98 -6.30
N SER D 170 -25.67 40.58 -5.15
CA SER D 170 -27.03 40.84 -4.81
C SER D 170 -27.12 41.63 -3.49
N LEU D 171 -28.05 42.57 -3.44
CA LEU D 171 -28.39 43.27 -2.21
C LEU D 171 -29.89 43.18 -2.01
N SER D 172 -30.32 42.60 -0.90
CA SER D 172 -31.75 42.36 -0.73
C SER D 172 -32.26 42.66 0.68
N VAL D 173 -33.59 42.86 0.76
CA VAL D 173 -34.32 43.14 1.99
C VAL D 173 -35.37 42.02 2.05
N GLN D 174 -35.42 41.32 3.17
CA GLN D 174 -36.20 40.07 3.27
C GLN D 174 -37.14 40.13 4.48
N SER D 175 -38.39 39.71 4.28
CA SER D 175 -39.42 39.66 5.33
C SER D 175 -39.46 40.94 6.19
N ALA D 176 -39.52 42.10 5.55
CA ALA D 176 -39.69 43.38 6.26
C ALA D 176 -41.18 43.61 6.62
N MET D 177 -41.40 44.49 7.59
CA MET D 177 -42.76 44.99 7.93
C MET D 177 -43.09 46.31 7.25
N HIS D 178 -42.09 46.92 6.62
CA HIS D 178 -42.20 48.26 5.99
C HIS D 178 -41.45 48.28 4.67
N ASP D 179 -41.86 49.16 3.77
CA ASP D 179 -41.04 49.45 2.56
C ASP D 179 -39.77 50.11 3.00
N LYS D 180 -38.63 49.66 2.46
CA LYS D 180 -37.35 50.29 2.76
C LYS D 180 -36.79 50.97 1.50
N THR D 181 -36.08 52.08 1.70
CA THR D 181 -35.48 52.82 0.59
C THR D 181 -34.07 53.18 0.93
N VAL D 182 -33.15 52.92 0.00
CA VAL D 182 -31.75 53.30 0.19
C VAL D 182 -31.25 54.11 -1.00
N ILE D 183 -30.10 54.77 -0.83
CA ILE D 183 -29.38 55.29 -1.98
C ILE D 183 -28.02 54.59 -1.89
N ILE D 184 -27.54 54.08 -3.03
CA ILE D 184 -26.26 53.36 -3.11
C ILE D 184 -25.34 54.07 -4.09
N ASP D 185 -24.03 54.14 -3.79
CA ASP D 185 -23.09 54.75 -4.74
C ASP D 185 -21.73 54.13 -4.62
N ASN D 186 -20.89 54.41 -5.59
CA ASN D 186 -19.44 54.11 -5.51
C ASN D 186 -19.20 52.67 -5.19
N ILE D 187 -19.85 51.83 -5.99
CA ILE D 187 -19.55 50.39 -5.91
C ILE D 187 -18.14 50.13 -6.49
N ARG D 188 -17.26 49.53 -5.70
CA ARG D 188 -15.87 49.34 -6.13
C ARG D 188 -15.22 48.18 -5.38
N ILE D 189 -14.13 47.66 -5.96
CA ILE D 189 -13.20 46.73 -5.28
C ILE D 189 -11.93 47.50 -5.02
N GLN D 190 -11.39 47.34 -3.81
CA GLN D 190 -10.21 48.06 -3.31
C GLN D 190 -9.31 47.06 -2.59
N PRO D 191 -7.98 47.20 -2.72
CA PRO D 191 -7.10 46.42 -1.81
C PRO D 191 -7.39 46.76 -0.34
N ASN D 192 -7.31 45.76 0.52
CA ASN D 192 -7.45 45.92 1.96
C ASN D 192 -6.35 46.81 2.54
N PRO D 193 -6.65 47.52 3.64
CA PRO D 193 -5.60 48.17 4.43
C PRO D 193 -4.72 47.06 5.02
N PRO D 194 -3.48 47.38 5.44
CA PRO D 194 -2.64 46.33 6.04
C PRO D 194 -3.34 45.74 7.28
N GLN D 195 -3.32 44.42 7.42
CA GLN D 195 -3.97 43.76 8.54
C GLN D 195 -3.33 44.13 9.88
N ASP D 196 -4.15 44.41 10.88
CA ASP D 196 -3.66 44.53 12.26
C ASP D 196 -3.39 43.11 12.73
N GLU D 197 -2.11 42.75 12.86
N GLU D 197 -2.10 42.79 12.87
CA GLU D 197 -1.75 41.36 13.23
CA GLU D 197 -1.61 41.47 13.25
C GLU D 197 -2.19 41.00 14.65
C GLU D 197 -2.16 41.04 14.61
N ASN D 198 -2.40 42.02 15.47
CA ASN D 198 -2.86 41.79 16.84
C ASN D 198 -4.35 42.14 16.96
N PHE D 199 -5.15 41.94 15.90
CA PHE D 199 -6.61 42.28 15.96
C PHE D 199 -7.37 41.37 16.92
N LEU D 200 -6.79 40.23 17.30
CA LEU D 200 -7.41 39.34 18.27
C LEU D 200 -6.80 39.48 19.66
N VAL D 201 -5.93 40.48 19.83
CA VAL D 201 -5.25 40.70 21.13
C VAL D 201 -5.93 41.75 22.02
N GLY D 202 -6.15 41.41 23.28
CA GLY D 202 -6.71 42.38 24.22
C GLY D 202 -8.13 42.81 23.91
N LEU D 203 -8.98 41.84 23.61
CA LEU D 203 -10.34 42.17 23.18
C LEU D 203 -11.25 42.60 24.32
N VAL D 204 -11.02 41.99 25.48
CA VAL D 204 -11.94 41.99 26.61
C VAL D 204 -11.32 42.61 27.89
N ASP D 205 -12.06 43.50 28.53
CA ASP D 205 -11.59 44.08 29.80
C ASP D 205 -11.96 43.19 31.00
N GLU D 206 -11.75 43.70 32.21
CA GLU D 206 -11.97 42.86 33.40
C GLU D 206 -13.47 42.64 33.64
N PHE D 207 -14.30 43.43 32.99
CA PHE D 207 -15.77 43.29 33.09
C PHE D 207 -16.37 42.47 31.93
N GLY D 208 -15.53 42.06 30.99
CA GLY D 208 -16.01 41.29 29.83
C GLY D 208 -16.40 42.17 28.66
N GLN D 209 -16.15 43.47 28.78
CA GLN D 209 -16.55 44.46 27.76
C GLN D 209 -15.49 44.67 26.68
N ASN D 210 -15.92 45.19 25.53
CA ASN D 210 -15.03 45.53 24.44
C ASN D 210 -13.95 46.49 24.94
N ALA D 211 -12.71 46.02 25.04
CA ALA D 211 -11.62 46.84 25.63
C ALA D 211 -11.00 47.88 24.68
N LYS D 212 -11.43 47.89 23.41
CA LYS D 212 -10.84 48.79 22.39
C LYS D 212 -11.73 49.93 21.94
N VAL D 213 -12.97 49.93 22.41
CA VAL D 213 -13.97 50.88 21.98
C VAL D 213 -14.67 51.43 23.22
N ASP D 214 -14.79 52.75 23.30
CA ASP D 214 -15.68 53.35 24.28
C ASP D 214 -17.08 53.50 23.67
N TYR D 215 -18.10 53.40 24.49
CA TYR D 215 -19.45 53.63 24.02
C TYR D 215 -20.32 54.09 25.15
N LYS D 216 -21.46 54.67 24.78
CA LYS D 216 -22.45 55.12 25.73
C LYS D 216 -22.90 53.99 26.66
N GLY D 217 -22.62 54.13 27.97
CA GLY D 217 -23.02 53.13 28.99
C GLY D 217 -21.99 52.07 29.30
N LYS D 218 -20.83 52.14 28.64
CA LYS D 218 -19.72 51.28 29.02
C LYS D 218 -19.29 51.57 30.47
N ILE D 219 -19.07 50.51 31.23
CA ILE D 219 -18.65 50.61 32.63
C ILE D 219 -17.15 50.86 32.69
N HIS D 220 -16.73 51.99 33.28
CA HIS D 220 -15.27 52.26 33.39
C HIS D 220 -14.65 51.99 34.75
N SER D 221 -15.50 51.84 35.77
CA SER D 221 -15.03 51.46 37.10
C SER D 221 -16.02 50.59 37.85
N LEU D 222 -15.52 49.91 38.88
CA LEU D 222 -16.42 49.24 39.83
C LEU D 222 -17.46 50.20 40.37
N GLU D 223 -17.05 51.44 40.65
CA GLU D 223 -17.97 52.46 41.16
C GLU D 223 -19.16 52.75 40.24
N GLU D 224 -18.90 52.78 38.93
CA GLU D 224 -19.97 53.02 37.96
C GLU D 224 -20.92 51.81 37.89
N LEU D 225 -20.39 50.61 38.03
CA LEU D 225 -21.26 49.39 38.02
C LEU D 225 -22.19 49.53 39.23
N HIS D 226 -21.60 49.76 40.41
CA HIS D 226 -22.42 49.90 41.63
C HIS D 226 -23.47 50.99 41.49
N ALA D 227 -23.13 52.08 40.81
CA ALA D 227 -24.07 53.18 40.59
C ALA D 227 -25.28 52.75 39.75
N ALA D 228 -25.02 52.09 38.62
CA ALA D 228 -26.11 51.58 37.78
C ALA D 228 -26.96 50.56 38.58
N ARG D 229 -26.32 49.74 39.41
CA ARG D 229 -27.04 48.74 40.23
C ARG D 229 -28.00 49.47 41.16
N ASP D 230 -27.48 50.44 41.94
CA ASP D 230 -28.30 51.17 42.93
C ASP D 230 -29.46 51.86 42.24
N VAL D 231 -29.23 52.45 41.08
CA VAL D 231 -30.33 53.07 40.35
C VAL D 231 -31.45 52.11 39.96
N GLU D 232 -31.10 50.95 39.37
CA GLU D 232 -32.14 49.97 38.97
C GLU D 232 -32.86 49.35 40.20
N LEU D 233 -32.10 48.95 41.21
CA LEU D 233 -32.70 48.30 42.40
C LEU D 233 -33.75 49.19 43.10
N ALA D 234 -33.52 50.51 43.05
CA ALA D 234 -34.47 51.49 43.57
C ALA D 234 -35.79 51.43 42.80
N GLU D 235 -35.73 51.05 41.53
CA GLU D 235 -36.94 50.97 40.69
C GLU D 235 -37.69 49.63 40.81
N LEU D 236 -36.99 48.59 41.21
CA LEU D 236 -37.60 47.24 41.19
C LEU D 236 -38.27 46.93 42.53
N ASP D 237 -39.59 46.93 42.52
CA ASP D 237 -40.33 46.77 43.77
C ASP D 237 -41.08 45.44 43.79
N GLY D 238 -40.85 44.59 42.79
CA GLY D 238 -41.57 43.29 42.72
C GLY D 238 -43.00 43.33 42.20
N LYS D 239 -43.51 44.51 41.88
CA LYS D 239 -44.91 44.63 41.49
C LYS D 239 -45.10 44.38 39.98
N PRO D 240 -46.02 43.46 39.60
CA PRO D 240 -46.29 43.25 38.17
C PRO D 240 -47.07 44.42 37.59
N MET D 241 -47.26 44.41 36.27
CA MET D 241 -48.13 45.37 35.63
C MET D 241 -49.56 45.14 36.15
N PRO D 242 -50.40 46.18 36.13
CA PRO D 242 -51.74 46.13 36.74
C PRO D 242 -52.72 45.13 36.10
N SER D 243 -53.69 44.66 36.89
CA SER D 243 -54.88 43.95 36.40
C SER D 243 -54.55 42.54 35.87
N ARG D 244 -53.50 41.94 36.42
CA ARG D 244 -53.23 40.55 36.08
C ARG D 244 -53.49 39.62 37.22
N SER D 245 -53.83 38.37 36.88
CA SER D 245 -54.00 37.34 37.87
C SER D 245 -52.66 36.92 38.48
N LYS D 246 -52.74 36.07 39.51
CA LYS D 246 -51.60 35.48 40.14
C LYS D 246 -50.61 34.90 39.09
N PHE D 247 -51.13 34.24 38.07
CA PHE D 247 -50.31 33.59 37.02
C PHE D 247 -50.03 34.48 35.79
N GLY D 248 -50.36 35.77 35.86
CA GLY D 248 -50.02 36.73 34.80
C GLY D 248 -51.06 36.83 33.68
N GLY D 249 -52.19 36.16 33.89
CA GLY D 249 -53.37 36.28 33.01
C GLY D 249 -54.18 37.56 33.21
N TRP D 250 -55.16 37.79 32.35
CA TRP D 250 -55.81 39.10 32.28
C TRP D 250 -57.07 39.06 33.14
N LEU D 251 -57.14 39.91 34.15
CA LEU D 251 -58.27 39.84 35.07
C LEU D 251 -59.59 40.29 34.45
N ALA D 252 -59.55 41.16 33.42
CA ALA D 252 -60.81 41.56 32.78
C ALA D 252 -61.42 40.38 32.01
N GLY D 253 -60.64 39.32 31.83
CA GLY D 253 -61.15 38.11 31.19
C GLY D 253 -61.38 38.30 29.69
N PRO D 254 -62.40 37.64 29.12
CA PRO D 254 -63.38 36.72 29.74
C PRO D 254 -62.75 35.61 30.55
N LYS D 255 -63.33 35.30 31.71
CA LYS D 255 -62.79 34.23 32.56
C LYS D 255 -63.35 32.91 32.05
N LEU D 256 -62.49 31.94 31.85
CA LEU D 256 -62.88 30.68 31.22
C LEU D 256 -62.76 29.54 32.21
N LYS D 257 -63.04 28.32 31.77
CA LYS D 257 -62.84 27.15 32.61
C LYS D 257 -61.41 27.08 33.20
N ALA D 258 -61.33 26.81 34.51
CA ALA D 258 -60.06 26.74 35.22
C ALA D 258 -59.76 25.30 35.49
N THR D 259 -58.68 24.78 34.93
CA THR D 259 -58.37 23.38 35.13
C THR D 259 -57.21 23.13 36.09
N GLY D 260 -56.58 24.21 36.55
CA GLY D 260 -55.48 24.16 37.46
C GLY D 260 -54.16 24.09 36.71
N TYR D 261 -54.23 24.08 35.37
CA TYR D 261 -53.04 24.04 34.47
C TYR D 261 -53.17 25.05 33.34
N PHE D 262 -52.06 25.49 32.77
CA PHE D 262 -52.14 26.28 31.53
C PHE D 262 -52.65 25.38 30.40
N ARG D 263 -53.53 25.96 29.57
CA ARG D 263 -54.20 25.24 28.49
C ARG D 263 -54.48 26.21 27.34
N THR D 264 -55.04 25.73 26.25
CA THR D 264 -55.35 26.63 25.10
C THR D 264 -56.84 26.78 24.87
N GLU D 265 -57.21 27.93 24.36
CA GLU D 265 -58.59 28.19 23.95
C GLU D 265 -58.64 29.34 22.96
N LYS D 266 -59.50 29.21 21.97
CA LYS D 266 -59.74 30.32 21.06
C LYS D 266 -60.78 31.25 21.70
N ILE D 267 -60.42 32.52 21.86
CA ILE D 267 -61.27 33.50 22.55
C ILE D 267 -61.62 34.63 21.58
N ASN D 268 -62.87 34.66 21.15
CA ASN D 268 -63.40 35.63 20.15
C ASN D 268 -62.52 35.78 18.93
N GLY D 269 -62.30 34.65 18.28
CA GLY D 269 -61.50 34.57 17.07
C GLY D 269 -59.99 34.55 17.26
N LYS D 270 -59.52 34.64 18.50
CA LYS D 270 -58.08 34.74 18.72
C LYS D 270 -57.61 33.63 19.64
N TRP D 271 -56.65 32.83 19.17
CA TRP D 271 -56.05 31.78 20.00
C TRP D 271 -55.32 32.42 21.15
N MET D 272 -55.48 31.81 22.31
CA MET D 272 -54.87 32.32 23.52
C MET D 272 -54.50 31.11 24.36
N LEU D 273 -53.58 31.33 25.29
CA LEU D 273 -53.47 30.44 26.43
C LEU D 273 -54.51 30.80 27.49
N VAL D 274 -54.72 29.89 28.45
CA VAL D 274 -55.63 30.16 29.58
C VAL D 274 -54.82 29.70 30.81
N ASP D 275 -54.66 30.59 31.79
CA ASP D 275 -53.90 30.27 32.96
C ASP D 275 -54.64 29.23 33.88
N PRO D 276 -53.92 28.67 34.88
CA PRO D 276 -54.54 27.65 35.71
C PRO D 276 -55.86 28.12 36.37
N GLU D 277 -56.03 29.43 36.56
CA GLU D 277 -57.27 29.97 37.18
C GLU D 277 -58.37 30.39 36.19
N GLY D 278 -58.14 30.15 34.89
CA GLY D 278 -59.11 30.47 33.85
C GLY D 278 -59.03 31.83 33.18
N TYR D 279 -58.00 32.61 33.51
CA TYR D 279 -57.84 33.93 32.90
C TYR D 279 -57.08 33.82 31.57
N PRO D 280 -57.47 34.66 30.59
CA PRO D 280 -56.78 34.63 29.31
C PRO D 280 -55.30 34.98 29.48
N TYR D 281 -54.45 34.37 28.67
CA TYR D 281 -53.01 34.49 28.88
C TYR D 281 -52.23 34.52 27.57
N PHE D 282 -51.19 35.34 27.52
CA PHE D 282 -50.42 35.51 26.30
C PHE D 282 -48.97 35.52 26.78
N ALA D 283 -48.15 34.64 26.22
CA ALA D 283 -46.79 34.41 26.73
C ALA D 283 -45.78 35.39 26.14
N THR D 284 -45.17 36.20 26.98
CA THR D 284 -44.06 37.04 26.53
C THR D 284 -42.90 36.76 27.51
N GLY D 285 -41.67 36.91 27.05
CA GLY D 285 -40.54 36.82 27.96
C GLY D 285 -39.29 36.51 27.18
N LEU D 286 -38.25 36.04 27.89
CA LEU D 286 -36.91 35.88 27.31
C LEU D 286 -36.42 34.45 27.46
N ASP D 287 -35.61 34.01 26.48
CA ASP D 287 -34.96 32.69 26.54
C ASP D 287 -33.58 32.77 27.22
N ILE D 288 -33.10 31.62 27.69
CA ILE D 288 -31.79 31.44 28.30
C ILE D 288 -31.71 32.25 29.59
N ILE D 289 -32.54 31.86 30.55
CA ILE D 289 -32.49 32.44 31.86
C ILE D 289 -31.70 31.47 32.75
N ARG D 290 -30.39 31.45 32.49
CA ARG D 290 -29.49 30.52 33.11
C ARG D 290 -28.09 31.05 32.79
N LEU D 291 -27.12 30.60 33.57
CA LEU D 291 -25.72 31.00 33.37
C LEU D 291 -24.88 30.08 32.44
N SER D 292 -25.48 28.96 31.99
CA SER D 292 -24.81 27.94 31.14
C SER D 292 -24.09 28.45 29.91
N ASN D 293 -24.64 29.49 29.30
CA ASN D 293 -24.15 29.90 28.00
C ASN D 293 -23.33 31.19 28.10
N SER D 294 -23.00 31.60 29.32
CA SER D 294 -22.30 32.88 29.54
C SER D 294 -20.78 32.70 29.77
N SER D 295 -20.30 31.47 29.66
CA SER D 295 -18.87 31.20 29.83
C SER D 295 -18.13 31.29 28.49
N THR D 296 -16.81 31.41 28.58
CA THR D 296 -15.97 31.61 27.41
C THR D 296 -14.59 31.00 27.70
N MET D 297 -14.04 30.30 26.71
CA MET D 297 -12.78 29.54 26.84
C MET D 297 -11.59 30.47 27.05
N THR D 298 -10.86 30.28 28.14
CA THR D 298 -9.73 31.15 28.44
C THR D 298 -8.50 30.75 27.63
N GLY D 299 -8.39 29.46 27.31
CA GLY D 299 -7.25 28.91 26.59
C GLY D 299 -6.44 27.87 27.34
N TYR D 300 -6.52 27.88 28.67
CA TYR D 300 -5.85 26.92 29.55
C TYR D 300 -6.67 25.62 29.64
N ASP D 301 -6.03 24.45 29.45
CA ASP D 301 -6.76 23.18 29.26
C ASP D 301 -6.44 22.15 30.33
N ALA D 312 -22.51 8.56 30.09
CA ALA D 312 -23.75 9.33 30.19
C ALA D 312 -24.95 8.60 29.57
N ASP D 313 -25.93 8.30 30.40
CA ASP D 313 -27.31 8.09 29.95
C ASP D 313 -27.97 9.48 30.07
N ASP D 314 -27.11 10.49 30.08
CA ASP D 314 -27.46 11.89 30.30
C ASP D 314 -28.47 12.41 29.27
N VAL D 315 -29.55 13.01 29.77
CA VAL D 315 -30.58 13.64 28.92
C VAL D 315 -30.19 15.07 28.51
N THR D 316 -29.15 15.62 29.14
CA THR D 316 -28.71 17.01 28.85
C THR D 316 -27.47 17.08 27.98
N PRO D 317 -27.58 17.74 26.81
CA PRO D 317 -26.44 17.93 25.93
C PRO D 317 -25.44 18.92 26.55
N GLU D 318 -24.19 18.83 26.10
N GLU D 318 -24.19 18.82 26.11
CA GLU D 318 -23.09 19.58 26.70
CA GLU D 318 -23.07 19.58 26.68
C GLU D 318 -23.29 21.10 26.78
C GLU D 318 -23.31 21.09 26.79
N ASP D 319 -23.99 21.65 25.78
CA ASP D 319 -24.27 23.11 25.70
C ASP D 319 -25.16 23.56 26.86
N SER D 320 -26.09 22.69 27.21
CA SER D 320 -27.14 23.00 28.16
C SER D 320 -26.78 22.52 29.57
N LYS D 321 -25.53 22.12 29.75
CA LYS D 321 -25.06 21.73 31.08
C LYS D 321 -24.80 22.97 31.95
N GLY D 322 -25.00 22.84 33.27
CA GLY D 322 -24.63 23.90 34.20
C GLY D 322 -23.15 24.19 34.09
N LEU D 323 -22.70 25.31 34.67
CA LEU D 323 -21.27 25.66 34.71
C LEU D 323 -20.51 24.69 35.66
N MET D 324 -19.45 24.06 35.13
CA MET D 324 -18.68 23.03 35.85
C MET D 324 -17.63 23.65 36.79
N ALA D 325 -17.68 23.27 38.07
CA ALA D 325 -16.85 23.87 39.12
C ALA D 325 -15.37 23.45 39.04
N VAL D 326 -14.48 24.33 39.49
CA VAL D 326 -13.03 24.09 39.45
C VAL D 326 -12.34 24.51 40.75
N SER D 327 -11.40 23.69 41.22
CA SER D 327 -10.63 23.99 42.43
C SER D 327 -9.33 23.21 42.49
N GLU D 328 -8.22 23.94 42.68
CA GLU D 328 -6.88 23.37 42.89
C GLU D 328 -6.53 22.18 41.98
N ALA D 332 -5.15 23.11 38.49
CA ALA D 332 -3.72 23.40 38.65
C ALA D 332 -2.82 22.65 37.66
N THR D 333 -3.33 21.57 37.04
CA THR D 333 -2.67 21.00 35.85
C THR D 333 -2.93 21.91 34.64
N ARG D 334 -3.62 23.03 34.91
CA ARG D 334 -3.83 24.08 33.90
C ARG D 334 -2.50 24.59 33.39
N HIS D 335 -2.46 24.75 32.09
CA HIS D 335 -1.25 25.12 31.38
C HIS D 335 -1.78 25.97 30.26
N LEU D 336 -0.97 26.89 29.74
CA LEU D 336 -1.40 27.71 28.61
C LEU D 336 -1.52 26.88 27.32
N ALA D 337 -2.70 26.30 27.12
CA ALA D 337 -2.94 25.37 26.02
C ALA D 337 -3.41 26.04 24.73
N SER D 338 -3.78 27.32 24.79
CA SER D 338 -4.00 28.16 23.60
C SER D 338 -3.67 29.65 23.86
N PRO D 339 -2.41 30.04 23.62
CA PRO D 339 -1.99 31.44 23.79
C PRO D 339 -2.87 32.45 23.03
N THR D 340 -3.38 32.05 21.87
CA THR D 340 -4.24 32.91 21.07
C THR D 340 -5.54 33.27 21.82
N ARG D 341 -6.14 32.27 22.44
CA ARG D 341 -7.35 32.53 23.22
C ARG D 341 -6.96 33.39 24.41
N ALA D 342 -5.95 32.93 25.16
CA ALA D 342 -5.47 33.60 26.36
C ALA D 342 -5.18 35.06 26.12
N ALA D 343 -4.68 35.39 24.92
CA ALA D 343 -4.27 36.77 24.60
C ALA D 343 -5.47 37.69 24.42
N MET D 344 -6.65 37.09 24.27
CA MET D 344 -7.89 37.89 24.14
C MET D 344 -8.25 38.63 25.41
N PHE D 345 -7.90 38.06 26.55
CA PHE D 345 -8.36 38.61 27.81
C PHE D 345 -7.29 39.49 28.45
N ASN D 346 -7.64 40.72 28.78
CA ASN D 346 -6.73 41.58 29.52
C ASN D 346 -6.73 41.28 31.02
N TRP D 347 -7.75 40.56 31.48
CA TRP D 347 -7.83 40.24 32.89
C TRP D 347 -8.52 38.91 33.13
N LEU D 348 -7.87 38.08 33.95
CA LEU D 348 -8.43 36.86 34.46
C LEU D 348 -7.91 36.69 35.88
N PRO D 349 -8.79 36.29 36.82
CA PRO D 349 -8.37 36.29 38.22
C PRO D 349 -7.34 35.20 38.58
N ASP D 350 -6.54 35.49 39.62
CA ASP D 350 -5.78 34.48 40.37
C ASP D 350 -6.69 33.72 41.34
N TYR D 351 -6.29 32.50 41.72
CA TYR D 351 -7.02 31.70 42.72
C TYR D 351 -7.32 32.50 43.98
N ASP D 352 -6.39 33.39 44.31
CA ASP D 352 -6.45 34.24 45.50
C ASP D 352 -7.54 35.29 45.39
N HIS D 353 -7.96 35.57 44.16
CA HIS D 353 -8.98 36.59 43.90
C HIS D 353 -10.39 36.02 44.19
N PRO D 354 -11.25 36.83 44.85
CA PRO D 354 -12.66 36.49 45.08
C PRO D 354 -13.38 35.98 43.82
N LEU D 355 -13.02 36.51 42.66
CA LEU D 355 -13.73 36.23 41.39
C LEU D 355 -13.26 34.95 40.71
N ALA D 356 -12.39 34.20 41.38
CA ALA D 356 -11.92 32.92 40.84
C ALA D 356 -13.01 31.87 40.71
N ASN D 357 -14.10 32.02 41.44
CA ASN D 357 -15.18 31.01 41.37
C ASN D 357 -15.94 30.98 40.03
N HIS D 358 -15.58 31.87 39.09
CA HIS D 358 -16.30 31.96 37.81
C HIS D 358 -15.67 31.23 36.62
N TYR D 359 -14.71 30.36 36.93
CA TYR D 359 -14.13 29.48 35.92
C TYR D 359 -15.03 28.25 35.63
N ASN D 360 -15.27 27.96 34.36
CA ASN D 360 -16.06 26.81 33.87
C ASN D 360 -15.19 25.85 33.00
N TYR D 361 -15.74 24.69 32.61
CA TYR D 361 -15.13 23.79 31.61
C TYR D 361 -16.16 23.24 30.62
N ARG D 362 -15.84 23.26 29.33
CA ARG D 362 -16.76 22.75 28.29
C ARG D 362 -16.16 21.64 27.41
N ARG D 363 -16.45 20.39 27.73
CA ARG D 363 -15.75 19.27 27.10
C ARG D 363 -16.24 18.89 25.68
N SER D 364 -17.03 19.77 25.06
CA SER D 364 -17.31 19.66 23.62
C SER D 364 -17.84 20.98 23.03
N ALA D 365 -17.91 21.02 21.68
CA ALA D 365 -18.25 22.22 20.92
C ALA D 365 -18.91 21.84 19.61
N HIS D 366 -19.89 22.63 19.16
CA HIS D 366 -20.47 22.50 17.80
C HIS D 366 -19.49 22.97 16.74
N SER D 367 -18.93 24.17 16.93
CA SER D 367 -17.96 24.78 16.02
C SER D 367 -17.03 25.71 16.80
N GLY D 368 -15.89 26.05 16.21
CA GLY D 368 -14.90 26.91 16.88
C GLY D 368 -13.49 26.35 16.78
N PRO D 369 -12.48 27.12 17.23
CA PRO D 369 -11.05 26.77 17.21
C PRO D 369 -10.69 25.57 18.07
N LEU D 370 -11.51 25.25 19.07
CA LEU D 370 -11.22 24.15 19.99
C LEU D 370 -12.46 23.31 20.34
N LYS D 371 -12.21 22.08 20.77
CA LYS D 371 -13.28 21.16 21.15
C LYS D 371 -13.51 21.18 22.67
N ARG D 372 -12.44 21.31 23.45
CA ARG D 372 -12.50 21.27 24.92
C ARG D 372 -11.60 22.30 25.60
N GLY D 373 -11.61 22.34 26.94
CA GLY D 373 -10.79 23.29 27.73
C GLY D 373 -11.53 24.23 28.69
N GLU D 374 -10.77 24.81 29.63
CA GLU D 374 -11.22 25.80 30.67
C GLU D 374 -11.98 27.04 30.14
N ALA D 375 -12.75 27.68 31.01
CA ALA D 375 -13.64 28.79 30.62
C ALA D 375 -13.93 29.76 31.78
N TYR D 376 -14.33 30.99 31.44
CA TYR D 376 -14.66 32.02 32.46
C TYR D 376 -15.96 32.73 32.08
N SER D 377 -16.75 33.08 33.10
CA SER D 377 -18.01 33.80 32.85
C SER D 377 -17.89 35.18 33.43
N PHE D 378 -17.64 36.18 32.58
CA PHE D 378 -17.57 37.53 33.03
C PHE D 378 -18.90 38.01 33.58
N TYR D 379 -19.99 37.57 32.96
CA TYR D 379 -21.32 37.93 33.47
C TYR D 379 -21.48 37.50 34.94
N SER D 380 -21.24 36.23 35.20
CA SER D 380 -21.34 35.67 36.57
C SER D 380 -20.41 36.45 37.54
N ALA D 381 -19.19 36.77 37.08
CA ALA D 381 -18.25 37.58 37.87
C ALA D 381 -18.84 38.95 38.19
N ASN D 382 -19.52 39.53 37.20
CA ASN D 382 -20.18 40.81 37.40
C ASN D 382 -21.35 40.73 38.39
N LEU D 383 -22.03 39.60 38.41
CA LEU D 383 -23.05 39.35 39.45
C LEU D 383 -22.40 39.36 40.86
N GLU D 384 -21.22 38.74 41.03
CA GLU D 384 -20.58 38.81 42.37
C GLU D 384 -20.10 40.23 42.66
N ARG D 385 -19.52 40.91 41.64
CA ARG D 385 -19.17 42.32 41.78
C ARG D 385 -20.33 43.16 42.27
N LYS D 386 -21.52 42.98 41.69
CA LYS D 386 -22.67 43.80 42.03
C LYS D 386 -23.24 43.49 43.42
N TYR D 387 -23.41 42.21 43.70
CA TYR D 387 -24.26 41.77 44.84
C TYR D 387 -23.50 41.22 46.04
N GLY D 388 -22.22 40.89 45.85
CA GLY D 388 -21.36 40.40 46.94
C GLY D 388 -21.63 38.97 47.37
N GLU D 389 -21.07 38.58 48.53
CA GLU D 389 -21.38 37.30 49.20
C GLU D 389 -21.63 37.45 50.68
N THR D 390 -22.83 37.04 51.13
CA THR D 390 -23.11 36.92 52.55
C THR D 390 -23.06 35.43 52.95
N TYR D 391 -22.84 34.60 51.93
CA TYR D 391 -22.67 33.16 52.04
C TYR D 391 -22.28 32.70 50.65
N PRO D 392 -21.71 31.48 50.52
CA PRO D 392 -21.20 31.06 49.23
C PRO D 392 -22.32 31.03 48.18
N GLY D 393 -22.11 31.75 47.08
CA GLY D 393 -23.15 31.82 46.03
C GLY D 393 -24.38 32.70 46.30
N SER D 394 -24.32 33.56 47.31
CA SER D 394 -25.45 34.44 47.61
C SER D 394 -25.86 35.32 46.42
N TYR D 395 -24.90 35.67 45.59
CA TYR D 395 -25.18 36.56 44.44
C TYR D 395 -26.01 35.86 43.34
N LEU D 396 -26.01 34.51 43.33
CA LEU D 396 -26.86 33.77 42.40
C LEU D 396 -28.32 33.87 42.86
N ASP D 397 -28.54 33.79 44.16
CA ASP D 397 -29.89 33.93 44.70
C ASP D 397 -30.41 35.33 44.44
N LYS D 398 -29.55 36.35 44.64
CA LYS D 398 -29.92 37.75 44.36
C LYS D 398 -30.21 37.93 42.87
N TRP D 399 -29.38 37.35 42.01
CA TRP D 399 -29.62 37.39 40.54
C TRP D 399 -30.99 36.82 40.17
N ARG D 400 -31.35 35.65 40.72
N ARG D 400 -31.34 35.65 40.72
CA ARG D 400 -32.67 35.06 40.42
CA ARG D 400 -32.66 35.03 40.45
C ARG D 400 -33.83 35.92 40.95
C ARG D 400 -33.81 35.93 40.94
N GLU D 401 -33.65 36.51 42.14
CA GLU D 401 -34.69 37.42 42.66
C GLU D 401 -34.78 38.68 41.80
N VAL D 402 -33.64 39.29 41.47
CA VAL D 402 -33.64 40.50 40.61
C VAL D 402 -34.18 40.19 39.21
N THR D 403 -33.84 39.01 38.69
CA THR D 403 -34.32 38.57 37.36
C THR D 403 -35.84 38.47 37.33
N VAL D 404 -36.45 37.83 38.34
CA VAL D 404 -37.92 37.72 38.40
C VAL D 404 -38.55 39.12 38.60
N ASP D 405 -37.98 39.92 39.49
CA ASP D 405 -38.43 41.32 39.69
C ASP D 405 -38.36 42.11 38.37
N ARG D 406 -37.27 41.91 37.63
CA ARG D 406 -37.18 42.56 36.32
C ARG D 406 -38.31 42.15 35.38
N MET D 407 -38.53 40.83 35.23
CA MET D 407 -39.50 40.37 34.26
C MET D 407 -40.85 40.95 34.61
N LEU D 408 -41.18 40.94 35.91
CA LEU D 408 -42.46 41.51 36.37
C LEU D 408 -42.54 43.02 36.11
N ASN D 409 -41.47 43.76 36.41
CA ASN D 409 -41.44 45.19 36.12
C ASN D 409 -41.59 45.48 34.62
N TRP D 410 -40.92 44.68 33.81
CA TRP D 410 -40.88 44.89 32.34
C TRP D 410 -42.19 44.44 31.69
N GLY D 411 -43.05 43.76 32.47
CA GLY D 411 -44.37 43.39 31.98
C GLY D 411 -44.45 41.99 31.38
N PHE D 412 -43.34 41.26 31.39
CA PHE D 412 -43.37 39.92 30.79
C PHE D 412 -44.27 38.98 31.59
N THR D 413 -44.93 38.08 30.90
CA THR D 413 -45.75 37.14 31.62
C THR D 413 -45.11 35.81 31.91
N SER D 414 -43.90 35.55 31.39
CA SER D 414 -43.27 34.26 31.60
C SER D 414 -41.76 34.39 31.57
N LEU D 415 -41.13 33.41 32.19
CA LEU D 415 -39.75 33.02 31.86
C LEU D 415 -39.77 32.03 30.69
N GLY D 416 -38.88 32.26 29.72
CA GLY D 416 -38.96 31.51 28.42
C GLY D 416 -38.19 30.19 28.42
N ASN D 417 -37.84 29.71 27.22
CA ASN D 417 -37.16 28.41 27.10
C ASN D 417 -35.75 28.47 27.69
N TRP D 418 -35.27 27.32 28.18
CA TRP D 418 -33.93 27.20 28.80
C TRP D 418 -33.83 28.14 29.99
N THR D 419 -34.84 28.09 30.83
CA THR D 419 -34.79 28.73 32.14
C THR D 419 -34.20 27.67 33.09
N ASP D 420 -33.23 28.09 33.89
CA ASP D 420 -32.60 27.17 34.82
C ASP D 420 -33.67 26.63 35.79
N PRO D 421 -33.66 25.31 36.03
CA PRO D 421 -34.58 24.69 36.98
C PRO D 421 -34.60 25.28 38.38
N ALA D 422 -33.57 26.01 38.79
CA ALA D 422 -33.63 26.76 40.05
C ALA D 422 -34.81 27.76 40.11
N TYR D 423 -35.25 28.25 38.95
CA TYR D 423 -36.43 29.14 38.87
C TYR D 423 -37.77 28.42 38.97
N TYR D 424 -37.80 27.11 38.81
CA TYR D 424 -39.09 26.43 38.63
C TYR D 424 -40.07 26.49 39.84
N ASP D 425 -39.57 26.83 41.03
CA ASP D 425 -40.44 27.02 42.17
C ASP D 425 -40.47 28.48 42.59
N ASN D 426 -40.16 29.40 41.66
CA ASN D 426 -40.16 30.81 42.08
C ASN D 426 -41.54 31.23 42.52
N ASN D 427 -42.56 30.63 41.91
CA ASN D 427 -43.97 30.87 42.27
C ASN D 427 -44.45 32.33 42.31
N ARG D 428 -43.94 33.12 41.37
CA ARG D 428 -44.32 34.51 41.19
C ARG D 428 -44.46 34.81 39.69
N ILE D 429 -43.76 34.03 38.85
CA ILE D 429 -43.96 34.15 37.38
C ILE D 429 -43.89 32.75 36.74
N PRO D 430 -44.79 32.44 35.79
CA PRO D 430 -44.74 31.15 35.07
C PRO D 430 -43.48 30.95 34.25
N PHE D 431 -43.17 29.69 33.96
CA PHE D 431 -41.96 29.38 33.19
C PHE D 431 -42.30 28.33 32.15
N PHE D 432 -41.47 28.24 31.12
CA PHE D 432 -41.56 27.18 30.13
C PHE D 432 -40.43 26.20 30.40
N ALA D 433 -40.72 24.91 30.23
CA ALA D 433 -39.73 23.87 30.47
C ALA D 433 -39.23 23.27 29.15
N ASN D 434 -38.15 22.51 29.21
CA ASN D 434 -37.58 21.91 28.00
C ASN D 434 -36.87 20.61 28.31
N GLY D 435 -36.73 19.80 27.27
CA GLY D 435 -35.91 18.60 27.31
C GLY D 435 -35.32 18.43 25.92
N TRP D 436 -34.19 17.69 25.83
CA TRP D 436 -33.64 17.26 24.55
C TRP D 436 -33.69 15.74 24.49
N VAL D 437 -34.10 15.20 23.36
CA VAL D 437 -33.98 13.78 23.13
C VAL D 437 -32.63 13.44 22.51
N ILE D 438 -31.75 12.84 23.32
CA ILE D 438 -30.42 12.45 22.84
C ILE D 438 -30.08 11.02 23.26
N GLY D 439 -29.16 10.39 22.56
CA GLY D 439 -28.80 9.03 22.89
C GLY D 439 -28.19 8.31 21.72
N ASP D 440 -28.09 6.99 21.84
CA ASP D 440 -27.33 6.20 20.86
C ASP D 440 -28.24 5.41 19.91
N PHE D 441 -29.51 5.82 19.80
CA PHE D 441 -30.42 5.31 18.80
C PHE D 441 -29.83 5.49 17.40
N LYS D 442 -30.37 4.73 16.43
CA LYS D 442 -29.98 4.89 15.03
C LYS D 442 -30.32 6.28 14.49
N THR D 443 -29.63 6.72 13.43
CA THR D 443 -29.89 8.03 12.84
C THR D 443 -30.27 7.94 11.37
N VAL D 444 -30.82 9.05 10.88
CA VAL D 444 -31.06 9.30 9.46
C VAL D 444 -30.41 10.66 9.15
N SER D 445 -30.25 10.98 7.87
CA SER D 445 -29.74 12.29 7.50
C SER D 445 -30.67 13.06 6.55
N SER D 446 -30.65 14.38 6.65
CA SER D 446 -31.37 15.20 5.70
C SER D 446 -30.42 15.60 4.57
N GLY D 447 -29.16 15.16 4.64
CA GLY D 447 -28.14 15.61 3.69
C GLY D 447 -27.55 16.98 4.02
N ALA D 448 -28.22 17.76 4.89
CA ALA D 448 -27.72 19.07 5.34
C ALA D 448 -28.01 19.31 6.83
N ASP D 449 -27.69 18.32 7.67
CA ASP D 449 -27.94 18.41 9.10
C ASP D 449 -27.09 19.51 9.76
N PHE D 450 -27.75 20.50 10.35
CA PHE D 450 -27.06 21.66 10.95
C PHE D 450 -26.56 21.45 12.39
N TRP D 451 -27.48 21.40 13.36
CA TRP D 451 -27.09 21.19 14.77
C TRP D 451 -26.56 19.78 15.10
N GLY D 452 -26.94 18.78 14.30
CA GLY D 452 -26.58 17.38 14.51
C GLY D 452 -27.42 16.45 13.61
N ALA D 453 -27.12 15.15 13.68
CA ALA D 453 -27.80 14.09 12.85
C ALA D 453 -29.28 13.94 13.23
N MET D 454 -30.09 13.37 12.33
CA MET D 454 -31.51 13.21 12.69
C MET D 454 -31.82 11.84 13.33
N PRO D 455 -32.83 11.78 14.21
CA PRO D 455 -33.11 10.49 14.87
C PRO D 455 -33.84 9.52 13.93
N ASP D 456 -33.49 8.25 14.03
CA ASP D 456 -34.35 7.26 13.41
C ASP D 456 -35.48 6.98 14.36
N VAL D 457 -36.60 7.64 14.11
CA VAL D 457 -37.71 7.60 15.01
C VAL D 457 -38.47 6.28 14.98
N PHE D 458 -38.15 5.40 14.03
CA PHE D 458 -38.71 4.03 14.03
C PHE D 458 -37.85 3.01 14.77
N ASP D 459 -36.69 3.42 15.23
CA ASP D 459 -35.86 2.58 16.13
C ASP D 459 -36.47 2.64 17.53
N PRO D 460 -36.81 1.46 18.12
CA PRO D 460 -37.41 1.49 19.48
C PRO D 460 -36.56 2.29 20.49
N GLU D 461 -35.26 2.34 20.28
CA GLU D 461 -34.40 3.09 21.21
C GLU D 461 -34.74 4.58 21.22
N PHE D 462 -35.32 5.08 20.14
CA PHE D 462 -35.68 6.50 20.13
C PHE D 462 -36.76 6.76 21.18
N LYS D 463 -37.76 5.89 21.23
CA LYS D 463 -38.85 6.00 22.21
C LYS D 463 -38.30 5.85 23.63
N VAL D 464 -37.38 4.89 23.81
CA VAL D 464 -36.73 4.69 25.11
C VAL D 464 -36.12 6.02 25.61
N ARG D 465 -35.39 6.69 24.73
CA ARG D 465 -34.75 7.96 25.09
C ARG D 465 -35.75 9.10 25.28
N ALA D 466 -36.76 9.16 24.42
CA ALA D 466 -37.86 10.14 24.59
C ALA D 466 -38.57 10.00 25.91
N MET D 467 -38.88 8.75 26.32
CA MET D 467 -39.41 8.50 27.66
C MET D 467 -38.51 9.00 28.80
N GLU D 468 -37.21 8.74 28.71
CA GLU D 468 -36.25 9.17 29.73
C GLU D 468 -36.16 10.71 29.78
N THR D 469 -36.18 11.33 28.61
CA THR D 469 -36.21 12.81 28.53
C THR D 469 -37.44 13.37 29.25
N ALA D 470 -38.59 12.79 29.00
CA ALA D 470 -39.85 13.31 29.59
C ALA D 470 -39.85 13.04 31.08
N ARG D 471 -39.27 11.92 31.50
CA ARG D 471 -39.22 11.55 32.91
C ARG D 471 -38.46 12.63 33.65
N VAL D 472 -37.33 13.02 33.08
CA VAL D 472 -36.48 14.03 33.69
C VAL D 472 -37.15 15.42 33.74
N VAL D 473 -37.77 15.81 32.65
CA VAL D 473 -38.52 17.09 32.69
C VAL D 473 -39.58 17.05 33.77
N SER D 474 -40.31 15.93 33.88
CA SER D 474 -41.42 15.83 34.87
C SER D 474 -40.82 15.94 36.28
N GLU D 475 -39.64 15.37 36.44
CA GLU D 475 -38.94 15.39 37.73
C GLU D 475 -38.57 16.82 38.10
N GLU D 476 -38.14 17.59 37.11
CA GLU D 476 -37.75 18.97 37.31
C GLU D 476 -38.95 19.88 37.61
N ILE D 477 -40.04 19.71 36.85
CA ILE D 477 -41.16 20.68 37.00
C ILE D 477 -42.13 20.33 38.14
N LYS D 478 -42.01 19.11 38.69
CA LYS D 478 -42.86 18.67 39.83
C LYS D 478 -44.33 18.94 39.55
N ASN D 479 -44.76 18.67 38.32
CA ASN D 479 -46.18 18.84 37.91
C ASN D 479 -46.71 20.21 38.24
N SER D 480 -45.83 21.21 38.21
CA SER D 480 -46.21 22.53 38.73
C SER D 480 -47.21 23.25 37.82
N PRO D 481 -48.25 23.83 38.40
CA PRO D 481 -49.15 24.68 37.61
C PRO D 481 -48.42 25.92 37.03
N TRP D 482 -47.29 26.30 37.61
CA TRP D 482 -46.53 27.44 37.08
C TRP D 482 -45.86 27.13 35.74
N CYS D 483 -45.84 25.85 35.32
CA CYS D 483 -45.16 25.48 34.09
C CYS D 483 -46.15 25.65 32.96
N VAL D 484 -45.88 26.60 32.07
CA VAL D 484 -46.80 26.85 30.95
C VAL D 484 -46.87 25.66 30.03
N GLY D 485 -45.71 25.05 29.75
CA GLY D 485 -45.68 23.88 28.83
C GLY D 485 -44.25 23.42 28.58
N VAL D 486 -44.12 22.39 27.75
CA VAL D 486 -42.83 21.74 27.55
C VAL D 486 -42.44 21.80 26.08
N PHE D 487 -41.26 22.36 25.82
CA PHE D 487 -40.62 22.24 24.51
C PHE D 487 -39.71 21.02 24.57
N ILE D 488 -39.70 20.24 23.49
CA ILE D 488 -38.75 19.16 23.34
C ILE D 488 -37.98 19.39 22.07
N ASP D 489 -36.65 19.37 22.20
CA ASP D 489 -35.75 19.56 21.07
C ASP D 489 -35.86 21.00 20.52
N ASN D 490 -35.09 21.29 19.48
CA ASN D 490 -34.99 22.63 18.97
C ASN D 490 -34.33 22.60 17.64
N GLU D 491 -34.96 23.22 16.63
CA GLU D 491 -34.36 23.44 15.29
C GLU D 491 -33.75 22.18 14.64
N LYS D 492 -34.54 21.13 14.60
CA LYS D 492 -34.06 19.89 14.00
C LYS D 492 -34.03 20.09 12.50
N SER D 493 -33.10 19.43 11.83
CA SER D 493 -32.99 19.53 10.36
C SER D 493 -33.97 18.62 9.61
N PHE D 494 -35.26 18.96 9.65
CA PHE D 494 -36.30 18.16 9.00
C PHE D 494 -36.30 18.34 7.47
N GLY D 495 -35.63 19.38 6.98
CA GLY D 495 -35.61 19.69 5.54
C GLY D 495 -35.70 21.19 5.25
N ARG D 496 -34.76 21.70 4.46
CA ARG D 496 -34.71 23.14 4.12
C ARG D 496 -35.69 23.52 3.01
N PRO D 497 -36.04 24.84 2.92
CA PRO D 497 -36.99 25.31 1.89
C PRO D 497 -36.35 25.85 0.60
N ASP D 498 -35.02 25.77 0.48
CA ASP D 498 -34.31 26.27 -0.72
C ASP D 498 -34.85 25.63 -2.00
N SER D 499 -35.18 24.34 -1.91
CA SER D 499 -35.37 23.52 -3.10
C SER D 499 -36.08 22.22 -2.76
N ASP D 500 -36.55 21.53 -3.80
CA ASP D 500 -37.25 20.26 -3.64
C ASP D 500 -36.38 19.25 -2.93
N LYS D 501 -35.12 19.18 -3.35
CA LYS D 501 -34.21 18.16 -2.84
C LYS D 501 -33.69 18.50 -1.45
N ALA D 502 -33.68 19.79 -1.10
CA ALA D 502 -33.44 20.16 0.29
C ALA D 502 -34.67 19.81 1.15
N GLN D 503 -35.85 20.17 0.69
CA GLN D 503 -37.07 19.94 1.48
C GLN D 503 -37.24 18.47 1.76
N TYR D 504 -36.93 17.65 0.76
CA TYR D 504 -37.11 16.21 0.88
C TYR D 504 -35.79 15.47 1.04
N GLY D 505 -34.84 16.10 1.74
CA GLY D 505 -33.53 15.47 1.95
C GLY D 505 -33.55 14.20 2.80
N ILE D 506 -34.40 14.14 3.82
CA ILE D 506 -34.56 12.88 4.58
C ILE D 506 -35.12 11.75 3.69
N PRO D 507 -36.25 11.98 2.96
CA PRO D 507 -36.60 10.88 2.03
C PRO D 507 -35.46 10.54 1.05
N ILE D 508 -34.81 11.54 0.49
CA ILE D 508 -33.82 11.29 -0.59
C ILE D 508 -32.63 10.52 -0.05
N HIS D 509 -32.05 11.03 1.03
CA HIS D 509 -30.92 10.37 1.68
C HIS D 509 -31.23 8.96 2.16
N THR D 510 -32.40 8.78 2.79
CA THR D 510 -32.78 7.49 3.37
C THR D 510 -33.07 6.45 2.27
N LEU D 511 -33.67 6.89 1.17
CA LEU D 511 -33.94 5.97 0.04
C LEU D 511 -32.65 5.37 -0.51
N GLY D 512 -31.54 6.12 -0.39
CA GLY D 512 -30.23 5.71 -0.90
C GLY D 512 -29.59 4.64 -0.08
N ARG D 513 -30.02 4.50 1.18
CA ARG D 513 -29.49 3.46 2.08
C ARG D 513 -30.24 2.15 1.88
N PRO D 514 -29.65 1.02 2.29
CA PRO D 514 -30.36 -0.25 2.30
C PRO D 514 -31.39 -0.29 3.41
N SER D 515 -32.41 -1.13 3.25
CA SER D 515 -33.42 -1.30 4.29
C SER D 515 -32.90 -2.04 5.52
N GLU D 516 -32.02 -3.03 5.30
CA GLU D 516 -31.42 -3.82 6.38
C GLU D 516 -30.74 -2.92 7.41
N GLY D 517 -31.14 -3.06 8.67
CA GLY D 517 -30.65 -2.21 9.78
C GLY D 517 -31.08 -0.75 9.85
N VAL D 518 -32.02 -0.35 9.01
CA VAL D 518 -32.41 1.06 8.92
C VAL D 518 -33.92 1.17 9.06
N PRO D 519 -34.41 1.21 10.31
CA PRO D 519 -35.86 1.18 10.56
C PRO D 519 -36.67 2.23 9.78
N THR D 520 -36.18 3.46 9.67
CA THR D 520 -36.92 4.47 8.89
C THR D 520 -37.02 4.09 7.40
N ARG D 521 -35.95 3.50 6.85
CA ARG D 521 -35.96 3.03 5.47
C ARG D 521 -36.97 1.88 5.31
N GLN D 522 -37.05 1.01 6.33
CA GLN D 522 -38.04 -0.06 6.30
C GLN D 522 -39.44 0.51 6.33
N ALA D 523 -39.68 1.58 7.08
CA ALA D 523 -41.03 2.17 7.08
C ALA D 523 -41.31 2.79 5.70
N PHE D 524 -40.32 3.46 5.12
CA PHE D 524 -40.50 4.11 3.79
C PHE D 524 -40.86 3.09 2.71
N SER D 525 -40.11 1.99 2.71
CA SER D 525 -40.31 0.88 1.81
C SER D 525 -41.71 0.29 1.91
N LYS D 526 -42.17 -0.02 3.13
CA LYS D 526 -43.55 -0.50 3.34
C LYS D 526 -44.61 0.40 2.74
N LEU D 527 -44.47 1.70 2.94
CA LEU D 527 -45.47 2.64 2.41
C LEU D 527 -45.51 2.61 0.89
N LEU D 528 -44.34 2.55 0.28
CA LEU D 528 -44.24 2.55 -1.17
C LEU D 528 -44.80 1.25 -1.76
N LYS D 529 -44.48 0.13 -1.13
CA LYS D 529 -45.07 -1.15 -1.55
C LYS D 529 -46.60 -1.18 -1.43
N ALA D 530 -47.14 -0.68 -0.33
CA ALA D 530 -48.58 -0.58 -0.14
C ALA D 530 -49.25 0.30 -1.17
N LYS D 531 -48.57 1.36 -1.61
CA LYS D 531 -49.15 2.29 -2.59
C LYS D 531 -49.11 1.69 -4.00
N TYR D 532 -47.96 1.17 -4.38
CA TYR D 532 -47.71 0.80 -5.77
C TYR D 532 -47.93 -0.66 -6.08
N LYS D 533 -47.79 -1.51 -5.05
CA LYS D 533 -47.95 -2.98 -5.14
C LYS D 533 -46.77 -3.66 -5.85
N THR D 534 -46.48 -3.20 -7.06
CA THR D 534 -45.50 -3.87 -7.90
C THR D 534 -44.31 -3.00 -8.22
N ILE D 535 -43.20 -3.63 -8.54
CA ILE D 535 -42.02 -2.88 -8.94
C ILE D 535 -42.22 -2.17 -10.31
N ALA D 536 -43.06 -2.73 -11.16
CA ALA D 536 -43.37 -2.11 -12.46
C ALA D 536 -44.07 -0.78 -12.23
N ALA D 537 -45.06 -0.77 -11.34
CA ALA D 537 -45.75 0.47 -10.96
C ALA D 537 -44.76 1.49 -10.39
N LEU D 538 -43.84 1.06 -9.53
CA LEU D 538 -42.84 1.98 -8.97
C LEU D 538 -41.91 2.49 -10.06
N ASN D 539 -41.47 1.59 -10.92
CA ASN D 539 -40.61 1.94 -12.02
C ASN D 539 -41.25 3.00 -12.93
N ASN D 540 -42.50 2.74 -13.33
CA ASN D 540 -43.33 3.70 -14.07
C ASN D 540 -43.46 5.06 -13.39
N ALA D 541 -43.69 5.06 -12.07
CA ALA D 541 -43.89 6.31 -11.34
C ALA D 541 -42.59 7.13 -11.21
N TRP D 542 -41.46 6.45 -11.13
CA TRP D 542 -40.19 7.14 -10.84
C TRP D 542 -39.24 7.19 -12.04
N GLY D 543 -39.67 6.66 -13.18
CA GLY D 543 -38.79 6.54 -14.36
C GLY D 543 -37.54 5.73 -14.08
N LEU D 544 -37.73 4.58 -13.39
CA LEU D 544 -36.63 3.66 -13.05
C LEU D 544 -36.78 2.30 -13.76
N LYS D 545 -35.78 1.45 -13.58
CA LYS D 545 -35.71 0.17 -14.29
C LYS D 545 -35.24 -0.93 -13.33
N LEU D 546 -35.74 -0.87 -12.10
CA LEU D 546 -35.38 -1.86 -11.07
C LEU D 546 -36.00 -3.21 -11.42
N SER D 547 -35.26 -4.29 -11.18
CA SER D 547 -35.73 -5.65 -11.49
C SER D 547 -36.70 -6.20 -10.45
N SER D 548 -36.68 -5.65 -9.23
CA SER D 548 -37.42 -6.24 -8.10
C SER D 548 -37.42 -5.33 -6.86
N TRP D 549 -38.43 -5.50 -5.99
CA TRP D 549 -38.48 -4.80 -4.71
C TRP D 549 -37.25 -5.13 -3.88
N ALA D 550 -36.76 -6.36 -4.03
CA ALA D 550 -35.54 -6.79 -3.32
C ALA D 550 -34.34 -5.92 -3.73
N GLU D 551 -34.23 -5.59 -5.01
CA GLU D 551 -33.21 -4.66 -5.47
C GLU D 551 -33.51 -3.23 -5.00
N PHE D 552 -34.79 -2.83 -5.01
CA PHE D 552 -35.19 -1.55 -4.39
C PHE D 552 -34.69 -1.46 -2.93
N ASP D 553 -34.79 -2.58 -2.21
CA ASP D 553 -34.41 -2.62 -0.81
C ASP D 553 -32.91 -2.65 -0.48
N LEU D 554 -32.06 -2.73 -1.49
CA LEU D 554 -30.60 -2.59 -1.26
C LEU D 554 -30.17 -1.11 -1.26
N GLY D 555 -31.08 -0.22 -1.62
CA GLY D 555 -30.78 1.22 -1.73
C GLY D 555 -30.77 1.76 -3.16
N VAL D 556 -31.48 2.85 -3.37
CA VAL D 556 -31.65 3.44 -4.71
C VAL D 556 -31.21 4.90 -4.70
N ASP D 557 -30.32 5.29 -5.63
CA ASP D 557 -29.95 6.70 -5.78
C ASP D 557 -31.03 7.53 -6.48
N VAL D 558 -31.77 8.32 -5.71
CA VAL D 558 -32.80 9.17 -6.29
C VAL D 558 -32.43 10.65 -6.49
N LYS D 559 -31.16 11.00 -6.28
CA LYS D 559 -30.73 12.41 -6.32
C LYS D 559 -30.89 13.06 -7.68
N ALA D 560 -30.85 12.25 -8.75
CA ALA D 560 -30.91 12.76 -10.13
C ALA D 560 -32.31 12.82 -10.73
N LEU D 561 -33.29 12.22 -10.06
CA LEU D 561 -34.65 12.15 -10.58
C LEU D 561 -35.38 13.49 -10.53
N PRO D 562 -36.18 13.80 -11.56
CA PRO D 562 -37.02 15.01 -11.55
C PRO D 562 -38.18 14.93 -10.54
N VAL D 563 -38.34 15.97 -9.76
CA VAL D 563 -39.44 16.00 -8.80
C VAL D 563 -40.76 16.31 -9.53
N THR D 564 -41.26 15.29 -10.21
CA THR D 564 -42.54 15.32 -10.92
C THR D 564 -43.72 15.30 -9.96
N ASP D 565 -44.94 15.38 -10.47
CA ASP D 565 -46.15 15.21 -9.65
C ASP D 565 -46.07 13.96 -8.76
N THR D 566 -45.80 12.80 -9.38
CA THR D 566 -45.75 11.50 -8.68
C THR D 566 -44.58 11.42 -7.68
N LEU D 567 -43.37 11.81 -8.09
CA LEU D 567 -42.25 11.73 -7.16
C LEU D 567 -42.40 12.64 -5.92
N ARG D 568 -42.92 13.86 -6.16
CA ARG D 568 -43.14 14.81 -5.07
C ARG D 568 -44.13 14.23 -4.09
N ALA D 569 -45.23 13.70 -4.61
CA ALA D 569 -46.24 12.99 -3.81
C ALA D 569 -45.63 11.90 -2.92
N ASP D 570 -44.68 11.15 -3.48
CA ASP D 570 -44.00 10.07 -2.73
C ASP D 570 -43.03 10.59 -1.66
N TYR D 571 -42.19 11.54 -2.03
CA TYR D 571 -41.31 12.22 -1.05
C TYR D 571 -42.13 12.85 0.08
N SER D 572 -43.28 13.41 -0.27
CA SER D 572 -44.14 14.11 0.71
C SER D 572 -44.78 13.10 1.66
N MET D 573 -45.20 11.96 1.11
CA MET D 573 -45.74 10.87 1.90
C MET D 573 -44.67 10.37 2.90
N LEU D 574 -43.44 10.25 2.43
CA LEU D 574 -42.38 9.68 3.27
C LEU D 574 -41.96 10.68 4.35
N LEU D 575 -41.87 11.96 3.98
CA LEU D 575 -41.56 12.98 5.00
C LEU D 575 -42.67 13.06 6.06
N SER D 576 -43.94 12.95 5.65
CA SER D 576 -45.05 13.05 6.62
C SER D 576 -45.02 11.85 7.57
N ALA D 577 -44.74 10.68 7.02
CA ALA D 577 -44.67 9.47 7.82
C ALA D 577 -43.58 9.54 8.90
N TYR D 578 -42.40 10.03 8.52
CA TYR D 578 -41.28 10.30 9.42
C TYR D 578 -41.62 11.32 10.52
N ALA D 579 -42.16 12.46 10.11
CA ALA D 579 -42.52 13.49 11.05
C ALA D 579 -43.66 13.09 12.00
N ASP D 580 -44.65 12.35 11.47
CA ASP D 580 -45.74 11.82 12.26
C ASP D 580 -45.17 10.93 13.35
N GLN D 581 -44.20 10.09 13.00
CA GLN D 581 -43.61 9.18 13.98
C GLN D 581 -42.79 9.93 15.05
N TYR D 582 -41.97 10.89 14.64
CA TYR D 582 -41.27 11.75 15.61
C TYR D 582 -42.27 12.34 16.62
N PHE D 583 -43.29 13.02 16.13
CA PHE D 583 -44.23 13.74 16.99
C PHE D 583 -45.08 12.82 17.80
N LYS D 584 -45.43 11.68 17.21
CA LYS D 584 -46.19 10.67 17.95
C LYS D 584 -45.43 10.22 19.19
N VAL D 585 -44.15 9.91 19.02
CA VAL D 585 -43.33 9.35 20.11
C VAL D 585 -43.10 10.41 21.20
N VAL D 586 -42.75 11.61 20.77
CA VAL D 586 -42.48 12.68 21.73
C VAL D 586 -43.74 13.07 22.49
N HIS D 587 -44.84 13.25 21.77
CA HIS D 587 -46.09 13.58 22.44
C HIS D 587 -46.45 12.48 23.44
N GLY D 588 -46.25 11.24 23.03
CA GLY D 588 -46.65 10.10 23.88
C GLY D 588 -45.83 10.08 25.16
N ALA D 589 -44.54 10.35 25.05
CA ALA D 589 -43.64 10.48 26.21
C ALA D 589 -44.02 11.62 27.16
N VAL D 590 -44.29 12.79 26.59
CA VAL D 590 -44.65 13.96 27.40
C VAL D 590 -45.96 13.72 28.12
N GLU D 591 -46.90 13.12 27.40
CA GLU D 591 -48.22 12.83 27.94
C GLU D 591 -48.15 11.81 29.08
N HIS D 592 -47.24 10.85 28.92
CA HIS D 592 -47.08 9.77 29.91
C HIS D 592 -46.69 10.35 31.26
N TYR D 593 -45.66 11.18 31.27
CA TYR D 593 -45.14 11.68 32.52
C TYR D 593 -45.78 12.98 32.95
N MET D 594 -46.32 13.74 31.99
CA MET D 594 -46.91 15.02 32.29
C MET D 594 -48.28 15.20 31.65
N PRO D 595 -49.28 14.39 32.10
CA PRO D 595 -50.58 14.37 31.39
C PRO D 595 -51.33 15.70 31.39
N ASN D 596 -51.04 16.57 32.35
CA ASN D 596 -51.77 17.82 32.51
C ASN D 596 -51.12 19.02 31.80
N HIS D 597 -49.95 18.84 31.21
CA HIS D 597 -49.21 19.98 30.64
C HIS D 597 -49.19 20.02 29.12
N LEU D 598 -49.10 21.23 28.57
CA LEU D 598 -49.03 21.46 27.11
C LEU D 598 -47.71 20.97 26.56
N TYR D 599 -47.78 20.27 25.42
CA TYR D 599 -46.60 19.89 24.64
C TYR D 599 -46.53 20.92 23.56
N LEU D 600 -45.41 21.65 23.50
CA LEU D 600 -45.30 22.85 22.64
C LEU D 600 -44.43 22.59 21.39
N GLY D 601 -44.29 21.35 20.98
CA GLY D 601 -43.56 21.03 19.74
C GLY D 601 -42.03 21.16 19.78
N ALA D 602 -41.46 21.45 18.61
CA ALA D 602 -40.03 21.28 18.34
C ALA D 602 -39.29 22.53 17.84
N ARG D 603 -39.97 23.66 17.76
CA ARG D 603 -39.28 24.96 17.52
C ARG D 603 -38.68 24.98 16.12
N PHE D 604 -39.55 25.09 15.11
CA PHE D 604 -39.08 25.04 13.70
C PHE D 604 -38.47 26.37 13.32
N PRO D 605 -37.23 26.37 12.75
CA PRO D 605 -36.70 27.62 12.24
C PRO D 605 -37.23 27.84 10.85
N ASP D 606 -36.89 28.98 10.25
N ASP D 606 -36.89 28.99 10.27
CA ASP D 606 -37.34 29.26 8.87
CA ASP D 606 -37.32 29.33 8.91
C ASP D 606 -36.75 28.25 7.91
C ASP D 606 -36.73 28.32 7.91
N TRP D 607 -35.55 27.77 8.21
CA TRP D 607 -34.86 26.82 7.36
C TRP D 607 -35.21 25.37 7.66
N GLY D 608 -36.23 25.14 8.47
CA GLY D 608 -36.59 23.78 8.84
C GLY D 608 -38.05 23.58 9.15
N MET D 609 -38.92 24.19 8.34
CA MET D 609 -40.39 24.02 8.51
C MET D 609 -41.13 23.54 7.25
N PRO D 610 -40.68 22.43 6.65
CA PRO D 610 -41.44 21.90 5.52
C PRO D 610 -42.87 21.62 5.96
N MET D 611 -43.83 21.91 5.09
CA MET D 611 -45.24 21.75 5.47
C MET D 611 -45.62 20.38 6.04
N GLU D 612 -45.01 19.32 5.54
CA GLU D 612 -45.36 17.95 5.98
C GLU D 612 -45.03 17.80 7.45
N VAL D 613 -43.95 18.44 7.87
CA VAL D 613 -43.50 18.36 9.26
C VAL D 613 -44.36 19.29 10.15
N VAL D 614 -44.69 20.47 9.64
CA VAL D 614 -45.64 21.37 10.30
C VAL D 614 -47.03 20.71 10.55
N LYS D 615 -47.54 20.01 9.55
CA LYS D 615 -48.83 19.32 9.70
C LYS D 615 -48.76 18.23 10.77
N ALA D 616 -47.65 17.50 10.80
CA ALA D 616 -47.43 16.46 11.82
C ALA D 616 -47.39 17.08 13.21
N ALA D 617 -46.75 18.24 13.36
CA ALA D 617 -46.76 18.90 14.66
C ALA D 617 -48.18 19.36 15.04
N ALA D 618 -48.93 19.89 14.08
CA ALA D 618 -50.31 20.32 14.31
C ALA D 618 -51.17 19.18 14.86
N LYS D 619 -50.88 17.94 14.43
CA LYS D 619 -51.66 16.76 14.86
C LYS D 619 -51.39 16.42 16.32
N TYR D 620 -50.13 16.53 16.73
CA TYR D 620 -49.71 16.04 18.05
C TYR D 620 -49.43 17.12 19.10
N ALA D 621 -48.80 18.21 18.68
CA ALA D 621 -48.47 19.27 19.65
C ALA D 621 -49.74 20.04 20.03
N ASP D 622 -49.81 20.44 21.29
CA ASP D 622 -50.87 21.35 21.74
C ASP D 622 -50.69 22.73 21.11
N VAL D 623 -49.44 23.18 20.98
CA VAL D 623 -49.09 24.48 20.43
C VAL D 623 -47.93 24.22 19.51
N VAL D 624 -47.98 24.75 18.30
CA VAL D 624 -46.91 24.55 17.33
C VAL D 624 -45.92 25.71 17.53
N SER D 625 -44.63 25.40 17.70
CA SER D 625 -43.64 26.43 17.96
C SER D 625 -42.76 26.62 16.73
N TYR D 626 -42.42 27.88 16.46
CA TYR D 626 -41.59 28.30 15.33
C TYR D 626 -40.58 29.31 15.86
N ASN D 627 -39.34 29.25 15.37
CA ASN D 627 -38.37 30.30 15.65
C ASN D 627 -38.30 31.12 14.40
N SER D 628 -38.54 32.42 14.51
CA SER D 628 -38.50 33.23 13.26
C SER D 628 -37.68 34.47 13.43
N TYR D 629 -36.42 34.43 12.96
CA TYR D 629 -35.56 35.58 13.04
C TYR D 629 -35.74 36.43 11.80
N LYS D 630 -36.76 37.29 11.83
CA LYS D 630 -37.10 38.20 10.74
C LYS D 630 -37.50 39.53 11.41
N GLU D 631 -37.85 40.53 10.61
CA GLU D 631 -38.27 41.80 11.16
C GLU D 631 -39.70 41.72 11.65
N GLY D 632 -40.38 40.64 11.32
CA GLY D 632 -41.73 40.41 11.81
C GLY D 632 -42.31 39.18 11.17
N LEU D 633 -43.63 39.04 11.23
CA LEU D 633 -44.31 37.90 10.62
C LEU D 633 -45.09 38.44 9.43
N PRO D 634 -44.50 38.39 8.22
CA PRO D 634 -45.25 38.98 7.09
C PRO D 634 -46.51 38.20 6.75
N LYS D 635 -47.55 38.90 6.29
CA LYS D 635 -48.86 38.29 6.06
C LYS D 635 -48.80 37.02 5.22
N GLN D 636 -48.19 37.11 4.04
CA GLN D 636 -48.22 35.98 3.12
C GLN D 636 -47.36 34.79 3.59
N LYS D 637 -46.24 35.05 4.24
CA LYS D 637 -45.39 33.96 4.76
C LYS D 637 -46.18 33.07 5.71
N TRP D 638 -47.10 33.66 6.46
CA TRP D 638 -47.76 32.92 7.56
C TRP D 638 -49.22 32.60 7.28
N ALA D 639 -49.65 32.81 6.04
CA ALA D 639 -51.05 32.57 5.68
C ALA D 639 -51.48 31.12 5.90
N PHE D 640 -50.54 30.18 5.76
CA PHE D 640 -50.80 28.77 5.99
C PHE D 640 -51.31 28.46 7.40
N LEU D 641 -51.11 29.36 8.35
CA LEU D 641 -51.57 29.12 9.73
C LEU D 641 -53.10 28.98 9.79
N ALA D 642 -53.79 29.65 8.87
CA ALA D 642 -55.26 29.58 8.81
C ALA D 642 -55.78 28.15 8.61
N GLU D 643 -55.10 27.38 7.74
N GLU D 643 -55.17 27.37 7.72
CA GLU D 643 -55.55 26.03 7.35
CA GLU D 643 -55.68 26.00 7.47
C GLU D 643 -55.26 24.96 8.43
C GLU D 643 -55.54 25.17 8.72
N LEU D 644 -54.40 25.31 9.38
CA LEU D 644 -54.08 24.45 10.50
C LEU D 644 -54.98 24.77 11.67
N ASP D 645 -55.32 26.05 11.84
CA ASP D 645 -56.08 26.51 13.01
C ASP D 645 -55.49 26.00 14.37
N LYS D 646 -54.16 26.03 14.49
CA LYS D 646 -53.52 25.65 15.74
C LYS D 646 -53.00 26.87 16.46
N PRO D 647 -53.05 26.87 17.81
CA PRO D 647 -52.39 27.94 18.57
C PRO D 647 -50.88 27.78 18.34
N SER D 648 -50.18 28.90 18.22
CA SER D 648 -48.77 28.90 17.80
C SER D 648 -47.99 29.79 18.71
N ILE D 649 -46.67 29.53 18.83
CA ILE D 649 -45.87 30.39 19.66
C ILE D 649 -44.54 30.61 18.92
N ILE D 650 -44.04 31.83 18.94
CA ILE D 650 -42.66 32.14 18.51
C ILE D 650 -41.68 31.78 19.65
N GLY D 651 -40.81 30.77 19.43
CA GLY D 651 -39.85 30.35 20.47
C GLY D 651 -38.67 31.32 20.61
N GLU D 652 -38.32 31.95 19.48
CA GLU D 652 -37.14 32.84 19.38
C GLU D 652 -37.31 33.92 18.33
N PHE D 653 -36.86 35.12 18.67
CA PHE D 653 -36.54 36.21 17.74
C PHE D 653 -35.59 37.14 18.47
N HIS D 654 -34.92 37.99 17.71
CA HIS D 654 -34.09 39.08 18.29
C HIS D 654 -33.71 40.14 17.25
N ILE D 655 -33.18 41.26 17.74
CA ILE D 655 -32.59 42.33 16.92
C ILE D 655 -31.38 42.86 17.72
N GLY D 656 -30.21 42.93 17.09
CA GLY D 656 -29.01 43.51 17.72
C GLY D 656 -28.52 44.78 17.07
N ALA D 657 -27.58 45.45 17.73
CA ALA D 657 -26.97 46.66 17.19
C ALA D 657 -25.49 46.67 17.51
N MET D 658 -24.80 47.60 16.86
CA MET D 658 -23.35 47.68 16.92
C MET D 658 -22.83 48.86 17.72
N ASP D 659 -23.72 49.58 18.40
CA ASP D 659 -23.28 50.81 19.09
C ASP D 659 -22.92 50.62 20.60
N HIS D 660 -22.81 49.38 21.07
CA HIS D 660 -22.55 49.08 22.49
C HIS D 660 -21.50 47.99 22.51
N GLY D 661 -20.57 48.06 21.56
CA GLY D 661 -19.35 47.27 21.64
C GLY D 661 -19.33 45.89 21.00
N SER D 662 -20.48 45.44 20.50
CA SER D 662 -20.56 44.12 19.84
C SER D 662 -19.72 43.99 18.55
N TYR D 663 -19.27 42.79 18.23
CA TYR D 663 -18.66 42.50 16.92
C TYR D 663 -19.68 42.01 15.91
N HIS D 664 -20.90 41.67 16.38
CA HIS D 664 -21.92 41.10 15.53
C HIS D 664 -23.28 41.39 16.14
N PRO D 665 -24.22 41.96 15.35
CA PRO D 665 -25.56 42.25 15.90
C PRO D 665 -26.54 41.07 15.77
N GLY D 666 -26.05 39.88 15.51
CA GLY D 666 -26.92 38.71 15.43
C GLY D 666 -27.61 38.54 14.07
N LEU D 667 -28.78 37.91 14.05
CA LEU D 667 -29.41 37.50 12.80
C LEU D 667 -30.21 38.65 12.15
N ILE D 668 -30.75 39.53 13.00
CA ILE D 668 -31.51 40.72 12.53
C ILE D 668 -30.92 41.98 13.16
N HIS D 669 -30.75 43.02 12.35
CA HIS D 669 -29.89 44.16 12.67
C HIS D 669 -30.63 45.49 12.73
N ALA D 670 -30.34 46.27 13.78
CA ALA D 670 -30.85 47.64 13.94
C ALA D 670 -29.73 48.66 13.84
N ALA D 671 -30.10 49.92 13.70
CA ALA D 671 -29.12 50.98 13.46
C ALA D 671 -28.53 51.53 14.75
N SER D 672 -29.17 51.24 15.87
CA SER D 672 -28.79 51.80 17.18
C SER D 672 -29.62 51.09 18.25
N GLN D 673 -29.32 51.35 19.51
CA GLN D 673 -30.14 50.80 20.59
C GLN D 673 -31.58 51.26 20.47
N ALA D 674 -31.79 52.56 20.19
CA ALA D 674 -33.17 53.07 20.04
C ALA D 674 -33.86 52.37 18.88
N ASP D 675 -33.16 52.15 17.78
CA ASP D 675 -33.76 51.49 16.64
C ASP D 675 -34.07 50.02 16.96
N ARG D 676 -33.28 49.38 17.82
CA ARG D 676 -33.57 47.96 18.21
C ARG D 676 -34.97 47.92 18.84
N GLY D 677 -35.22 48.91 19.69
CA GLY D 677 -36.47 48.99 20.42
C GLY D 677 -37.64 49.23 19.51
N GLU D 678 -37.44 50.08 18.51
CA GLU D 678 -38.49 50.33 17.51
C GLU D 678 -38.81 49.04 16.74
N MET D 679 -37.76 48.31 16.38
CA MET D 679 -37.92 47.08 15.63
C MET D 679 -38.56 45.98 16.49
N TYR D 680 -38.31 46.01 17.79
CA TYR D 680 -38.91 45.06 18.74
C TYR D 680 -40.41 45.32 18.74
N LYS D 681 -40.80 46.58 18.82
CA LYS D 681 -42.22 46.94 18.80
C LYS D 681 -42.90 46.52 17.49
N ASP D 682 -42.23 46.69 16.35
CA ASP D 682 -42.85 46.24 15.10
C ASP D 682 -42.99 44.71 15.07
N TYR D 683 -41.94 43.99 15.49
CA TYR D 683 -42.02 42.50 15.47
C TYR D 683 -43.18 42.03 16.36
N MET D 684 -43.20 42.54 17.59
CA MET D 684 -44.25 42.15 18.53
C MET D 684 -45.67 42.55 18.05
N GLN D 685 -45.79 43.70 17.40
CA GLN D 685 -47.09 44.06 16.82
C GLN D 685 -47.55 43.03 15.80
N SER D 686 -46.65 42.54 14.94
CA SER D 686 -47.04 41.52 13.98
C SER D 686 -47.45 40.19 14.63
N VAL D 687 -46.86 39.86 15.79
CA VAL D 687 -47.27 38.65 16.49
C VAL D 687 -48.66 38.88 17.09
N ILE D 688 -48.82 39.99 17.81
CA ILE D 688 -50.07 40.34 18.52
C ILE D 688 -51.25 40.40 17.56
N ASP D 689 -51.00 40.92 16.35
CA ASP D 689 -52.03 41.08 15.34
C ASP D 689 -52.43 39.77 14.70
N ASN D 690 -51.60 38.74 14.82
CA ASN D 690 -51.90 37.47 14.16
C ASN D 690 -52.71 36.59 15.10
N PRO D 691 -53.94 36.25 14.70
CA PRO D 691 -54.87 35.52 15.59
C PRO D 691 -54.45 34.09 15.96
N TYR D 692 -53.43 33.54 15.27
CA TYR D 692 -52.94 32.18 15.61
C TYR D 692 -51.86 32.08 16.69
N PHE D 693 -51.30 33.21 17.11
CA PHE D 693 -50.20 33.21 18.07
C PHE D 693 -50.64 33.51 19.51
N VAL D 694 -50.08 32.74 20.45
CA VAL D 694 -50.41 32.86 21.86
C VAL D 694 -49.22 33.41 22.63
N GLY D 695 -48.16 33.73 21.92
CA GLY D 695 -46.97 34.26 22.59
C GLY D 695 -45.76 34.34 21.66
N ALA D 696 -44.72 34.97 22.20
CA ALA D 696 -43.40 35.07 21.52
C ALA D 696 -42.35 35.31 22.58
N HIS D 697 -41.24 34.59 22.45
CA HIS D 697 -40.12 34.75 23.36
C HIS D 697 -38.90 35.26 22.60
N TRP D 698 -38.19 36.22 23.21
CA TRP D 698 -36.96 36.78 22.69
C TRP D 698 -35.74 35.96 23.11
N PHE D 699 -34.86 35.75 22.13
CA PHE D 699 -33.59 35.08 22.39
C PHE D 699 -32.48 36.15 22.39
N GLN D 700 -31.90 36.53 23.53
CA GLN D 700 -31.98 35.82 24.81
C GLN D 700 -31.83 36.89 25.91
N TYR D 701 -31.89 36.49 27.17
CA TYR D 701 -31.80 37.42 28.28
C TYR D 701 -30.53 38.25 28.23
N MET D 702 -29.37 37.59 28.08
CA MET D 702 -28.08 38.28 28.22
C MET D 702 -27.31 38.28 26.89
N ASP D 703 -26.42 39.27 26.70
CA ASP D 703 -25.53 39.26 25.51
C ASP D 703 -24.67 38.01 25.61
N SER D 704 -24.34 37.43 24.47
CA SER D 704 -23.36 36.37 24.47
C SER D 704 -21.96 36.99 24.71
N PRO D 705 -21.03 36.20 25.26
CA PRO D 705 -19.67 36.70 25.48
C PRO D 705 -19.06 37.21 24.19
N LEU D 706 -18.37 38.33 24.27
CA LEU D 706 -17.70 38.91 23.11
C LEU D 706 -16.70 37.93 22.48
N THR D 707 -16.03 37.16 23.33
CA THR D 707 -15.06 36.10 22.92
C THR D 707 -15.72 34.70 22.75
N GLY D 708 -17.05 34.67 22.75
CA GLY D 708 -17.81 33.49 22.33
C GLY D 708 -18.32 32.64 23.44
N ARG D 709 -19.60 32.29 23.37
CA ARG D 709 -20.07 31.18 24.16
C ARG D 709 -19.22 30.01 23.71
N ALA D 710 -18.84 29.16 24.65
CA ALA D 710 -18.03 27.97 24.36
C ALA D 710 -18.62 27.06 23.25
N TYR D 711 -19.93 27.01 23.12
CA TYR D 711 -20.58 26.06 22.24
C TYR D 711 -20.19 26.17 20.74
N ASP D 712 -20.08 27.38 20.20
CA ASP D 712 -19.97 27.55 18.74
C ASP D 712 -19.61 28.98 18.44
N GLY D 713 -19.16 29.65 19.50
CA GLY D 713 -18.71 31.03 19.47
C GLY D 713 -19.66 32.06 18.92
N GLU D 714 -20.97 31.82 19.03
N GLU D 714 -20.97 31.81 19.06
CA GLU D 714 -21.92 32.89 18.77
CA GLU D 714 -21.94 32.88 18.85
C GLU D 714 -21.51 33.99 19.74
C GLU D 714 -21.47 33.99 19.77
N ASN D 715 -21.39 35.20 19.23
CA ASN D 715 -20.91 36.34 19.97
C ASN D 715 -21.73 37.55 19.62
N TYR D 716 -23.06 37.37 19.66
CA TYR D 716 -24.01 38.41 19.26
C TYR D 716 -24.43 39.38 20.40
N ASN D 717 -24.75 40.65 20.08
CA ASN D 717 -25.52 41.56 21.01
C ASN D 717 -26.97 41.27 20.91
N VAL D 718 -27.49 40.28 21.62
CA VAL D 718 -28.95 40.11 21.55
C VAL D 718 -29.61 40.04 22.94
N GLY D 719 -28.94 40.59 23.93
CA GLY D 719 -29.47 40.63 25.29
C GLY D 719 -30.44 41.76 25.54
N PHE D 720 -31.29 41.55 26.55
CA PHE D 720 -31.93 42.68 27.25
C PHE D 720 -30.98 43.26 28.29
N VAL D 721 -29.95 42.50 28.69
CA VAL D 721 -28.92 43.06 29.59
C VAL D 721 -27.55 42.78 28.95
N ASP D 722 -26.56 43.64 29.21
CA ASP D 722 -25.23 43.43 28.65
C ASP D 722 -24.38 42.53 29.58
N VAL D 723 -23.11 42.34 29.23
CA VAL D 723 -22.18 41.51 30.03
C VAL D 723 -22.02 41.97 31.49
N THR D 724 -22.25 43.25 31.76
CA THR D 724 -22.15 43.77 33.13
C THR D 724 -23.46 43.59 33.91
N ASP D 725 -24.42 42.91 33.27
CA ASP D 725 -25.77 42.68 33.83
C ASP D 725 -26.54 43.98 33.97
N THR D 726 -26.25 44.93 33.08
CA THR D 726 -26.96 46.21 33.06
C THR D 726 -27.97 46.22 31.90
N PRO D 727 -29.26 46.51 32.18
CA PRO D 727 -30.26 46.48 31.12
C PRO D 727 -30.01 47.54 30.05
N TYR D 728 -30.38 47.23 28.82
CA TYR D 728 -30.47 48.21 27.71
C TYR D 728 -31.82 48.86 27.90
N GLN D 729 -31.82 50.13 28.30
CA GLN D 729 -33.05 50.81 28.68
C GLN D 729 -34.03 50.92 27.50
N GLU D 730 -33.50 51.08 26.28
CA GLU D 730 -34.34 51.14 25.09
C GLU D 730 -35.13 49.84 24.91
N MET D 731 -34.55 48.72 25.34
CA MET D 731 -35.26 47.43 25.19
C MET D 731 -36.28 47.29 26.31
N VAL D 732 -35.90 47.72 27.50
CA VAL D 732 -36.83 47.72 28.62
C VAL D 732 -38.01 48.60 28.29
N ASP D 733 -37.77 49.82 27.81
CA ASP D 733 -38.91 50.70 27.48
C ASP D 733 -39.78 50.13 26.39
N ALA D 734 -39.17 49.54 25.35
CA ALA D 734 -39.92 48.88 24.27
C ALA D 734 -40.82 47.76 24.80
N ALA D 735 -40.24 46.91 25.64
CA ALA D 735 -40.97 45.77 26.21
C ALA D 735 -42.13 46.26 27.10
N LYS D 736 -41.90 47.30 27.90
CA LYS D 736 -42.97 47.89 28.72
C LYS D 736 -44.12 48.40 27.85
N GLU D 737 -43.78 49.08 26.77
N GLU D 737 -43.80 49.09 26.76
CA GLU D 737 -44.82 49.57 25.87
CA GLU D 737 -44.87 49.56 25.88
C GLU D 737 -45.62 48.43 25.24
C GLU D 737 -45.65 48.39 25.28
N VAL D 738 -44.96 47.37 24.79
CA VAL D 738 -45.68 46.22 24.19
C VAL D 738 -46.47 45.46 25.26
N ASN D 739 -45.86 45.19 26.41
CA ASN D 739 -46.50 44.32 27.40
C ASN D 739 -47.75 44.97 28.05
N ALA D 740 -47.75 46.29 28.17
CA ALA D 740 -48.88 46.99 28.76
C ALA D 740 -50.14 46.89 27.90
N LYS D 741 -49.98 46.54 26.61
CA LYS D 741 -51.13 46.52 25.71
C LYS D 741 -51.50 45.16 25.09
N ILE D 742 -50.72 44.10 25.39
CA ILE D 742 -50.93 42.79 24.78
C ILE D 742 -52.38 42.33 24.99
N TYR D 743 -52.88 42.47 26.21
CA TYR D 743 -54.19 41.93 26.50
C TYR D 743 -55.32 42.79 25.89
N THR D 744 -55.19 44.11 25.99
CA THR D 744 -56.20 44.99 25.36
C THR D 744 -56.24 44.84 23.84
N GLU D 745 -55.08 44.68 23.21
CA GLU D 745 -55.00 44.48 21.76
C GLU D 745 -55.68 43.18 21.33
N ARG D 746 -55.46 42.08 22.06
CA ARG D 746 -56.04 40.77 21.74
C ARG D 746 -57.53 40.68 22.11
N LEU D 747 -57.90 41.28 23.23
CA LEU D 747 -59.23 41.01 23.74
C LEU D 747 -60.20 42.21 23.66
N GLY D 748 -59.67 43.41 23.42
CA GLY D 748 -60.55 44.58 23.19
C GLY D 748 -60.43 45.70 24.21
#